data_5MCP
#
_entry.id   5MCP
#
_cell.length_a   127.891
_cell.length_b   152.090
_cell.length_c   152.255
_cell.angle_alpha   90.00
_cell.angle_beta   93.03
_cell.angle_gamma   90.00
#
_symmetry.space_group_name_H-M   'P 1 21 1'
#
loop_
_entity.id
_entity.type
_entity.pdbx_description
1 polymer "Inosine-5'-monophosphate dehydrogenase"
2 non-polymer "ADENOSINE-5'-TRIPHOSPHATE"
3 non-polymer 'MAGNESIUM ION'
4 water water
#
_entity_poly.entity_id   1
_entity_poly.type   'polypeptide(L)'
_entity_poly.pdbx_seq_one_letter_code
;HMTYRDAATALEHLATYAEKDGLSVEQLMDSKTRGGLTYNDFLVLPGKIDFPSSEVVLSSRLTKKITLNAPFVSSPMDTV
TEADMAIHMALLGGIGIIHHNCTAEEQAEMVRRVKKYENGFINAPVVVGPDATVADVRRMKNEFGFAGFPVTDDGKPTGK
LQGIITSRDIQFVEDETLLVSEIMTKDVITGKQGINLEEANQILKNTKKGKLPIVDEAGCLVSMLSRTDLMKNQSYPLAS
KSADTKQLLCGAAIGTIDADRQRLAMLVEAGLDVVVLDSSQGNSVFQINMIKWIKETFPDLQVIAGNVVTREQAASLIHA
GADGLRIGMGSGSICITQEVMACGRPQGTAVYNVTQFANQFGVPCIADGGVQNIGHITKAIALGASTVMMGGMLAGTTES
PGEYFFRDGKRLKTYRGMGSIDAMQKTDVKGNAATSRYFSESDKVLVAQGVTGSVIDKGSIKKYIPYLYNGLQHSCQDIG
VRSLVEFREKVDSGSVRFEFRTPSAQLEGGVHNLHSYEKRLFD
;
_entity_poly.pdbx_strand_id   A,B,C,D,E,F,G,H
#
# COMPACT_ATOMS: atom_id res chain seq x y z
N MET A 2 1.40 -63.66 15.93
CA MET A 2 1.31 -62.92 17.22
C MET A 2 0.00 -63.25 17.93
N THR A 3 0.05 -63.26 19.26
CA THR A 3 -1.12 -63.53 20.09
C THR A 3 -1.58 -62.24 20.74
N TYR A 4 -2.85 -61.90 20.55
CA TYR A 4 -3.45 -60.70 21.12
C TYR A 4 -4.46 -61.08 22.18
N ARG A 5 -4.78 -60.12 23.04
CA ARG A 5 -5.81 -60.35 24.05
C ARG A 5 -7.21 -60.35 23.43
N ASP A 6 -8.09 -61.13 24.06
CA ASP A 6 -9.46 -61.22 23.59
C ASP A 6 -10.20 -59.92 23.88
N ALA A 7 -10.89 -59.40 22.87
CA ALA A 7 -11.60 -58.13 23.01
C ALA A 7 -12.61 -58.17 24.15
N ALA A 8 -13.16 -59.35 24.44
CA ALA A 8 -14.16 -59.46 25.50
C ALA A 8 -13.60 -59.09 26.87
N THR A 9 -12.28 -59.12 27.04
CA THR A 9 -11.63 -58.76 28.29
C THR A 9 -11.20 -57.30 28.34
N ALA A 10 -11.59 -56.50 27.35
CA ALA A 10 -11.05 -55.13 27.25
C ALA A 10 -11.43 -54.30 28.47
N LEU A 11 -12.70 -54.36 28.90
CA LEU A 11 -13.12 -53.55 30.05
C LEU A 11 -12.47 -54.05 31.34
N GLU A 12 -12.48 -55.36 31.55
CA GLU A 12 -11.83 -55.89 32.74
C GLU A 12 -10.35 -55.51 32.80
N HIS A 13 -9.72 -55.36 31.63
CA HIS A 13 -8.28 -55.08 31.59
C HIS A 13 -7.94 -53.67 32.05
N LEU A 14 -8.92 -52.76 32.10
CA LEU A 14 -8.64 -51.42 32.60
C LEU A 14 -8.20 -51.43 34.05
N ALA A 15 -8.62 -52.44 34.82
CA ALA A 15 -8.26 -52.52 36.23
C ALA A 15 -6.79 -52.86 36.43
N THR A 16 -6.10 -53.38 35.41
CA THR A 16 -4.69 -53.69 35.55
C THR A 16 -3.82 -52.43 35.62
N TYR A 17 -4.39 -51.26 35.31
CA TYR A 17 -3.66 -50.00 35.38
C TYR A 17 -3.84 -49.36 36.76
N ALA A 18 -2.78 -48.73 37.25
CA ALA A 18 -2.83 -48.16 38.59
C ALA A 18 -3.78 -46.96 38.64
N GLU A 19 -3.83 -46.17 37.57
CA GLU A 19 -4.65 -44.97 37.54
C GLU A 19 -5.41 -44.90 36.22
N LYS A 20 -6.49 -44.12 36.22
CA LYS A 20 -7.16 -43.79 34.98
C LYS A 20 -6.24 -42.98 34.08
N ASP A 21 -6.47 -43.08 32.78
CA ASP A 21 -5.70 -42.32 31.81
C ASP A 21 -5.92 -40.82 32.04
N GLY A 22 -4.85 -40.04 31.91
CA GLY A 22 -4.92 -38.62 32.19
C GLY A 22 -4.66 -38.27 33.64
N LEU A 23 -4.86 -36.99 33.95
CA LEU A 23 -4.57 -36.44 35.27
C LEU A 23 -5.87 -36.12 36.02
N SER A 24 -5.86 -36.37 37.32
CA SER A 24 -6.89 -35.81 38.18
C SER A 24 -6.65 -34.30 38.34
N VAL A 25 -7.67 -33.61 38.87
CA VAL A 25 -7.57 -32.16 39.01
C VAL A 25 -6.45 -31.79 39.99
N GLU A 26 -6.28 -32.61 41.05
CA GLU A 26 -5.22 -32.36 42.01
C GLU A 26 -3.84 -32.50 41.38
N GLN A 27 -3.67 -33.50 40.51
CA GLN A 27 -2.39 -33.65 39.81
C GLN A 27 -2.17 -32.53 38.82
N LEU A 28 -3.23 -32.08 38.14
CA LEU A 28 -3.09 -30.99 37.19
C LEU A 28 -2.65 -29.71 37.88
N MET A 29 -3.25 -29.38 39.03
CA MET A 29 -3.02 -28.11 39.71
C MET A 29 -1.96 -28.25 40.80
N ASP A 30 -0.78 -28.66 40.39
CA ASP A 30 0.30 -28.84 41.36
C ASP A 30 1.19 -27.58 41.24
N SER A 31 1.25 -26.67 42.23
CA SER A 31 2.11 -25.43 42.13
C SER A 31 3.66 -25.77 42.03
N LYS A 32 4.17 -26.76 42.79
CA LYS A 32 5.65 -27.03 42.76
C LYS A 32 6.19 -27.44 41.32
N THR A 33 5.47 -28.33 40.59
CA THR A 33 5.93 -28.86 39.27
C THR A 33 5.36 -28.01 38.04
N ARG A 34 4.04 -28.06 37.77
CA ARG A 34 3.40 -27.32 36.61
C ARG A 34 3.36 -25.74 36.78
N GLY A 35 3.15 -25.27 38.02
CA GLY A 35 3.08 -23.85 38.33
C GLY A 35 1.71 -23.24 38.01
N GLY A 36 1.53 -21.93 38.09
CA GLY A 36 0.23 -21.34 37.83
C GLY A 36 -0.24 -21.56 36.41
N LEU A 37 -1.44 -22.12 36.31
CA LEU A 37 -2.08 -22.43 35.04
C LEU A 37 -3.24 -21.48 34.77
N THR A 38 -3.45 -21.19 33.49
CA THR A 38 -4.67 -20.57 33.00
C THR A 38 -5.50 -21.60 32.25
N TYR A 39 -6.72 -21.18 31.86
CA TYR A 39 -7.64 -22.10 31.20
C TYR A 39 -7.01 -22.71 29.94
N ASN A 40 -6.34 -21.88 29.12
CA ASN A 40 -5.78 -22.35 27.86
C ASN A 40 -4.67 -23.37 28.02
N ASP A 41 -4.18 -23.58 29.24
CA ASP A 41 -3.04 -24.47 29.47
C ASP A 41 -3.43 -25.93 29.62
N PHE A 42 -4.72 -26.25 29.61
CA PHE A 42 -5.14 -27.63 29.82
C PHE A 42 -6.44 -27.91 29.07
N LEU A 43 -6.81 -29.18 29.05
CA LEU A 43 -8.05 -29.66 28.47
C LEU A 43 -8.71 -30.66 29.41
N VAL A 44 -10.01 -30.79 29.27
CA VAL A 44 -10.78 -31.83 29.96
C VAL A 44 -10.92 -33.02 29.01
N LEU A 45 -10.66 -34.23 29.52
CA LEU A 45 -10.72 -35.40 28.65
C LEU A 45 -12.17 -35.90 28.55
N PRO A 46 -12.55 -36.47 27.42
CA PRO A 46 -13.92 -36.96 27.26
C PRO A 46 -14.17 -38.25 28.01
N GLY A 47 -15.43 -38.47 28.39
CA GLY A 47 -15.83 -39.67 29.09
C GLY A 47 -16.72 -40.53 28.23
N LYS A 48 -17.85 -40.99 28.79
CA LYS A 48 -18.81 -41.82 28.08
C LYS A 48 -20.15 -41.10 27.95
N ILE A 49 -20.71 -41.14 26.74
CA ILE A 49 -21.99 -40.51 26.44
C ILE A 49 -23.08 -41.58 26.47
N ASP A 50 -24.04 -41.42 27.37
CA ASP A 50 -25.20 -42.31 27.40
C ASP A 50 -26.46 -41.51 27.66
N PHE A 51 -26.55 -40.33 27.08
CA PHE A 51 -27.72 -39.47 27.22
C PHE A 51 -27.62 -38.33 26.20
N PRO A 52 -28.74 -37.74 25.83
CA PRO A 52 -28.70 -36.57 24.94
C PRO A 52 -28.28 -35.31 25.70
N SER A 53 -27.83 -34.32 24.93
CA SER A 53 -27.35 -33.08 25.52
C SER A 53 -28.48 -32.24 26.08
N SER A 54 -29.68 -32.38 25.53
CA SER A 54 -30.84 -31.63 26.01
C SER A 54 -31.19 -31.96 27.46
N GLU A 55 -30.79 -33.13 27.94
CA GLU A 55 -31.08 -33.57 29.30
C GLU A 55 -30.15 -32.96 30.34
N VAL A 56 -29.07 -32.29 29.95
CA VAL A 56 -28.10 -31.79 30.92
C VAL A 56 -28.67 -30.58 31.65
N VAL A 57 -28.57 -30.59 32.98
CA VAL A 57 -29.08 -29.52 33.83
C VAL A 57 -27.92 -28.61 34.21
N LEU A 58 -28.12 -27.30 34.06
CA LEU A 58 -27.09 -26.30 34.32
C LEU A 58 -27.43 -25.40 35.50
N SER A 59 -28.23 -25.89 36.44
CA SER A 59 -28.49 -25.13 37.67
C SER A 59 -27.18 -24.82 38.38
N SER A 60 -27.04 -23.57 38.82
CA SER A 60 -25.83 -23.11 39.50
C SER A 60 -26.19 -22.24 40.69
N ARG A 61 -25.50 -22.47 41.80
CA ARG A 61 -25.70 -21.66 43.00
C ARG A 61 -24.91 -20.36 42.85
N LEU A 62 -25.61 -19.23 42.83
CA LEU A 62 -24.96 -17.93 42.81
C LEU A 62 -24.47 -17.54 44.21
N THR A 63 -25.32 -17.72 45.22
CA THR A 63 -25.00 -17.45 46.61
C THR A 63 -25.50 -18.62 47.45
N LYS A 64 -25.35 -18.53 48.77
CA LYS A 64 -25.85 -19.58 49.63
C LYS A 64 -27.35 -19.80 49.42
N LYS A 65 -28.10 -18.74 49.12
CA LYS A 65 -29.55 -18.82 49.03
C LYS A 65 -30.10 -18.60 47.63
N ILE A 66 -29.29 -18.16 46.68
CA ILE A 66 -29.73 -17.87 45.32
C ILE A 66 -29.19 -18.95 44.40
N THR A 67 -30.08 -19.56 43.61
CA THR A 67 -29.73 -20.56 42.61
C THR A 67 -30.25 -20.11 41.27
N LEU A 68 -29.41 -20.24 40.23
CA LEU A 68 -29.77 -19.87 38.88
C LEU A 68 -29.89 -21.12 38.02
N ASN A 69 -30.64 -21.00 36.93
CA ASN A 69 -30.75 -22.09 35.97
C ASN A 69 -29.57 -22.10 34.99
N ALA A 70 -28.71 -21.09 35.02
CA ALA A 70 -27.57 -20.99 34.14
C ALA A 70 -26.42 -20.33 34.91
N PRO A 71 -25.17 -20.75 34.70
CA PRO A 71 -24.06 -20.15 35.47
C PRO A 71 -23.49 -18.89 34.83
N PHE A 72 -24.34 -18.08 34.21
CA PHE A 72 -23.88 -16.89 33.49
C PHE A 72 -24.22 -15.64 34.30
N VAL A 73 -23.23 -14.77 34.47
CA VAL A 73 -23.36 -13.52 35.21
C VAL A 73 -22.71 -12.42 34.39
N SER A 74 -23.44 -11.34 34.12
CA SER A 74 -22.87 -10.20 33.40
C SER A 74 -22.14 -9.28 34.37
N SER A 75 -21.02 -8.72 33.91
CA SER A 75 -20.06 -8.05 34.77
C SER A 75 -20.53 -6.64 35.13
N PRO A 76 -20.14 -6.13 36.31
CA PRO A 76 -20.51 -4.75 36.68
C PRO A 76 -19.61 -3.72 36.02
N MET A 77 -19.74 -3.63 34.69
CA MET A 77 -18.97 -2.69 33.89
C MET A 77 -19.93 -1.74 33.17
N ASP A 78 -19.55 -0.49 33.05
CA ASP A 78 -20.40 0.50 32.40
C ASP A 78 -20.57 0.24 30.91
N THR A 79 -19.80 -0.67 30.34
CA THR A 79 -19.99 -1.10 28.96
C THR A 79 -20.80 -2.38 28.83
N VAL A 80 -21.22 -2.98 29.94
CA VAL A 80 -21.88 -4.29 29.90
C VAL A 80 -23.28 -4.23 30.50
N THR A 81 -23.37 -4.00 31.81
CA THR A 81 -24.62 -4.25 32.55
C THR A 81 -25.24 -2.95 33.03
N GLU A 82 -26.36 -2.58 32.40
CA GLU A 82 -27.31 -1.64 32.98
C GLU A 82 -28.66 -2.34 33.04
N ALA A 83 -29.75 -1.60 33.20
CA ALA A 83 -31.05 -2.23 33.40
C ALA A 83 -31.37 -3.20 32.28
N ASP A 84 -31.13 -2.81 31.03
CA ASP A 84 -31.50 -3.66 29.90
C ASP A 84 -30.79 -5.00 29.95
N MET A 85 -29.49 -5.01 30.27
CA MET A 85 -28.75 -6.26 30.32
C MET A 85 -29.20 -7.12 31.48
N ALA A 86 -29.46 -6.50 32.64
CA ALA A 86 -29.88 -7.27 33.82
C ALA A 86 -31.24 -7.91 33.62
N ILE A 87 -32.14 -7.24 32.90
CA ILE A 87 -33.47 -7.80 32.64
C ILE A 87 -33.35 -9.06 31.80
N HIS A 88 -32.63 -8.98 30.68
CA HIS A 88 -32.58 -10.12 29.76
C HIS A 88 -31.73 -11.26 30.30
N MET A 89 -30.66 -10.95 31.03
CA MET A 89 -29.89 -12.00 31.69
C MET A 89 -30.77 -12.81 32.64
N ALA A 90 -31.55 -12.12 33.49
CA ALA A 90 -32.46 -12.83 34.39
C ALA A 90 -33.50 -13.61 33.62
N LEU A 91 -34.08 -13.00 32.58
CA LEU A 91 -35.09 -13.70 31.78
C LEU A 91 -34.54 -14.98 31.17
N LEU A 92 -33.26 -14.99 30.81
CA LEU A 92 -32.64 -16.12 30.12
C LEU A 92 -32.00 -17.12 31.08
N GLY A 93 -32.15 -16.93 32.39
CA GLY A 93 -31.74 -17.93 33.35
C GLY A 93 -30.54 -17.56 34.20
N GLY A 94 -29.95 -16.39 33.98
CA GLY A 94 -28.81 -15.95 34.75
C GLY A 94 -29.11 -14.75 35.62
N ILE A 95 -28.17 -13.81 35.69
CA ILE A 95 -28.36 -12.58 36.46
C ILE A 95 -27.39 -11.54 35.91
N GLY A 96 -27.74 -10.27 36.12
CA GLY A 96 -26.86 -9.17 35.80
C GLY A 96 -26.47 -8.41 37.06
N ILE A 97 -25.27 -7.86 37.05
CA ILE A 97 -24.77 -7.03 38.15
C ILE A 97 -24.60 -5.61 37.61
N ILE A 98 -25.48 -4.72 38.03
CA ILE A 98 -25.48 -3.35 37.53
C ILE A 98 -24.26 -2.60 38.07
N HIS A 99 -23.59 -1.86 37.18
CA HIS A 99 -22.37 -1.14 37.54
C HIS A 99 -22.72 0.06 38.42
N HIS A 100 -21.69 0.58 39.11
CA HIS A 100 -21.84 1.71 40.01
C HIS A 100 -21.05 2.94 39.55
N ASN A 101 -20.72 3.02 38.27
CA ASN A 101 -20.11 4.22 37.70
C ASN A 101 -21.20 5.24 37.35
N CYS A 102 -21.91 5.65 38.40
CA CYS A 102 -23.07 6.51 38.27
C CYS A 102 -23.43 7.01 39.66
N THR A 103 -24.45 7.85 39.74
CA THR A 103 -24.91 8.30 41.05
C THR A 103 -25.69 7.20 41.74
N ALA A 104 -25.78 7.30 43.06
CA ALA A 104 -26.57 6.33 43.81
C ALA A 104 -28.02 6.32 43.35
N GLU A 105 -28.55 7.49 42.97
CA GLU A 105 -29.92 7.56 42.48
C GLU A 105 -30.06 6.83 41.15
N GLU A 106 -29.16 7.11 40.21
CA GLU A 106 -29.25 6.46 38.89
C GLU A 106 -29.14 4.95 39.02
N GLN A 107 -28.23 4.45 39.85
CA GLN A 107 -28.14 3.01 40.05
C GLN A 107 -29.43 2.45 40.63
N ALA A 108 -29.98 3.13 41.63
CA ALA A 108 -31.21 2.65 42.26
C ALA A 108 -32.37 2.64 41.27
N GLU A 109 -32.41 3.61 40.35
CA GLU A 109 -33.45 3.60 39.33
C GLU A 109 -33.30 2.37 38.42
N MET A 110 -32.06 2.09 37.99
CA MET A 110 -31.83 0.91 37.15
C MET A 110 -32.25 -0.36 37.88
N VAL A 111 -31.87 -0.49 39.15
CA VAL A 111 -32.36 -1.61 39.94
C VAL A 111 -33.88 -1.64 39.91
N ARG A 112 -34.51 -0.46 40.04
CA ARG A 112 -35.96 -0.40 40.11
C ARG A 112 -36.59 -0.91 38.81
N ARG A 113 -36.07 -0.49 37.66
CA ARG A 113 -36.63 -0.94 36.40
C ARG A 113 -36.53 -2.46 36.26
N VAL A 114 -35.43 -3.04 36.74
CA VAL A 114 -35.27 -4.49 36.67
C VAL A 114 -36.32 -5.19 37.53
N LYS A 115 -36.49 -4.74 38.77
CA LYS A 115 -37.41 -5.41 39.69
C LYS A 115 -38.86 -5.28 39.26
N LYS A 116 -39.19 -4.21 38.53
CA LYS A 116 -40.56 -3.95 38.10
C LYS A 116 -40.87 -4.45 36.70
N TYR A 117 -39.86 -4.90 35.96
CA TYR A 117 -40.08 -5.34 34.59
C TYR A 117 -41.00 -6.54 34.55
N GLU A 118 -41.98 -6.49 33.64
CA GLU A 118 -42.91 -7.60 33.42
C GLU A 118 -42.83 -8.00 31.96
N ASN A 119 -42.51 -9.26 31.70
CA ASN A 119 -42.31 -9.73 30.33
C ASN A 119 -43.60 -9.60 29.51
N GLY A 120 -43.44 -9.17 28.26
CA GLY A 120 -44.55 -8.99 27.35
C GLY A 120 -45.12 -7.59 27.30
N PHE A 121 -44.80 -6.73 28.26
CA PHE A 121 -45.32 -5.38 28.36
C PHE A 121 -44.29 -4.36 27.86
N ILE A 122 -44.79 -3.22 27.40
CA ILE A 122 -43.92 -2.07 27.14
C ILE A 122 -43.74 -1.36 28.47
N ASN A 123 -42.66 -1.70 29.18
CA ASN A 123 -42.50 -1.24 30.56
C ASN A 123 -42.13 0.23 30.64
N ALA A 124 -41.50 0.78 29.60
CA ALA A 124 -41.14 2.20 29.52
C ALA A 124 -41.76 2.78 28.26
N PRO A 125 -43.05 3.09 28.28
CA PRO A 125 -43.71 3.53 27.04
C PRO A 125 -43.35 4.95 26.64
N VAL A 126 -43.36 5.18 25.33
CA VAL A 126 -43.20 6.51 24.76
C VAL A 126 -44.56 7.20 24.74
N VAL A 127 -44.62 8.43 25.25
CA VAL A 127 -45.88 9.14 25.43
C VAL A 127 -45.76 10.55 24.88
N VAL A 128 -46.92 11.18 24.66
CA VAL A 128 -47.00 12.55 24.21
C VAL A 128 -48.09 13.28 24.98
N GLY A 129 -47.92 14.58 25.20
CA GLY A 129 -48.94 15.39 25.82
C GLY A 129 -49.96 15.85 24.81
N PRO A 130 -51.01 16.52 25.31
CA PRO A 130 -52.04 17.02 24.39
C PRO A 130 -51.67 18.31 23.66
N ASP A 131 -50.59 18.99 24.06
CA ASP A 131 -50.19 20.24 23.43
C ASP A 131 -49.26 20.06 22.25
N ALA A 132 -49.07 18.83 21.78
CA ALA A 132 -48.19 18.58 20.63
C ALA A 132 -48.97 18.67 19.33
N THR A 133 -48.25 18.96 18.25
CA THR A 133 -48.86 19.09 16.95
C THR A 133 -48.89 17.73 16.26
N VAL A 134 -49.76 17.61 15.24
CA VAL A 134 -49.82 16.38 14.46
C VAL A 134 -48.47 16.07 13.84
N ALA A 135 -47.82 17.10 13.29
CA ALA A 135 -46.51 16.90 12.67
C ALA A 135 -45.52 16.35 13.69
N ASP A 136 -45.59 16.82 14.94
CA ASP A 136 -44.72 16.30 15.99
C ASP A 136 -44.91 14.80 16.15
N VAL A 137 -46.15 14.33 16.12
CA VAL A 137 -46.42 12.90 16.24
C VAL A 137 -45.80 12.16 15.06
N ARG A 138 -46.03 12.65 13.84
CA ARG A 138 -45.48 11.96 12.67
C ARG A 138 -43.97 11.85 12.77
N ARG A 139 -43.30 12.91 13.25
CA ARG A 139 -41.87 12.85 13.47
C ARG A 139 -41.50 11.70 14.40
N MET A 140 -42.29 11.51 15.47
CA MET A 140 -42.03 10.39 16.36
C MET A 140 -42.25 9.06 15.64
N LYS A 141 -43.27 8.99 14.78
CA LYS A 141 -43.47 7.76 14.01
C LYS A 141 -42.28 7.49 13.10
N ASN A 142 -41.67 8.55 12.58
CA ASN A 142 -40.48 8.37 11.74
C ASN A 142 -39.27 8.03 12.59
N GLU A 143 -39.14 8.66 13.76
CA GLU A 143 -37.99 8.41 14.62
C GLU A 143 -38.03 7.00 15.19
N PHE A 144 -39.20 6.57 15.63
CA PHE A 144 -39.40 5.25 16.21
C PHE A 144 -40.13 4.39 15.20
N GLY A 145 -40.09 3.07 15.41
CA GLY A 145 -40.83 2.18 14.54
C GLY A 145 -42.30 2.05 14.84
N PHE A 146 -42.82 2.85 15.78
CA PHE A 146 -44.21 2.74 16.19
C PHE A 146 -44.86 4.11 16.33
N ALA A 147 -46.17 4.14 16.11
CA ALA A 147 -46.96 5.37 16.15
C ALA A 147 -47.96 5.41 17.30
N GLY A 148 -48.13 4.32 18.04
CA GLY A 148 -49.13 4.21 19.09
C GLY A 148 -48.73 4.86 20.40
N PHE A 149 -49.01 6.15 20.55
CA PHE A 149 -48.58 6.91 21.72
C PHE A 149 -49.78 7.18 22.64
N PRO A 150 -49.77 6.72 23.89
CA PRO A 150 -50.78 7.20 24.83
C PRO A 150 -50.51 8.64 25.24
N VAL A 151 -51.59 9.38 25.47
CA VAL A 151 -51.50 10.80 25.77
C VAL A 151 -51.74 11.03 27.25
N THR A 152 -50.81 11.72 27.91
CA THR A 152 -50.91 12.01 29.33
C THR A 152 -50.99 13.51 29.55
N ASP A 153 -51.68 13.91 30.62
CA ASP A 153 -51.95 15.33 30.84
C ASP A 153 -50.67 16.15 30.92
N ASP A 154 -49.63 15.60 31.55
CA ASP A 154 -48.36 16.30 31.70
C ASP A 154 -47.33 15.88 30.66
N GLY A 155 -47.70 15.00 29.73
CA GLY A 155 -46.77 14.54 28.71
C GLY A 155 -45.67 13.64 29.21
N LYS A 156 -45.81 13.08 30.41
CA LYS A 156 -44.79 12.20 30.96
C LYS A 156 -45.30 10.77 31.07
N PRO A 157 -44.41 9.77 31.03
CA PRO A 157 -44.88 8.37 31.09
C PRO A 157 -45.71 8.05 32.31
N THR A 158 -45.50 8.76 33.42
CA THR A 158 -46.22 8.50 34.66
C THR A 158 -47.39 9.45 34.87
N GLY A 159 -47.77 10.22 33.83
CA GLY A 159 -48.87 11.13 33.95
C GLY A 159 -50.22 10.44 33.84
N LYS A 160 -51.27 11.21 34.11
CA LYS A 160 -52.63 10.68 34.04
C LYS A 160 -53.04 10.52 32.58
N LEU A 161 -53.65 9.39 32.28
CA LEU A 161 -53.99 9.03 30.91
C LEU A 161 -55.23 9.78 30.46
N GLN A 162 -55.09 10.52 29.35
CA GLN A 162 -56.21 11.26 28.75
C GLN A 162 -56.72 10.62 27.47
N GLY A 163 -55.84 10.04 26.67
CA GLY A 163 -56.27 9.41 25.44
C GLY A 163 -55.13 8.65 24.81
N ILE A 164 -55.36 8.19 23.58
CA ILE A 164 -54.34 7.50 22.80
C ILE A 164 -54.45 7.98 21.36
N ILE A 165 -53.30 8.16 20.71
CA ILE A 165 -53.25 8.58 19.32
C ILE A 165 -52.34 7.62 18.56
N THR A 166 -52.82 7.12 17.42
CA THR A 166 -52.13 6.09 16.66
C THR A 166 -52.00 6.53 15.21
N SER A 167 -51.37 5.68 14.40
CA SER A 167 -51.20 5.99 12.98
C SER A 167 -52.54 6.08 12.26
N ARG A 168 -53.44 5.13 12.52
CA ARG A 168 -54.73 5.11 11.85
C ARG A 168 -55.49 6.42 12.05
N ASP A 169 -55.30 7.06 13.20
CA ASP A 169 -56.00 8.32 13.48
C ASP A 169 -55.44 9.46 12.64
N ILE A 170 -54.17 9.36 12.26
CA ILE A 170 -53.50 10.45 11.57
C ILE A 170 -53.27 10.08 10.10
N ASP A 175 -55.46 18.44 6.70
CA ASP A 175 -55.25 19.20 7.92
C ASP A 175 -53.81 19.07 8.38
N GLU A 176 -53.37 19.97 9.25
CA GLU A 176 -51.98 19.96 9.70
C GLU A 176 -51.85 20.85 10.93
N THR A 177 -50.83 20.56 11.74
CA THR A 177 -50.45 21.39 12.89
C THR A 177 -51.63 21.60 13.84
N LEU A 178 -52.30 20.50 14.18
CA LEU A 178 -53.38 20.52 15.15
C LEU A 178 -52.96 19.78 16.41
N LEU A 179 -53.62 20.09 17.51
CA LEU A 179 -53.24 19.51 18.79
C LEU A 179 -53.62 18.03 18.83
N VAL A 180 -52.86 17.28 19.64
CA VAL A 180 -53.14 15.85 19.80
C VAL A 180 -54.54 15.66 20.37
N SER A 181 -54.94 16.53 21.29
CA SER A 181 -56.25 16.38 21.93
C SER A 181 -57.35 16.35 20.88
N GLU A 182 -57.21 17.15 19.82
CA GLU A 182 -58.23 17.18 18.78
C GLU A 182 -58.33 15.83 18.06
N ILE A 183 -57.18 15.22 17.76
CA ILE A 183 -57.17 14.00 16.96
C ILE A 183 -57.40 12.74 17.79
N MET A 184 -57.09 12.78 19.08
CA MET A 184 -56.92 11.54 19.82
C MET A 184 -58.26 10.91 20.18
N THR A 185 -58.20 9.61 20.48
CA THR A 185 -59.35 8.90 21.05
C THR A 185 -59.36 9.15 22.55
N LYS A 186 -60.44 9.77 23.04
CA LYS A 186 -60.53 10.11 24.45
C LYS A 186 -60.95 8.92 25.30
N ASP A 187 -61.92 8.14 24.83
CA ASP A 187 -62.43 6.99 25.59
C ASP A 187 -61.51 5.81 25.31
N VAL A 188 -60.59 5.53 26.24
CA VAL A 188 -59.56 4.52 26.06
C VAL A 188 -59.90 3.30 26.90
N ILE A 189 -59.89 2.13 26.25
CA ILE A 189 -59.93 0.86 26.96
C ILE A 189 -58.58 0.61 27.62
N THR A 190 -58.60 0.24 28.89
CA THR A 190 -57.38 0.08 29.68
C THR A 190 -57.47 -1.18 30.51
N GLY A 191 -56.36 -1.49 31.17
CA GLY A 191 -56.32 -2.58 32.14
C GLY A 191 -55.71 -2.10 33.43
N LYS A 192 -56.17 -2.69 34.53
CA LYS A 192 -55.65 -2.34 35.84
C LYS A 192 -54.26 -2.93 36.02
N GLN A 193 -53.41 -2.22 36.76
CA GLN A 193 -52.10 -2.75 37.07
C GLN A 193 -52.25 -4.08 37.79
N GLY A 194 -51.45 -5.07 37.35
CA GLY A 194 -51.51 -6.41 37.89
C GLY A 194 -52.18 -7.42 37.00
N ILE A 195 -52.82 -6.99 35.91
CA ILE A 195 -53.40 -7.93 34.96
C ILE A 195 -52.27 -8.72 34.31
N ASN A 196 -52.51 -10.00 34.07
CA ASN A 196 -51.49 -10.85 33.50
C ASN A 196 -51.55 -10.81 31.97
N LEU A 197 -50.51 -11.36 31.34
CA LEU A 197 -50.35 -11.20 29.90
C LEU A 197 -51.49 -11.88 29.14
N GLU A 198 -51.90 -13.06 29.59
CA GLU A 198 -52.99 -13.77 28.91
C GLU A 198 -54.29 -12.97 28.98
N GLU A 199 -54.63 -12.45 30.16
CA GLU A 199 -55.88 -11.72 30.32
C GLU A 199 -55.89 -10.47 29.44
N ALA A 200 -54.78 -9.73 29.41
CA ALA A 200 -54.72 -8.54 28.57
C ALA A 200 -54.95 -8.91 27.11
N ASN A 201 -54.26 -9.96 26.64
CA ASN A 201 -54.41 -10.40 25.26
C ASN A 201 -55.87 -10.69 24.93
N GLN A 202 -56.59 -11.35 25.86
CA GLN A 202 -57.99 -11.66 25.61
C GLN A 202 -58.80 -10.39 25.41
N ILE A 203 -58.50 -9.34 26.18
CA ILE A 203 -59.19 -8.05 25.99
C ILE A 203 -58.93 -7.52 24.59
N LEU A 204 -57.69 -7.62 24.11
CA LEU A 204 -57.37 -7.09 22.79
C LEU A 204 -58.11 -7.87 21.71
N LYS A 205 -58.22 -9.18 21.88
CA LYS A 205 -58.96 -10.00 20.92
C LYS A 205 -60.44 -9.65 20.93
N ASN A 206 -61.01 -9.42 22.11
CA ASN A 206 -62.43 -9.08 22.21
C ASN A 206 -62.71 -7.71 21.60
N THR A 207 -61.86 -6.72 21.91
CA THR A 207 -62.07 -5.36 21.46
C THR A 207 -61.43 -5.06 20.12
N LYS A 208 -60.57 -5.94 19.62
CA LYS A 208 -59.89 -5.74 18.34
C LYS A 208 -59.15 -4.40 18.32
N LYS A 209 -58.50 -4.08 19.43
CA LYS A 209 -57.71 -2.86 19.57
C LYS A 209 -56.22 -3.19 19.57
N GLY A 210 -55.42 -2.27 19.03
CA GLY A 210 -54.00 -2.54 18.88
C GLY A 210 -53.23 -2.46 20.19
N LYS A 211 -53.50 -1.46 21.01
CA LYS A 211 -52.75 -1.22 22.23
C LYS A 211 -53.69 -1.28 23.45
N LEU A 212 -53.09 -1.57 24.60
CA LEU A 212 -53.82 -1.59 25.87
C LEU A 212 -52.99 -0.89 26.94
N PRO A 213 -53.19 0.42 27.12
CA PRO A 213 -52.52 1.10 28.23
C PRO A 213 -52.91 0.48 29.56
N ILE A 214 -51.95 0.42 30.48
CA ILE A 214 -52.16 -0.06 31.83
C ILE A 214 -52.04 1.12 32.78
N VAL A 215 -53.05 1.31 33.64
CA VAL A 215 -53.11 2.45 34.53
C VAL A 215 -53.29 1.96 35.96
N ASP A 216 -52.90 2.82 36.91
CA ASP A 216 -53.05 2.53 38.32
C ASP A 216 -54.34 3.14 38.86
N GLU A 217 -54.55 3.02 40.18
CA GLU A 217 -55.79 3.46 40.81
C GLU A 217 -56.00 4.96 40.64
N ALA A 218 -54.93 5.72 40.46
CA ALA A 218 -55.05 7.17 40.25
C ALA A 218 -55.21 7.53 38.79
N GLY A 219 -55.25 6.55 37.89
CA GLY A 219 -55.35 6.82 36.47
C GLY A 219 -54.04 7.16 35.78
N CYS A 220 -52.91 6.96 36.45
CA CYS A 220 -51.61 7.22 35.83
C CYS A 220 -51.16 6.01 35.02
N LEU A 221 -50.47 6.29 33.91
CA LEU A 221 -49.96 5.23 33.07
C LEU A 221 -48.83 4.47 33.77
N VAL A 222 -48.84 3.15 33.63
CA VAL A 222 -47.80 2.28 34.17
C VAL A 222 -47.05 1.55 33.05
N SER A 223 -47.80 0.92 32.14
CA SER A 223 -47.21 0.23 31.00
C SER A 223 -48.28 0.11 29.92
N MET A 224 -47.94 -0.59 28.83
CA MET A 224 -48.86 -0.77 27.72
C MET A 224 -48.53 -2.09 27.01
N LEU A 225 -49.55 -2.69 26.40
CA LEU A 225 -49.40 -3.90 25.62
C LEU A 225 -49.58 -3.60 24.14
N SER A 226 -48.72 -4.17 23.31
CA SER A 226 -48.85 -4.14 21.87
C SER A 226 -49.31 -5.51 21.40
N ARG A 227 -50.38 -5.55 20.60
CA ARG A 227 -50.88 -6.84 20.12
C ARG A 227 -49.82 -7.57 19.31
N THR A 228 -49.01 -6.83 18.55
CA THR A 228 -47.96 -7.47 17.76
C THR A 228 -47.00 -8.24 18.65
N ASP A 229 -46.66 -7.66 19.80
CA ASP A 229 -45.76 -8.36 20.72
C ASP A 229 -46.38 -9.67 21.16
N LEU A 230 -47.69 -9.70 21.38
CA LEU A 230 -48.34 -10.95 21.76
C LEU A 230 -48.26 -11.97 20.63
N MET A 231 -48.29 -11.53 19.37
CA MET A 231 -48.15 -12.47 18.26
C MET A 231 -46.80 -13.16 18.31
N LYS A 232 -45.75 -12.40 18.61
CA LYS A 232 -44.43 -12.98 18.81
C LYS A 232 -44.48 -13.98 19.97
N ASN A 233 -43.74 -15.09 19.83
CA ASN A 233 -43.80 -16.18 20.80
C ASN A 233 -42.54 -16.18 21.66
N GLN A 234 -42.62 -15.51 22.80
CA GLN A 234 -41.53 -15.48 23.78
C GLN A 234 -42.07 -15.81 25.16
N SER A 235 -41.59 -16.91 25.76
CA SER A 235 -42.06 -17.35 27.07
C SER A 235 -41.05 -17.14 28.19
N TYR A 236 -39.80 -17.58 28.00
CA TYR A 236 -38.72 -17.50 28.98
C TYR A 236 -39.00 -18.37 30.19
N PRO A 237 -39.04 -19.70 30.03
CA PRO A 237 -39.38 -20.59 31.15
C PRO A 237 -38.28 -20.73 32.19
N LEU A 238 -37.08 -20.22 31.95
CA LEU A 238 -35.97 -20.34 32.89
C LEU A 238 -35.71 -19.06 33.69
N ALA A 239 -36.61 -18.09 33.63
CA ALA A 239 -36.36 -16.77 34.20
C ALA A 239 -35.98 -16.85 35.67
N SER A 240 -34.99 -16.05 36.06
CA SER A 240 -34.55 -15.97 37.45
C SER A 240 -35.47 -15.02 38.22
N LYS A 241 -36.14 -15.54 39.24
CA LYS A 241 -37.13 -14.77 40.00
C LYS A 241 -36.84 -14.87 41.49
N SER A 242 -37.13 -13.77 42.19
CA SER A 242 -37.02 -13.77 43.65
C SER A 242 -37.99 -14.77 44.24
N ALA A 243 -37.59 -15.36 45.37
CA ALA A 243 -38.46 -16.34 46.03
C ALA A 243 -39.73 -15.67 46.56
N ASP A 244 -39.57 -14.52 47.23
CA ASP A 244 -40.71 -13.88 47.89
C ASP A 244 -41.67 -13.23 46.89
N THR A 245 -41.16 -12.33 46.05
CA THR A 245 -42.01 -11.48 45.24
C THR A 245 -42.20 -11.99 43.81
N LYS A 246 -41.45 -13.01 43.40
CA LYS A 246 -41.50 -13.54 42.03
C LYS A 246 -41.15 -12.46 41.01
N GLN A 247 -40.39 -11.47 41.41
CA GLN A 247 -39.84 -10.49 40.48
C GLN A 247 -38.48 -10.95 39.98
N LEU A 248 -38.08 -10.42 38.82
CA LEU A 248 -36.77 -10.77 38.26
C LEU A 248 -35.66 -10.46 39.25
N LEU A 249 -34.71 -11.38 39.37
CA LEU A 249 -33.55 -11.13 40.21
C LEU A 249 -32.75 -9.96 39.65
N CYS A 250 -32.10 -9.23 40.55
CA CYS A 250 -31.24 -8.12 40.17
C CYS A 250 -30.03 -8.10 41.08
N GLY A 251 -28.87 -7.80 40.50
CA GLY A 251 -27.67 -7.62 41.27
C GLY A 251 -27.09 -6.23 41.05
N ALA A 252 -26.20 -5.81 41.95
CA ALA A 252 -25.59 -4.50 41.83
C ALA A 252 -24.25 -4.51 42.55
N ALA A 253 -23.34 -3.70 42.04
CA ALA A 253 -22.00 -3.57 42.61
C ALA A 253 -21.90 -2.26 43.39
N ILE A 254 -21.15 -2.29 44.49
CA ILE A 254 -20.80 -1.09 45.24
C ILE A 254 -19.34 -1.22 45.67
N GLY A 255 -18.77 -0.08 46.09
CA GLY A 255 -17.44 -0.08 46.67
C GLY A 255 -17.49 -0.24 48.17
N THR A 256 -16.31 -0.20 48.79
CA THR A 256 -16.20 -0.39 50.23
C THR A 256 -16.06 0.93 50.99
N ILE A 257 -16.14 2.07 50.29
CA ILE A 257 -16.03 3.37 50.96
C ILE A 257 -17.30 3.65 51.77
N ASP A 258 -17.18 4.63 52.67
CA ASP A 258 -18.25 4.91 53.61
C ASP A 258 -19.49 5.46 52.90
N ALA A 259 -19.29 6.27 51.86
CA ALA A 259 -20.43 6.80 51.11
C ALA A 259 -21.28 5.69 50.50
N ASP A 260 -20.68 4.52 50.26
CA ASP A 260 -21.41 3.41 49.66
C ASP A 260 -22.35 2.71 50.63
N ARG A 261 -22.24 2.98 51.93
CA ARG A 261 -23.23 2.46 52.87
C ARG A 261 -24.60 3.07 52.59
N GLN A 262 -24.66 4.39 52.35
CA GLN A 262 -25.92 5.00 51.96
C GLN A 262 -26.33 4.60 50.55
N ARG A 263 -25.35 4.38 49.66
CA ARG A 263 -25.67 3.91 48.33
C ARG A 263 -26.41 2.58 48.39
N LEU A 264 -25.95 1.66 49.24
CA LEU A 264 -26.56 0.34 49.32
C LEU A 264 -27.96 0.42 49.91
N ALA A 265 -28.16 1.28 50.90
CA ALA A 265 -29.51 1.45 51.47
C ALA A 265 -30.50 1.81 50.38
N MET A 266 -30.10 2.71 49.47
CA MET A 266 -30.97 3.09 48.37
C MET A 266 -31.21 1.91 47.42
N LEU A 267 -30.19 1.06 47.23
CA LEU A 267 -30.36 -0.10 46.36
C LEU A 267 -31.33 -1.11 46.98
N VAL A 268 -31.17 -1.41 48.27
CA VAL A 268 -32.10 -2.31 48.95
C VAL A 268 -33.52 -1.75 48.87
N GLU A 269 -33.67 -0.45 49.07
CA GLU A 269 -35.00 0.17 48.98
C GLU A 269 -35.60 0.04 47.59
N ALA A 270 -34.77 -0.25 46.59
CA ALA A 270 -35.24 -0.51 45.23
C ALA A 270 -35.49 -1.99 44.96
N GLY A 271 -35.26 -2.86 45.93
CA GLY A 271 -35.53 -4.28 45.78
C GLY A 271 -34.34 -5.15 45.42
N LEU A 272 -33.12 -4.68 45.63
CA LEU A 272 -31.94 -5.44 45.27
C LEU A 272 -31.90 -6.79 45.99
N ASP A 273 -31.56 -7.84 45.25
CA ASP A 273 -31.48 -9.19 45.80
C ASP A 273 -30.06 -9.55 46.27
N VAL A 274 -29.04 -9.18 45.50
CA VAL A 274 -27.67 -9.57 45.81
C VAL A 274 -26.75 -8.39 45.49
N VAL A 275 -25.80 -8.13 46.39
CA VAL A 275 -24.81 -7.07 46.21
C VAL A 275 -23.42 -7.70 46.07
N VAL A 276 -22.63 -7.17 45.14
CA VAL A 276 -21.24 -7.57 44.92
C VAL A 276 -20.33 -6.45 45.42
N LEU A 277 -19.45 -6.77 46.38
CA LEU A 277 -18.49 -5.80 46.89
C LEU A 277 -17.31 -5.70 45.93
N ASP A 278 -17.17 -4.55 45.28
CA ASP A 278 -16.29 -4.38 44.12
C ASP A 278 -14.92 -3.92 44.59
N SER A 279 -13.92 -4.81 44.51
CA SER A 279 -12.57 -4.47 44.93
C SER A 279 -11.56 -5.40 44.26
N SER A 280 -10.39 -4.85 43.98
CA SER A 280 -9.30 -5.64 43.40
C SER A 280 -8.55 -6.47 44.44
N GLN A 281 -8.63 -6.10 45.73
CA GLN A 281 -8.00 -6.84 46.82
C GLN A 281 -9.00 -6.83 47.97
N GLY A 282 -9.84 -7.88 48.04
CA GLY A 282 -10.97 -7.86 48.94
C GLY A 282 -10.67 -8.22 50.39
N ASN A 283 -9.51 -8.81 50.67
CA ASN A 283 -9.19 -9.22 52.03
C ASN A 283 -8.69 -7.99 52.82
N SER A 284 -9.64 -7.11 53.15
CA SER A 284 -9.33 -5.87 53.85
C SER A 284 -10.26 -5.68 55.03
N VAL A 285 -9.76 -4.96 56.04
CA VAL A 285 -10.59 -4.60 57.19
C VAL A 285 -11.81 -3.80 56.74
N PHE A 286 -11.64 -2.96 55.72
CA PHE A 286 -12.75 -2.14 55.25
C PHE A 286 -13.87 -3.02 54.70
N GLN A 287 -13.53 -4.03 53.90
CA GLN A 287 -14.56 -4.89 53.34
C GLN A 287 -15.13 -5.83 54.39
N ILE A 288 -14.29 -6.33 55.30
CA ILE A 288 -14.78 -7.20 56.35
C ILE A 288 -15.83 -6.48 57.19
N ASN A 289 -15.52 -5.26 57.63
CA ASN A 289 -16.50 -4.48 58.39
C ASN A 289 -17.78 -4.26 57.57
N MET A 290 -17.64 -3.98 56.28
CA MET A 290 -18.83 -3.80 55.46
C MET A 290 -19.66 -5.07 55.38
N ILE A 291 -19.01 -6.22 55.25
CA ILE A 291 -19.76 -7.48 55.21
C ILE A 291 -20.58 -7.62 56.49
N LYS A 292 -19.95 -7.41 57.65
CA LYS A 292 -20.65 -7.63 58.91
C LYS A 292 -21.78 -6.62 59.09
N TRP A 293 -21.58 -5.38 58.64
CA TRP A 293 -22.63 -4.37 58.75
C TRP A 293 -23.83 -4.74 57.87
N ILE A 294 -23.57 -5.29 56.69
CA ILE A 294 -24.65 -5.67 55.79
C ILE A 294 -25.48 -6.80 56.40
N LYS A 295 -24.80 -7.84 56.91
CA LYS A 295 -25.50 -9.00 57.43
C LYS A 295 -26.38 -8.65 58.64
N GLU A 296 -25.99 -7.65 59.43
CA GLU A 296 -26.80 -7.24 60.57
C GLU A 296 -27.86 -6.20 60.19
N THR A 297 -27.59 -5.36 59.18
CA THR A 297 -28.51 -4.29 58.81
C THR A 297 -29.59 -4.76 57.84
N PHE A 298 -29.22 -5.53 56.80
CA PHE A 298 -30.17 -5.96 55.77
C PHE A 298 -30.33 -7.47 55.82
N PRO A 299 -31.30 -8.00 56.58
CA PRO A 299 -31.35 -9.45 56.81
C PRO A 299 -31.64 -10.27 55.56
N ASP A 300 -32.28 -9.70 54.54
CA ASP A 300 -32.69 -10.45 53.36
C ASP A 300 -31.75 -10.23 52.17
N LEU A 301 -30.60 -9.60 52.37
CA LEU A 301 -29.67 -9.30 51.29
C LEU A 301 -28.54 -10.32 51.27
N GLN A 302 -28.20 -10.81 50.08
CA GLN A 302 -27.07 -11.70 49.89
C GLN A 302 -25.85 -10.90 49.46
N VAL A 303 -24.69 -11.29 49.98
CA VAL A 303 -23.44 -10.54 49.79
C VAL A 303 -22.41 -11.43 49.11
N ILE A 304 -21.85 -10.94 48.01
CA ILE A 304 -20.73 -11.58 47.33
C ILE A 304 -19.50 -10.69 47.53
N ALA A 305 -18.48 -11.23 48.19
CA ALA A 305 -17.27 -10.49 48.52
C ALA A 305 -16.14 -10.84 47.57
N GLY A 306 -15.18 -9.93 47.46
CA GLY A 306 -14.05 -10.14 46.58
C GLY A 306 -13.44 -8.82 46.14
N ASN A 307 -12.44 -8.91 45.25
CA ASN A 307 -11.96 -10.18 44.68
C ASN A 307 -10.87 -10.84 45.53
N VAL A 308 -10.80 -12.17 45.45
CA VAL A 308 -9.77 -12.97 46.12
C VAL A 308 -9.15 -13.92 45.11
N VAL A 309 -7.92 -14.36 45.40
CA VAL A 309 -7.24 -15.36 44.58
C VAL A 309 -6.55 -16.42 45.42
N THR A 310 -6.61 -16.31 46.75
CA THR A 310 -5.94 -17.27 47.62
C THR A 310 -6.91 -17.87 48.63
N ARG A 311 -6.52 -19.05 49.13
CA ARG A 311 -7.26 -19.71 50.19
C ARG A 311 -7.41 -18.81 51.42
N GLU A 312 -6.32 -18.14 51.82
CA GLU A 312 -6.35 -17.34 53.04
C GLU A 312 -7.33 -16.18 52.92
N GLN A 313 -7.31 -15.48 51.78
CA GLN A 313 -8.32 -14.46 51.53
C GLN A 313 -9.72 -15.05 51.65
N ALA A 314 -9.95 -16.21 51.04
CA ALA A 314 -11.27 -16.83 51.07
C ALA A 314 -11.72 -17.11 52.49
N ALA A 315 -10.84 -17.73 53.29
CA ALA A 315 -11.20 -18.03 54.67
C ALA A 315 -11.53 -16.77 55.45
N SER A 316 -10.79 -15.69 55.21
CA SER A 316 -11.03 -14.45 55.93
C SER A 316 -12.42 -13.90 55.65
N LEU A 317 -12.79 -13.84 54.37
CA LEU A 317 -14.07 -13.27 54.00
C LEU A 317 -15.23 -14.23 54.26
N ILE A 318 -14.97 -15.54 54.28
CA ILE A 318 -16.00 -16.49 54.70
C ILE A 318 -16.30 -16.33 56.18
N HIS A 319 -15.26 -16.20 57.00
CA HIS A 319 -15.45 -16.00 58.43
C HIS A 319 -16.28 -14.76 58.72
N ALA A 320 -16.13 -13.71 57.90
CA ALA A 320 -16.86 -12.48 58.08
C ALA A 320 -18.34 -12.59 57.71
N GLY A 321 -18.75 -13.64 57.01
CA GLY A 321 -20.14 -13.86 56.68
C GLY A 321 -20.51 -13.74 55.20
N ALA A 322 -19.57 -13.89 54.29
CA ALA A 322 -19.88 -13.77 52.87
C ALA A 322 -20.81 -14.90 52.43
N ASP A 323 -21.74 -14.57 51.53
CA ASP A 323 -22.63 -15.57 50.94
C ASP A 323 -22.06 -16.16 49.64
N GLY A 324 -21.06 -15.51 49.06
CA GLY A 324 -20.34 -16.00 47.90
C GLY A 324 -19.06 -15.20 47.74
N LEU A 325 -18.18 -15.69 46.87
CA LEU A 325 -16.92 -15.05 46.60
C LEU A 325 -16.78 -14.78 45.10
N ARG A 326 -16.05 -13.71 44.78
CA ARG A 326 -15.70 -13.35 43.42
C ARG A 326 -14.19 -13.51 43.25
N ILE A 327 -13.77 -14.38 42.31
CA ILE A 327 -12.37 -14.80 42.17
C ILE A 327 -11.76 -14.14 40.95
N GLY A 328 -10.57 -13.56 41.12
CA GLY A 328 -9.83 -12.98 40.01
C GLY A 328 -9.00 -11.78 40.40
N MET A 329 -7.74 -11.73 39.95
CA MET A 329 -6.90 -10.57 40.19
C MET A 329 -5.92 -10.44 39.03
N GLY A 330 -6.14 -9.44 38.18
CA GLY A 330 -5.23 -9.16 37.08
C GLY A 330 -5.42 -10.02 35.86
N SER A 331 -6.53 -10.75 35.77
CA SER A 331 -6.81 -11.57 34.60
C SER A 331 -7.64 -10.80 33.57
N VAL A 340 2.72 -7.77 33.81
CA VAL A 340 2.67 -6.32 34.00
C VAL A 340 2.42 -6.01 35.48
N MET A 341 1.39 -6.63 36.05
CA MET A 341 1.02 -6.38 37.43
C MET A 341 1.97 -7.10 38.39
N ALA A 342 2.15 -6.51 39.57
CA ALA A 342 2.97 -7.10 40.61
C ALA A 342 2.24 -8.20 41.36
N CYS A 343 0.96 -7.97 41.65
CA CYS A 343 0.17 -8.78 42.55
C CYS A 343 -1.00 -9.42 41.80
N GLY A 344 -1.17 -10.71 41.97
CA GLY A 344 -2.25 -11.42 41.30
C GLY A 344 -1.97 -12.92 41.26
N ARG A 345 -2.74 -13.61 40.41
CA ARG A 345 -2.59 -15.05 40.28
C ARG A 345 -3.22 -15.54 38.98
N PRO A 346 -2.60 -16.49 38.29
CA PRO A 346 -3.25 -17.06 37.10
C PRO A 346 -4.64 -17.62 37.43
N GLN A 347 -5.61 -17.29 36.58
CA GLN A 347 -7.02 -17.47 36.94
C GLN A 347 -7.34 -18.93 37.25
N GLY A 348 -6.84 -19.85 36.43
CA GLY A 348 -7.13 -21.27 36.66
C GLY A 348 -6.66 -21.73 38.02
N THR A 349 -5.42 -21.42 38.37
CA THR A 349 -4.88 -21.76 39.68
C THR A 349 -5.65 -21.06 40.79
N ALA A 350 -6.06 -19.82 40.56
CA ALA A 350 -6.83 -19.09 41.56
C ALA A 350 -8.15 -19.78 41.85
N VAL A 351 -8.89 -20.11 40.79
CA VAL A 351 -10.22 -20.72 40.95
C VAL A 351 -10.10 -22.04 41.70
N TYR A 352 -9.08 -22.84 41.38
CA TYR A 352 -8.98 -24.17 41.98
C TYR A 352 -8.73 -24.08 43.48
N ASN A 353 -7.75 -23.27 43.88
CA ASN A 353 -7.35 -23.24 45.28
C ASN A 353 -8.39 -22.54 46.15
N VAL A 354 -9.07 -21.51 45.62
CA VAL A 354 -10.14 -20.88 46.38
C VAL A 354 -11.32 -21.83 46.54
N THR A 355 -11.80 -22.40 45.42
CA THR A 355 -12.99 -23.24 45.49
C THR A 355 -12.73 -24.52 46.26
N GLN A 356 -11.53 -25.09 46.13
CA GLN A 356 -11.20 -26.28 46.90
C GLN A 356 -11.46 -26.06 48.38
N PHE A 357 -11.17 -24.84 48.87
CA PHE A 357 -11.44 -24.50 50.26
C PHE A 357 -12.88 -24.05 50.45
N ALA A 358 -13.35 -23.15 49.57
CA ALA A 358 -14.63 -22.49 49.77
C ALA A 358 -15.82 -23.43 49.61
N ASN A 359 -15.73 -24.41 48.70
CA ASN A 359 -16.83 -25.34 48.51
C ASN A 359 -17.06 -26.22 49.73
N GLN A 360 -16.06 -26.38 50.60
CA GLN A 360 -16.27 -27.12 51.85
C GLN A 360 -17.23 -26.39 52.78
N PHE A 361 -17.38 -25.08 52.62
CA PHE A 361 -18.29 -24.30 53.44
C PHE A 361 -19.57 -23.95 52.70
N GLY A 362 -19.76 -24.47 51.50
CA GLY A 362 -20.95 -24.19 50.72
C GLY A 362 -21.03 -22.76 50.24
N VAL A 363 -19.90 -22.09 50.06
CA VAL A 363 -19.85 -20.70 49.61
C VAL A 363 -19.59 -20.69 48.10
N PRO A 364 -20.59 -20.44 47.26
CA PRO A 364 -20.35 -20.47 45.81
C PRO A 364 -19.45 -19.33 45.37
N CYS A 365 -18.69 -19.58 44.29
CA CYS A 365 -17.69 -18.65 43.80
C CYS A 365 -17.95 -18.29 42.34
N ILE A 366 -17.83 -17.00 42.02
CA ILE A 366 -17.85 -16.53 40.64
C ILE A 366 -16.43 -16.50 40.14
N ALA A 367 -16.22 -17.03 38.92
CA ALA A 367 -14.93 -16.91 38.23
C ALA A 367 -15.00 -15.69 37.31
N ASP A 368 -14.24 -14.66 37.64
CA ASP A 368 -14.30 -13.37 36.95
C ASP A 368 -12.98 -13.11 36.26
N GLY A 369 -13.01 -13.06 34.93
CA GLY A 369 -11.83 -12.67 34.18
C GLY A 369 -11.30 -13.79 33.30
N GLY A 370 -10.90 -13.43 32.08
CA GLY A 370 -10.27 -14.38 31.18
C GLY A 370 -11.23 -15.34 30.52
N VAL A 371 -12.52 -15.02 30.48
CA VAL A 371 -13.53 -15.86 29.85
C VAL A 371 -13.92 -15.21 28.53
N GLN A 372 -13.74 -15.95 27.43
CA GLN A 372 -14.04 -15.43 26.09
C GLN A 372 -14.88 -16.37 25.25
N ASN A 373 -15.07 -17.62 25.65
CA ASN A 373 -15.80 -18.59 24.83
C ASN A 373 -16.27 -19.74 25.72
N ILE A 374 -17.01 -20.66 25.11
CA ILE A 374 -17.62 -21.76 25.84
C ILE A 374 -16.54 -22.60 26.52
N GLY A 375 -15.35 -22.67 25.94
CA GLY A 375 -14.29 -23.47 26.51
C GLY A 375 -13.82 -22.95 27.85
N HIS A 376 -13.66 -21.62 27.97
CA HIS A 376 -13.28 -21.04 29.24
C HIS A 376 -14.34 -21.25 30.30
N ILE A 377 -15.62 -21.20 29.89
CA ILE A 377 -16.72 -21.40 30.84
C ILE A 377 -16.65 -22.81 31.42
N THR A 378 -16.53 -23.81 30.55
CA THR A 378 -16.47 -25.20 30.97
C THR A 378 -15.29 -25.45 31.91
N LYS A 379 -14.12 -24.91 31.56
CA LYS A 379 -12.94 -25.13 32.38
C LYS A 379 -13.03 -24.41 33.72
N ALA A 380 -13.56 -23.18 33.72
CA ALA A 380 -13.79 -22.47 34.97
C ALA A 380 -14.62 -23.33 35.93
N ILE A 381 -15.73 -23.88 35.44
CA ILE A 381 -16.60 -24.73 36.26
C ILE A 381 -15.87 -26.01 36.66
N ALA A 382 -15.14 -26.61 35.72
CA ALA A 382 -14.43 -27.85 36.02
C ALA A 382 -13.48 -27.69 37.20
N LEU A 383 -12.84 -26.53 37.33
CA LEU A 383 -11.87 -26.31 38.40
C LEU A 383 -12.53 -25.94 39.72
N GLY A 384 -13.85 -25.78 39.77
CA GLY A 384 -14.54 -25.57 41.02
C GLY A 384 -15.49 -24.37 41.07
N ALA A 385 -15.50 -23.55 40.03
CA ALA A 385 -16.40 -22.40 40.02
C ALA A 385 -17.85 -22.86 39.94
N SER A 386 -18.73 -22.15 40.66
CA SER A 386 -20.17 -22.37 40.58
C SER A 386 -20.79 -21.54 39.47
N THR A 387 -20.30 -20.33 39.26
CA THR A 387 -20.77 -19.47 38.18
C THR A 387 -19.57 -18.78 37.57
N VAL A 388 -19.77 -18.17 36.40
CA VAL A 388 -18.71 -17.49 35.69
C VAL A 388 -19.21 -16.14 35.22
N MET A 389 -18.38 -15.11 35.37
CA MET A 389 -18.72 -13.76 34.99
C MET A 389 -18.23 -13.46 33.58
N MET A 390 -19.04 -12.74 32.82
CA MET A 390 -18.73 -12.36 31.45
C MET A 390 -18.80 -10.85 31.31
N GLY A 391 -17.81 -10.30 30.62
CA GLY A 391 -17.78 -8.87 30.37
C GLY A 391 -17.56 -8.56 28.91
N GLY A 392 -16.29 -8.59 28.48
CA GLY A 392 -15.97 -8.25 27.10
C GLY A 392 -16.79 -9.02 26.09
N MET A 393 -17.02 -10.32 26.33
CA MET A 393 -17.76 -11.12 25.36
C MET A 393 -19.24 -10.75 25.32
N LEU A 394 -19.75 -10.04 26.33
CA LEU A 394 -21.11 -9.53 26.27
C LEU A 394 -21.19 -8.09 25.79
N ALA A 395 -20.12 -7.32 25.91
CA ALA A 395 -20.11 -5.97 25.37
C ALA A 395 -20.38 -6.00 23.88
N GLY A 396 -21.10 -4.98 23.40
CA GLY A 396 -21.48 -4.91 22.00
C GLY A 396 -22.81 -5.57 21.67
N THR A 397 -23.34 -6.41 22.56
CA THR A 397 -24.64 -7.00 22.33
C THR A 397 -25.72 -5.92 22.35
N THR A 398 -26.89 -6.27 21.81
CA THR A 398 -27.97 -5.29 21.69
C THR A 398 -28.35 -4.71 23.04
N GLU A 399 -28.37 -5.55 24.08
CA GLU A 399 -28.83 -5.15 25.41
C GLU A 399 -27.75 -4.47 26.23
N SER A 400 -26.53 -4.35 25.72
CA SER A 400 -25.49 -3.62 26.42
C SER A 400 -25.65 -2.13 26.18
N PRO A 401 -25.13 -1.28 27.09
CA PRO A 401 -25.22 0.18 26.98
C PRO A 401 -24.72 0.74 25.64
N ILE A 456 -18.19 -3.97 16.25
CA ILE A 456 -18.25 -4.70 17.51
C ILE A 456 -19.62 -5.37 17.69
N ASP A 457 -20.57 -5.07 16.80
CA ASP A 457 -21.95 -5.51 16.95
C ASP A 457 -22.04 -7.03 16.99
N LYS A 458 -22.55 -7.57 18.10
CA LYS A 458 -22.65 -9.01 18.30
C LYS A 458 -24.09 -9.52 18.35
N GLY A 459 -25.08 -8.66 18.10
CA GLY A 459 -26.46 -9.09 18.14
C GLY A 459 -27.04 -9.13 19.54
N SER A 460 -28.27 -9.64 19.62
CA SER A 460 -28.99 -9.74 20.88
C SER A 460 -28.50 -10.94 21.69
N ILE A 461 -28.46 -10.78 23.02
CA ILE A 461 -28.13 -11.90 23.89
C ILE A 461 -29.26 -12.91 23.96
N LYS A 462 -30.44 -12.58 23.43
CA LYS A 462 -31.52 -13.56 23.35
C LYS A 462 -31.12 -14.74 22.47
N LYS A 463 -30.23 -14.51 21.50
CA LYS A 463 -29.63 -15.61 20.75
C LYS A 463 -28.34 -16.11 21.41
N TYR A 464 -27.53 -15.21 21.97
CA TYR A 464 -26.19 -15.58 22.40
C TYR A 464 -26.22 -16.45 23.65
N ILE A 465 -27.09 -16.16 24.61
CA ILE A 465 -27.08 -16.90 25.87
C ILE A 465 -27.55 -18.32 25.62
N PRO A 466 -28.61 -18.54 24.82
CA PRO A 466 -28.93 -19.94 24.44
C PRO A 466 -27.81 -20.64 23.69
N TYR A 467 -27.12 -19.93 22.79
CA TYR A 467 -25.98 -20.54 22.10
C TYR A 467 -24.93 -21.01 23.11
N LEU A 468 -24.61 -20.18 24.10
CA LEU A 468 -23.68 -20.59 25.15
C LEU A 468 -24.29 -21.65 26.04
N TYR A 469 -25.60 -21.55 26.31
CA TYR A 469 -26.27 -22.55 27.13
C TYR A 469 -26.21 -23.91 26.45
N ASN A 470 -26.57 -23.95 25.17
CA ASN A 470 -26.50 -25.20 24.41
C ASN A 470 -25.07 -25.73 24.34
N GLY A 471 -24.11 -24.83 24.17
CA GLY A 471 -22.72 -25.24 24.08
C GLY A 471 -22.22 -25.90 25.34
N LEU A 472 -22.64 -25.40 26.51
CA LEU A 472 -22.21 -26.00 27.76
C LEU A 472 -22.87 -27.35 27.98
N GLN A 473 -24.08 -27.54 27.46
CA GLN A 473 -24.71 -28.85 27.51
C GLN A 473 -23.90 -29.87 26.74
N HIS A 474 -23.47 -29.51 25.52
CA HIS A 474 -22.71 -30.44 24.70
C HIS A 474 -21.36 -30.78 25.35
N SER A 475 -20.67 -29.78 25.88
CA SER A 475 -19.38 -30.06 26.52
C SER A 475 -19.55 -30.95 27.74
N CYS A 476 -20.63 -30.76 28.50
CA CYS A 476 -20.93 -31.67 29.59
C CYS A 476 -21.21 -33.08 29.07
N GLN A 477 -21.90 -33.19 27.94
CA GLN A 477 -22.18 -34.51 27.39
C GLN A 477 -20.89 -35.22 27.01
N ASP A 478 -20.00 -34.52 26.30
CA ASP A 478 -18.73 -35.12 25.91
C ASP A 478 -17.95 -35.63 27.13
N ILE A 479 -18.01 -34.88 28.24
CA ILE A 479 -17.31 -35.29 29.46
C ILE A 479 -18.06 -36.43 30.14
N GLY A 480 -19.36 -36.54 29.92
CA GLY A 480 -20.14 -37.62 30.48
C GLY A 480 -20.86 -37.34 31.78
N VAL A 481 -21.30 -36.10 32.01
CA VAL A 481 -21.98 -35.71 33.25
C VAL A 481 -23.32 -35.08 32.91
N ARG A 482 -24.34 -35.40 33.70
CA ARG A 482 -25.71 -34.98 33.43
C ARG A 482 -26.06 -33.61 34.03
N SER A 483 -25.21 -33.05 34.88
CA SER A 483 -25.49 -31.74 35.46
C SER A 483 -24.20 -31.13 35.97
N LEU A 484 -24.26 -29.85 36.29
CA LEU A 484 -23.10 -29.18 36.90
C LEU A 484 -22.82 -29.73 38.29
N VAL A 485 -23.87 -30.07 39.04
CA VAL A 485 -23.65 -30.74 40.33
C VAL A 485 -22.87 -32.03 40.11
N GLU A 486 -23.28 -32.85 39.13
CA GLU A 486 -22.56 -34.08 38.86
C GLU A 486 -21.16 -33.80 38.37
N PHE A 487 -21.00 -32.77 37.53
CA PHE A 487 -19.68 -32.38 37.07
C PHE A 487 -18.73 -32.13 38.26
N ARG A 488 -19.19 -31.34 39.23
CA ARG A 488 -18.38 -31.04 40.40
C ARG A 488 -18.00 -32.30 41.17
N GLU A 489 -18.96 -33.20 41.37
CA GLU A 489 -18.70 -34.40 42.15
C GLU A 489 -17.70 -35.31 41.43
N LYS A 490 -17.81 -35.41 40.11
CA LYS A 490 -16.95 -36.32 39.38
C LYS A 490 -15.52 -35.79 39.28
N VAL A 491 -15.36 -34.47 39.14
CA VAL A 491 -14.02 -33.89 39.18
C VAL A 491 -13.38 -34.19 40.52
N ASP A 492 -14.08 -33.87 41.62
CA ASP A 492 -13.49 -34.02 42.94
C ASP A 492 -13.25 -35.47 43.34
N SER A 493 -13.96 -36.42 42.73
CA SER A 493 -13.72 -37.84 43.01
C SER A 493 -12.60 -38.43 42.15
N GLY A 494 -12.11 -37.70 41.15
CA GLY A 494 -11.08 -38.21 40.27
C GLY A 494 -11.59 -38.93 39.04
N SER A 495 -12.90 -38.93 38.80
CA SER A 495 -13.46 -39.59 37.62
C SER A 495 -13.22 -38.77 36.35
N VAL A 496 -13.36 -37.45 36.43
CA VAL A 496 -13.05 -36.58 35.30
C VAL A 496 -11.54 -36.36 35.26
N ARG A 497 -10.96 -36.44 34.06
CA ARG A 497 -9.52 -36.40 33.87
C ARG A 497 -9.12 -35.21 33.00
N PHE A 498 -7.88 -34.78 33.17
CA PHE A 498 -7.37 -33.58 32.52
C PHE A 498 -6.02 -33.88 31.87
N GLU A 499 -5.63 -32.99 30.94
CA GLU A 499 -4.33 -33.07 30.28
C GLU A 499 -3.75 -31.66 30.17
N PHE A 500 -2.52 -31.48 30.65
CA PHE A 500 -1.82 -30.22 30.50
C PHE A 500 -1.35 -30.07 29.06
N ARG A 501 -1.41 -28.85 28.53
CA ARG A 501 -1.04 -28.58 27.14
C ARG A 501 0.30 -27.86 27.05
N THR A 502 1.12 -28.34 26.11
CA THR A 502 2.37 -27.69 25.77
C THR A 502 2.08 -26.40 25.00
N PRO A 503 3.04 -25.46 24.99
CA PRO A 503 2.85 -24.25 24.18
C PRO A 503 2.46 -24.54 22.74
N SER A 504 3.01 -25.58 22.12
CA SER A 504 2.66 -25.93 20.75
C SER A 504 1.19 -26.36 20.65
N GLN A 506 -1.51 -26.01 22.08
CA GLN A 506 -2.44 -24.90 22.07
C GLN A 506 -2.62 -24.41 20.64
N LEU A 507 -1.51 -24.30 19.91
CA LEU A 507 -1.58 -23.92 18.51
C LEU A 507 -2.20 -25.03 17.68
N GLU A 508 -2.02 -26.28 18.09
CA GLU A 508 -2.60 -27.44 17.41
C GLU A 508 -4.11 -27.26 17.22
N HIS B 1 -28.24 -33.30 49.13
CA HIS B 1 -28.14 -33.67 50.58
C HIS B 1 -26.70 -33.54 51.05
N MET B 2 -26.26 -32.31 51.29
CA MET B 2 -24.89 -32.02 51.66
C MET B 2 -24.86 -31.18 52.93
N THR B 3 -24.05 -31.61 53.89
CA THR B 3 -23.73 -30.83 55.07
C THR B 3 -22.40 -30.14 54.84
N TYR B 4 -22.38 -28.82 55.03
CA TYR B 4 -21.19 -28.02 54.82
C TYR B 4 -20.61 -27.61 56.17
N ARG B 5 -19.33 -27.22 56.14
CA ARG B 5 -18.69 -26.76 57.36
C ARG B 5 -19.20 -25.37 57.76
N ASP B 6 -19.19 -25.13 59.06
CA ASP B 6 -19.63 -23.85 59.61
C ASP B 6 -18.63 -22.76 59.26
N ALA B 7 -19.13 -21.64 58.72
CA ALA B 7 -18.27 -20.54 58.34
C ALA B 7 -17.43 -20.04 59.52
N ALA B 8 -17.93 -20.20 60.75
CA ALA B 8 -17.20 -19.75 61.92
C ALA B 8 -15.88 -20.48 62.11
N THR B 9 -15.72 -21.66 61.51
CA THR B 9 -14.49 -22.44 61.61
C THR B 9 -13.53 -22.18 60.46
N ALA B 10 -13.80 -21.22 59.59
CA ALA B 10 -13.01 -21.06 58.37
C ALA B 10 -11.55 -20.78 58.68
N LEU B 11 -11.26 -19.89 59.63
CA LEU B 11 -9.88 -19.57 59.95
C LEU B 11 -9.18 -20.74 60.62
N GLU B 12 -9.82 -21.37 61.60
CA GLU B 12 -9.24 -22.54 62.23
C GLU B 12 -8.95 -23.64 61.21
N HIS B 13 -9.74 -23.72 60.15
CA HIS B 13 -9.58 -24.79 59.18
C HIS B 13 -8.34 -24.61 58.32
N LEU B 14 -7.77 -23.40 58.27
CA LEU B 14 -6.54 -23.18 57.51
C LEU B 14 -5.39 -24.03 58.06
N ALA B 15 -5.45 -24.40 59.35
CA ALA B 15 -4.39 -25.18 59.94
C ALA B 15 -4.35 -26.62 59.43
N THR B 16 -5.42 -27.09 58.79
CA THR B 16 -5.42 -28.44 58.26
C THR B 16 -4.53 -28.59 57.03
N TYR B 17 -4.08 -27.49 56.43
CA TYR B 17 -3.20 -27.55 55.28
C TYR B 17 -1.75 -27.51 55.74
N ALA B 18 -0.90 -28.27 55.05
CA ALA B 18 0.50 -28.36 55.45
C ALA B 18 1.24 -27.05 55.21
N GLU B 19 0.90 -26.33 54.14
CA GLU B 19 1.58 -25.11 53.77
C GLU B 19 0.56 -24.03 53.42
N LYS B 20 1.00 -22.78 53.48
CA LYS B 20 0.20 -21.68 52.95
C LYS B 20 0.01 -21.85 51.45
N ASP B 21 -1.09 -21.32 50.94
CA ASP B 21 -1.36 -21.35 49.51
C ASP B 21 -0.28 -20.58 48.76
N GLY B 22 0.15 -21.13 47.63
CA GLY B 22 1.24 -20.54 46.87
C GLY B 22 2.60 -21.07 47.30
N LEU B 23 3.64 -20.46 46.72
CA LEU B 23 5.02 -20.89 46.94
C LEU B 23 5.77 -19.87 47.81
N SER B 24 6.62 -20.39 48.69
CA SER B 24 7.61 -19.53 49.33
C SER B 24 8.66 -19.10 48.31
N VAL B 25 9.45 -18.10 48.67
CA VAL B 25 10.45 -17.58 47.75
C VAL B 25 11.48 -18.65 47.44
N GLU B 26 11.82 -19.47 48.45
CA GLU B 26 12.78 -20.55 48.25
C GLU B 26 12.23 -21.61 47.30
N GLN B 27 10.94 -21.94 47.39
CA GLN B 27 10.34 -22.88 46.46
C GLN B 27 10.24 -22.30 45.06
N LEU B 28 9.96 -21.00 44.95
CA LEU B 28 9.87 -20.36 43.63
C LEU B 28 11.23 -20.40 42.92
N MET B 29 12.30 -20.09 43.63
CA MET B 29 13.63 -19.91 43.02
C MET B 29 14.45 -21.19 43.10
N ASP B 30 13.93 -22.25 42.51
CA ASP B 30 14.62 -23.54 42.49
C ASP B 30 15.26 -23.74 41.11
N SER B 31 16.61 -23.74 41.08
CA SER B 31 17.32 -23.86 39.82
C SER B 31 17.10 -25.23 39.17
N LYS B 32 17.14 -26.28 39.97
CA LYS B 32 16.95 -27.60 39.33
C LYS B 32 15.49 -27.77 38.76
N THR B 33 14.49 -27.56 39.61
CA THR B 33 13.09 -27.75 39.14
C THR B 33 12.55 -26.73 38.05
N ARG B 34 12.79 -25.41 38.24
CA ARG B 34 12.30 -24.26 37.38
C ARG B 34 13.37 -23.47 36.53
N GLY B 35 14.65 -23.51 36.93
CA GLY B 35 15.71 -22.85 36.20
C GLY B 35 15.71 -21.32 36.34
N GLY B 36 16.50 -20.58 35.55
CA GLY B 36 16.54 -19.15 35.64
C GLY B 36 15.23 -18.50 35.29
N LEU B 37 14.84 -17.56 36.13
CA LEU B 37 13.55 -16.79 35.98
C LEU B 37 13.71 -15.26 36.05
N THR B 38 12.88 -14.57 35.27
CA THR B 38 12.84 -13.11 35.25
C THR B 38 11.60 -12.62 35.99
N TYR B 39 11.53 -11.31 36.17
CA TYR B 39 10.41 -10.72 36.92
C TYR B 39 9.07 -11.13 36.31
N ASN B 40 8.97 -11.12 34.98
CA ASN B 40 7.72 -11.42 34.30
C ASN B 40 7.25 -12.86 34.48
N ASP B 41 8.08 -13.73 35.04
CA ASP B 41 7.74 -15.15 35.17
C ASP B 41 6.92 -15.48 36.41
N PHE B 42 6.69 -14.52 37.31
CA PHE B 42 5.99 -14.86 38.55
C PHE B 42 5.19 -13.66 39.03
N LEU B 43 4.36 -13.92 40.05
CA LEU B 43 3.56 -12.91 40.71
C LEU B 43 3.71 -13.06 42.21
N VAL B 44 3.47 -11.99 42.94
CA VAL B 44 3.40 -12.00 44.39
C VAL B 44 1.92 -12.11 44.75
N LEU B 45 1.59 -13.01 45.68
CA LEU B 45 0.19 -13.20 46.02
C LEU B 45 -0.28 -12.17 47.05
N PRO B 46 -1.55 -11.79 47.01
CA PRO B 46 -2.06 -10.80 47.96
C PRO B 46 -2.25 -11.37 49.36
N GLY B 47 -2.11 -10.50 50.35
CA GLY B 47 -2.29 -10.86 51.74
C GLY B 47 -3.53 -10.22 52.35
N LYS B 48 -3.39 -9.63 53.53
CA LYS B 48 -4.48 -8.97 54.25
C LYS B 48 -4.19 -7.49 54.41
N ILE B 49 -5.20 -6.66 54.11
CA ILE B 49 -5.09 -5.21 54.19
C ILE B 49 -5.74 -4.75 55.48
N ASP B 50 -4.96 -4.13 56.36
CA ASP B 50 -5.50 -3.53 57.58
C ASP B 50 -4.82 -2.20 57.86
N PHE B 51 -4.56 -1.41 56.82
CA PHE B 51 -3.95 -0.11 56.97
C PHE B 51 -4.05 0.64 55.65
N PRO B 52 -4.00 1.97 55.67
CA PRO B 52 -4.00 2.73 54.42
C PRO B 52 -2.64 2.66 53.73
N SER B 53 -2.66 2.93 52.43
CA SER B 53 -1.43 2.83 51.64
C SER B 53 -0.46 3.97 51.96
N SER B 54 -0.99 5.12 52.39
CA SER B 54 -0.15 6.27 52.74
C SER B 54 0.76 5.96 53.92
N GLU B 55 0.40 4.98 54.75
CA GLU B 55 1.20 4.62 55.92
C GLU B 55 2.43 3.79 55.57
N VAL B 56 2.56 3.29 54.34
CA VAL B 56 3.68 2.42 54.02
C VAL B 56 4.97 3.23 53.94
N VAL B 57 6.01 2.75 54.61
CA VAL B 57 7.32 3.39 54.63
C VAL B 57 8.23 2.69 53.64
N LEU B 58 8.89 3.47 52.79
CA LEU B 58 9.75 2.94 51.73
C LEU B 58 11.22 3.25 51.96
N SER B 59 11.63 3.45 53.21
CA SER B 59 13.03 3.62 53.54
C SER B 59 13.83 2.42 53.05
N SER B 60 14.95 2.68 52.38
CA SER B 60 15.79 1.65 51.80
C SER B 60 17.26 1.98 52.00
N ARG B 61 18.04 0.95 52.36
CA ARG B 61 19.48 1.09 52.53
C ARG B 61 20.17 1.03 51.17
N LEU B 62 20.85 2.12 50.78
CA LEU B 62 21.67 2.12 49.58
C LEU B 62 23.02 1.47 49.84
N THR B 63 23.66 1.83 50.95
CA THR B 63 24.92 1.26 51.37
C THR B 63 24.83 0.93 52.86
N LYS B 64 25.93 0.43 53.43
CA LYS B 64 25.93 0.14 54.86
C LYS B 64 25.58 1.38 55.68
N LYS B 65 25.98 2.56 55.20
CA LYS B 65 25.83 3.80 55.96
C LYS B 65 24.85 4.79 55.35
N ILE B 66 24.41 4.58 54.11
CA ILE B 66 23.50 5.50 53.44
C ILE B 66 22.13 4.85 53.35
N THR B 67 21.11 5.57 53.83
CA THR B 67 19.72 5.13 53.76
C THR B 67 18.90 6.19 53.05
N LEU B 68 18.03 5.75 52.13
CA LEU B 68 17.18 6.63 51.35
C LEU B 68 15.73 6.46 51.78
N ASN B 69 14.93 7.49 51.51
CA ASN B 69 13.49 7.43 51.76
C ASN B 69 12.74 6.72 50.63
N ALA B 70 13.41 6.40 49.53
CA ALA B 70 12.80 5.74 48.39
C ALA B 70 13.84 4.82 47.77
N PRO B 71 13.46 3.63 47.29
CA PRO B 71 14.46 2.70 46.73
C PRO B 71 14.76 2.93 45.26
N PHE B 72 14.75 4.18 44.81
CA PHE B 72 14.95 4.52 43.41
C PHE B 72 16.35 5.10 43.21
N VAL B 73 17.05 4.58 42.21
CA VAL B 73 18.40 5.03 41.85
C VAL B 73 18.44 5.20 40.35
N SER B 74 18.87 6.37 39.88
CA SER B 74 18.98 6.61 38.45
C SER B 74 20.34 6.12 37.97
N SER B 75 20.36 5.54 36.77
CA SER B 75 21.50 4.78 36.27
C SER B 75 22.60 5.70 35.75
N PRO B 76 23.87 5.26 35.83
CA PRO B 76 24.98 6.06 35.28
C PRO B 76 25.09 5.95 33.77
N MET B 77 24.10 6.48 33.08
CA MET B 77 24.06 6.50 31.61
C MET B 77 24.05 7.94 31.13
N ASP B 78 24.76 8.21 30.04
CA ASP B 78 24.83 9.57 29.51
C ASP B 78 23.50 10.04 28.95
N THR B 79 22.52 9.16 28.82
CA THR B 79 21.16 9.52 28.46
C THR B 79 20.25 9.68 29.67
N VAL B 80 20.76 9.44 30.88
CA VAL B 80 19.91 9.42 32.07
C VAL B 80 20.37 10.44 33.10
N THR B 81 21.56 10.25 33.67
CA THR B 81 21.96 10.97 34.89
C THR B 81 23.10 11.95 34.65
N GLU B 82 22.78 13.23 34.68
CA GLU B 82 23.77 14.28 34.88
C GLU B 82 23.36 15.11 36.10
N ALA B 83 23.91 16.30 36.28
CA ALA B 83 23.64 17.07 37.49
C ALA B 83 22.14 17.25 37.73
N ASP B 84 21.42 17.61 36.67
CA ASP B 84 19.98 17.89 36.81
C ASP B 84 19.22 16.67 37.31
N MET B 85 19.52 15.48 36.78
CA MET B 85 18.83 14.28 37.21
C MET B 85 19.19 13.91 38.65
N ALA B 86 20.47 14.04 39.01
CA ALA B 86 20.89 13.68 40.36
C ALA B 86 20.29 14.62 41.40
N ILE B 87 20.13 15.90 41.06
CA ILE B 87 19.54 16.85 41.99
C ILE B 87 18.09 16.48 42.28
N HIS B 88 17.31 16.23 41.23
CA HIS B 88 15.89 15.97 41.44
C HIS B 88 15.63 14.58 42.00
N MET B 89 16.44 13.58 41.63
CA MET B 89 16.33 12.28 42.27
C MET B 89 16.57 12.41 43.78
N ALA B 90 17.63 13.13 44.16
CA ALA B 90 17.89 13.36 45.57
C ALA B 90 16.75 14.14 46.23
N LEU B 91 16.26 15.18 45.56
CA LEU B 91 15.17 15.98 46.13
C LEU B 91 13.94 15.15 46.38
N LEU B 92 13.67 14.15 45.54
CA LEU B 92 12.45 13.36 45.62
C LEU B 92 12.60 12.10 46.47
N GLY B 93 13.75 11.90 47.11
CA GLY B 93 13.91 10.83 48.09
C GLY B 93 14.84 9.72 47.67
N GLY B 94 15.39 9.77 46.47
CA GLY B 94 16.32 8.75 46.00
C GLY B 94 17.72 9.28 45.82
N ILE B 95 18.39 8.86 44.75
CA ILE B 95 19.75 9.31 44.47
C ILE B 95 20.00 9.14 42.98
N GLY B 96 20.96 9.91 42.46
CA GLY B 96 21.42 9.75 41.10
C GLY B 96 22.87 9.35 41.07
N ILE B 97 23.24 8.57 40.06
CA ILE B 97 24.62 8.13 39.85
C ILE B 97 25.09 8.78 38.54
N ILE B 98 25.95 9.79 38.66
CA ILE B 98 26.41 10.53 37.50
C ILE B 98 27.34 9.67 36.65
N HIS B 99 27.12 9.69 35.34
CA HIS B 99 27.88 8.86 34.41
C HIS B 99 29.30 9.38 34.25
N HIS B 100 30.18 8.51 33.74
CA HIS B 100 31.58 8.84 33.54
C HIS B 100 31.99 8.84 32.07
N ASN B 101 31.03 8.99 31.15
CA ASN B 101 31.34 9.17 29.74
C ASN B 101 31.65 10.64 29.46
N CYS B 102 32.70 11.11 30.10
CA CYS B 102 33.10 12.52 30.05
C CYS B 102 34.49 12.60 30.65
N THR B 103 35.05 13.80 30.67
CA THR B 103 36.33 13.99 31.33
C THR B 103 36.14 13.97 32.85
N ALA B 104 37.24 13.69 33.55
CA ALA B 104 37.20 13.71 35.01
C ALA B 104 36.82 15.10 35.52
N GLU B 105 37.25 16.15 34.82
CA GLU B 105 36.87 17.51 35.22
C GLU B 105 35.38 17.74 35.04
N GLU B 106 34.83 17.36 33.89
CA GLU B 106 33.40 17.56 33.64
C GLU B 106 32.57 16.79 34.66
N GLN B 107 32.96 15.55 34.98
CA GLN B 107 32.22 14.79 35.98
C GLN B 107 32.27 15.48 37.34
N ALA B 108 33.46 15.97 37.73
CA ALA B 108 33.60 16.62 39.02
C ALA B 108 32.76 17.89 39.11
N GLU B 109 32.64 18.63 38.01
CA GLU B 109 31.78 19.81 38.00
C GLU B 109 30.33 19.42 38.22
N MET B 110 29.85 18.38 37.54
CA MET B 110 28.48 17.92 37.73
C MET B 110 28.24 17.52 39.17
N VAL B 111 29.16 16.75 39.76
CA VAL B 111 29.05 16.43 41.18
C VAL B 111 29.00 17.72 41.99
N ARG B 112 29.82 18.70 41.61
CA ARG B 112 29.87 19.94 42.37
C ARG B 112 28.54 20.66 42.35
N ARG B 113 27.88 20.72 41.19
CA ARG B 113 26.58 21.38 41.11
C ARG B 113 25.57 20.70 42.02
N VAL B 114 25.61 19.38 42.12
CA VAL B 114 24.68 18.65 42.98
C VAL B 114 24.92 19.01 44.44
N LYS B 115 26.17 18.96 44.88
CA LYS B 115 26.47 19.21 46.29
C LYS B 115 26.16 20.64 46.69
N LYS B 116 26.25 21.58 45.76
CA LYS B 116 26.07 23.00 46.05
C LYS B 116 24.64 23.47 45.82
N TYR B 117 23.80 22.64 45.22
CA TYR B 117 22.44 23.05 44.88
C TYR B 117 21.64 23.35 46.13
N GLU B 118 20.92 24.47 46.11
CA GLU B 118 20.04 24.86 47.21
C GLU B 118 18.63 25.03 46.66
N ASN B 119 17.68 24.28 47.22
CA ASN B 119 16.32 24.30 46.69
C ASN B 119 15.72 25.69 46.84
N GLY B 120 15.01 26.12 45.80
CA GLY B 120 14.37 27.42 45.78
C GLY B 120 15.19 28.52 45.15
N PHE B 121 16.50 28.32 45.00
CA PHE B 121 17.40 29.32 44.45
C PHE B 121 17.68 29.01 42.99
N ILE B 122 17.97 30.05 42.22
CA ILE B 122 18.48 29.88 40.87
C ILE B 122 19.99 29.66 40.99
N ASN B 123 20.42 28.39 41.08
CA ASN B 123 21.81 28.12 41.40
C ASN B 123 22.75 28.39 40.23
N ALA B 124 22.26 28.33 38.99
CA ALA B 124 23.07 28.63 37.81
C ALA B 124 22.39 29.74 37.02
N PRO B 125 22.49 30.99 37.47
CA PRO B 125 21.79 32.08 36.80
C PRO B 125 22.47 32.52 35.51
N VAL B 126 21.64 33.00 34.57
CA VAL B 126 22.12 33.60 33.34
C VAL B 126 22.47 35.06 33.61
N VAL B 127 23.66 35.48 33.19
CA VAL B 127 24.19 36.80 33.49
C VAL B 127 24.64 37.46 32.21
N VAL B 128 24.82 38.79 32.28
CA VAL B 128 25.27 39.58 31.15
C VAL B 128 26.29 40.60 31.63
N GLY B 129 27.26 40.93 30.77
CA GLY B 129 28.21 41.96 31.09
C GLY B 129 27.66 43.33 30.77
N PRO B 130 28.41 44.37 31.16
CA PRO B 130 27.97 45.74 30.88
C PRO B 130 28.23 46.23 29.46
N ASP B 131 29.11 45.56 28.70
CA ASP B 131 29.47 46.01 27.36
C ASP B 131 28.58 45.45 26.27
N ALA B 132 27.46 44.82 26.63
CA ALA B 132 26.54 44.27 25.65
C ALA B 132 25.49 45.32 25.28
N THR B 133 24.87 45.12 24.12
CA THR B 133 23.84 46.05 23.66
C THR B 133 22.48 45.60 24.19
N VAL B 134 21.53 46.55 24.19
CA VAL B 134 20.17 46.21 24.59
C VAL B 134 19.62 45.09 23.71
N ALA B 135 19.91 45.14 22.41
CA ALA B 135 19.46 44.10 21.51
C ALA B 135 19.95 42.72 21.95
N ASP B 136 21.21 42.65 22.42
CA ASP B 136 21.72 41.39 22.94
C ASP B 136 20.88 40.88 24.10
N VAL B 137 20.46 41.77 24.99
CA VAL B 137 19.60 41.37 26.09
C VAL B 137 18.28 40.82 25.55
N ARG B 138 17.67 41.56 24.62
CA ARG B 138 16.41 41.12 24.04
C ARG B 138 16.56 39.76 23.36
N ARG B 139 17.67 39.54 22.67
CA ARG B 139 17.93 38.22 22.10
C ARG B 139 17.94 37.14 23.18
N MET B 140 18.58 37.43 24.32
CA MET B 140 18.59 36.46 25.42
C MET B 140 17.20 36.23 25.98
N LYS B 141 16.38 37.28 26.09
CA LYS B 141 15.04 37.11 26.63
C LYS B 141 14.22 36.16 25.77
N ASN B 142 14.42 36.20 24.45
CA ASN B 142 13.68 35.30 23.58
C ASN B 142 14.20 33.86 23.69
N GLU B 143 15.51 33.71 23.84
CA GLU B 143 16.09 32.37 23.90
C GLU B 143 15.71 31.64 25.18
N PHE B 144 15.71 32.35 26.32
CA PHE B 144 15.48 31.71 27.60
C PHE B 144 14.09 31.95 28.16
N GLY B 145 13.44 33.05 27.81
CA GLY B 145 12.10 33.33 28.25
C GLY B 145 12.01 34.16 29.52
N PHE B 146 13.13 34.59 30.06
CA PHE B 146 13.18 35.48 31.22
C PHE B 146 14.23 36.55 30.95
N ALA B 147 14.01 37.75 31.48
CA ALA B 147 14.89 38.88 31.21
C ALA B 147 15.63 39.41 32.42
N GLY B 148 15.36 38.90 33.62
CA GLY B 148 15.97 39.45 34.81
C GLY B 148 17.40 38.98 34.98
N PHE B 149 18.34 39.68 34.35
CA PHE B 149 19.73 39.25 34.33
C PHE B 149 20.57 40.13 35.25
N PRO B 150 21.25 39.59 36.24
CA PRO B 150 22.23 40.40 36.97
C PRO B 150 23.44 40.66 36.10
N VAL B 151 24.04 41.84 36.28
CA VAL B 151 25.17 42.28 35.46
C VAL B 151 26.43 42.11 36.27
N THR B 152 27.39 41.39 35.73
CA THR B 152 28.66 41.13 36.39
C THR B 152 29.81 41.73 35.58
N ASP B 153 30.86 42.14 36.28
CA ASP B 153 31.94 42.88 35.63
C ASP B 153 32.54 42.11 34.47
N ASP B 154 32.69 40.80 34.61
CA ASP B 154 33.28 39.96 33.56
C ASP B 154 32.23 39.22 32.75
N GLY B 155 30.95 39.42 33.02
CA GLY B 155 29.91 38.74 32.26
C GLY B 155 29.80 37.26 32.53
N LYS B 156 30.40 36.77 33.63
CA LYS B 156 30.38 35.35 33.95
C LYS B 156 29.54 35.11 35.21
N PRO B 157 28.99 33.89 35.37
CA PRO B 157 28.12 33.64 36.53
C PRO B 157 28.77 33.93 37.87
N THR B 158 30.09 33.78 37.98
CA THR B 158 30.80 33.96 39.24
C THR B 158 31.52 35.30 39.33
N GLY B 159 31.23 36.24 38.43
CA GLY B 159 31.89 37.53 38.45
C GLY B 159 31.34 38.47 39.51
N LYS B 160 32.03 39.61 39.66
CA LYS B 160 31.63 40.60 40.65
C LYS B 160 30.38 41.35 40.17
N LEU B 161 29.42 41.51 41.07
CA LEU B 161 28.11 42.07 40.75
C LEU B 161 28.18 43.58 40.62
N GLN B 162 27.75 44.10 39.47
CA GLN B 162 27.68 45.54 39.23
C GLN B 162 26.25 46.08 39.24
N GLY B 163 25.29 45.32 38.74
CA GLY B 163 23.93 45.79 38.68
C GLY B 163 22.98 44.69 38.26
N ILE B 164 21.75 45.09 37.98
CA ILE B 164 20.72 44.19 37.48
C ILE B 164 19.92 44.90 36.39
N ILE B 165 19.57 44.16 35.34
CA ILE B 165 18.75 44.67 34.26
C ILE B 165 17.62 43.68 34.03
N THR B 166 16.38 44.19 33.99
CA THR B 166 15.18 43.37 33.95
C THR B 166 14.29 43.80 32.80
N SER B 167 13.14 43.12 32.68
CA SER B 167 12.20 43.45 31.61
C SER B 167 11.67 44.87 31.73
N ARG B 168 11.32 45.28 32.96
CA ARG B 168 10.77 46.62 33.15
C ARG B 168 11.71 47.71 32.63
N ASP B 169 13.02 47.48 32.72
CA ASP B 169 13.98 48.51 32.32
C ASP B 169 14.07 48.66 30.80
N ILE B 170 13.86 47.57 30.05
CA ILE B 170 14.13 47.57 28.61
C ILE B 170 12.88 47.48 27.77
N GLN B 171 11.69 47.65 28.37
CA GLN B 171 10.47 47.39 27.60
C GLN B 171 10.32 48.32 26.41
N PHE B 172 10.79 49.57 26.52
CA PHE B 172 10.62 50.57 25.46
C PHE B 172 11.86 51.44 25.41
N VAL B 173 12.84 51.02 24.60
CA VAL B 173 14.09 51.77 24.43
C VAL B 173 14.56 51.63 22.99
N GLU B 174 15.47 52.53 22.61
CA GLU B 174 16.07 52.52 21.28
C GLU B 174 17.58 52.38 21.41
N ASP B 175 18.19 51.87 20.34
CA ASP B 175 19.63 51.63 20.32
C ASP B 175 20.06 50.73 21.48
N LEU B 179 24.40 50.75 25.81
CA LEU B 179 25.12 49.72 26.56
C LEU B 179 24.29 49.27 27.76
N VAL B 180 24.52 48.03 28.22
CA VAL B 180 23.78 47.53 29.37
C VAL B 180 24.02 48.41 30.59
N SER B 181 25.26 48.85 30.79
CA SER B 181 25.59 49.63 31.98
C SER B 181 24.76 50.91 32.07
N GLU B 182 24.50 51.55 30.94
CA GLU B 182 23.77 52.81 30.95
C GLU B 182 22.36 52.62 31.50
N ILE B 183 21.66 51.56 31.08
CA ILE B 183 20.26 51.38 31.44
C ILE B 183 20.07 50.68 32.79
N MET B 184 21.08 49.98 33.29
CA MET B 184 20.90 49.04 34.38
C MET B 184 20.76 49.78 35.71
N THR B 185 20.21 49.06 36.70
CA THR B 185 20.18 49.54 38.07
C THR B 185 21.52 49.22 38.74
N LYS B 186 22.23 50.25 39.17
CA LYS B 186 23.53 50.06 39.80
C LYS B 186 23.40 49.64 41.26
N ASP B 187 22.49 50.27 41.99
CA ASP B 187 22.30 50.00 43.43
C ASP B 187 21.38 48.80 43.57
N VAL B 188 21.94 47.62 43.81
CA VAL B 188 21.20 46.37 43.85
C VAL B 188 21.07 45.91 45.29
N ILE B 189 19.84 45.61 45.71
CA ILE B 189 19.60 44.93 46.97
C ILE B 189 19.98 43.47 46.83
N THR B 190 20.73 42.95 47.81
CA THR B 190 21.28 41.59 47.74
C THR B 190 21.11 40.89 49.07
N GLY B 191 21.46 39.61 49.07
CA GLY B 191 21.53 38.83 50.29
C GLY B 191 22.87 38.10 50.36
N LYS B 192 23.35 37.93 51.58
CA LYS B 192 24.61 37.23 51.78
C LYS B 192 24.44 35.73 51.59
N GLN B 193 25.50 35.09 51.10
CA GLN B 193 25.50 33.64 50.97
C GLN B 193 25.22 32.99 52.32
N GLY B 194 24.32 32.00 52.33
CA GLY B 194 23.91 31.32 53.53
C GLY B 194 22.53 31.72 54.02
N ILE B 195 21.93 32.75 53.43
CA ILE B 195 20.56 33.13 53.77
C ILE B 195 19.62 32.00 53.37
N ASN B 196 18.60 31.76 54.18
CA ASN B 196 17.66 30.69 53.91
C ASN B 196 16.50 31.21 53.07
N LEU B 197 15.70 30.27 52.56
CA LEU B 197 14.66 30.61 51.61
C LEU B 197 13.60 31.51 52.23
N GLU B 198 13.21 31.22 53.48
CA GLU B 198 12.19 32.02 54.13
C GLU B 198 12.65 33.47 54.29
N GLU B 199 13.88 33.68 54.77
CA GLU B 199 14.38 35.02 54.99
C GLU B 199 14.44 35.82 53.68
N ALA B 200 14.90 35.19 52.60
CA ALA B 200 14.98 35.89 51.33
C ALA B 200 13.60 36.37 50.89
N ASN B 201 12.59 35.51 51.00
CA ASN B 201 11.24 35.88 50.58
C ASN B 201 10.78 37.15 51.29
N GLN B 202 11.05 37.27 52.58
CA GLN B 202 10.61 38.44 53.34
C GLN B 202 11.23 39.72 52.78
N ILE B 203 12.49 39.65 52.37
CA ILE B 203 13.15 40.82 51.78
C ILE B 203 12.40 41.25 50.52
N LEU B 204 12.00 40.28 49.69
CA LEU B 204 11.31 40.60 48.44
C LEU B 204 9.95 41.25 48.71
N LYS B 205 9.24 40.77 49.75
CA LYS B 205 7.96 41.38 50.10
C LYS B 205 8.13 42.80 50.59
N ASN B 206 9.17 43.05 51.40
CA ASN B 206 9.40 44.40 51.91
C ASN B 206 9.82 45.35 50.79
N THR B 207 10.72 44.92 49.92
CA THR B 207 11.25 45.77 48.86
C THR B 207 10.41 45.72 47.59
N LYS B 208 9.50 44.76 47.47
CA LYS B 208 8.67 44.63 46.26
C LYS B 208 9.55 44.55 45.01
N LYS B 209 10.65 43.82 45.12
CA LYS B 209 11.56 43.60 44.01
C LYS B 209 11.43 42.17 43.52
N GLY B 210 11.63 41.99 42.21
CA GLY B 210 11.41 40.68 41.62
C GLY B 210 12.49 39.67 41.95
N LYS B 211 13.76 40.08 41.90
CA LYS B 211 14.87 39.18 42.04
C LYS B 211 15.76 39.58 43.22
N LEU B 212 16.50 38.61 43.75
CA LEU B 212 17.45 38.86 44.85
C LEU B 212 18.77 38.14 44.57
N PRO B 213 19.73 38.81 43.95
CA PRO B 213 21.06 38.21 43.81
C PRO B 213 21.66 37.90 45.17
N ILE B 214 22.40 36.79 45.24
CA ILE B 214 23.13 36.38 46.43
C ILE B 214 24.62 36.47 46.11
N VAL B 215 25.38 37.13 46.99
CA VAL B 215 26.79 37.41 46.76
C VAL B 215 27.61 36.86 47.93
N ASP B 216 28.89 36.63 47.65
CA ASP B 216 29.83 36.19 48.67
C ASP B 216 30.54 37.41 49.26
N GLU B 217 31.48 37.17 50.18
CA GLU B 217 32.15 38.27 50.86
C GLU B 217 32.92 39.16 49.90
N ALA B 218 33.33 38.64 48.75
CA ALA B 218 34.02 39.44 47.74
C ALA B 218 33.06 40.12 46.77
N GLY B 219 31.76 39.94 46.94
CA GLY B 219 30.79 40.55 46.04
C GLY B 219 30.56 39.80 44.76
N CYS B 220 31.04 38.56 44.64
CA CYS B 220 30.78 37.76 43.45
C CYS B 220 29.42 37.09 43.54
N LEU B 221 28.78 36.94 42.39
CA LEU B 221 27.48 36.30 42.36
C LEU B 221 27.62 34.81 42.68
N VAL B 222 26.68 34.30 43.48
CA VAL B 222 26.62 32.89 43.83
C VAL B 222 25.32 32.25 43.33
N SER B 223 24.19 32.87 43.62
CA SER B 223 22.89 32.40 43.14
C SER B 223 21.90 33.56 43.18
N MET B 224 20.64 33.28 42.87
CA MET B 224 19.61 34.30 42.85
C MET B 224 18.24 33.69 43.13
N LEU B 225 17.36 34.49 43.71
CA LEU B 225 15.96 34.14 43.91
C LEU B 225 15.05 34.92 42.97
N SER B 226 14.08 34.21 42.42
CA SER B 226 12.98 34.79 41.67
C SER B 226 11.73 34.72 42.54
N ARG B 227 11.04 35.85 42.69
CA ARG B 227 9.83 35.86 43.51
C ARG B 227 8.79 34.88 42.97
N THR B 228 8.72 34.73 41.64
CA THR B 228 7.76 33.79 41.06
C THR B 228 8.02 32.37 41.54
N ASP B 229 9.28 31.98 41.66
CA ASP B 229 9.60 30.63 42.12
C ASP B 229 9.03 30.36 43.49
N LEU B 230 9.07 31.38 44.33
CA LEU B 230 8.46 31.28 45.67
C LEU B 230 6.90 31.03 45.54
N MET B 231 6.20 31.65 44.57
CA MET B 231 4.73 31.39 44.44
C MET B 231 4.46 29.85 44.24
N LYS B 232 5.26 29.14 43.41
CA LYS B 232 5.03 27.68 43.29
C LYS B 232 5.34 27.18 44.71
N ASN B 233 4.46 26.40 45.38
CA ASN B 233 4.69 25.90 46.78
C ASN B 233 5.43 24.55 46.68
N GLN B 234 6.71 24.54 46.25
CA GLN B 234 7.51 23.29 46.05
C GLN B 234 8.34 22.95 47.30
N SER B 235 7.89 21.88 47.96
CA SER B 235 8.56 21.37 49.14
C SER B 235 9.07 19.97 48.82
N TYR B 236 10.11 19.55 49.55
CA TYR B 236 10.77 18.27 49.33
C TYR B 236 11.14 17.67 50.67
N PRO B 237 10.14 17.25 51.47
CA PRO B 237 10.42 16.77 52.83
C PRO B 237 11.14 15.43 52.88
N LEU B 238 11.32 14.72 51.77
CA LEU B 238 12.02 13.45 51.76
C LEU B 238 13.44 13.57 51.19
N ALA B 239 13.94 14.78 51.01
CA ALA B 239 15.20 14.98 50.30
C ALA B 239 16.33 14.18 50.95
N SER B 240 17.16 13.58 50.11
CA SER B 240 18.30 12.82 50.57
C SER B 240 19.47 13.77 50.83
N LYS B 241 19.92 13.84 52.07
CA LYS B 241 20.96 14.78 52.48
C LYS B 241 22.07 14.04 53.22
N SER B 242 23.29 14.52 53.03
CA SER B 242 24.41 13.97 53.79
C SER B 242 24.20 14.20 55.28
N ALA B 243 24.70 13.26 56.08
CA ALA B 243 24.56 13.38 57.53
C ALA B 243 25.39 14.54 58.08
N ASP B 244 26.66 14.64 57.66
CA ASP B 244 27.55 15.65 58.23
C ASP B 244 27.18 17.05 57.75
N THR B 245 27.12 17.25 56.43
CA THR B 245 26.99 18.60 55.86
C THR B 245 25.55 18.96 55.50
N LYS B 246 24.63 18.01 55.51
CA LYS B 246 23.23 18.25 55.12
C LYS B 246 23.13 18.78 53.69
N GLN B 247 24.09 18.44 52.84
CA GLN B 247 23.99 18.72 51.42
C GLN B 247 23.33 17.54 50.72
N LEU B 248 22.76 17.80 49.54
CA LEU B 248 22.16 16.73 48.75
C LEU B 248 23.15 15.61 48.51
N LEU B 249 22.67 14.38 48.65
CA LEU B 249 23.49 13.21 48.33
C LEU B 249 23.79 13.18 46.83
N CYS B 250 24.98 12.69 46.49
CA CYS B 250 25.35 12.52 45.09
C CYS B 250 26.17 11.25 44.93
N GLY B 251 25.89 10.53 43.85
CA GLY B 251 26.66 9.36 43.50
C GLY B 251 27.31 9.54 42.15
N ALA B 252 28.30 8.70 41.84
CA ALA B 252 29.01 8.78 40.58
C ALA B 252 29.62 7.43 40.26
N ALA B 253 29.72 7.15 38.97
CA ALA B 253 30.28 5.90 38.48
C ALA B 253 31.69 6.14 37.95
N ILE B 254 32.57 5.15 38.16
CA ILE B 254 33.91 5.15 37.57
C ILE B 254 34.23 3.73 37.11
N GLY B 255 35.27 3.61 36.29
CA GLY B 255 35.81 2.33 35.90
C GLY B 255 36.90 1.87 36.85
N THR B 256 37.47 0.71 36.54
CA THR B 256 38.54 0.14 37.36
C THR B 256 39.93 0.38 36.79
N ILE B 257 40.04 1.17 35.72
CA ILE B 257 41.36 1.47 35.17
C ILE B 257 42.12 2.41 36.10
N ASP B 258 43.44 2.45 35.92
CA ASP B 258 44.28 3.21 36.86
C ASP B 258 44.03 4.71 36.76
N ALA B 259 43.74 5.21 35.56
CA ALA B 259 43.43 6.63 35.41
C ALA B 259 42.22 7.04 36.25
N ASP B 260 41.33 6.09 36.56
CA ASP B 260 40.15 6.41 37.36
C ASP B 260 40.45 6.58 38.84
N ARG B 261 41.64 6.21 39.30
CA ARG B 261 42.04 6.54 40.67
C ARG B 261 42.18 8.05 40.85
N GLN B 262 42.82 8.72 39.89
CA GLN B 262 42.88 10.18 39.92
C GLN B 262 41.52 10.79 39.63
N ARG B 263 40.72 10.12 38.80
CA ARG B 263 39.35 10.59 38.57
C ARG B 263 38.57 10.62 39.87
N LEU B 264 38.69 9.56 40.68
CA LEU B 264 37.92 9.48 41.91
C LEU B 264 38.37 10.54 42.92
N ALA B 265 39.68 10.80 43.00
CA ALA B 265 40.15 11.84 43.90
C ALA B 265 39.47 13.17 43.61
N MET B 266 39.31 13.49 42.32
CA MET B 266 38.64 14.73 41.93
C MET B 266 37.17 14.70 42.32
N LEU B 267 36.52 13.54 42.23
CA LEU B 267 35.12 13.45 42.61
C LEU B 267 34.96 13.62 44.12
N VAL B 268 35.82 12.95 44.90
CA VAL B 268 35.79 13.12 46.35
C VAL B 268 36.05 14.58 46.71
N GLU B 269 36.99 15.22 46.02
CA GLU B 269 37.29 16.62 46.27
C GLU B 269 36.10 17.52 45.94
N ALA B 270 35.13 17.02 45.19
CA ALA B 270 33.89 17.74 44.90
C ALA B 270 32.76 17.40 45.87
N GLY B 271 33.00 16.50 46.81
CA GLY B 271 32.00 16.17 47.81
C GLY B 271 31.20 14.92 47.54
N LEU B 272 31.69 14.02 46.68
CA LEU B 272 30.95 12.80 46.34
C LEU B 272 30.70 11.95 47.58
N ASP B 273 29.47 11.44 47.70
CA ASP B 273 29.07 10.61 48.83
C ASP B 273 29.29 9.12 48.59
N VAL B 274 28.97 8.63 47.39
CA VAL B 274 29.03 7.19 47.11
C VAL B 274 29.57 7.01 45.68
N VAL B 275 30.45 6.03 45.51
CA VAL B 275 31.02 5.69 44.21
C VAL B 275 30.53 4.31 43.80
N VAL B 276 30.16 4.17 42.52
CA VAL B 276 29.76 2.90 41.92
C VAL B 276 30.87 2.46 40.98
N LEU B 277 31.44 1.28 41.25
CA LEU B 277 32.46 0.71 40.37
C LEU B 277 31.77 0.06 39.17
N ASP B 278 31.99 0.63 37.99
CA ASP B 278 31.21 0.34 36.79
C ASP B 278 31.89 -0.77 36.00
N SER B 279 31.30 -1.97 36.03
CA SER B 279 31.87 -3.10 35.29
C SER B 279 30.79 -4.16 35.04
N SER B 280 30.91 -4.85 33.91
CA SER B 280 29.98 -5.92 33.59
C SER B 280 30.30 -7.22 34.32
N GLN B 281 31.52 -7.38 34.79
CA GLN B 281 31.93 -8.55 35.57
C GLN B 281 32.91 -8.07 36.63
N GLY B 282 32.37 -7.76 37.82
CA GLY B 282 33.11 -7.08 38.86
C GLY B 282 34.02 -7.95 39.72
N ASN B 283 33.87 -9.28 39.67
CA ASN B 283 34.70 -10.16 40.50
C ASN B 283 36.06 -10.33 39.84
N SER B 284 36.87 -9.28 39.90
CA SER B 284 38.17 -9.24 39.28
C SER B 284 39.22 -8.74 40.27
N VAL B 285 40.46 -9.17 40.07
CA VAL B 285 41.56 -8.67 40.87
C VAL B 285 41.67 -7.15 40.73
N PHE B 286 41.38 -6.63 39.54
CA PHE B 286 41.48 -5.20 39.31
C PHE B 286 40.49 -4.44 40.17
N GLN B 287 39.25 -4.93 40.25
CA GLN B 287 38.23 -4.24 41.04
C GLN B 287 38.46 -4.46 42.53
N ILE B 288 38.88 -5.66 42.92
CA ILE B 288 39.15 -5.94 44.32
C ILE B 288 40.24 -5.01 44.85
N ASN B 289 41.35 -4.87 44.12
CA ASN B 289 42.40 -3.96 44.52
C ASN B 289 41.89 -2.53 44.64
N MET B 290 41.04 -2.10 43.69
CA MET B 290 40.52 -0.74 43.77
C MET B 290 39.65 -0.55 45.01
N ILE B 291 38.85 -1.55 45.36
CA ILE B 291 38.02 -1.45 46.56
C ILE B 291 38.91 -1.22 47.78
N LYS B 292 39.98 -2.01 47.90
CA LYS B 292 40.83 -1.91 49.09
C LYS B 292 41.55 -0.57 49.13
N TRP B 293 41.96 -0.05 47.98
CA TRP B 293 42.60 1.25 47.93
C TRP B 293 41.62 2.36 48.32
N ILE B 294 40.35 2.24 47.92
CA ILE B 294 39.36 3.26 48.26
C ILE B 294 39.13 3.30 49.77
N LYS B 295 38.93 2.13 50.38
CA LYS B 295 38.61 2.09 51.80
C LYS B 295 39.76 2.63 52.64
N GLU B 296 41.00 2.52 52.16
CA GLU B 296 42.16 3.06 52.87
C GLU B 296 42.42 4.52 52.55
N THR B 297 42.13 4.96 51.34
CA THR B 297 42.45 6.31 50.91
C THR B 297 41.35 7.32 51.27
N PHE B 298 40.08 6.98 51.07
CA PHE B 298 38.96 7.89 51.31
C PHE B 298 38.09 7.34 52.42
N PRO B 299 38.36 7.70 53.69
CA PRO B 299 37.67 7.03 54.80
C PRO B 299 36.17 7.30 54.86
N ASP B 300 35.68 8.40 54.29
CA ASP B 300 34.27 8.74 54.38
C ASP B 300 33.49 8.39 53.12
N LEU B 301 34.08 7.63 52.20
CA LEU B 301 33.44 7.31 50.94
C LEU B 301 32.83 5.91 51.00
N GLN B 302 31.60 5.79 50.51
CA GLN B 302 30.93 4.50 50.39
C GLN B 302 31.13 3.95 48.98
N VAL B 303 31.34 2.63 48.89
CA VAL B 303 31.67 1.98 47.62
C VAL B 303 30.64 0.91 47.30
N ILE B 304 30.07 0.98 46.10
CA ILE B 304 29.20 -0.04 45.56
C ILE B 304 29.95 -0.75 44.44
N ALA B 305 30.21 -2.04 44.60
CA ALA B 305 30.96 -2.85 43.66
C ALA B 305 30.04 -3.70 42.80
N GLY B 306 30.54 -4.10 41.64
CA GLY B 306 29.75 -4.88 40.71
C GLY B 306 30.23 -4.71 39.29
N ASN B 307 29.49 -5.33 38.36
CA ASN B 307 28.28 -6.11 38.64
C ASN B 307 28.56 -7.57 38.96
N VAL B 308 27.68 -8.17 39.76
CA VAL B 308 27.76 -9.58 40.12
C VAL B 308 26.40 -10.21 39.88
N VAL B 309 26.40 -11.53 39.65
CA VAL B 309 25.15 -12.28 39.50
C VAL B 309 25.18 -13.59 40.27
N THR B 310 26.30 -13.90 40.94
CA THR B 310 26.42 -15.14 41.67
C THR B 310 26.84 -14.90 43.12
N ARG B 311 26.51 -15.87 43.96
CA ARG B 311 26.92 -15.86 45.36
C ARG B 311 28.43 -15.74 45.50
N GLU B 312 29.20 -16.48 44.70
CA GLU B 312 30.65 -16.47 44.84
C GLU B 312 31.22 -15.09 44.52
N GLN B 313 30.75 -14.47 43.43
CA GLN B 313 31.14 -13.09 43.14
C GLN B 313 30.84 -12.19 44.34
N ALA B 314 29.63 -12.29 44.88
CA ALA B 314 29.25 -11.44 46.00
C ALA B 314 30.17 -11.67 47.18
N ALA B 315 30.42 -12.93 47.53
CA ALA B 315 31.29 -13.22 48.67
C ALA B 315 32.68 -12.62 48.46
N SER B 316 33.17 -12.66 47.22
CA SER B 316 34.50 -12.14 46.94
C SER B 316 34.57 -10.64 47.18
N LEU B 317 33.62 -9.88 46.65
CA LEU B 317 33.67 -8.43 46.75
C LEU B 317 33.26 -7.92 48.12
N ILE B 318 32.46 -8.68 48.88
CA ILE B 318 32.20 -8.32 50.27
C ILE B 318 33.46 -8.49 51.10
N HIS B 319 34.18 -9.60 50.90
CA HIS B 319 35.42 -9.83 51.63
C HIS B 319 36.40 -8.69 51.39
N ALA B 320 36.39 -8.11 50.18
CA ALA B 320 37.26 -7.00 49.84
C ALA B 320 36.84 -5.70 50.52
N GLY B 321 35.63 -5.61 51.06
CA GLY B 321 35.17 -4.45 51.79
C GLY B 321 34.06 -3.61 51.13
N ALA B 322 33.28 -4.19 50.23
CA ALA B 322 32.25 -3.42 49.55
C ALA B 322 31.17 -2.95 50.53
N ASP B 323 30.67 -1.73 50.30
CA ASP B 323 29.57 -1.19 51.10
C ASP B 323 28.21 -1.53 50.51
N GLY B 324 28.16 -1.97 49.25
CA GLY B 324 26.95 -2.44 48.60
C GLY B 324 27.34 -3.17 47.33
N LEU B 325 26.36 -3.87 46.74
CA LEU B 325 26.57 -4.62 45.51
C LEU B 325 25.57 -4.17 44.45
N ARG B 326 26.01 -4.23 43.20
CA ARG B 326 25.17 -3.93 42.04
C ARG B 326 24.97 -5.23 41.26
N ILE B 327 23.72 -5.66 41.12
CA ILE B 327 23.39 -6.97 40.60
C ILE B 327 22.86 -6.82 39.18
N GLY B 328 23.41 -7.62 38.26
CA GLY B 328 22.92 -7.66 36.89
C GLY B 328 23.99 -7.97 35.87
N MET B 329 23.69 -8.88 34.94
CA MET B 329 24.61 -9.21 33.85
C MET B 329 23.81 -9.66 32.64
N GLY B 330 23.82 -8.85 31.59
CA GLY B 330 23.21 -9.21 30.33
C GLY B 330 21.74 -8.90 30.17
N SER B 331 21.15 -8.10 31.06
CA SER B 331 19.77 -7.68 30.88
C SER B 331 19.67 -6.35 30.13
N GLY B 332 20.77 -5.62 30.01
CA GLY B 332 20.82 -4.42 29.22
C GLY B 332 20.99 -4.70 27.74
N VAL B 340 21.57 -14.27 24.07
CA VAL B 340 22.40 -13.75 23.00
C VAL B 340 23.85 -13.75 23.45
N MET B 341 24.09 -13.19 24.62
CA MET B 341 25.44 -13.17 25.20
C MET B 341 25.74 -14.54 25.78
N ALA B 342 27.01 -14.87 25.93
CA ALA B 342 27.40 -16.16 26.49
C ALA B 342 27.27 -16.21 28.00
N CYS B 343 27.66 -15.14 28.68
CA CYS B 343 27.83 -15.15 30.14
C CYS B 343 26.82 -14.21 30.78
N GLY B 344 26.14 -14.69 31.82
CA GLY B 344 25.15 -13.87 32.49
C GLY B 344 24.20 -14.74 33.31
N ARG B 345 23.07 -14.13 33.71
CA ARG B 345 22.08 -14.84 34.52
C ARG B 345 20.74 -14.11 34.45
N PRO B 346 19.62 -14.83 34.36
CA PRO B 346 18.32 -14.16 34.43
C PRO B 346 18.18 -13.35 35.72
N GLN B 347 17.70 -12.11 35.58
CA GLN B 347 17.87 -11.12 36.63
C GLN B 347 17.19 -11.56 37.93
N GLY B 348 15.97 -12.11 37.83
CA GLY B 348 15.26 -12.51 39.03
C GLY B 348 16.04 -13.54 39.85
N THR B 349 16.52 -14.59 39.18
CA THR B 349 17.35 -15.59 39.85
C THR B 349 18.64 -14.99 40.38
N ALA B 350 19.23 -14.06 39.63
CA ALA B 350 20.46 -13.42 40.07
C ALA B 350 20.23 -12.66 41.37
N VAL B 351 19.19 -11.83 41.39
CA VAL B 351 18.92 -11.01 42.57
C VAL B 351 18.67 -11.89 43.78
N TYR B 352 17.93 -12.98 43.62
CA TYR B 352 17.59 -13.81 44.78
C TYR B 352 18.84 -14.46 45.37
N ASN B 353 19.67 -15.08 44.52
CA ASN B 353 20.82 -15.83 45.03
C ASN B 353 21.91 -14.92 45.57
N VAL B 354 22.10 -13.74 44.98
CA VAL B 354 23.06 -12.79 45.53
C VAL B 354 22.59 -12.25 46.87
N THR B 355 21.35 -11.73 46.92
CA THR B 355 20.89 -11.09 48.15
C THR B 355 20.74 -12.10 49.29
N GLN B 356 20.30 -13.32 48.97
CA GLN B 356 20.18 -14.35 50.00
C GLN B 356 21.48 -14.51 50.77
N PHE B 357 22.62 -14.37 50.09
CA PHE B 357 23.91 -14.41 50.75
C PHE B 357 24.29 -13.05 51.33
N ALA B 358 24.15 -12.00 50.52
CA ALA B 358 24.69 -10.69 50.89
C ALA B 358 23.92 -10.06 52.05
N ASN B 359 22.61 -10.27 52.14
CA ASN B 359 21.83 -9.68 53.23
C ASN B 359 22.24 -10.23 54.59
N GLN B 360 22.85 -11.41 54.64
CA GLN B 360 23.37 -11.92 55.91
C GLN B 360 24.51 -11.07 56.44
N PHE B 361 25.20 -10.35 55.56
CA PHE B 361 26.31 -9.49 55.94
C PHE B 361 25.92 -8.02 55.99
N GLY B 362 24.64 -7.71 55.83
CA GLY B 362 24.18 -6.33 55.88
C GLY B 362 24.66 -5.48 54.71
N VAL B 363 24.96 -6.09 53.57
CA VAL B 363 25.41 -5.39 52.38
C VAL B 363 24.23 -5.20 51.44
N PRO B 364 23.64 -4.00 51.36
CA PRO B 364 22.49 -3.81 50.47
C PRO B 364 22.88 -3.95 49.01
N CYS B 365 21.92 -4.40 48.20
CA CYS B 365 22.15 -4.67 46.79
C CYS B 365 21.19 -3.88 45.91
N ILE B 366 21.73 -3.28 44.84
CA ILE B 366 20.92 -2.67 43.80
C ILE B 366 20.60 -3.72 42.74
N ALA B 367 19.33 -3.76 42.32
CA ALA B 367 18.91 -4.57 41.17
C ALA B 367 18.93 -3.69 39.93
N ASP B 368 19.87 -3.97 39.02
CA ASP B 368 20.13 -3.14 37.85
C ASP B 368 19.80 -3.93 36.58
N GLY B 369 18.82 -3.47 35.84
CA GLY B 369 18.50 -4.03 34.53
C GLY B 369 17.13 -4.70 34.49
N GLY B 370 16.40 -4.44 33.41
CA GLY B 370 15.11 -5.05 33.21
C GLY B 370 13.96 -4.48 34.02
N VAL B 371 14.10 -3.24 34.50
CA VAL B 371 13.06 -2.58 35.27
C VAL B 371 12.43 -1.52 34.36
N GLN B 372 11.11 -1.65 34.13
CA GLN B 372 10.40 -0.72 33.26
C GLN B 372 9.09 -0.21 33.86
N ASN B 373 8.62 -0.76 34.98
CA ASN B 373 7.33 -0.36 35.55
C ASN B 373 7.30 -0.74 37.02
N ILE B 374 6.22 -0.35 37.69
CA ILE B 374 6.09 -0.56 39.14
C ILE B 374 6.17 -2.04 39.48
N GLY B 375 5.70 -2.90 38.58
CA GLY B 375 5.69 -4.33 38.88
C GLY B 375 7.09 -4.91 39.00
N HIS B 376 8.00 -4.50 38.13
CA HIS B 376 9.38 -4.96 38.25
C HIS B 376 10.02 -4.48 39.53
N ILE B 377 9.71 -3.25 39.96
CA ILE B 377 10.31 -2.70 41.17
C ILE B 377 9.93 -3.54 42.37
N THR B 378 8.63 -3.84 42.51
CA THR B 378 8.14 -4.63 43.64
C THR B 378 8.79 -6.00 43.68
N LYS B 379 8.87 -6.67 42.53
CA LYS B 379 9.40 -8.02 42.49
C LYS B 379 10.89 -8.05 42.79
N ALA B 380 11.63 -7.07 42.27
CA ALA B 380 13.05 -6.98 42.62
C ALA B 380 13.24 -6.93 44.13
N ILE B 381 12.51 -6.03 44.80
CA ILE B 381 12.61 -5.91 46.25
C ILE B 381 12.10 -7.18 46.92
N ALA B 382 11.02 -7.77 46.39
CA ALA B 382 10.49 -9.00 46.96
C ALA B 382 11.56 -10.10 47.00
N LEU B 383 12.41 -10.15 45.97
CA LEU B 383 13.42 -11.20 45.89
C LEU B 383 14.68 -10.88 46.70
N GLY B 384 14.76 -9.70 47.33
CA GLY B 384 15.87 -9.41 48.22
C GLY B 384 16.60 -8.12 47.95
N ALA B 385 16.28 -7.44 46.85
CA ALA B 385 16.94 -6.17 46.54
C ALA B 385 16.56 -5.10 47.56
N SER B 386 17.54 -4.29 47.94
CA SER B 386 17.28 -3.13 48.80
C SER B 386 16.89 -1.89 48.00
N THR B 387 17.49 -1.71 46.83
CA THR B 387 17.16 -0.60 45.95
C THR B 387 17.15 -1.12 44.52
N VAL B 388 16.56 -0.33 43.61
CA VAL B 388 16.44 -0.70 42.22
C VAL B 388 16.91 0.46 41.36
N MET B 389 17.69 0.13 40.33
CA MET B 389 18.24 1.13 39.42
C MET B 389 17.35 1.25 38.20
N MET B 390 17.19 2.48 37.72
CA MET B 390 16.30 2.78 36.60
C MET B 390 17.09 3.56 35.55
N GLY B 391 17.04 3.07 34.31
CA GLY B 391 17.73 3.72 33.21
C GLY B 391 16.76 4.13 32.11
N GLY B 392 16.41 3.18 31.24
CA GLY B 392 15.55 3.50 30.12
C GLY B 392 14.26 4.18 30.51
N MET B 393 13.63 3.75 31.61
CA MET B 393 12.35 4.33 31.97
C MET B 393 12.48 5.77 32.48
N LEU B 394 13.69 6.18 32.86
CA LEU B 394 13.93 7.58 33.21
C LEU B 394 14.48 8.39 32.05
N ALA B 395 15.11 7.75 31.06
CA ALA B 395 15.53 8.47 29.87
C ALA B 395 14.31 9.10 29.20
N GLY B 396 14.50 10.29 28.62
CA GLY B 396 13.43 11.02 28.01
C GLY B 396 12.69 11.96 28.95
N THR B 397 12.86 11.80 30.26
CA THR B 397 12.28 12.72 31.21
C THR B 397 12.91 14.10 31.08
N THR B 398 12.23 15.10 31.64
CA THR B 398 12.69 16.48 31.51
C THR B 398 14.08 16.66 32.09
N GLU B 399 14.37 15.99 33.20
CA GLU B 399 15.64 16.17 33.90
C GLU B 399 16.76 15.33 33.33
N SER B 400 16.49 14.51 32.31
CA SER B 400 17.53 13.74 31.65
C SER B 400 18.27 14.62 30.65
N PRO B 401 19.54 14.29 30.33
CA PRO B 401 20.34 15.06 29.37
C PRO B 401 19.65 15.25 28.02
N ILE B 456 10.06 8.49 24.82
CA ILE B 456 10.53 9.85 24.61
C ILE B 456 9.46 10.86 25.11
N ASP B 457 9.84 12.11 25.42
CA ASP B 457 8.91 13.14 25.91
C ASP B 457 8.10 12.68 27.14
N LYS B 458 8.74 12.08 28.18
CA LYS B 458 8.03 11.55 29.41
C LYS B 458 7.64 12.57 30.55
N GLY B 459 8.05 13.85 30.47
CA GLY B 459 7.76 14.86 31.48
C GLY B 459 8.77 14.85 32.61
N SER B 460 8.52 15.67 33.62
CA SER B 460 9.43 15.80 34.76
C SER B 460 9.29 14.62 35.70
N ILE B 461 10.42 14.20 36.30
CA ILE B 461 10.37 13.17 37.31
C ILE B 461 9.74 13.67 38.61
N LYS B 462 9.49 14.99 38.70
CA LYS B 462 8.76 15.53 39.84
C LYS B 462 7.34 14.96 39.91
N LYS B 463 6.78 14.59 38.76
CA LYS B 463 5.52 13.85 38.75
C LYS B 463 5.75 12.34 38.75
N TYR B 464 6.78 11.87 38.04
CA TYR B 464 6.93 10.45 37.80
C TYR B 464 7.37 9.69 39.04
N ILE B 465 8.30 10.26 39.82
CA ILE B 465 8.84 9.55 40.98
C ILE B 465 7.76 9.42 42.05
N PRO B 466 6.98 10.47 42.34
CA PRO B 466 5.85 10.27 43.25
C PRO B 466 4.85 9.24 42.75
N TYR B 467 4.58 9.22 41.45
CA TYR B 467 3.70 8.20 40.89
C TYR B 467 4.22 6.79 41.20
N LEU B 468 5.51 6.57 41.00
CA LEU B 468 6.11 5.28 41.33
C LEU B 468 6.12 5.06 42.84
N TYR B 469 6.37 6.12 43.60
CA TYR B 469 6.35 6.01 45.05
C TYR B 469 4.99 5.59 45.55
N ASN B 470 3.94 6.25 45.08
CA ASN B 470 2.58 5.87 45.46
C ASN B 470 2.25 4.45 44.99
N GLY B 471 2.70 4.08 43.78
CA GLY B 471 2.43 2.75 43.27
C GLY B 471 3.06 1.66 44.11
N LEU B 472 4.26 1.90 44.63
CA LEU B 472 4.91 0.91 45.48
C LEU B 472 4.23 0.80 46.83
N GLN B 473 3.69 1.92 47.34
CA GLN B 473 2.92 1.86 48.58
C GLN B 473 1.69 0.97 48.40
N HIS B 474 0.98 1.12 47.28
CA HIS B 474 -0.21 0.31 47.04
C HIS B 474 0.14 -1.18 46.92
N SER B 475 1.22 -1.50 46.21
CA SER B 475 1.61 -2.90 46.06
C SER B 475 1.96 -3.52 47.41
N CYS B 476 2.62 -2.75 48.28
CA CYS B 476 2.89 -3.22 49.63
C CYS B 476 1.60 -3.43 50.41
N GLN B 477 0.62 -2.54 50.22
CA GLN B 477 -0.66 -2.69 50.89
C GLN B 477 -1.34 -3.99 50.45
N ASP B 478 -1.38 -4.22 49.13
CA ASP B 478 -1.97 -5.45 48.61
C ASP B 478 -1.31 -6.68 49.21
N ILE B 479 0.03 -6.65 49.37
CA ILE B 479 0.74 -7.79 49.93
C ILE B 479 0.51 -7.86 51.43
N GLY B 480 0.22 -6.73 52.07
CA GLY B 480 -0.06 -6.68 53.49
C GLY B 480 1.11 -6.33 54.38
N VAL B 481 2.06 -5.52 53.91
CA VAL B 481 3.24 -5.14 54.70
C VAL B 481 3.35 -3.62 54.75
N ARG B 482 3.68 -3.09 55.93
CA ARG B 482 3.71 -1.65 56.16
C ARG B 482 5.02 -0.99 55.78
N SER B 483 6.06 -1.75 55.45
CA SER B 483 7.32 -1.13 55.06
C SER B 483 8.14 -2.15 54.29
N LEU B 484 9.18 -1.64 53.62
CA LEU B 484 10.09 -2.52 52.90
C LEU B 484 10.90 -3.40 53.84
N VAL B 485 11.25 -2.88 55.02
CA VAL B 485 11.87 -3.73 56.04
C VAL B 485 10.96 -4.90 56.38
N GLU B 486 9.68 -4.62 56.61
CA GLU B 486 8.71 -5.67 56.91
C GLU B 486 8.53 -6.60 55.71
N PHE B 487 8.49 -6.05 54.51
CA PHE B 487 8.38 -6.87 53.30
C PHE B 487 9.49 -7.92 53.27
N ARG B 488 10.73 -7.50 53.51
CA ARG B 488 11.86 -8.43 53.49
C ARG B 488 11.70 -9.52 54.54
N GLU B 489 11.29 -9.15 55.75
CA GLU B 489 11.18 -10.12 56.82
C GLU B 489 10.08 -11.15 56.53
N LYS B 490 8.96 -10.70 55.95
CA LYS B 490 7.85 -11.60 55.71
C LYS B 490 8.14 -12.52 54.54
N VAL B 491 8.85 -12.04 53.52
CA VAL B 491 9.31 -12.92 52.45
C VAL B 491 10.21 -14.01 53.02
N ASP B 492 11.25 -13.61 53.77
CA ASP B 492 12.24 -14.56 54.23
C ASP B 492 11.67 -15.55 55.26
N SER B 493 10.59 -15.19 55.94
CA SER B 493 9.95 -16.13 56.86
C SER B 493 8.97 -17.07 56.17
N GLY B 494 8.64 -16.82 54.91
CA GLY B 494 7.67 -17.64 54.20
C GLY B 494 6.24 -17.16 54.30
N SER B 495 6.00 -16.00 54.89
CA SER B 495 4.65 -15.46 55.00
C SER B 495 4.17 -14.90 53.67
N VAL B 496 5.02 -14.19 52.93
CA VAL B 496 4.67 -13.72 51.60
C VAL B 496 4.84 -14.86 50.62
N ARG B 497 3.85 -15.02 49.74
CA ARG B 497 3.75 -16.17 48.85
C ARG B 497 3.81 -15.71 47.39
N PHE B 498 4.25 -16.63 46.53
CA PHE B 498 4.49 -16.34 45.11
C PHE B 498 3.84 -17.42 44.25
N GLU B 499 3.64 -17.07 42.98
CA GLU B 499 3.10 -18.01 42.00
C GLU B 499 3.87 -17.86 40.70
N PHE B 500 4.39 -18.98 40.20
CA PHE B 500 5.07 -18.98 38.91
C PHE B 500 4.05 -18.84 37.80
N ARG B 501 4.42 -18.07 36.77
CA ARG B 501 3.52 -17.77 35.66
C ARG B 501 3.94 -18.60 34.46
N THR B 502 3.00 -19.32 33.89
CA THR B 502 3.24 -19.97 32.61
C THR B 502 3.18 -18.92 31.51
N PRO B 503 3.78 -19.20 30.35
CA PRO B 503 3.67 -18.24 29.24
C PRO B 503 2.24 -17.77 28.99
N SER B 504 1.26 -18.66 29.13
CA SER B 504 -0.14 -18.28 28.93
C SER B 504 -0.60 -17.28 30.00
N ALA B 505 -0.16 -17.47 31.25
CA ALA B 505 -0.59 -16.59 32.32
C ALA B 505 -0.07 -15.17 32.13
N GLN B 506 1.11 -15.04 31.53
CA GLN B 506 1.64 -13.72 31.23
C GLN B 506 0.76 -12.98 30.22
N LEU B 507 0.29 -13.70 29.20
CA LEU B 507 -0.57 -13.08 28.19
C LEU B 507 -1.93 -12.70 28.74
N GLU B 508 -2.45 -13.45 29.71
CA GLU B 508 -3.73 -13.12 30.32
C GLU B 508 -3.73 -11.70 30.86
N HIS C 1 21.22 -1.83 64.91
CA HIS C 1 20.66 -2.73 65.96
C HIS C 1 20.74 -4.19 65.55
N MET C 2 20.23 -4.49 64.36
CA MET C 2 20.21 -5.87 63.88
C MET C 2 21.62 -6.36 63.61
N THR C 3 21.86 -7.64 63.89
CA THR C 3 23.21 -8.22 63.86
C THR C 3 23.48 -8.92 62.53
N TYR C 4 24.58 -8.53 61.89
CA TYR C 4 25.02 -9.10 60.62
C TYR C 4 26.31 -9.89 60.82
N ARG C 5 26.61 -10.75 59.85
CA ARG C 5 27.85 -11.51 59.87
C ARG C 5 29.03 -10.60 59.52
N ASP C 6 30.20 -10.93 60.08
CA ASP C 6 31.40 -10.15 59.79
C ASP C 6 31.85 -10.39 58.35
N ALA C 7 32.12 -9.30 57.63
CA ALA C 7 32.51 -9.40 56.23
C ALA C 7 33.76 -10.24 56.04
N ALA C 8 34.67 -10.25 57.03
CA ALA C 8 35.90 -11.01 56.89
C ALA C 8 35.65 -12.51 56.78
N THR C 9 34.48 -12.99 57.20
CA THR C 9 34.14 -14.40 57.13
C THR C 9 33.39 -14.77 55.85
N ALA C 10 33.26 -13.84 54.90
CA ALA C 10 32.40 -14.07 53.74
C ALA C 10 32.87 -15.29 52.94
N LEU C 11 34.17 -15.40 52.69
CA LEU C 11 34.67 -16.54 51.92
C LEU C 11 34.51 -17.84 52.70
N GLU C 12 34.82 -17.82 54.00
CA GLU C 12 34.59 -19.01 54.82
C GLU C 12 33.13 -19.45 54.78
N HIS C 13 32.20 -18.49 54.66
CA HIS C 13 30.78 -18.83 54.72
C HIS C 13 30.28 -19.52 53.46
N LEU C 14 31.01 -19.45 52.35
CA LEU C 14 30.60 -20.18 51.16
C LEU C 14 30.60 -21.68 51.38
N ALA C 15 31.42 -22.16 52.33
CA ALA C 15 31.50 -23.60 52.60
C ALA C 15 30.26 -24.13 53.30
N THR C 16 29.44 -23.27 53.88
CA THR C 16 28.21 -23.73 54.54
C THR C 16 27.15 -24.17 53.53
N TYR C 17 27.32 -23.86 52.25
CA TYR C 17 26.36 -24.26 51.22
C TYR C 17 26.74 -25.63 50.66
N ALA C 18 25.72 -26.42 50.34
CA ALA C 18 25.96 -27.78 49.87
C ALA C 18 26.59 -27.79 48.47
N GLU C 19 26.20 -26.85 47.62
CA GLU C 19 26.69 -26.81 46.24
C GLU C 19 27.06 -25.38 45.88
N LYS C 20 27.89 -25.23 44.86
CA LYS C 20 28.12 -23.93 44.28
C LYS C 20 26.83 -23.39 43.69
N ASP C 21 26.71 -22.08 43.64
CA ASP C 21 25.55 -21.44 43.05
C ASP C 21 25.46 -21.78 41.56
N GLY C 22 24.25 -22.02 41.09
CA GLY C 22 24.04 -22.46 39.72
C GLY C 22 24.10 -23.96 39.57
N LEU C 23 24.04 -24.40 38.31
CA LEU C 23 24.00 -25.81 37.97
C LEU C 23 25.32 -26.25 37.34
N SER C 24 25.75 -27.47 37.70
CA SER C 24 26.82 -28.11 36.96
C SER C 24 26.31 -28.54 35.59
N VAL C 25 27.24 -28.91 34.70
CA VAL C 25 26.87 -29.28 33.35
C VAL C 25 25.98 -30.52 33.36
N GLU C 26 26.25 -31.45 34.27
CA GLU C 26 25.43 -32.66 34.36
C GLU C 26 24.01 -32.32 34.79
N GLN C 27 23.85 -31.41 35.74
CA GLN C 27 22.51 -31.01 36.18
C GLN C 27 21.78 -30.26 35.08
N LEU C 28 22.48 -29.43 34.32
CA LEU C 28 21.85 -28.71 33.23
C LEU C 28 21.31 -29.66 32.16
N MET C 29 22.10 -30.67 31.78
CA MET C 29 21.77 -31.54 30.65
C MET C 29 21.09 -32.83 31.12
N ASP C 30 19.94 -32.67 31.78
CA ASP C 30 19.16 -33.81 32.24
C ASP C 30 17.98 -33.98 31.30
N SER C 31 17.98 -35.08 30.54
CA SER C 31 16.93 -35.32 29.57
C SER C 31 15.57 -35.52 30.22
N LYS C 32 15.53 -36.15 31.40
CA LYS C 32 14.26 -36.44 32.06
C LYS C 32 13.61 -35.17 32.58
N THR C 33 14.38 -34.32 33.27
CA THR C 33 13.80 -33.14 33.90
C THR C 33 13.60 -32.02 32.89
N ARG C 34 14.64 -31.72 32.11
CA ARG C 34 14.67 -30.48 31.34
C ARG C 34 14.67 -30.68 29.82
N GLY C 35 14.75 -31.91 29.33
CA GLY C 35 14.73 -32.15 27.90
C GLY C 35 15.81 -31.51 27.05
N GLY C 36 15.75 -31.83 25.75
CA GLY C 36 16.69 -31.34 24.75
C GLY C 36 16.85 -29.83 24.69
N LEU C 37 18.05 -29.35 25.00
CA LEU C 37 18.37 -27.93 25.00
C LEU C 37 19.16 -27.52 23.77
N THR C 38 18.96 -26.27 23.35
CA THR C 38 19.83 -25.61 22.40
C THR C 38 20.67 -24.56 23.14
N TYR C 39 21.61 -23.95 22.40
CA TYR C 39 22.51 -22.97 23.01
C TYR C 39 21.74 -21.83 23.68
N ASN C 40 20.68 -21.33 23.03
CA ASN C 40 19.92 -20.20 23.55
C ASN C 40 19.18 -20.51 24.84
N ASP C 41 19.11 -21.76 25.27
CA ASP C 41 18.33 -22.12 26.45
C ASP C 41 19.09 -21.95 27.76
N PHE C 42 20.37 -21.62 27.74
CA PHE C 42 21.13 -21.56 28.98
C PHE C 42 22.23 -20.51 28.87
N LEU C 43 22.86 -20.23 30.01
CA LEU C 43 23.98 -19.32 30.11
C LEU C 43 25.07 -19.95 30.96
N VAL C 44 26.30 -19.48 30.76
CA VAL C 44 27.43 -19.81 31.61
C VAL C 44 27.58 -18.70 32.63
N LEU C 45 27.76 -19.07 33.90
CA LEU C 45 27.86 -18.07 34.94
C LEU C 45 29.30 -17.55 35.04
N PRO C 46 29.48 -16.30 35.41
CA PRO C 46 30.85 -15.76 35.51
C PRO C 46 31.58 -16.27 36.73
N GLY C 47 32.91 -16.32 36.62
CA GLY C 47 33.76 -16.74 37.72
C GLY C 47 34.59 -15.60 38.27
N LYS C 48 35.88 -15.81 38.45
CA LYS C 48 36.79 -14.79 38.97
C LYS C 48 37.83 -14.43 37.91
N ILE C 49 38.05 -13.13 37.74
CA ILE C 49 39.01 -12.60 36.78
C ILE C 49 40.28 -12.24 37.52
N ASP C 50 41.39 -12.89 37.17
CA ASP C 50 42.68 -12.54 37.72
C ASP C 50 43.75 -12.58 36.64
N PHE C 51 43.39 -12.18 35.42
CA PHE C 51 44.32 -12.15 34.30
C PHE C 51 43.67 -11.38 33.15
N PRO C 52 44.48 -10.81 32.25
CA PRO C 52 43.92 -10.15 31.08
C PRO C 52 43.47 -11.16 30.03
N SER C 53 42.61 -10.69 29.12
CA SER C 53 42.06 -11.54 28.07
C SER C 53 43.12 -11.92 27.05
N SER C 54 44.15 -11.08 26.89
CA SER C 54 45.20 -11.34 25.91
C SER C 54 45.96 -12.62 26.23
N GLU C 55 45.98 -13.05 27.50
CA GLU C 55 46.68 -14.25 27.91
C GLU C 55 45.91 -15.54 27.62
N VAL C 56 44.63 -15.49 27.24
CA VAL C 56 43.86 -16.71 27.06
C VAL C 56 44.34 -17.44 25.81
N VAL C 57 44.58 -18.74 25.95
CA VAL C 57 45.06 -19.58 24.85
C VAL C 57 43.88 -20.37 24.29
N LEU C 58 43.73 -20.37 22.98
CA LEU C 58 42.59 -21.01 22.31
C LEU C 58 43.01 -22.20 21.45
N SER C 59 44.13 -22.84 21.76
CA SER C 59 44.51 -24.05 21.04
C SER C 59 43.40 -25.09 21.15
N SER C 60 43.05 -25.69 20.01
CA SER C 60 41.97 -26.67 19.94
C SER C 60 42.39 -27.86 19.09
N ARG C 61 42.06 -29.05 19.56
CA ARG C 61 42.34 -30.28 18.82
C ARG C 61 41.25 -30.49 17.77
N LEU C 62 41.65 -30.46 16.49
CA LEU C 62 40.72 -30.78 15.41
C LEU C 62 40.55 -32.29 15.27
N THR C 63 41.65 -33.03 15.28
CA THR C 63 41.66 -34.49 15.20
C THR C 63 42.63 -35.01 16.24
N LYS C 64 42.82 -36.33 16.28
CA LYS C 64 43.76 -36.91 17.23
C LYS C 64 45.16 -36.33 17.06
N LYS C 65 45.55 -35.99 15.82
CA LYS C 65 46.91 -35.54 15.53
C LYS C 65 47.00 -34.10 15.08
N ILE C 66 45.88 -33.44 14.78
CA ILE C 66 45.87 -32.06 14.29
C ILE C 66 45.35 -31.15 15.40
N THR C 67 46.12 -30.11 15.72
CA THR C 67 45.75 -29.11 16.71
C THR C 67 45.81 -27.74 16.06
N LEU C 68 44.80 -26.92 16.30
CA LEU C 68 44.72 -25.58 15.75
C LEU C 68 44.91 -24.54 16.86
N ASN C 69 45.34 -23.34 16.46
CA ASN C 69 45.46 -22.22 17.38
C ASN C 69 44.14 -21.52 17.64
N ALA C 70 43.08 -21.88 16.91
CA ALA C 70 41.75 -21.31 17.07
C ALA C 70 40.74 -22.41 16.76
N PRO C 71 39.60 -22.47 17.47
CA PRO C 71 38.65 -23.57 17.24
C PRO C 71 37.65 -23.29 16.13
N PHE C 72 38.06 -22.59 15.08
CA PHE C 72 37.17 -22.19 14.00
C PHE C 72 37.40 -23.05 12.77
N VAL C 73 36.31 -23.57 12.21
CA VAL C 73 36.34 -24.43 11.03
C VAL C 73 35.28 -23.95 10.07
N SER C 74 35.66 -23.67 8.82
CA SER C 74 34.69 -23.22 7.82
C SER C 74 34.02 -24.43 7.20
N SER C 75 32.73 -24.29 6.91
CA SER C 75 31.88 -25.41 6.56
C SER C 75 32.08 -25.81 5.09
N PRO C 76 31.90 -27.09 4.76
CA PRO C 76 32.00 -27.53 3.34
C PRO C 76 30.74 -27.24 2.55
N MET C 77 30.47 -25.95 2.35
CA MET C 77 29.33 -25.49 1.57
C MET C 77 29.85 -24.70 0.38
N ASP C 78 29.19 -24.86 -0.77
CA ASP C 78 29.62 -24.15 -1.97
C ASP C 78 29.39 -22.64 -1.87
N THR C 79 28.68 -22.19 -0.85
CA THR C 79 28.54 -20.77 -0.56
C THR C 79 29.55 -20.28 0.47
N VAL C 80 30.38 -21.17 1.01
CA VAL C 80 31.27 -20.82 2.12
C VAL C 80 32.73 -21.06 1.74
N THR C 81 33.13 -22.33 1.59
CA THR C 81 34.54 -22.69 1.56
C THR C 81 34.97 -23.19 0.19
N GLU C 82 35.78 -22.38 -0.49
CA GLU C 82 36.61 -22.87 -1.58
C GLU C 82 38.06 -22.53 -1.25
N ALA C 83 38.95 -22.57 -2.24
CA ALA C 83 40.38 -22.41 -1.96
C ALA C 83 40.66 -21.11 -1.21
N ASP C 84 40.02 -20.01 -1.63
CA ASP C 84 40.28 -18.72 -1.00
C ASP C 84 39.93 -18.74 0.49
N MET C 85 38.78 -19.34 0.84
CA MET C 85 38.38 -19.39 2.24
C MET C 85 39.32 -20.30 3.03
N ALA C 86 39.72 -21.42 2.45
CA ALA C 86 40.59 -22.36 3.17
C ALA C 86 41.97 -21.76 3.44
N ILE C 87 42.49 -20.96 2.50
CA ILE C 87 43.80 -20.34 2.69
C ILE C 87 43.76 -19.40 3.89
N HIS C 88 42.78 -18.50 3.92
CA HIS C 88 42.75 -17.47 4.96
C HIS C 88 42.33 -18.04 6.31
N MET C 89 41.41 -19.03 6.32
CA MET C 89 41.11 -19.71 7.58
C MET C 89 42.38 -20.31 8.18
N ALA C 90 43.18 -21.00 7.37
CA ALA C 90 44.44 -21.55 7.86
C ALA C 90 45.39 -20.45 8.30
N LEU C 91 45.51 -19.38 7.52
CA LEU C 91 46.42 -18.30 7.87
C LEU C 91 46.06 -17.68 9.22
N LEU C 92 44.77 -17.63 9.56
CA LEU C 92 44.30 -16.96 10.77
C LEU C 92 44.17 -17.90 11.96
N GLY C 93 44.60 -19.16 11.83
CA GLY C 93 44.69 -20.05 12.97
C GLY C 93 43.70 -21.19 12.97
N GLY C 94 42.82 -21.27 11.98
CA GLY C 94 41.85 -22.35 11.91
C GLY C 94 42.09 -23.25 10.73
N ILE C 95 41.02 -23.68 10.07
CA ILE C 95 41.11 -24.53 8.89
C ILE C 95 39.83 -24.37 8.07
N GLY C 96 39.92 -24.67 6.79
CA GLY C 96 38.76 -24.71 5.93
C GLY C 96 38.55 -26.12 5.41
N ILE C 97 37.30 -26.48 5.19
CA ILE C 97 36.91 -27.78 4.64
C ILE C 97 36.27 -27.51 3.28
N ILE C 98 37.00 -27.83 2.21
CA ILE C 98 36.54 -27.54 0.87
C ILE C 98 35.36 -28.45 0.51
N HIS C 99 34.33 -27.87 -0.10
CA HIS C 99 33.12 -28.59 -0.45
C HIS C 99 33.39 -29.52 -1.64
N HIS C 100 32.48 -30.50 -1.81
CA HIS C 100 32.58 -31.47 -2.90
C HIS C 100 31.42 -31.37 -3.89
N ASN C 101 30.76 -30.20 -3.95
CA ASN C 101 29.77 -29.95 -4.98
C ASN C 101 30.47 -29.47 -6.26
N CYS C 102 31.32 -30.34 -6.78
CA CYS C 102 32.17 -30.04 -7.93
C CYS C 102 32.75 -31.36 -8.40
N THR C 103 33.54 -31.31 -9.47
CA THR C 103 34.21 -32.52 -9.93
C THR C 103 35.38 -32.85 -9.01
N ALA C 104 35.79 -34.11 -9.04
CA ALA C 104 36.96 -34.53 -8.27
C ALA C 104 38.20 -33.75 -8.72
N GLU C 105 38.30 -33.45 -10.00
CA GLU C 105 39.44 -32.67 -10.49
C GLU C 105 39.42 -31.27 -9.93
N GLU C 106 38.26 -30.61 -9.98
CA GLU C 106 38.15 -29.25 -9.47
C GLU C 106 38.47 -29.20 -7.98
N GLN C 107 37.97 -30.17 -7.20
CA GLN C 107 38.26 -30.20 -5.77
C GLN C 107 39.76 -30.39 -5.53
N ALA C 108 40.39 -31.31 -6.26
CA ALA C 108 41.81 -31.56 -6.09
C ALA C 108 42.64 -30.32 -6.45
N GLU C 109 42.19 -29.56 -7.44
CA GLU C 109 42.89 -28.31 -7.77
C GLU C 109 42.80 -27.32 -6.62
N MET C 110 41.59 -27.15 -6.06
CA MET C 110 41.43 -26.23 -4.93
C MET C 110 42.31 -26.64 -3.76
N VAL C 111 42.33 -27.93 -3.42
CA VAL C 111 43.24 -28.40 -2.39
C VAL C 111 44.67 -28.03 -2.75
N ARG C 112 45.03 -28.18 -4.03
CA ARG C 112 46.41 -27.93 -4.45
C ARG C 112 46.80 -26.47 -4.23
N ARG C 113 45.93 -25.53 -4.58
CA ARG C 113 46.23 -24.13 -4.34
C ARG C 113 46.43 -23.84 -2.86
N VAL C 114 45.65 -24.47 -1.99
CA VAL C 114 45.82 -24.24 -0.56
C VAL C 114 47.19 -24.74 -0.11
N LYS C 115 47.52 -25.98 -0.49
CA LYS C 115 48.78 -26.57 -0.06
C LYS C 115 49.99 -25.84 -0.63
N LYS C 116 49.83 -25.22 -1.81
CA LYS C 116 50.94 -24.57 -2.49
C LYS C 116 51.02 -23.08 -2.19
N TYR C 117 50.02 -22.52 -1.53
CA TYR C 117 49.97 -21.08 -1.27
C TYR C 117 51.12 -20.64 -0.38
N GLU C 118 51.76 -19.53 -0.76
CA GLU C 118 52.85 -18.94 0.01
C GLU C 118 52.48 -17.49 0.33
N ASN C 119 52.44 -17.16 1.61
CA ASN C 119 52.00 -15.83 2.03
C ASN C 119 52.94 -14.75 1.50
N GLY C 120 52.36 -13.64 1.04
CA GLY C 120 53.10 -12.52 0.53
C GLY C 120 53.32 -12.54 -0.96
N PHE C 121 53.12 -13.68 -1.63
CA PHE C 121 53.32 -13.82 -3.06
C PHE C 121 51.99 -13.77 -3.78
N ILE C 122 52.04 -13.35 -5.05
CA ILE C 122 50.88 -13.48 -5.94
C ILE C 122 50.89 -14.91 -6.45
N ASN C 123 50.17 -15.79 -5.75
CA ASN C 123 50.27 -17.23 -6.02
C ASN C 123 49.56 -17.61 -7.31
N ALA C 124 48.56 -16.82 -7.73
CA ALA C 124 47.85 -17.04 -8.98
C ALA C 124 47.96 -15.77 -9.83
N PRO C 125 49.10 -15.56 -10.48
CA PRO C 125 49.29 -14.30 -11.21
C PRO C 125 48.48 -14.27 -12.50
N VAL C 126 48.04 -13.07 -12.86
CA VAL C 126 47.38 -12.83 -14.13
C VAL C 126 48.44 -12.60 -15.19
N VAL C 127 48.32 -13.30 -16.32
CA VAL C 127 49.36 -13.29 -17.35
C VAL C 127 48.74 -12.97 -18.70
N VAL C 128 49.61 -12.60 -19.64
CA VAL C 128 49.22 -12.26 -21.01
C VAL C 128 50.22 -12.89 -21.96
N GLY C 129 49.75 -13.27 -23.14
CA GLY C 129 50.62 -13.80 -24.16
C GLY C 129 51.30 -12.68 -24.95
N PRO C 130 52.23 -13.08 -25.82
CA PRO C 130 52.92 -12.07 -26.64
C PRO C 130 52.13 -11.59 -27.85
N ASP C 131 51.19 -12.38 -28.36
CA ASP C 131 50.43 -12.01 -29.55
C ASP C 131 49.24 -11.11 -29.27
N ALA C 132 49.10 -10.61 -28.05
CA ALA C 132 47.98 -9.73 -27.73
C ALA C 132 48.36 -8.28 -28.00
N THR C 133 47.34 -7.45 -28.23
CA THR C 133 47.54 -6.05 -28.53
C THR C 133 47.52 -5.22 -27.24
N VAL C 134 48.06 -4.00 -27.34
CA VAL C 134 47.99 -3.06 -26.23
C VAL C 134 46.55 -2.87 -25.79
N ALA C 135 45.62 -2.78 -26.75
CA ALA C 135 44.21 -2.63 -26.40
C ALA C 135 43.75 -3.78 -25.50
N ASP C 136 44.20 -5.00 -25.79
CA ASP C 136 43.88 -6.12 -24.91
C ASP C 136 44.44 -5.90 -23.50
N VAL C 137 45.66 -5.38 -23.40
CA VAL C 137 46.26 -5.14 -22.10
C VAL C 137 45.45 -4.10 -21.33
N ARG C 138 45.12 -2.98 -21.98
CA ARG C 138 44.38 -1.92 -21.32
C ARG C 138 43.02 -2.42 -20.83
N ARG C 139 42.35 -3.25 -21.62
CA ARG C 139 41.09 -3.84 -21.17
C ARG C 139 41.31 -4.63 -19.89
N MET C 140 42.40 -5.38 -19.81
CA MET C 140 42.71 -6.14 -18.59
C MET C 140 42.96 -5.21 -17.41
N LYS C 141 43.64 -4.09 -17.64
CA LYS C 141 43.93 -3.17 -16.55
C LYS C 141 42.66 -2.61 -15.93
N ASN C 142 41.64 -2.34 -16.74
CA ASN C 142 40.38 -1.82 -16.19
C ASN C 142 39.59 -2.90 -15.48
N GLU C 143 39.57 -4.12 -16.03
CA GLU C 143 38.79 -5.20 -15.43
C GLU C 143 39.41 -5.68 -14.12
N PHE C 144 40.74 -5.79 -14.06
CA PHE C 144 41.41 -6.32 -12.89
C PHE C 144 41.91 -5.24 -11.95
N GLY C 145 42.23 -4.06 -12.48
CA GLY C 145 42.67 -2.95 -11.67
C GLY C 145 44.16 -2.89 -11.45
N PHE C 146 44.92 -3.82 -12.02
CA PHE C 146 46.38 -3.80 -11.96
C PHE C 146 46.90 -4.14 -13.34
N ALA C 147 48.08 -3.63 -13.68
CA ALA C 147 48.63 -3.76 -15.02
C ALA C 147 49.90 -4.59 -15.11
N GLY C 148 50.48 -5.01 -13.99
CA GLY C 148 51.76 -5.70 -14.03
C GLY C 148 51.66 -7.16 -14.45
N PHE C 149 51.67 -7.42 -15.76
CA PHE C 149 51.46 -8.75 -16.29
C PHE C 149 52.76 -9.34 -16.82
N PRO C 150 53.23 -10.47 -16.30
CA PRO C 150 54.33 -11.18 -16.97
C PRO C 150 53.81 -11.89 -18.21
N VAL C 151 54.67 -11.98 -19.22
CA VAL C 151 54.30 -12.56 -20.51
C VAL C 151 54.95 -13.93 -20.63
N THR C 152 54.14 -14.94 -20.94
CA THR C 152 54.60 -16.32 -21.08
C THR C 152 54.39 -16.78 -22.52
N ASP C 153 55.25 -17.70 -22.95
CA ASP C 153 55.26 -18.10 -24.36
C ASP C 153 53.89 -18.57 -24.82
N ASP C 154 53.16 -19.30 -23.97
CA ASP C 154 51.84 -19.81 -24.33
C ASP C 154 50.71 -18.95 -23.77
N GLY C 155 51.03 -17.84 -23.11
CA GLY C 155 49.99 -16.99 -22.55
C GLY C 155 49.27 -17.58 -21.36
N LYS C 156 49.83 -18.62 -20.74
CA LYS C 156 49.22 -19.28 -19.60
C LYS C 156 50.05 -19.04 -18.33
N PRO C 157 49.43 -19.10 -17.15
CA PRO C 157 50.17 -18.78 -15.92
C PRO C 157 51.42 -19.62 -15.72
N THR C 158 51.46 -20.86 -16.20
CA THR C 158 52.59 -21.74 -15.98
C THR C 158 53.52 -21.83 -17.18
N GLY C 159 53.38 -20.94 -18.16
CA GLY C 159 54.24 -20.99 -19.32
C GLY C 159 55.61 -20.41 -19.05
N LYS C 160 56.50 -20.56 -20.04
CA LYS C 160 57.86 -20.07 -19.89
C LYS C 160 57.87 -18.54 -19.99
N LEU C 161 58.59 -17.91 -19.07
CA LEU C 161 58.59 -16.46 -18.96
C LEU C 161 59.45 -15.84 -20.06
N GLN C 162 58.85 -14.95 -20.84
CA GLN C 162 59.54 -14.22 -21.91
C GLN C 162 59.81 -12.77 -21.55
N GLY C 163 58.90 -12.13 -20.83
CA GLY C 163 59.08 -10.74 -20.47
C GLY C 163 58.06 -10.29 -19.47
N ILE C 164 58.02 -8.98 -19.26
CA ILE C 164 57.02 -8.36 -18.39
C ILE C 164 56.54 -7.07 -19.04
N ILE C 165 55.24 -6.82 -18.93
CA ILE C 165 54.62 -5.59 -19.43
C ILE C 165 53.77 -4.99 -18.32
N THR C 166 53.95 -3.70 -18.07
CA THR C 166 53.31 -3.01 -16.97
C THR C 166 52.60 -1.75 -17.49
N SER C 167 51.98 -1.01 -16.57
CA SER C 167 51.26 0.20 -16.95
C SER C 167 52.21 1.24 -17.52
N ARG C 168 53.38 1.42 -16.90
CA ARG C 168 54.33 2.42 -17.39
C ARG C 168 54.66 2.19 -18.86
N ASP C 169 54.68 0.93 -19.30
CA ASP C 169 55.04 0.62 -20.67
C ASP C 169 53.95 1.02 -21.66
N ILE C 170 52.68 1.00 -21.24
CA ILE C 170 51.57 1.17 -22.16
C ILE C 170 50.82 2.49 -21.98
N GLN C 171 51.25 3.37 -21.08
CA GLN C 171 50.48 4.57 -20.82
C GLN C 171 50.44 5.49 -22.03
N PHE C 172 51.61 5.73 -22.62
CA PHE C 172 51.71 6.62 -23.79
C PHE C 172 51.83 5.92 -25.18
N VAL C 173 51.48 4.63 -25.33
CA VAL C 173 51.73 3.94 -26.63
C VAL C 173 50.68 4.32 -27.73
N GLU C 174 51.11 4.78 -28.93
CA GLU C 174 50.22 5.05 -30.11
C GLU C 174 49.97 3.69 -30.84
N ASP C 175 49.09 3.64 -31.84
CA ASP C 175 48.80 2.39 -32.59
C ASP C 175 48.35 1.21 -31.67
N GLU C 176 47.10 1.21 -31.14
CA GLU C 176 46.68 0.10 -30.21
C GLU C 176 46.87 -1.35 -30.79
N THR C 177 46.76 -1.57 -32.12
CA THR C 177 47.02 -2.94 -32.68
C THR C 177 48.47 -3.55 -32.40
N LEU C 178 49.51 -2.74 -32.07
CA LEU C 178 50.87 -3.33 -31.79
C LEU C 178 50.82 -4.39 -30.70
N LEU C 179 51.64 -5.42 -30.89
CA LEU C 179 51.69 -6.60 -30.04
C LEU C 179 52.49 -6.31 -28.77
N VAL C 180 52.21 -7.10 -27.73
CA VAL C 180 52.91 -6.94 -26.46
C VAL C 180 54.42 -7.11 -26.66
N SER C 181 54.83 -8.03 -27.53
CA SER C 181 56.24 -8.31 -27.71
C SER C 181 57.03 -7.06 -28.09
N GLU C 182 56.44 -6.19 -28.93
CA GLU C 182 57.17 -5.00 -29.35
C GLU C 182 57.47 -4.07 -28.19
N ILE C 183 56.49 -3.86 -27.30
CA ILE C 183 56.63 -2.88 -26.23
C ILE C 183 57.31 -3.41 -24.97
N MET C 184 57.33 -4.73 -24.77
CA MET C 184 57.65 -5.29 -23.46
C MET C 184 59.14 -5.23 -23.14
N THR C 185 59.44 -5.41 -21.86
CA THR C 185 60.80 -5.63 -21.37
C THR C 185 61.17 -7.10 -21.53
N LYS C 186 62.20 -7.38 -22.32
CA LYS C 186 62.62 -8.77 -22.54
C LYS C 186 63.48 -9.30 -21.40
N ASP C 187 64.42 -8.50 -20.90
CA ASP C 187 65.35 -8.92 -19.86
C ASP C 187 64.69 -8.69 -18.50
N VAL C 188 64.15 -9.75 -17.90
CA VAL C 188 63.38 -9.66 -16.67
C VAL C 188 64.22 -10.17 -15.50
N ILE C 189 64.29 -9.37 -14.45
CA ILE C 189 64.84 -9.84 -13.18
C ILE C 189 63.83 -10.76 -12.51
N THR C 190 64.31 -11.91 -12.03
CA THR C 190 63.43 -12.93 -11.47
C THR C 190 64.05 -13.48 -10.20
N GLY C 191 63.29 -14.32 -9.51
CA GLY C 191 63.78 -15.04 -8.36
C GLY C 191 63.48 -16.51 -8.49
N LYS C 192 64.39 -17.32 -7.94
CA LYS C 192 64.22 -18.77 -8.01
C LYS C 192 63.12 -19.23 -7.05
N GLN C 193 62.42 -20.28 -7.45
CA GLN C 193 61.40 -20.87 -6.59
C GLN C 193 62.03 -21.29 -5.28
N GLY C 194 61.38 -20.93 -4.17
CA GLY C 194 61.92 -21.19 -2.84
C GLY C 194 62.50 -19.97 -2.16
N ILE C 195 62.64 -18.85 -2.87
CA ILE C 195 63.09 -17.62 -2.23
C ILE C 195 62.06 -17.18 -1.19
N ASN C 196 62.54 -16.67 -0.07
CA ASN C 196 61.66 -16.27 1.01
C ASN C 196 61.23 -14.82 0.84
N LEU C 197 60.25 -14.40 1.64
CA LEU C 197 59.67 -13.08 1.48
C LEU C 197 60.69 -11.99 1.73
N GLU C 198 61.52 -12.17 2.77
CA GLU C 198 62.54 -11.18 3.08
C GLU C 198 63.53 -11.04 1.93
N GLU C 199 64.00 -12.17 1.39
CA GLU C 199 64.97 -12.13 0.30
C GLU C 199 64.38 -11.46 -0.93
N ALA C 200 63.13 -11.79 -1.27
CA ALA C 200 62.50 -11.19 -2.44
C ALA C 200 62.37 -9.67 -2.27
N ASN C 201 61.90 -9.23 -1.10
CA ASN C 201 61.72 -7.79 -0.87
C ASN C 201 63.01 -7.02 -1.08
N GLN C 202 64.13 -7.54 -0.55
CA GLN C 202 65.39 -6.82 -0.68
C GLN C 202 65.79 -6.64 -2.13
N ILE C 203 65.54 -7.64 -2.97
CA ILE C 203 65.85 -7.53 -4.39
C ILE C 203 65.10 -6.35 -5.00
N LEU C 204 63.82 -6.18 -4.62
CA LEU C 204 63.04 -5.09 -5.18
C LEU C 204 63.61 -3.73 -4.78
N LYS C 205 64.09 -3.62 -3.55
CA LYS C 205 64.72 -2.38 -3.10
C LYS C 205 66.01 -2.13 -3.88
N ASN C 206 66.79 -3.18 -4.13
CA ASN C 206 68.04 -3.01 -4.86
C ASN C 206 67.79 -2.61 -6.31
N THR C 207 66.83 -3.26 -6.97
CA THR C 207 66.56 -3.01 -8.38
C THR C 207 65.53 -1.92 -8.59
N LYS C 208 64.79 -1.52 -7.55
CA LYS C 208 63.76 -0.50 -7.69
C LYS C 208 62.77 -0.87 -8.79
N LYS C 209 62.43 -2.15 -8.86
CA LYS C 209 61.47 -2.66 -9.83
C LYS C 209 60.17 -3.01 -9.11
N GLY C 210 59.05 -2.87 -9.83
CA GLY C 210 57.75 -3.06 -9.20
C GLY C 210 57.45 -4.50 -8.88
N LYS C 211 57.73 -5.41 -9.82
CA LYS C 211 57.36 -6.80 -9.68
C LYS C 211 58.60 -7.70 -9.75
N LEU C 212 58.48 -8.90 -9.17
CA LEU C 212 59.53 -9.92 -9.23
C LEU C 212 58.90 -11.27 -9.56
N PRO C 213 58.79 -11.62 -10.84
CA PRO C 213 58.35 -12.96 -11.19
C PRO C 213 59.25 -14.03 -10.58
N ILE C 214 58.64 -15.13 -10.17
CA ILE C 214 59.36 -16.28 -9.64
C ILE C 214 59.25 -17.41 -10.65
N VAL C 215 60.38 -18.00 -11.03
CA VAL C 215 60.41 -19.02 -12.07
C VAL C 215 61.07 -20.28 -11.53
N ASP C 216 60.75 -21.41 -12.15
CA ASP C 216 61.32 -22.70 -11.79
C ASP C 216 62.55 -22.98 -12.66
N GLU C 217 63.13 -24.17 -12.48
CA GLU C 217 64.36 -24.51 -13.18
C GLU C 217 64.18 -24.52 -14.69
N ALA C 218 62.95 -24.74 -15.17
CA ALA C 218 62.67 -24.71 -16.59
C ALA C 218 62.32 -23.32 -17.09
N GLY C 219 62.33 -22.31 -16.22
CA GLY C 219 61.99 -20.97 -16.61
C GLY C 219 60.50 -20.69 -16.66
N CYS C 220 59.68 -21.58 -16.13
CA CYS C 220 58.24 -21.38 -16.08
C CYS C 220 57.86 -20.53 -14.87
N LEU C 221 56.83 -19.70 -15.04
CA LEU C 221 56.37 -18.85 -13.96
C LEU C 221 55.70 -19.68 -12.87
N VAL C 222 56.02 -19.35 -11.61
CA VAL C 222 55.41 -20.00 -10.45
C VAL C 222 54.59 -19.02 -9.62
N SER C 223 55.17 -17.86 -9.31
CA SER C 223 54.47 -16.80 -8.60
C SER C 223 55.19 -15.49 -8.88
N MET C 224 54.73 -14.43 -8.22
CA MET C 224 55.31 -13.10 -8.39
C MET C 224 55.11 -12.33 -7.10
N LEU C 225 56.01 -11.39 -6.83
CA LEU C 225 55.89 -10.51 -5.69
C LEU C 225 55.52 -9.12 -6.19
N SER C 226 54.57 -8.48 -5.52
CA SER C 226 54.24 -7.09 -5.78
C SER C 226 54.82 -6.24 -4.67
N ARG C 227 55.59 -5.23 -5.04
CA ARG C 227 56.19 -4.36 -4.02
C ARG C 227 55.13 -3.69 -3.17
N THR C 228 53.97 -3.37 -3.77
CA THR C 228 52.89 -2.78 -3.00
C THR C 228 52.39 -3.73 -1.90
N ASP C 229 52.28 -5.02 -2.23
CA ASP C 229 51.72 -5.98 -1.27
C ASP C 229 52.57 -6.09 0.00
N LEU C 230 53.89 -6.12 -0.13
CA LEU C 230 54.74 -6.28 1.05
C LEU C 230 54.63 -5.07 1.99
N MET C 231 54.38 -3.91 1.39
CA MET C 231 54.24 -2.63 2.14
C MET C 231 53.07 -2.74 3.18
N LYS C 232 51.97 -3.44 2.85
CA LYS C 232 50.90 -3.71 3.88
C LYS C 232 51.48 -4.47 5.16
N ASN C 233 52.51 -5.32 5.01
CA ASN C 233 53.17 -6.00 6.11
C ASN C 233 52.21 -6.87 6.93
N GLN C 234 51.31 -7.65 6.27
CA GLN C 234 50.34 -8.52 7.01
C GLN C 234 51.19 -9.77 7.43
N SER C 235 51.21 -10.17 8.73
CA SER C 235 51.91 -11.37 9.27
C SER C 235 50.84 -12.30 9.87
N TYR C 236 51.13 -13.59 9.89
CA TYR C 236 50.14 -14.58 10.35
C TYR C 236 50.83 -15.55 11.29
N PRO C 237 51.17 -15.09 12.50
CA PRO C 237 51.94 -15.94 13.42
C PRO C 237 51.17 -17.13 13.96
N LEU C 238 49.87 -17.22 13.70
CA LEU C 238 49.07 -18.35 14.15
C LEU C 238 48.74 -19.32 13.02
N ALA C 239 49.38 -19.17 11.87
CA ALA C 239 49.00 -19.94 10.69
C ALA C 239 49.05 -21.44 10.98
N SER C 240 48.03 -22.16 10.50
CA SER C 240 47.95 -23.61 10.66
C SER C 240 48.76 -24.28 9.54
N LYS C 241 49.77 -25.04 9.94
CA LYS C 241 50.69 -25.65 8.99
C LYS C 241 50.87 -27.14 9.28
N SER C 242 51.06 -27.91 8.21
CA SER C 242 51.35 -29.33 8.37
C SER C 242 52.68 -29.52 9.13
N ALA C 243 52.73 -30.58 9.92
CA ALA C 243 53.94 -30.85 10.70
C ALA C 243 55.12 -31.20 9.80
N ASP C 244 54.91 -32.07 8.81
CA ASP C 244 56.02 -32.56 7.99
C ASP C 244 56.51 -31.49 7.02
N THR C 245 55.62 -30.95 6.20
CA THR C 245 55.99 -30.10 5.07
C THR C 245 55.90 -28.61 5.37
N LYS C 246 55.33 -28.22 6.51
CA LYS C 246 55.15 -26.80 6.86
C LYS C 246 54.29 -26.06 5.85
N GLN C 247 53.41 -26.76 5.15
CA GLN C 247 52.44 -26.13 4.28
C GLN C 247 51.14 -25.87 5.04
N LEU C 248 50.35 -24.93 4.53
CA LEU C 248 49.07 -24.61 5.16
C LEU C 248 48.21 -25.87 5.24
N LEU C 249 47.56 -26.05 6.39
CA LEU C 249 46.61 -27.16 6.53
C LEU C 249 45.44 -26.98 5.58
N CYS C 250 44.90 -28.10 5.11
CA CYS C 250 43.73 -28.08 4.25
C CYS C 250 42.83 -29.26 4.58
N GLY C 251 41.52 -29.02 4.59
CA GLY C 251 40.55 -30.07 4.76
C GLY C 251 39.62 -30.17 3.57
N ALA C 252 38.90 -31.29 3.45
CA ALA C 252 38.00 -31.47 2.33
C ALA C 252 36.92 -32.48 2.72
N ALA C 253 35.74 -32.29 2.14
CA ALA C 253 34.59 -33.18 2.39
C ALA C 253 34.39 -34.09 1.20
N ILE C 254 33.97 -35.33 1.48
CA ILE C 254 33.54 -36.28 0.44
C ILE C 254 32.32 -37.02 0.96
N GLY C 255 31.65 -37.73 0.05
CA GLY C 255 30.56 -38.62 0.41
C GLY C 255 31.06 -40.03 0.65
N THR C 256 30.10 -40.93 0.92
CA THR C 256 30.44 -42.33 1.18
C THR C 256 30.20 -43.24 -0.02
N ILE C 257 29.82 -42.69 -1.17
CA ILE C 257 29.58 -43.53 -2.35
C ILE C 257 30.91 -44.05 -2.90
N ASP C 258 30.81 -45.07 -3.76
CA ASP C 258 32.01 -45.76 -4.23
C ASP C 258 32.88 -44.83 -5.07
N ALA C 259 32.25 -43.97 -5.87
CA ALA C 259 33.02 -43.03 -6.70
C ALA C 259 33.90 -42.12 -5.85
N ASP C 260 33.53 -41.88 -4.60
CA ASP C 260 34.32 -41.00 -3.75
C ASP C 260 35.61 -41.62 -3.23
N ARG C 261 35.77 -42.94 -3.37
CA ARG C 261 37.06 -43.55 -3.05
C ARG C 261 38.13 -43.05 -4.01
N GLN C 262 37.80 -42.98 -5.30
CA GLN C 262 38.73 -42.39 -6.27
C GLN C 262 38.83 -40.88 -6.10
N ARG C 263 37.74 -40.23 -5.70
CA ARG C 263 37.80 -38.79 -5.42
C ARG C 263 38.83 -38.50 -4.34
N LEU C 264 38.81 -39.30 -3.26
CA LEU C 264 39.71 -39.06 -2.14
C LEU C 264 41.16 -39.33 -2.54
N ALA C 265 41.39 -40.35 -3.36
CA ALA C 265 42.74 -40.61 -3.85
C ALA C 265 43.31 -39.38 -4.53
N MET C 266 42.50 -38.70 -5.34
CA MET C 266 42.94 -37.48 -5.99
C MET C 266 43.20 -36.37 -4.97
N LEU C 267 42.39 -36.30 -3.91
CA LEU C 267 42.61 -35.29 -2.90
C LEU C 267 43.91 -35.55 -2.13
N VAL C 268 44.13 -36.80 -1.71
CA VAL C 268 45.36 -37.14 -1.01
C VAL C 268 46.56 -36.82 -1.90
N GLU C 269 46.49 -37.14 -3.19
CA GLU C 269 47.57 -36.84 -4.11
C GLU C 269 47.80 -35.34 -4.26
N ALA C 270 46.84 -34.52 -3.84
CA ALA C 270 47.02 -33.06 -3.84
C ALA C 270 47.52 -32.54 -2.50
N GLY C 271 47.73 -33.41 -1.53
CA GLY C 271 48.28 -33.01 -0.24
C GLY C 271 47.27 -32.79 0.87
N LEU C 272 46.05 -33.33 0.73
CA LEU C 272 45.02 -33.14 1.73
C LEU C 272 45.46 -33.67 3.10
N ASP C 273 45.19 -32.88 4.14
CA ASP C 273 45.56 -33.24 5.50
C ASP C 273 44.46 -33.97 6.26
N VAL C 274 43.20 -33.54 6.12
CA VAL C 274 42.08 -34.11 6.85
C VAL C 274 40.88 -34.18 5.93
N VAL C 275 40.17 -35.30 5.98
CA VAL C 275 38.96 -35.49 5.20
C VAL C 275 37.77 -35.60 6.15
N VAL C 276 36.67 -34.94 5.77
CA VAL C 276 35.40 -35.00 6.51
C VAL C 276 34.44 -35.86 5.69
N LEU C 277 33.95 -36.93 6.28
CA LEU C 277 32.95 -37.79 5.64
C LEU C 277 31.58 -37.14 5.81
N ASP C 278 30.99 -36.70 4.69
CA ASP C 278 29.84 -35.81 4.69
C ASP C 278 28.55 -36.62 4.62
N SER C 279 27.82 -36.69 5.73
CA SER C 279 26.56 -37.43 5.77
C SER C 279 25.68 -36.92 6.91
N SER C 280 24.37 -36.96 6.69
CA SER C 280 23.41 -36.55 7.72
C SER C 280 23.17 -37.64 8.77
N GLN C 281 23.46 -38.89 8.45
CA GLN C 281 23.35 -40.00 9.40
C GLN C 281 24.56 -40.89 9.14
N GLY C 282 25.65 -40.63 9.87
CA GLY C 282 26.93 -41.23 9.61
C GLY C 282 27.13 -42.63 10.16
N ASN C 283 26.25 -43.10 11.04
CA ASN C 283 26.41 -44.43 11.64
C ASN C 283 25.84 -45.47 10.67
N SER C 284 26.59 -45.70 9.59
CA SER C 284 26.18 -46.63 8.54
C SER C 284 27.31 -47.59 8.20
N VAL C 285 26.93 -48.76 7.71
CA VAL C 285 27.91 -49.73 7.24
C VAL C 285 28.76 -49.13 6.11
N PHE C 286 28.14 -48.29 5.28
CA PHE C 286 28.86 -47.68 4.17
C PHE C 286 29.98 -46.77 4.68
N GLN C 287 29.69 -45.96 5.70
CA GLN C 287 30.73 -45.07 6.22
C GLN C 287 31.75 -45.82 7.06
N ILE C 288 31.31 -46.83 7.81
CA ILE C 288 32.23 -47.62 8.62
C ILE C 288 33.27 -48.28 7.72
N ASN C 289 32.81 -48.93 6.65
CA ASN C 289 33.73 -49.52 5.68
C ASN C 289 34.65 -48.45 5.09
N MET C 290 34.11 -47.27 4.83
CA MET C 290 34.92 -46.18 4.27
C MET C 290 36.02 -45.76 5.24
N ILE C 291 35.70 -45.68 6.53
CA ILE C 291 36.70 -45.31 7.52
C ILE C 291 37.84 -46.32 7.53
N LYS C 292 37.50 -47.61 7.56
CA LYS C 292 38.51 -48.65 7.66
C LYS C 292 39.40 -48.69 6.42
N TRP C 293 38.81 -48.48 5.26
CA TRP C 293 39.61 -48.45 4.02
C TRP C 293 40.57 -47.27 4.01
N ILE C 294 40.14 -46.12 4.54
CA ILE C 294 41.01 -44.95 4.58
C ILE C 294 42.20 -45.20 5.50
N LYS C 295 41.94 -45.69 6.71
CA LYS C 295 43.01 -45.83 7.69
C LYS C 295 44.08 -46.82 7.23
N GLU C 296 43.70 -47.84 6.45
CA GLU C 296 44.67 -48.79 5.92
C GLU C 296 45.28 -48.35 4.61
N THR C 297 44.54 -47.59 3.79
CA THR C 297 45.02 -47.19 2.47
C THR C 297 45.88 -45.93 2.51
N PHE C 298 45.46 -44.89 3.25
CA PHE C 298 46.19 -43.62 3.32
C PHE C 298 46.71 -43.43 4.74
N PRO C 299 47.92 -43.90 5.05
CA PRO C 299 48.36 -43.93 6.46
C PRO C 299 48.52 -42.56 7.10
N ASP C 300 48.72 -41.50 6.34
CA ASP C 300 48.97 -40.18 6.90
C ASP C 300 47.75 -39.27 6.86
N LEU C 301 46.56 -39.81 6.57
CA LEU C 301 45.36 -39.01 6.45
C LEU C 301 44.55 -39.10 7.74
N GLN C 302 44.06 -37.95 8.20
CA GLN C 302 43.15 -37.89 9.35
C GLN C 302 41.70 -37.86 8.87
N VAL C 303 40.83 -38.57 9.58
CA VAL C 303 39.44 -38.75 9.16
C VAL C 303 38.51 -38.25 10.24
N ILE C 304 37.57 -37.38 9.83
CA ILE C 304 36.48 -36.91 10.67
C ILE C 304 35.18 -37.51 10.12
N ALA C 305 34.51 -38.33 10.93
CA ALA C 305 33.30 -39.03 10.56
C ALA C 305 32.07 -38.32 11.13
N GLY C 306 30.93 -38.56 10.50
CA GLY C 306 29.69 -37.92 10.93
C GLY C 306 28.70 -37.82 9.79
N ASN C 307 27.56 -37.17 10.09
CA ASN C 307 27.26 -36.57 11.39
C ASN C 307 26.60 -37.56 12.36
N VAL C 308 26.82 -37.32 13.66
CA VAL C 308 26.22 -38.11 14.72
C VAL C 308 25.62 -37.15 15.76
N VAL C 309 24.63 -37.66 16.50
CA VAL C 309 24.05 -36.90 17.60
C VAL C 309 23.88 -37.75 18.85
N THR C 310 24.24 -39.04 18.79
CA THR C 310 24.03 -39.92 19.94
C THR C 310 25.33 -40.60 20.34
N ARG C 311 25.37 -40.99 21.62
CA ARG C 311 26.49 -41.76 22.15
C ARG C 311 26.71 -43.04 21.36
N GLU C 312 25.62 -43.74 21.02
CA GLU C 312 25.75 -45.02 20.32
C GLU C 312 26.39 -44.83 18.95
N GLN C 313 25.94 -43.82 18.21
CA GLN C 313 26.59 -43.49 16.94
C GLN C 313 28.08 -43.23 17.17
N ALA C 314 28.40 -42.40 18.15
CA ALA C 314 29.78 -42.05 18.41
C ALA C 314 30.62 -43.28 18.70
N ALA C 315 30.12 -44.17 19.55
CA ALA C 315 30.88 -45.37 19.89
C ALA C 315 31.15 -46.21 18.65
N SER C 316 30.17 -46.29 17.74
CA SER C 316 30.33 -47.10 16.54
C SER C 316 31.44 -46.55 15.65
N LEU C 317 31.43 -45.24 15.40
CA LEU C 317 32.40 -44.66 14.48
C LEU C 317 33.79 -44.53 15.11
N ILE C 318 33.87 -44.43 16.43
CA ILE C 318 35.16 -44.47 17.10
C ILE C 318 35.77 -45.85 16.99
N HIS C 319 34.96 -46.89 17.20
CA HIS C 319 35.43 -48.26 17.06
C HIS C 319 35.97 -48.51 15.66
N ALA C 320 35.38 -47.89 14.64
CA ALA C 320 35.82 -48.06 13.27
C ALA C 320 37.15 -47.37 12.98
N GLY C 321 37.60 -46.48 13.85
CA GLY C 321 38.88 -45.83 13.71
C GLY C 321 38.85 -44.33 13.40
N ALA C 322 37.76 -43.64 13.72
CA ALA C 322 37.67 -42.22 13.39
C ALA C 322 38.68 -41.40 14.20
N ASP C 323 39.24 -40.37 13.56
CA ASP C 323 40.15 -39.44 14.22
C ASP C 323 39.42 -38.26 14.86
N GLY C 324 38.18 -38.03 14.49
CA GLY C 324 37.32 -37.01 15.07
C GLY C 324 35.89 -37.27 14.65
N LEU C 325 34.97 -36.57 15.29
CA LEU C 325 33.54 -36.68 15.01
C LEU C 325 32.95 -35.32 14.67
N ARG C 326 31.93 -35.33 13.83
CA ARG C 326 31.18 -34.13 13.47
C ARG C 326 29.77 -34.29 14.02
N ILE C 327 29.35 -33.37 14.89
CA ILE C 327 28.10 -33.49 15.64
C ILE C 327 27.07 -32.53 15.08
N GLY C 328 25.86 -33.04 14.84
CA GLY C 328 24.75 -32.20 14.40
C GLY C 328 23.78 -32.88 13.46
N MET C 329 22.48 -32.72 13.69
CA MET C 329 21.47 -33.23 12.77
C MET C 329 20.26 -32.30 12.83
N GLY C 330 20.12 -31.46 11.82
CA GLY C 330 18.96 -30.58 11.69
C GLY C 330 19.02 -29.30 12.50
N SER C 331 20.17 -28.95 13.08
CA SER C 331 20.29 -27.69 13.82
C SER C 331 20.83 -26.58 12.92
N VAL C 340 9.79 -29.96 12.42
CA VAL C 340 9.65 -30.29 11.01
C VAL C 340 10.31 -31.64 10.72
N MET C 341 11.55 -31.83 11.17
CA MET C 341 12.24 -33.08 10.93
C MET C 341 11.76 -34.18 11.89
N ALA C 342 11.80 -35.41 11.39
CA ALA C 342 11.46 -36.57 12.21
C ALA C 342 12.62 -37.00 13.08
N CYS C 343 13.82 -37.01 12.50
CA CYS C 343 15.00 -37.59 13.12
C CYS C 343 16.04 -36.50 13.35
N GLY C 344 16.58 -36.44 14.55
CA GLY C 344 17.58 -35.44 14.88
C GLY C 344 17.67 -35.26 16.37
N ARG C 345 18.34 -34.16 16.77
CA ARG C 345 18.49 -33.87 18.19
C ARG C 345 18.86 -32.42 18.41
N PRO C 346 18.29 -31.76 19.43
CA PRO C 346 18.74 -30.39 19.75
C PRO C 346 20.24 -30.33 19.98
N GLN C 347 20.87 -29.32 19.37
CA GLN C 347 22.32 -29.33 19.22
C GLN C 347 23.03 -29.37 20.56
N GLY C 348 22.58 -28.58 21.52
CA GLY C 348 23.26 -28.57 22.82
C GLY C 348 23.27 -29.93 23.48
N THR C 349 22.11 -30.58 23.52
CA THR C 349 22.03 -31.93 24.08
C THR C 349 22.87 -32.91 23.28
N ALA C 350 22.90 -32.76 21.96
CA ALA C 350 23.71 -33.63 21.13
C ALA C 350 25.18 -33.49 21.47
N VAL C 351 25.67 -32.25 21.49
CA VAL C 351 27.08 -32.02 21.75
C VAL C 351 27.48 -32.59 23.11
N TYR C 352 26.64 -32.39 24.12
CA TYR C 352 27.01 -32.81 25.47
C TYR C 352 27.12 -34.33 25.56
N ASN C 353 26.11 -35.06 25.07
CA ASN C 353 26.11 -36.50 25.27
C ASN C 353 27.14 -37.20 24.40
N VAL C 354 27.38 -36.70 23.19
CA VAL C 354 28.44 -37.28 22.35
C VAL C 354 29.80 -37.01 22.96
N THR C 355 30.10 -35.73 23.14
CA THR C 355 31.43 -35.31 23.65
C THR C 355 31.72 -35.90 25.08
N GLN C 356 30.71 -35.99 25.97
CA GLN C 356 30.97 -36.63 27.30
C GLN C 356 31.51 -38.10 27.01
N PHE C 357 30.88 -38.86 26.10
CA PHE C 357 31.42 -40.22 25.68
C PHE C 357 32.76 -40.18 24.86
N ALA C 358 32.85 -39.29 23.87
CA ALA C 358 33.96 -39.29 22.93
C ALA C 358 35.25 -38.72 23.54
N ASN C 359 35.10 -37.69 24.38
CA ASN C 359 36.28 -37.06 25.03
C ASN C 359 37.07 -38.11 25.92
N GLN C 360 36.37 -39.06 26.55
CA GLN C 360 37.12 -40.16 27.27
C GLN C 360 38.17 -40.91 26.33
N PHE C 361 37.85 -41.13 25.02
CA PHE C 361 38.76 -41.79 24.00
C PHE C 361 39.69 -40.77 23.28
N GLY C 362 39.65 -39.50 23.65
CA GLY C 362 40.52 -38.53 23.00
C GLY C 362 40.14 -38.22 21.58
N VAL C 363 38.88 -38.38 21.20
CA VAL C 363 38.39 -38.11 19.85
C VAL C 363 37.75 -36.73 19.82
N PRO C 364 38.41 -35.71 19.28
CA PRO C 364 37.80 -34.37 19.28
C PRO C 364 36.58 -34.30 18.39
N CYS C 365 35.64 -33.43 18.76
CA CYS C 365 34.35 -33.32 18.07
C CYS C 365 34.14 -31.89 17.58
N ILE C 366 33.67 -31.78 16.34
CA ILE C 366 33.21 -30.50 15.79
C ILE C 366 31.73 -30.35 16.11
N ALA C 367 31.35 -29.17 16.60
CA ALA C 367 29.94 -28.81 16.76
C ALA C 367 29.50 -28.07 15.50
N ASP C 368 28.66 -28.71 14.70
CA ASP C 368 28.26 -28.21 13.39
C ASP C 368 26.78 -27.88 13.39
N GLY C 369 26.47 -26.60 13.21
CA GLY C 369 25.09 -26.17 13.04
C GLY C 369 24.62 -25.28 14.18
N GLY C 370 23.89 -24.22 13.83
CA GLY C 370 23.31 -23.34 14.82
C GLY C 370 24.27 -22.38 15.47
N VAL C 371 25.40 -22.09 14.84
CA VAL C 371 26.38 -21.14 15.37
C VAL C 371 26.25 -19.87 14.55
N GLN C 372 25.94 -18.77 15.24
CA GLN C 372 25.72 -17.48 14.60
C GLN C 372 26.49 -16.36 15.26
N ASN C 373 27.06 -16.56 16.44
CA ASN C 373 27.73 -15.49 17.17
C ASN C 373 28.67 -16.10 18.19
N ILE C 374 29.42 -15.23 18.87
CA ILE C 374 30.42 -15.66 19.85
C ILE C 374 29.76 -16.45 20.97
N GLY C 375 28.52 -16.13 21.30
CA GLY C 375 27.84 -16.83 22.39
C GLY C 375 27.60 -18.29 22.09
N HIS C 376 27.21 -18.60 20.85
CA HIS C 376 27.05 -20.00 20.47
C HIS C 376 28.38 -20.74 20.49
N ILE C 377 29.47 -20.06 20.09
CA ILE C 377 30.78 -20.69 20.08
C ILE C 377 31.19 -21.09 21.49
N THR C 378 31.10 -20.15 22.43
CA THR C 378 31.48 -20.40 23.82
C THR C 378 30.66 -21.53 24.41
N LYS C 379 29.35 -21.52 24.19
CA LYS C 379 28.49 -22.56 24.76
C LYS C 379 28.76 -23.92 24.12
N ALA C 380 28.97 -23.95 22.81
CA ALA C 380 29.34 -25.19 22.14
C ALA C 380 30.57 -25.82 22.81
N ILE C 381 31.62 -25.03 23.01
CA ILE C 381 32.84 -25.54 23.63
C ILE C 381 32.56 -25.93 25.08
N ALA C 382 31.78 -25.12 25.79
CA ALA C 382 31.48 -25.41 27.19
C ALA C 382 30.85 -26.79 27.36
N LEU C 383 30.04 -27.22 26.41
CA LEU C 383 29.37 -28.51 26.51
C LEU C 383 30.24 -29.68 26.08
N GLY C 384 31.46 -29.44 25.58
CA GLY C 384 32.38 -30.53 25.29
C GLY C 384 33.00 -30.51 23.90
N ALA C 385 32.56 -29.62 23.03
CA ALA C 385 33.13 -29.53 21.69
C ALA C 385 34.56 -29.02 21.75
N SER C 386 35.41 -29.59 20.87
CA SER C 386 36.79 -29.13 20.71
C SER C 386 36.90 -28.01 19.67
N THR C 387 36.10 -28.07 18.61
CA THR C 387 36.07 -27.03 17.61
C THR C 387 34.63 -26.80 17.20
N VAL C 388 34.38 -25.70 16.50
CA VAL C 388 33.04 -25.34 16.06
C VAL C 388 33.10 -24.98 14.59
N MET C 389 32.10 -25.45 13.83
CA MET C 389 32.01 -25.20 12.41
C MET C 389 31.10 -24.01 12.15
N MET C 390 31.45 -23.22 11.13
CA MET C 390 30.72 -22.01 10.81
CA MET C 390 30.74 -22.00 10.81
C MET C 390 30.41 -22.00 9.32
N GLY C 391 29.14 -21.73 9.00
CA GLY C 391 28.69 -21.71 7.64
C GLY C 391 28.06 -20.39 7.27
N GLY C 392 26.77 -20.24 7.61
CA GLY C 392 26.05 -19.03 7.27
C GLY C 392 26.74 -17.75 7.71
N MET C 393 27.33 -17.77 8.91
CA MET C 393 27.94 -16.55 9.42
C MET C 393 29.22 -16.20 8.67
N LEU C 394 29.80 -17.15 7.94
CA LEU C 394 30.94 -16.86 7.07
C LEU C 394 30.55 -16.61 5.63
N ALA C 395 29.40 -17.10 5.19
CA ALA C 395 28.92 -16.79 3.85
C ALA C 395 28.78 -15.28 3.69
N GLY C 396 29.06 -14.80 2.48
CA GLY C 396 29.00 -13.39 2.18
C GLY C 396 30.29 -12.63 2.45
N THR C 397 31.22 -13.22 3.20
CA THR C 397 32.51 -12.59 3.42
C THR C 397 33.30 -12.53 2.11
N THR C 398 34.32 -11.67 2.12
CA THR C 398 35.11 -11.46 0.91
C THR C 398 35.72 -12.76 0.41
N GLU C 399 36.18 -13.60 1.33
CA GLU C 399 36.88 -14.83 0.96
C GLU C 399 35.92 -15.97 0.63
N SER C 400 34.61 -15.77 0.81
CA SER C 400 33.64 -16.75 0.41
C SER C 400 33.38 -16.64 -1.08
N PRO C 401 32.93 -17.73 -1.72
CA PRO C 401 32.62 -17.64 -3.15
C PRO C 401 31.63 -16.50 -3.45
N ILE C 456 25.12 -10.52 4.00
CA ILE C 456 25.87 -10.32 2.76
C ILE C 456 26.80 -9.07 2.91
N ASP C 457 27.88 -8.96 2.12
CA ASP C 457 28.85 -7.86 2.22
C ASP C 457 29.35 -7.78 3.70
N LYS C 458 29.75 -8.93 4.30
CA LYS C 458 30.19 -8.99 5.75
C LYS C 458 31.67 -8.58 5.91
N GLY C 459 32.32 -8.28 4.80
CA GLY C 459 33.72 -7.92 4.83
C GLY C 459 34.63 -9.13 4.83
N SER C 460 35.93 -8.84 4.96
CA SER C 460 36.95 -9.89 4.94
C SER C 460 37.01 -10.60 6.29
N ILE C 461 37.26 -11.90 6.25
CA ILE C 461 37.47 -12.65 7.49
C ILE C 461 38.79 -12.30 8.15
N LYS C 462 39.65 -11.55 7.46
CA LYS C 462 40.87 -11.06 8.10
C LYS C 462 40.55 -10.14 9.27
N LYS C 463 39.40 -9.45 9.22
CA LYS C 463 38.92 -8.71 10.37
C LYS C 463 37.99 -9.56 11.24
N TYR C 464 37.16 -10.39 10.61
CA TYR C 464 36.09 -11.06 11.34
C TYR C 464 36.63 -12.14 12.28
N ILE C 465 37.60 -12.93 11.83
CA ILE C 465 38.10 -14.05 12.62
C ILE C 465 38.83 -13.51 13.84
N PRO C 466 39.67 -12.48 13.73
CA PRO C 466 40.24 -11.88 14.94
C PRO C 466 39.17 -11.33 15.89
N TYR C 467 38.11 -10.72 15.35
CA TYR C 467 37.01 -10.27 16.20
C TYR C 467 36.42 -11.43 17.00
N LEU C 468 36.19 -12.56 16.35
CA LEU C 468 35.69 -13.74 17.06
C LEU C 468 36.74 -14.31 17.99
N TYR C 469 38.01 -14.28 17.58
CA TYR C 469 39.09 -14.74 18.44
C TYR C 469 39.16 -13.91 19.71
N ASN C 470 39.17 -12.59 19.55
CA ASN C 470 39.18 -11.70 20.70
C ASN C 470 37.94 -11.89 21.56
N GLY C 471 36.78 -12.06 20.92
CA GLY C 471 35.55 -12.25 21.67
C GLY C 471 35.55 -13.52 22.52
N LEU C 472 36.14 -14.59 21.99
CA LEU C 472 36.22 -15.83 22.77
C LEU C 472 37.21 -15.71 23.91
N GLN C 473 38.26 -14.91 23.74
CA GLN C 473 39.18 -14.64 24.84
C GLN C 473 38.47 -13.95 26.00
N HIS C 474 37.66 -12.93 25.70
CA HIS C 474 36.97 -12.20 26.76
C HIS C 474 35.96 -13.09 27.48
N SER C 475 35.22 -13.92 26.74
CA SER C 475 34.25 -14.80 27.38
C SER C 475 34.93 -15.79 28.31
N CYS C 476 36.10 -16.29 27.92
CA CYS C 476 36.87 -17.16 28.80
C CYS C 476 37.31 -16.39 30.06
N GLN C 477 37.69 -15.12 29.89
CA GLN C 477 38.08 -14.31 31.04
C GLN C 477 36.93 -14.16 32.01
N ASP C 478 35.74 -13.80 31.50
CA ASP C 478 34.56 -13.68 32.36
C ASP C 478 34.28 -14.95 33.13
N ILE C 479 34.45 -16.11 32.49
CA ILE C 479 34.22 -17.39 33.15
C ILE C 479 35.35 -17.71 34.12
N GLY C 480 36.53 -17.17 33.87
CA GLY C 480 37.68 -17.35 34.74
C GLY C 480 38.63 -18.47 34.35
N VAL C 481 38.78 -18.76 33.06
CA VAL C 481 39.66 -19.84 32.59
C VAL C 481 40.65 -19.28 31.58
N ARG C 482 41.90 -19.72 31.69
CA ARG C 482 42.99 -19.21 30.86
C ARG C 482 43.15 -19.93 29.52
N SER C 483 42.45 -21.04 29.29
CA SER C 483 42.58 -21.72 28.01
C SER C 483 41.38 -22.62 27.82
N LEU C 484 41.21 -23.10 26.59
CA LEU C 484 40.13 -24.05 26.31
C LEU C 484 40.38 -25.38 27.01
N VAL C 485 41.64 -25.81 27.13
CA VAL C 485 41.94 -26.99 27.92
C VAL C 485 41.45 -26.81 29.36
N GLU C 486 41.77 -25.65 29.95
CA GLU C 486 41.31 -25.39 31.32
C GLU C 486 39.79 -25.29 31.37
N PHE C 487 39.18 -24.64 30.38
CA PHE C 487 37.73 -24.54 30.32
C PHE C 487 37.10 -25.93 30.39
N ARG C 488 37.60 -26.87 29.58
CA ARG C 488 37.06 -28.22 29.57
C ARG C 488 37.20 -28.88 30.93
N GLU C 489 38.36 -28.75 31.57
CA GLU C 489 38.57 -29.39 32.86
C GLU C 489 37.66 -28.81 33.93
N LYS C 490 37.45 -27.49 33.90
CA LYS C 490 36.65 -26.85 34.94
C LYS C 490 35.18 -27.15 34.78
N VAL C 491 34.69 -27.23 33.53
CA VAL C 491 33.32 -27.65 33.31
C VAL C 491 33.12 -29.06 33.86
N ASP C 492 33.98 -29.99 33.45
CA ASP C 492 33.79 -31.39 33.81
C ASP C 492 34.00 -31.65 35.29
N SER C 493 34.74 -30.81 36.00
CA SER C 493 34.88 -30.97 37.45
C SER C 493 33.75 -30.32 38.23
N GLY C 494 32.90 -29.53 37.60
CA GLY C 494 31.83 -28.84 38.28
C GLY C 494 32.16 -27.45 38.78
N SER C 495 33.31 -26.92 38.42
CA SER C 495 33.67 -25.56 38.85
C SER C 495 32.93 -24.50 38.03
N VAL C 496 32.81 -24.70 36.72
CA VAL C 496 32.03 -23.81 35.88
C VAL C 496 30.56 -24.13 36.04
N ARG C 497 29.73 -23.10 36.17
CA ARG C 497 28.32 -23.23 36.51
C ARG C 497 27.45 -22.66 35.40
N PHE C 498 26.23 -23.18 35.31
CA PHE C 498 25.30 -22.84 34.24
C PHE C 498 23.94 -22.51 34.85
N GLU C 499 23.12 -21.84 34.05
CA GLU C 499 21.76 -21.50 34.45
C GLU C 499 20.82 -21.70 33.27
N PHE C 500 19.74 -22.45 33.49
CA PHE C 500 18.73 -22.65 32.46
C PHE C 500 17.87 -21.40 32.30
N ARG C 501 17.48 -21.11 31.05
CA ARG C 501 16.76 -19.90 30.70
C ARG C 501 15.31 -20.22 30.37
N THR C 502 14.38 -19.48 30.98
CA THR C 502 12.98 -19.54 30.58
C THR C 502 12.77 -18.75 29.30
N PRO C 503 11.68 -19.02 28.57
CA PRO C 503 11.40 -18.21 27.37
C PRO C 503 11.45 -16.70 27.58
N SER C 504 10.96 -16.22 28.73
CA SER C 504 11.01 -14.77 28.99
C SER C 504 12.46 -14.30 29.16
N ALA C 505 13.30 -15.12 29.76
CA ALA C 505 14.69 -14.71 30.03
C ALA C 505 15.43 -14.45 28.73
N GLN C 506 15.25 -15.32 27.73
CA GLN C 506 15.89 -15.11 26.44
C GLN C 506 15.54 -13.74 25.88
N LEU C 507 14.28 -13.33 26.01
CA LEU C 507 13.87 -12.01 25.54
C LEU C 507 14.49 -10.89 26.35
N GLU C 508 14.72 -11.12 27.65
CA GLU C 508 15.35 -10.11 28.50
C GLU C 508 16.65 -9.61 27.91
N THR D 3 45.80 -39.41 29.41
CA THR D 3 45.51 -40.82 29.17
C THR D 3 44.08 -40.99 28.69
N TYR D 4 43.90 -41.58 27.52
CA TYR D 4 42.58 -41.83 26.95
C TYR D 4 42.30 -43.32 26.85
N ARG D 5 41.03 -43.64 26.72
CA ARG D 5 40.60 -45.02 26.56
C ARG D 5 40.93 -45.53 25.16
N ASP D 6 41.17 -46.83 25.05
CA ASP D 6 41.46 -47.44 23.75
C ASP D 6 40.19 -47.46 22.89
N ALA D 7 40.30 -46.99 21.65
CA ALA D 7 39.16 -46.95 20.75
C ALA D 7 38.56 -48.34 20.55
N ALA D 8 39.37 -49.39 20.65
CA ALA D 8 38.88 -50.74 20.44
C ALA D 8 37.84 -51.15 21.49
N THR D 9 37.83 -50.48 22.65
CA THR D 9 36.87 -50.78 23.71
C THR D 9 35.61 -49.92 23.65
N ALA D 10 35.44 -49.11 22.59
CA ALA D 10 34.35 -48.14 22.58
C ALA D 10 32.99 -48.82 22.66
N LEU D 11 32.79 -49.89 21.90
CA LEU D 11 31.50 -50.56 21.92
C LEU D 11 31.27 -51.26 23.26
N GLU D 12 32.29 -51.96 23.77
CA GLU D 12 32.17 -52.57 25.08
C GLU D 12 31.85 -51.53 26.15
N HIS D 13 32.34 -50.30 25.99
CA HIS D 13 32.16 -49.28 27.02
C HIS D 13 30.72 -48.78 27.10
N LEU D 14 29.91 -49.01 26.05
CA LEU D 14 28.50 -48.62 26.10
C LEU D 14 27.75 -49.34 27.20
N ALA D 15 28.23 -50.51 27.63
CA ALA D 15 27.57 -51.24 28.70
C ALA D 15 27.75 -50.60 30.07
N THR D 16 28.70 -49.68 30.23
CA THR D 16 28.89 -49.01 31.51
C THR D 16 27.79 -48.02 31.83
N TYR D 17 26.96 -47.64 30.86
CA TYR D 17 25.88 -46.71 31.10
C TYR D 17 24.61 -47.47 31.50
N ALA D 18 23.83 -46.88 32.41
CA ALA D 18 22.64 -47.55 32.90
C ALA D 18 21.57 -47.64 31.83
N GLU D 19 21.47 -46.64 30.96
CA GLU D 19 20.45 -46.60 29.92
C GLU D 19 21.08 -46.17 28.60
N LYS D 20 20.38 -46.48 27.52
CA LYS D 20 20.75 -45.94 26.22
C LYS D 20 20.56 -44.42 26.23
N ASP D 21 21.32 -43.74 25.38
CA ASP D 21 21.21 -42.30 25.24
C ASP D 21 19.80 -41.93 24.78
N GLY D 22 19.26 -40.86 25.34
CA GLY D 22 17.90 -40.46 25.03
C GLY D 22 16.86 -41.13 25.90
N LEU D 23 15.60 -40.89 25.55
CA LEU D 23 14.45 -41.37 26.31
C LEU D 23 13.75 -42.50 25.58
N SER D 24 13.28 -43.49 26.34
CA SER D 24 12.32 -44.44 25.80
C SER D 24 10.97 -43.75 25.63
N VAL D 25 10.08 -44.41 24.87
CA VAL D 25 8.78 -43.80 24.58
C VAL D 25 7.98 -43.63 25.86
N GLU D 26 8.13 -44.56 26.81
CA GLU D 26 7.45 -44.45 28.09
C GLU D 26 7.93 -43.23 28.86
N GLN D 27 9.24 -42.97 28.84
CA GLN D 27 9.77 -41.80 29.52
C GLN D 27 9.35 -40.51 28.84
N LEU D 28 9.29 -40.51 27.51
CA LEU D 28 8.86 -39.31 26.79
C LEU D 28 7.42 -38.95 27.10
N MET D 29 6.52 -39.93 27.14
CA MET D 29 5.08 -39.66 27.25
C MET D 29 4.61 -39.80 28.71
N ASP D 30 5.17 -38.98 29.59
CA ASP D 30 4.80 -38.97 31.00
C ASP D 30 3.90 -37.76 31.27
N SER D 31 2.63 -38.02 31.61
CA SER D 31 1.69 -36.95 31.85
C SER D 31 2.10 -36.11 33.06
N LYS D 32 2.69 -36.76 34.07
CA LYS D 32 3.08 -36.06 35.28
C LYS D 32 4.26 -35.11 35.04
N THR D 33 5.27 -35.56 34.30
CA THR D 33 6.46 -34.75 34.12
C THR D 33 6.22 -33.63 33.12
N ARG D 34 5.70 -33.97 31.93
CA ARG D 34 5.61 -33.01 30.83
C ARG D 34 4.48 -33.36 29.88
N GLY D 35 3.36 -33.84 30.42
CA GLY D 35 2.28 -34.30 29.56
C GLY D 35 1.85 -33.28 28.53
N GLY D 36 0.98 -33.72 27.62
CA GLY D 36 0.45 -32.88 26.57
C GLY D 36 1.42 -32.58 25.45
N LEU D 37 1.89 -33.60 24.76
CA LEU D 37 2.84 -33.44 23.67
C LEU D 37 2.13 -33.57 22.33
N THR D 38 2.56 -32.76 21.37
CA THR D 38 2.26 -32.94 19.96
C THR D 38 3.51 -33.41 19.24
N TYR D 39 3.36 -33.75 17.96
CA TYR D 39 4.47 -34.27 17.18
C TYR D 39 5.66 -33.31 17.19
N ASN D 40 5.39 -32.01 17.06
CA ASN D 40 6.45 -31.01 16.99
C ASN D 40 7.24 -30.89 18.30
N ASP D 41 6.81 -31.53 19.37
CA ASP D 41 7.47 -31.38 20.67
C ASP D 41 8.64 -32.35 20.86
N PHE D 42 8.89 -33.27 19.93
CA PHE D 42 9.95 -34.24 20.15
C PHE D 42 10.55 -34.67 18.82
N LEU D 43 11.64 -35.42 18.91
CA LEU D 43 12.32 -36.00 17.77
C LEU D 43 12.61 -37.46 18.08
N VAL D 44 12.75 -38.26 17.03
CA VAL D 44 13.21 -39.63 17.13
C VAL D 44 14.71 -39.63 16.89
N LEU D 45 15.45 -40.34 17.74
CA LEU D 45 16.90 -40.33 17.56
C LEU D 45 17.34 -41.38 16.53
N PRO D 46 18.41 -41.10 15.79
CA PRO D 46 18.87 -42.05 14.77
C PRO D 46 19.58 -43.26 15.38
N GLY D 47 19.50 -44.36 14.64
CA GLY D 47 20.14 -45.60 15.05
C GLY D 47 21.30 -45.97 14.14
N LYS D 48 21.34 -47.22 13.69
CA LYS D 48 22.40 -47.71 12.81
C LYS D 48 21.83 -48.14 11.46
N ILE D 49 22.50 -47.72 10.40
CA ILE D 49 22.10 -48.03 9.03
C ILE D 49 22.95 -49.20 8.53
N ASP D 50 22.31 -50.31 8.19
CA ASP D 50 22.99 -51.45 7.58
C ASP D 50 22.13 -52.05 6.47
N PHE D 51 21.44 -51.20 5.73
CA PHE D 51 20.60 -51.64 4.62
C PHE D 51 20.20 -50.40 3.82
N PRO D 52 19.89 -50.57 2.54
CA PRO D 52 19.38 -49.44 1.76
C PRO D 52 17.93 -49.15 2.10
N SER D 53 17.51 -47.92 1.77
CA SER D 53 16.15 -47.50 2.09
C SER D 53 15.11 -48.22 1.24
N SER D 54 15.49 -48.66 0.04
CA SER D 54 14.57 -49.36 -0.85
C SER D 54 14.06 -50.67 -0.24
N GLU D 55 14.80 -51.27 0.69
CA GLU D 55 14.39 -52.51 1.32
C GLU D 55 13.35 -52.34 2.42
N VAL D 56 13.03 -51.11 2.84
CA VAL D 56 12.10 -50.92 3.95
C VAL D 56 10.68 -51.25 3.50
N VAL D 57 9.99 -52.05 4.31
CA VAL D 57 8.62 -52.48 4.04
C VAL D 57 7.67 -51.62 4.86
N LEU D 58 6.62 -51.09 4.22
CA LEU D 58 5.67 -50.19 4.87
C LEU D 58 4.28 -50.80 4.97
N SER D 59 4.17 -52.13 4.98
CA SER D 59 2.88 -52.77 5.22
C SER D 59 2.31 -52.33 6.55
N SER D 60 1.02 -51.97 6.54
CA SER D 60 0.34 -51.47 7.73
C SER D 60 -1.05 -52.06 7.83
N ARG D 61 -1.43 -52.46 9.04
CA ARG D 61 -2.76 -53.02 9.28
C ARG D 61 -3.76 -51.87 9.44
N LEU D 62 -4.73 -51.80 8.53
CA LEU D 62 -5.81 -50.82 8.65
C LEU D 62 -6.86 -51.29 9.66
N THR D 63 -7.27 -52.55 9.55
CA THR D 63 -8.19 -53.17 10.50
C THR D 63 -7.65 -54.54 10.85
N LYS D 64 -8.42 -55.29 11.65
CA LYS D 64 -7.99 -56.64 12.01
C LYS D 64 -7.75 -57.50 10.77
N LYS D 65 -8.53 -57.30 9.71
CA LYS D 65 -8.47 -58.14 8.53
C LYS D 65 -7.95 -57.45 7.27
N ILE D 66 -7.83 -56.12 7.28
CA ILE D 66 -7.38 -55.38 6.10
C ILE D 66 -5.97 -54.89 6.38
N THR D 67 -5.04 -55.19 5.47
CA THR D 67 -3.65 -54.75 5.55
C THR D 67 -3.29 -54.02 4.27
N LEU D 68 -2.61 -52.88 4.40
CA LEU D 68 -2.22 -52.06 3.26
C LEU D 68 -0.71 -52.10 3.07
N ASN D 69 -0.28 -51.82 1.83
CA ASN D 69 1.13 -51.70 1.51
C ASN D 69 1.71 -50.33 1.88
N ALA D 70 0.87 -49.37 2.27
CA ALA D 70 1.32 -48.05 2.66
C ALA D 70 0.39 -47.57 3.77
N PRO D 71 0.90 -46.86 4.79
CA PRO D 71 0.02 -46.46 5.91
C PRO D 71 -0.70 -45.14 5.68
N PHE D 72 -1.08 -44.86 4.44
CA PHE D 72 -1.72 -43.60 4.08
C PHE D 72 -3.21 -43.81 3.86
N VAL D 73 -4.03 -42.97 4.49
CA VAL D 73 -5.48 -43.01 4.39
C VAL D 73 -5.97 -41.59 4.14
N SER D 74 -6.75 -41.39 3.08
CA SER D 74 -7.27 -40.07 2.78
C SER D 74 -8.54 -39.82 3.58
N SER D 75 -8.70 -38.58 4.04
CA SER D 75 -9.71 -38.26 5.03
C SER D 75 -11.10 -38.13 4.40
N PRO D 76 -12.15 -38.45 5.15
CA PRO D 76 -13.53 -38.29 4.63
C PRO D 76 -14.03 -36.85 4.67
N MET D 77 -13.40 -36.01 3.87
CA MET D 77 -13.77 -34.60 3.75
C MET D 77 -14.21 -34.33 2.32
N ASP D 78 -15.23 -33.47 2.18
CA ASP D 78 -15.76 -33.16 0.86
C ASP D 78 -14.77 -32.38 0.00
N THR D 79 -13.66 -31.93 0.58
CA THR D 79 -12.57 -31.33 -0.17
C THR D 79 -11.44 -32.32 -0.48
N VAL D 80 -11.54 -33.57 -0.02
CA VAL D 80 -10.44 -34.52 -0.15
C VAL D 80 -10.84 -35.76 -0.96
N THR D 81 -11.74 -36.58 -0.42
CA THR D 81 -11.95 -37.93 -0.92
C THR D 81 -13.31 -38.08 -1.58
N GLU D 82 -13.31 -38.20 -2.91
CA GLU D 82 -14.44 -38.76 -3.65
C GLU D 82 -13.92 -39.94 -4.46
N ALA D 83 -14.66 -40.40 -5.47
CA ALA D 83 -14.26 -41.61 -6.18
C ALA D 83 -12.84 -41.50 -6.71
N ASP D 84 -12.50 -40.36 -7.32
CA ASP D 84 -11.19 -40.20 -7.95
C ASP D 84 -10.06 -40.35 -6.94
N MET D 85 -10.21 -39.75 -5.76
CA MET D 85 -9.16 -39.85 -4.74
C MET D 85 -9.05 -41.27 -4.21
N ALA D 86 -10.20 -41.94 -4.00
CA ALA D 86 -10.17 -43.29 -3.46
C ALA D 86 -9.53 -44.28 -4.44
N ILE D 87 -9.77 -44.08 -5.73
CA ILE D 87 -9.19 -44.99 -6.73
C ILE D 87 -7.67 -44.89 -6.70
N HIS D 88 -7.15 -43.67 -6.74
CA HIS D 88 -5.71 -43.49 -6.84
C HIS D 88 -5.02 -43.79 -5.51
N MET D 89 -5.66 -43.48 -4.39
CA MET D 89 -5.11 -43.90 -3.10
C MET D 89 -4.96 -45.42 -3.06
N ALA D 90 -6.01 -46.15 -3.46
CA ALA D 90 -5.94 -47.60 -3.50
C ALA D 90 -4.88 -48.08 -4.49
N LEU D 91 -4.84 -47.49 -5.69
CA LEU D 91 -3.86 -47.90 -6.68
C LEU D 91 -2.44 -47.74 -6.18
N LEU D 92 -2.19 -46.70 -5.37
CA LEU D 92 -0.85 -46.35 -4.92
C LEU D 92 -0.46 -47.02 -3.61
N GLY D 93 -1.30 -47.90 -3.08
CA GLY D 93 -0.93 -48.72 -1.93
C GLY D 93 -1.64 -48.38 -0.65
N GLY D 94 -2.51 -47.38 -0.65
CA GLY D 94 -3.27 -47.02 0.54
C GLY D 94 -4.75 -47.26 0.37
N ILE D 95 -5.57 -46.33 0.87
CA ILE D 95 -7.02 -46.44 0.79
C ILE D 95 -7.61 -45.04 0.92
N GLY D 96 -8.83 -44.86 0.40
CA GLY D 96 -9.56 -43.64 0.58
C GLY D 96 -10.85 -43.88 1.34
N ILE D 97 -11.28 -42.88 2.11
CA ILE D 97 -12.53 -42.92 2.86
C ILE D 97 -13.44 -41.85 2.27
N ILE D 98 -14.48 -42.30 1.54
CA ILE D 98 -15.39 -41.37 0.88
C ILE D 98 -16.28 -40.67 1.90
N HIS D 99 -16.42 -39.35 1.75
CA HIS D 99 -17.18 -38.53 2.67
C HIS D 99 -18.68 -38.76 2.52
N HIS D 100 -19.45 -38.34 3.56
CA HIS D 100 -20.89 -38.52 3.57
C HIS D 100 -21.66 -37.20 3.57
N ASN D 101 -21.03 -36.11 3.14
CA ASN D 101 -21.74 -34.84 2.95
C ASN D 101 -22.39 -34.81 1.57
N CYS D 102 -23.30 -35.76 1.38
CA CYS D 102 -23.97 -35.99 0.10
C CYS D 102 -25.13 -36.93 0.39
N THR D 103 -25.91 -37.24 -0.64
CA THR D 103 -26.99 -38.19 -0.44
C THR D 103 -26.42 -39.61 -0.33
N ALA D 104 -27.19 -40.49 0.31
CA ALA D 104 -26.79 -41.88 0.40
C ALA D 104 -26.64 -42.51 -0.98
N GLU D 105 -27.48 -42.10 -1.93
CA GLU D 105 -27.37 -42.62 -3.29
C GLU D 105 -26.07 -42.18 -3.94
N GLU D 106 -25.74 -40.89 -3.83
CA GLU D 106 -24.50 -40.37 -4.40
C GLU D 106 -23.28 -41.04 -3.79
N GLN D 107 -23.28 -41.24 -2.46
CA GLN D 107 -22.15 -41.91 -1.84
C GLN D 107 -22.02 -43.33 -2.35
N ALA D 108 -23.14 -44.06 -2.46
CA ALA D 108 -23.09 -45.44 -2.94
C ALA D 108 -22.58 -45.50 -4.38
N GLU D 109 -22.92 -44.52 -5.21
CA GLU D 109 -22.41 -44.53 -6.57
C GLU D 109 -20.89 -44.33 -6.58
N MET D 110 -20.39 -43.39 -5.76
CA MET D 110 -18.94 -43.20 -5.69
C MET D 110 -18.24 -44.47 -5.25
N VAL D 111 -18.76 -45.14 -4.23
CA VAL D 111 -18.21 -46.45 -3.85
C VAL D 111 -18.27 -47.38 -5.05
N ARG D 112 -19.36 -47.30 -5.82
CA ARG D 112 -19.52 -48.20 -6.96
C ARG D 112 -18.41 -47.96 -8.00
N ARG D 113 -18.11 -46.69 -8.28
CA ARG D 113 -17.04 -46.38 -9.23
C ARG D 113 -15.72 -46.97 -8.78
N VAL D 114 -15.44 -46.91 -7.48
CA VAL D 114 -14.17 -47.42 -6.96
C VAL D 114 -14.10 -48.92 -7.16
N LYS D 115 -15.15 -49.63 -6.77
CA LYS D 115 -15.15 -51.08 -6.84
C LYS D 115 -15.09 -51.58 -8.28
N LYS D 116 -15.64 -50.82 -9.23
CA LYS D 116 -15.70 -51.29 -10.61
C LYS D 116 -14.52 -50.81 -11.44
N TYR D 117 -13.71 -49.89 -10.91
CA TYR D 117 -12.62 -49.31 -11.67
C TYR D 117 -11.60 -50.36 -12.07
N GLU D 118 -11.19 -50.32 -13.34
CA GLU D 118 -10.19 -51.24 -13.87
C GLU D 118 -9.03 -50.42 -14.43
N ASN D 119 -7.83 -50.66 -13.92
CA ASN D 119 -6.68 -49.86 -14.34
C ASN D 119 -6.42 -50.04 -15.82
N GLY D 120 -6.09 -48.93 -16.49
CA GLY D 120 -5.79 -48.93 -17.89
C GLY D 120 -6.96 -48.63 -18.80
N PHE D 121 -8.18 -48.75 -18.29
CA PHE D 121 -9.38 -48.53 -19.10
C PHE D 121 -9.98 -47.15 -18.80
N ILE D 122 -10.68 -46.61 -19.79
CA ILE D 122 -11.47 -45.40 -19.59
C ILE D 122 -12.80 -45.81 -18.97
N ASN D 123 -12.88 -45.78 -17.64
CA ASN D 123 -14.03 -46.33 -16.94
C ASN D 123 -15.27 -45.46 -17.07
N ALA D 124 -15.13 -44.15 -17.28
CA ALA D 124 -16.27 -43.25 -17.48
C ALA D 124 -16.11 -42.53 -18.81
N PRO D 125 -16.38 -43.20 -19.92
CA PRO D 125 -16.15 -42.57 -21.23
C PRO D 125 -17.19 -41.52 -21.57
N VAL D 126 -16.74 -40.52 -22.32
CA VAL D 126 -17.63 -39.52 -22.89
C VAL D 126 -18.22 -40.08 -24.16
N VAL D 127 -19.54 -40.00 -24.30
CA VAL D 127 -20.23 -40.61 -25.43
C VAL D 127 -21.16 -39.58 -26.04
N VAL D 128 -21.58 -39.85 -27.26
CA VAL D 128 -22.55 -39.02 -27.97
C VAL D 128 -23.55 -39.95 -28.62
N GLY D 129 -24.83 -39.59 -28.55
CA GLY D 129 -25.88 -40.36 -29.17
C GLY D 129 -26.11 -40.02 -30.61
N PRO D 130 -26.99 -40.75 -31.26
CA PRO D 130 -27.37 -40.41 -32.63
C PRO D 130 -28.31 -39.22 -32.61
N ASP D 131 -28.48 -38.61 -33.78
CA ASP D 131 -29.28 -37.41 -33.99
C ASP D 131 -28.53 -36.16 -33.54
N ALA D 132 -27.25 -36.28 -33.19
CA ALA D 132 -26.43 -35.13 -32.86
C ALA D 132 -25.72 -34.63 -34.12
N THR D 133 -25.35 -33.37 -34.13
CA THR D 133 -24.69 -32.79 -35.29
C THR D 133 -23.17 -32.90 -35.16
N VAL D 134 -22.49 -32.81 -36.31
CA VAL D 134 -21.04 -32.73 -36.30
C VAL D 134 -20.59 -31.55 -35.45
N ALA D 135 -21.29 -30.43 -35.57
CA ALA D 135 -20.97 -29.25 -34.77
C ALA D 135 -20.94 -29.59 -33.29
N ASP D 136 -21.90 -30.42 -32.84
CA ASP D 136 -21.90 -30.86 -31.45
C ASP D 136 -20.61 -31.63 -31.14
N VAL D 137 -20.18 -32.50 -32.05
CA VAL D 137 -18.97 -33.28 -31.82
C VAL D 137 -17.75 -32.35 -31.73
N ARG D 138 -17.61 -31.44 -32.70
CA ARG D 138 -16.47 -30.53 -32.70
C ARG D 138 -16.43 -29.70 -31.42
N ARG D 139 -17.58 -29.25 -30.94
CA ARG D 139 -17.63 -28.57 -29.66
C ARG D 139 -17.08 -29.46 -28.56
N MET D 140 -17.42 -30.76 -28.60
CA MET D 140 -16.92 -31.68 -27.60
C MET D 140 -15.40 -31.84 -27.68
N LYS D 141 -14.86 -31.92 -28.89
CA LYS D 141 -13.41 -32.04 -29.01
C LYS D 141 -12.71 -30.82 -28.41
N ASN D 142 -13.33 -29.66 -28.63
CA ASN D 142 -12.84 -28.38 -28.04
C ASN D 142 -12.97 -28.39 -26.45
N GLU D 143 -14.10 -28.86 -25.90
CA GLU D 143 -14.27 -28.84 -24.39
C GLU D 143 -13.16 -29.71 -23.66
N PHE D 144 -12.80 -30.88 -24.25
CA PHE D 144 -11.71 -31.83 -23.79
C PHE D 144 -10.74 -32.16 -25.00
N GLY D 145 -9.56 -32.74 -24.76
CA GLY D 145 -8.58 -33.02 -25.80
C GLY D 145 -8.90 -34.19 -26.73
N PHE D 146 -9.95 -34.94 -26.43
CA PHE D 146 -10.29 -36.16 -27.21
C PHE D 146 -11.54 -36.02 -28.05
N ALA D 147 -11.47 -36.67 -29.20
CA ALA D 147 -12.54 -36.78 -30.19
C ALA D 147 -13.10 -38.18 -30.36
N GLY D 148 -12.50 -39.20 -29.75
CA GLY D 148 -12.96 -40.57 -29.96
C GLY D 148 -14.17 -40.91 -29.14
N PHE D 149 -15.36 -40.61 -29.67
CA PHE D 149 -16.59 -40.77 -28.91
C PHE D 149 -17.34 -42.00 -29.41
N PRO D 150 -17.58 -43.01 -28.57
CA PRO D 150 -18.50 -44.08 -28.97
C PRO D 150 -19.94 -43.59 -28.96
N VAL D 151 -20.73 -44.14 -29.88
CA VAL D 151 -22.10 -43.70 -30.08
C VAL D 151 -23.06 -44.71 -29.49
N THR D 152 -23.96 -44.24 -28.63
CA THR D 152 -24.96 -45.08 -27.99
C THR D 152 -26.36 -44.62 -28.39
N ASP D 153 -27.29 -45.57 -28.46
CA ASP D 153 -28.63 -45.27 -28.98
C ASP D 153 -29.30 -44.16 -28.19
N ASP D 154 -29.12 -44.14 -26.87
CA ASP D 154 -29.74 -43.14 -26.02
C ASP D 154 -28.80 -41.99 -25.67
N GLY D 155 -27.58 -41.98 -26.21
CA GLY D 155 -26.64 -40.93 -25.90
C GLY D 155 -26.09 -40.94 -24.49
N LYS D 156 -26.24 -42.06 -23.78
CA LYS D 156 -25.76 -42.17 -22.41
C LYS D 156 -24.61 -43.16 -22.31
N PRO D 157 -23.74 -43.02 -21.32
CA PRO D 157 -22.56 -43.91 -21.24
C PRO D 157 -22.92 -45.38 -21.20
N THR D 158 -24.07 -45.75 -20.65
CA THR D 158 -24.45 -47.15 -20.51
C THR D 158 -25.41 -47.62 -21.60
N GLY D 159 -25.58 -46.83 -22.66
CA GLY D 159 -26.49 -47.20 -23.73
C GLY D 159 -25.91 -48.24 -24.66
N LYS D 160 -26.76 -48.71 -25.58
CA LYS D 160 -26.35 -49.72 -26.54
C LYS D 160 -25.43 -49.11 -27.59
N LEU D 161 -24.34 -49.81 -27.89
CA LEU D 161 -23.31 -49.28 -28.78
C LEU D 161 -23.79 -49.42 -30.23
N GLN D 162 -23.83 -48.30 -30.95
CA GLN D 162 -24.18 -48.29 -32.37
C GLN D 162 -22.99 -48.04 -33.27
N GLY D 163 -22.04 -47.22 -32.85
CA GLY D 163 -20.88 -46.94 -33.65
C GLY D 163 -19.86 -46.16 -32.86
N ILE D 164 -18.84 -45.68 -33.57
CA ILE D 164 -17.82 -44.82 -32.98
C ILE D 164 -17.48 -43.73 -33.98
N ILE D 165 -17.27 -42.52 -33.48
CA ILE D 165 -16.92 -41.37 -34.29
C ILE D 165 -15.68 -40.72 -33.68
N THR D 166 -14.69 -40.44 -34.51
CA THR D 166 -13.41 -39.91 -34.06
C THR D 166 -13.07 -38.67 -34.88
N SER D 167 -11.95 -38.04 -34.55
CA SER D 167 -11.54 -36.84 -35.29
C SER D 167 -11.26 -37.17 -36.75
N ARG D 168 -10.60 -38.30 -37.01
CA ARG D 168 -10.30 -38.68 -38.39
C ARG D 168 -11.57 -38.69 -39.23
N ASP D 169 -12.71 -39.03 -38.63
CA ASP D 169 -13.96 -39.06 -39.38
C ASP D 169 -14.50 -37.67 -39.67
N ILE D 170 -14.22 -36.69 -38.80
CA ILE D 170 -14.85 -35.38 -38.89
C ILE D 170 -13.88 -34.28 -39.30
N GLN D 171 -12.67 -34.63 -39.72
CA GLN D 171 -11.69 -33.60 -40.05
C GLN D 171 -12.10 -32.81 -41.29
N PHE D 172 -12.46 -33.52 -42.36
CA PHE D 172 -12.79 -32.89 -43.64
C PHE D 172 -14.28 -33.12 -43.91
N VAL D 173 -15.10 -32.29 -43.26
CA VAL D 173 -16.55 -32.35 -43.47
C VAL D 173 -17.06 -30.99 -43.95
N ASP D 175 -20.37 -30.14 -44.40
CA ASP D 175 -21.61 -29.65 -43.81
C ASP D 175 -21.64 -29.89 -42.30
N GLU D 176 -21.54 -28.80 -41.54
CA GLU D 176 -21.44 -28.91 -40.09
C GLU D 176 -22.69 -29.50 -39.45
N THR D 177 -23.82 -29.49 -40.15
CA THR D 177 -25.10 -29.86 -39.56
C THR D 177 -25.56 -31.26 -39.96
N LEU D 178 -24.63 -32.17 -40.26
CA LEU D 178 -24.99 -33.54 -40.54
C LEU D 178 -25.12 -34.34 -39.25
N LEU D 179 -25.76 -35.49 -39.34
CA LEU D 179 -25.99 -36.36 -38.19
C LEU D 179 -24.78 -37.27 -37.95
N VAL D 180 -24.60 -37.66 -36.70
CA VAL D 180 -23.51 -38.57 -36.35
C VAL D 180 -23.64 -39.90 -37.08
N SER D 181 -24.88 -40.39 -37.22
CA SER D 181 -25.08 -41.71 -37.82
C SER D 181 -24.48 -41.78 -39.22
N GLU D 182 -24.59 -40.71 -40.00
CA GLU D 182 -24.06 -40.72 -41.36
C GLU D 182 -22.55 -40.85 -41.38
N ILE D 183 -21.86 -40.12 -40.50
CA ILE D 183 -20.40 -40.07 -40.55
C ILE D 183 -19.72 -41.21 -39.80
N MET D 184 -20.42 -41.84 -38.85
CA MET D 184 -19.77 -42.73 -37.90
C MET D 184 -19.49 -44.08 -38.56
N THR D 185 -18.58 -44.82 -37.93
CA THR D 185 -18.33 -46.20 -38.31
C THR D 185 -19.38 -47.11 -37.65
N LYS D 186 -20.15 -47.82 -38.45
CA LYS D 186 -21.20 -48.68 -37.90
C LYS D 186 -20.62 -49.99 -37.38
N ASP D 187 -19.71 -50.62 -38.13
CA ASP D 187 -19.12 -51.90 -37.75
C ASP D 187 -17.94 -51.63 -36.83
N VAL D 188 -18.16 -51.78 -35.53
CA VAL D 188 -17.16 -51.45 -34.52
C VAL D 188 -16.58 -52.74 -33.94
N ILE D 189 -15.25 -52.81 -33.93
CA ILE D 189 -14.53 -53.84 -33.18
C ILE D 189 -14.64 -53.55 -31.70
N THR D 190 -14.95 -54.57 -30.91
CA THR D 190 -15.18 -54.41 -29.49
C THR D 190 -14.51 -55.54 -28.73
N GLY D 191 -14.52 -55.42 -27.41
CA GLY D 191 -14.09 -56.49 -26.53
C GLY D 191 -15.13 -56.74 -25.47
N LYS D 192 -15.25 -58.00 -25.08
CA LYS D 192 -16.23 -58.37 -24.07
C LYS D 192 -15.77 -57.94 -22.68
N GLN D 193 -16.74 -57.62 -21.84
CA GLN D 193 -16.44 -57.26 -20.46
C GLN D 193 -15.67 -58.39 -19.78
N GLY D 194 -14.61 -58.03 -19.08
CA GLY D 194 -13.75 -58.99 -18.42
C GLY D 194 -12.44 -59.25 -19.12
N ILE D 195 -12.25 -58.74 -20.34
CA ILE D 195 -10.96 -58.86 -21.01
C ILE D 195 -9.92 -58.08 -20.23
N ASN D 196 -8.70 -58.62 -20.17
CA ASN D 196 -7.65 -57.95 -19.42
C ASN D 196 -6.89 -57.00 -20.32
N LEU D 197 -6.05 -56.16 -19.69
CA LEU D 197 -5.40 -55.08 -20.40
C LEU D 197 -4.46 -55.59 -21.49
N GLU D 198 -3.70 -56.64 -21.19
CA GLU D 198 -2.74 -57.15 -22.16
C GLU D 198 -3.44 -57.66 -23.42
N GLU D 199 -4.48 -58.48 -23.24
CA GLU D 199 -5.18 -59.02 -24.41
C GLU D 199 -5.80 -57.93 -25.25
N ALA D 200 -6.42 -56.94 -24.60
CA ALA D 200 -7.07 -55.86 -25.34
C ALA D 200 -6.05 -55.10 -26.18
N ASN D 201 -4.88 -54.77 -25.61
CA ASN D 201 -3.87 -54.08 -26.38
C ASN D 201 -3.50 -54.85 -27.64
N GLN D 202 -3.38 -56.18 -27.51
CA GLN D 202 -3.01 -56.99 -28.67
C GLN D 202 -4.03 -56.84 -29.79
N ILE D 203 -5.32 -56.73 -29.45
CA ILE D 203 -6.33 -56.50 -30.47
C ILE D 203 -6.04 -55.20 -31.21
N LEU D 204 -5.68 -54.15 -30.49
CA LEU D 204 -5.37 -52.87 -31.12
C LEU D 204 -4.13 -52.95 -31.99
N LYS D 205 -3.12 -53.69 -31.54
CA LYS D 205 -1.92 -53.83 -32.36
C LYS D 205 -2.24 -54.59 -33.65
N ASN D 206 -3.08 -55.63 -33.56
CA ASN D 206 -3.45 -56.38 -34.76
C ASN D 206 -4.33 -55.56 -35.69
N THR D 207 -5.34 -54.88 -35.14
CA THR D 207 -6.31 -54.15 -35.95
C THR D 207 -5.90 -52.71 -36.24
N LYS D 208 -4.90 -52.18 -35.55
CA LYS D 208 -4.44 -50.80 -35.77
C LYS D 208 -5.58 -49.80 -35.57
N LYS D 209 -6.40 -50.01 -34.55
CA LYS D 209 -7.49 -49.10 -34.20
C LYS D 209 -7.15 -48.30 -32.96
N GLY D 210 -7.65 -47.06 -32.91
CA GLY D 210 -7.31 -46.18 -31.81
C GLY D 210 -8.02 -46.54 -30.53
N LYS D 211 -9.31 -46.89 -30.61
CA LYS D 211 -10.14 -47.15 -29.44
C LYS D 211 -10.67 -48.58 -29.48
N LEU D 212 -11.01 -49.07 -28.29
CA LEU D 212 -11.65 -50.39 -28.14
C LEU D 212 -12.78 -50.26 -27.14
N PRO D 213 -13.99 -49.96 -27.60
CA PRO D 213 -15.13 -50.01 -26.69
C PRO D 213 -15.29 -51.39 -26.09
N ILE D 214 -15.68 -51.44 -24.82
CA ILE D 214 -15.96 -52.69 -24.12
C ILE D 214 -17.46 -52.75 -23.87
N VAL D 215 -18.07 -53.87 -24.28
CA VAL D 215 -19.52 -54.01 -24.20
C VAL D 215 -19.85 -55.27 -23.40
N ASP D 216 -21.06 -55.29 -22.85
CA ASP D 216 -21.57 -56.43 -22.11
C ASP D 216 -22.41 -57.32 -23.02
N GLU D 217 -22.99 -58.37 -22.44
CA GLU D 217 -23.75 -59.34 -23.24
C GLU D 217 -24.93 -58.71 -23.94
N ALA D 218 -25.47 -57.61 -23.42
CA ALA D 218 -26.57 -56.90 -24.06
C ALA D 218 -26.09 -55.89 -25.09
N GLY D 219 -24.78 -55.76 -25.28
CA GLY D 219 -24.24 -54.78 -26.21
C GLY D 219 -24.14 -53.38 -25.67
N CYS D 220 -24.32 -53.19 -24.36
CA CYS D 220 -24.20 -51.88 -23.75
C CYS D 220 -22.73 -51.56 -23.47
N LEU D 221 -22.39 -50.28 -23.60
CA LEU D 221 -21.02 -49.86 -23.34
C LEU D 221 -20.72 -49.95 -21.85
N VAL D 222 -19.53 -50.45 -21.52
CA VAL D 222 -19.06 -50.55 -20.15
C VAL D 222 -17.81 -49.71 -19.93
N SER D 223 -16.83 -49.82 -20.83
CA SER D 223 -15.61 -49.01 -20.77
C SER D 223 -15.02 -48.96 -22.17
N MET D 224 -13.86 -48.31 -22.28
CA MET D 224 -13.18 -48.19 -23.57
C MET D 224 -11.69 -48.08 -23.32
N LEU D 225 -10.91 -48.56 -24.30
CA LEU D 225 -9.46 -48.47 -24.26
C LEU D 225 -8.95 -47.51 -25.32
N SER D 226 -8.01 -46.66 -24.94
CA SER D 226 -7.29 -45.78 -25.85
C SER D 226 -5.86 -46.28 -26.03
N ARG D 227 -5.43 -46.41 -27.28
CA ARG D 227 -4.05 -46.82 -27.53
C ARG D 227 -3.06 -45.85 -26.88
N THR D 228 -3.38 -44.57 -26.88
CA THR D 228 -2.49 -43.59 -26.27
C THR D 228 -2.29 -43.91 -24.80
N ASP D 229 -3.36 -44.28 -24.10
CA ASP D 229 -3.26 -44.63 -22.69
C ASP D 229 -2.33 -45.81 -22.48
N LEU D 230 -2.38 -46.80 -23.38
CA LEU D 230 -1.51 -47.95 -23.25
C LEU D 230 -0.04 -47.54 -23.37
N MET D 231 0.25 -46.51 -24.17
CA MET D 231 1.64 -46.10 -24.34
C MET D 231 2.23 -45.68 -23.00
N LYS D 232 1.45 -44.96 -22.20
CA LYS D 232 1.85 -44.69 -20.82
C LYS D 232 1.99 -46.00 -20.08
N ASN D 233 3.12 -46.17 -19.39
CA ASN D 233 3.42 -47.43 -18.71
C ASN D 233 3.27 -47.23 -17.19
N GLN D 234 2.07 -47.48 -16.68
CA GLN D 234 1.77 -47.42 -15.26
C GLN D 234 1.26 -48.80 -14.84
N SER D 235 1.96 -49.44 -13.89
CA SER D 235 1.63 -50.80 -13.47
C SER D 235 0.95 -50.87 -12.11
N TYR D 236 1.28 -49.99 -11.18
CA TYR D 236 0.69 -49.98 -9.84
C TYR D 236 0.81 -51.33 -9.13
N PRO D 237 2.03 -51.80 -8.84
CA PRO D 237 2.19 -53.13 -8.23
C PRO D 237 1.80 -53.22 -6.76
N LEU D 238 1.52 -52.11 -6.09
CA LEU D 238 1.14 -52.13 -4.68
C LEU D 238 -0.34 -51.93 -4.44
N ALA D 239 -1.16 -52.04 -5.48
CA ALA D 239 -2.57 -51.70 -5.39
C ALA D 239 -3.26 -52.47 -4.26
N SER D 240 -4.10 -51.75 -3.53
CA SER D 240 -4.88 -52.35 -2.44
C SER D 240 -6.12 -53.01 -3.02
N LYS D 241 -6.25 -54.33 -2.82
CA LYS D 241 -7.32 -55.11 -3.42
C LYS D 241 -8.02 -55.97 -2.39
N SER D 242 -9.33 -56.16 -2.60
CA SER D 242 -10.11 -57.05 -1.76
C SER D 242 -9.59 -58.47 -1.87
N ALA D 243 -9.69 -59.21 -0.76
CA ALA D 243 -9.24 -60.59 -0.75
C ALA D 243 -10.11 -61.47 -1.65
N ASP D 244 -11.43 -61.34 -1.53
CA ASP D 244 -12.35 -62.22 -2.26
C ASP D 244 -12.41 -61.86 -3.74
N THR D 245 -12.69 -60.60 -4.06
CA THR D 245 -13.02 -60.19 -5.42
C THR D 245 -11.84 -59.61 -6.19
N LYS D 246 -10.72 -59.33 -5.53
CA LYS D 246 -9.56 -58.70 -6.18
C LYS D 246 -9.93 -57.35 -6.79
N GLN D 247 -10.96 -56.70 -6.25
CA GLN D 247 -11.30 -55.33 -6.63
C GLN D 247 -10.59 -54.35 -5.69
N LEU D 248 -10.43 -53.12 -6.17
CA LEU D 248 -9.80 -52.08 -5.35
C LEU D 248 -10.54 -51.91 -4.04
N LEU D 249 -9.78 -51.78 -2.94
CA LEU D 249 -10.39 -51.51 -1.65
C LEU D 249 -11.06 -50.15 -1.65
N CYS D 250 -12.14 -50.04 -0.88
CA CYS D 250 -12.83 -48.77 -0.72
C CYS D 250 -13.34 -48.62 0.70
N GLY D 251 -13.20 -47.41 1.23
CA GLY D 251 -13.74 -47.08 2.53
C GLY D 251 -14.75 -45.97 2.42
N ALA D 252 -15.57 -45.80 3.45
CA ALA D 252 -16.60 -44.76 3.45
C ALA D 252 -16.95 -44.41 4.88
N ALA D 253 -17.35 -43.15 5.09
CA ALA D 253 -17.72 -42.65 6.39
C ALA D 253 -19.23 -42.51 6.48
N ILE D 254 -19.78 -42.78 7.67
CA ILE D 254 -21.18 -42.51 8.00
C ILE D 254 -21.24 -41.96 9.41
N GLY D 255 -22.40 -41.39 9.75
CA GLY D 255 -22.68 -40.97 11.11
C GLY D 255 -23.35 -42.07 11.91
N THR D 256 -23.69 -41.74 13.15
CA THR D 256 -24.32 -42.68 14.06
C THR D 256 -25.84 -42.51 14.15
N ILE D 257 -26.42 -41.62 13.33
CA ILE D 257 -27.86 -41.42 13.36
C ILE D 257 -28.56 -42.63 12.74
N ASP D 258 -29.86 -42.74 13.01
CA ASP D 258 -30.61 -43.93 12.58
C ASP D 258 -30.72 -43.99 11.06
N ALA D 259 -30.88 -42.84 10.40
CA ALA D 259 -30.96 -42.81 8.94
C ALA D 259 -29.70 -43.39 8.30
N ASP D 260 -28.57 -43.35 9.00
CA ASP D 260 -27.33 -43.86 8.45
C ASP D 260 -27.25 -45.37 8.47
N ARG D 261 -28.15 -46.06 9.17
CA ARG D 261 -28.21 -47.51 9.07
C ARG D 261 -28.63 -47.94 7.66
N GLN D 262 -29.64 -47.28 7.11
CA GLN D 262 -30.03 -47.57 5.74
C GLN D 262 -29.00 -47.05 4.75
N ARG D 263 -28.34 -45.94 5.10
CA ARG D 263 -27.24 -45.46 4.27
C ARG D 263 -26.17 -46.53 4.13
N LEU D 264 -25.81 -47.19 5.24
CA LEU D 264 -24.76 -48.19 5.21
C LEU D 264 -25.17 -49.40 4.39
N ALA D 265 -26.45 -49.80 4.47
CA ALA D 265 -26.92 -50.90 3.65
C ALA D 265 -26.67 -50.64 2.18
N MET D 266 -26.92 -49.40 1.73
CA MET D 266 -26.67 -49.05 0.33
C MET D 266 -25.19 -49.09 0.00
N LEU D 267 -24.32 -48.70 0.95
CA LEU D 267 -22.89 -48.75 0.68
C LEU D 267 -22.42 -50.19 0.57
N VAL D 268 -22.83 -51.05 1.50
CA VAL D 268 -22.48 -52.47 1.45
C VAL D 268 -22.97 -53.08 0.14
N GLU D 269 -24.19 -52.71 -0.27
CA GLU D 269 -24.72 -53.23 -1.53
C GLU D 269 -23.89 -52.77 -2.72
N ALA D 270 -23.04 -51.76 -2.54
CA ALA D 270 -22.12 -51.31 -3.58
C ALA D 270 -20.73 -51.92 -3.46
N GLY D 271 -20.48 -52.77 -2.47
CA GLY D 271 -19.20 -53.45 -2.33
C GLY D 271 -18.23 -52.81 -1.35
N LEU D 272 -18.71 -51.97 -0.43
CA LEU D 272 -17.82 -51.31 0.52
C LEU D 272 -17.06 -52.33 1.37
N ASP D 273 -15.77 -52.07 1.57
CA ASP D 273 -14.92 -52.96 2.35
C ASP D 273 -14.85 -52.56 3.82
N VAL D 274 -14.75 -51.27 4.12
CA VAL D 274 -14.58 -50.81 5.50
C VAL D 274 -15.39 -49.53 5.70
N VAL D 275 -16.06 -49.43 6.84
CA VAL D 275 -16.84 -48.25 7.20
C VAL D 275 -16.18 -47.57 8.40
N VAL D 276 -16.11 -46.24 8.36
CA VAL D 276 -15.58 -45.43 9.44
C VAL D 276 -16.74 -44.69 10.10
N LEU D 277 -16.95 -44.93 11.40
CA LEU D 277 -17.99 -44.25 12.15
C LEU D 277 -17.49 -42.85 12.50
N ASP D 278 -18.13 -41.85 11.90
CA ASP D 278 -17.63 -40.47 11.89
C ASP D 278 -18.22 -39.73 13.08
N SER D 279 -17.39 -39.47 14.10
CA SER D 279 -17.87 -38.76 15.27
C SER D 279 -16.68 -38.12 16.00
N SER D 280 -16.94 -36.96 16.60
CA SER D 280 -15.93 -36.27 17.39
C SER D 280 -15.80 -36.83 18.80
N GLN D 281 -16.80 -37.55 19.28
CA GLN D 281 -16.78 -38.20 20.60
C GLN D 281 -17.46 -39.56 20.40
N GLY D 282 -16.65 -40.59 20.12
CA GLY D 282 -17.19 -41.87 19.69
C GLY D 282 -17.64 -42.77 20.81
N ASN D 283 -17.25 -42.50 22.06
CA ASN D 283 -17.60 -43.37 23.18
C ASN D 283 -19.03 -43.05 23.64
N SER D 284 -19.99 -43.47 22.83
CA SER D 284 -21.40 -43.20 23.10
C SER D 284 -22.22 -44.48 22.98
N VAL D 285 -23.34 -44.51 23.71
CA VAL D 285 -24.28 -45.62 23.59
C VAL D 285 -24.76 -45.75 22.15
N PHE D 286 -24.92 -44.61 21.46
CA PHE D 286 -25.39 -44.66 20.09
C PHE D 286 -24.38 -45.35 19.18
N GLN D 287 -23.10 -45.03 19.34
CA GLN D 287 -22.10 -45.65 18.47
C GLN D 287 -21.86 -47.11 18.85
N ILE D 288 -21.89 -47.43 20.15
CA ILE D 288 -21.73 -48.81 20.60
C ILE D 288 -22.82 -49.69 19.98
N ASN D 289 -24.08 -49.26 20.09
CA ASN D 289 -25.17 -50.00 19.46
C ASN D 289 -24.93 -50.14 17.96
N MET D 290 -24.43 -49.08 17.33
CA MET D 290 -24.17 -49.10 15.90
C MET D 290 -23.13 -50.15 15.54
N ILE D 291 -22.06 -50.24 16.35
CA ILE D 291 -21.03 -51.24 16.11
C ILE D 291 -21.61 -52.65 16.17
N LYS D 292 -22.41 -52.93 17.21
CA LYS D 292 -22.93 -54.28 17.40
C LYS D 292 -23.89 -54.67 16.30
N TRP D 293 -24.72 -53.73 15.85
CA TRP D 293 -25.65 -54.02 14.76
C TRP D 293 -24.92 -54.32 13.46
N ILE D 294 -23.82 -53.62 13.21
CA ILE D 294 -23.06 -53.84 11.98
C ILE D 294 -22.45 -55.25 11.98
N LYS D 295 -21.82 -55.63 13.09
CA LYS D 295 -21.12 -56.91 13.15
C LYS D 295 -22.07 -58.08 12.98
N GLU D 296 -23.33 -57.93 13.39
CA GLU D 296 -24.33 -58.98 13.20
C GLU D 296 -25.01 -58.92 11.84
N THR D 297 -25.17 -57.73 11.28
CA THR D 297 -25.88 -57.57 10.01
C THR D 297 -24.99 -57.78 8.79
N PHE D 298 -23.77 -57.24 8.79
CA PHE D 298 -22.88 -57.31 7.63
C PHE D 298 -21.66 -58.14 7.99
N PRO D 299 -21.68 -59.45 7.71
CA PRO D 299 -20.60 -60.32 8.24
C PRO D 299 -19.23 -60.03 7.65
N ASP D 300 -19.15 -59.46 6.45
CA ASP D 300 -17.86 -59.26 5.79
C ASP D 300 -17.36 -57.82 5.87
N LEU D 301 -17.99 -56.98 6.67
CA LEU D 301 -17.63 -55.57 6.75
C LEU D 301 -16.76 -55.29 7.97
N GLN D 302 -15.71 -54.52 7.76
CA GLN D 302 -14.82 -54.07 8.83
C GLN D 302 -15.25 -52.69 9.32
N VAL D 303 -15.18 -52.50 10.63
CA VAL D 303 -15.70 -51.28 11.28
C VAL D 303 -14.57 -50.59 12.00
N ILE D 304 -14.37 -49.31 11.70
CA ILE D 304 -13.44 -48.43 12.40
C ILE D 304 -14.26 -47.42 13.20
N ALA D 305 -14.13 -47.46 14.51
CA ALA D 305 -14.89 -46.60 15.42
C ALA D 305 -14.04 -45.43 15.92
N GLY D 306 -14.72 -44.37 16.32
CA GLY D 306 -14.04 -43.18 16.80
C GLY D 306 -14.91 -41.95 16.63
N ASN D 307 -14.34 -40.80 16.99
CA ASN D 307 -12.96 -40.66 17.48
C ASN D 307 -12.82 -40.88 18.98
N VAL D 308 -11.64 -41.33 19.38
CA VAL D 308 -11.28 -41.51 20.78
C VAL D 308 -9.93 -40.84 21.02
N VAL D 309 -9.68 -40.45 22.27
CA VAL D 309 -8.39 -39.91 22.66
C VAL D 309 -7.92 -40.49 23.99
N THR D 310 -8.71 -41.36 24.61
CA THR D 310 -8.35 -41.94 25.89
C THR D 310 -8.41 -43.46 25.84
N ARG D 311 -7.67 -44.07 26.76
CA ARG D 311 -7.69 -45.52 26.94
C ARG D 311 -9.10 -46.02 27.22
N GLU D 312 -9.84 -45.34 28.10
CA GLU D 312 -11.16 -45.81 28.48
C GLU D 312 -12.10 -45.82 27.28
N GLN D 313 -12.09 -44.75 26.48
CA GLN D 313 -12.84 -44.77 25.24
C GLN D 313 -12.46 -45.96 24.37
N ALA D 314 -11.16 -46.20 24.20
CA ALA D 314 -10.72 -47.31 23.36
C ALA D 314 -11.25 -48.63 23.90
N ALA D 315 -11.12 -48.84 25.21
CA ALA D 315 -11.58 -50.10 25.79
C ALA D 315 -13.07 -50.31 25.55
N SER D 316 -13.85 -49.23 25.65
CA SER D 316 -15.28 -49.35 25.47
C SER D 316 -15.63 -49.79 24.04
N LEU D 317 -15.03 -49.14 23.05
CA LEU D 317 -15.36 -49.44 21.67
C LEU D 317 -14.71 -50.74 21.17
N ILE D 318 -13.59 -51.16 21.77
CA ILE D 318 -13.04 -52.47 21.44
C ILE D 318 -13.96 -53.56 21.96
N HIS D 319 -14.45 -53.40 23.20
CA HIS D 319 -15.36 -54.38 23.77
C HIS D 319 -16.61 -54.55 22.91
N ALA D 320 -17.07 -53.46 22.29
CA ALA D 320 -18.25 -53.48 21.44
C ALA D 320 -18.02 -54.17 20.10
N GLY D 321 -16.77 -54.41 19.71
CA GLY D 321 -16.47 -55.14 18.50
C GLY D 321 -15.81 -54.36 17.37
N ALA D 322 -15.16 -53.24 17.65
CA ALA D 322 -14.52 -52.45 16.61
C ALA D 322 -13.34 -53.21 15.98
N ASP D 323 -13.17 -53.06 14.67
CA ASP D 323 -12.04 -53.62 13.96
C ASP D 323 -10.84 -52.68 13.91
N GLY D 324 -11.06 -51.40 14.21
CA GLY D 324 -9.99 -50.42 14.32
C GLY D 324 -10.54 -49.19 14.99
N LEU D 325 -9.62 -48.30 15.39
CA LEU D 325 -9.98 -47.06 16.07
C LEU D 325 -9.41 -45.87 15.29
N ARG D 326 -10.13 -44.76 15.35
CA ARG D 326 -9.69 -43.49 14.77
C ARG D 326 -9.42 -42.54 15.92
N ILE D 327 -8.19 -42.06 16.04
CA ILE D 327 -7.73 -41.32 17.20
C ILE D 327 -7.64 -39.84 16.85
N GLY D 328 -8.21 -38.99 17.70
CA GLY D 328 -8.09 -37.56 17.52
C GLY D 328 -9.29 -36.77 17.99
N MET D 329 -9.05 -35.70 18.73
CA MET D 329 -10.12 -34.79 19.14
C MET D 329 -9.54 -33.39 19.22
N GLY D 330 -9.87 -32.55 18.24
CA GLY D 330 -9.48 -31.16 18.26
C GLY D 330 -8.06 -30.90 17.79
N SER D 331 -7.40 -31.88 17.20
CA SER D 331 -6.04 -31.70 16.70
C SER D 331 -6.05 -31.28 15.23
N VAL D 340 -8.71 -23.73 22.12
CA VAL D 340 -9.97 -23.04 21.90
C VAL D 340 -11.12 -23.85 22.48
N MET D 341 -11.18 -25.13 22.11
CA MET D 341 -12.25 -26.02 22.61
C MET D 341 -11.91 -26.48 24.03
N ALA D 342 -12.93 -26.86 24.78
CA ALA D 342 -12.76 -27.34 26.16
C ALA D 342 -12.27 -28.78 26.23
N CYS D 343 -12.75 -29.64 25.35
CA CYS D 343 -12.59 -31.09 25.47
C CYS D 343 -11.73 -31.61 24.33
N GLY D 344 -10.73 -32.42 24.67
CA GLY D 344 -9.83 -32.98 23.66
C GLY D 344 -8.53 -33.42 24.30
N ARG D 345 -7.53 -33.64 23.43
CA ARG D 345 -6.23 -34.09 23.92
C ARG D 345 -5.15 -33.82 22.87
N PRO D 346 -3.96 -33.38 23.27
CA PRO D 346 -2.86 -33.25 22.29
C PRO D 346 -2.60 -34.56 21.59
N GLN D 347 -2.46 -34.50 20.26
CA GLN D 347 -2.55 -35.71 19.44
C GLN D 347 -1.47 -36.72 19.80
N GLY D 348 -0.24 -36.26 20.00
CA GLY D 348 0.84 -37.20 20.31
C GLY D 348 0.56 -38.01 21.55
N THR D 349 0.18 -37.34 22.64
CA THR D 349 -0.18 -38.05 23.87
C THR D 349 -1.40 -38.93 23.65
N ALA D 350 -2.35 -38.47 22.85
CA ALA D 350 -3.54 -39.27 22.56
C ALA D 350 -3.16 -40.58 21.88
N VAL D 351 -2.35 -40.50 20.83
CA VAL D 351 -1.99 -41.68 20.06
C VAL D 351 -1.27 -42.68 20.96
N TYR D 352 -0.35 -42.20 21.80
CA TYR D 352 0.47 -43.12 22.59
C TYR D 352 -0.40 -43.91 23.57
N ASN D 353 -1.27 -43.22 24.30
CA ASN D 353 -2.04 -43.89 25.36
C ASN D 353 -3.15 -44.78 24.79
N VAL D 354 -3.74 -44.41 23.67
CA VAL D 354 -4.72 -45.29 23.03
C VAL D 354 -4.01 -46.53 22.48
N THR D 355 -2.97 -46.34 21.66
CA THR D 355 -2.36 -47.49 21.00
C THR D 355 -1.68 -48.40 22.02
N GLN D 356 -1.11 -47.82 23.08
CA GLN D 356 -0.51 -48.62 24.14
C GLN D 356 -1.50 -49.65 24.66
N PHE D 357 -2.78 -49.29 24.75
CA PHE D 357 -3.84 -50.22 25.16
C PHE D 357 -4.37 -51.03 23.98
N ALA D 358 -4.69 -50.37 22.87
CA ALA D 358 -5.38 -51.04 21.78
C ALA D 358 -4.49 -52.05 21.04
N ASN D 359 -3.18 -51.78 20.94
CA ASN D 359 -2.30 -52.73 20.26
C ASN D 359 -2.20 -54.05 21.00
N GLN D 360 -2.49 -54.08 22.31
CA GLN D 360 -2.53 -55.35 23.02
C GLN D 360 -3.67 -56.25 22.55
N PHE D 361 -4.71 -55.66 21.96
CA PHE D 361 -5.85 -56.41 21.45
C PHE D 361 -5.82 -56.56 19.94
N GLY D 362 -4.73 -56.15 19.29
CA GLY D 362 -4.63 -56.27 17.85
C GLY D 362 -5.57 -55.38 17.08
N VAL D 363 -5.99 -54.27 17.66
CA VAL D 363 -6.89 -53.32 17.01
C VAL D 363 -6.06 -52.17 16.43
N PRO D 364 -5.82 -52.14 15.12
CA PRO D 364 -5.02 -51.05 14.56
C PRO D 364 -5.72 -49.71 14.71
N CYS D 365 -4.93 -48.65 14.85
CA CYS D 365 -5.44 -47.31 15.09
C CYS D 365 -4.96 -46.34 14.01
N ILE D 366 -5.88 -45.53 13.51
CA ILE D 366 -5.55 -44.42 12.63
C ILE D 366 -5.25 -43.20 13.48
N ALA D 367 -4.16 -42.50 13.16
CA ALA D 367 -3.84 -41.21 13.74
C ALA D 367 -4.40 -40.13 12.83
N ASP D 368 -5.43 -39.44 13.29
CA ASP D 368 -6.17 -38.48 12.47
C ASP D 368 -5.98 -37.08 13.06
N GLY D 369 -5.37 -36.19 12.29
CA GLY D 369 -5.26 -34.80 12.69
C GLY D 369 -3.83 -34.38 12.95
N GLY D 370 -3.48 -33.18 12.49
CA GLY D 370 -2.16 -32.65 12.75
C GLY D 370 -1.06 -33.25 11.91
N VAL D 371 -1.39 -33.84 10.76
CA VAL D 371 -0.41 -34.42 9.86
C VAL D 371 -0.25 -33.48 8.67
N GLN D 372 0.98 -33.00 8.47
CA GLN D 372 1.26 -32.04 7.42
C GLN D 372 2.47 -32.41 6.58
N ASN D 373 3.30 -33.35 7.01
CA ASN D 373 4.53 -33.67 6.31
C ASN D 373 5.02 -35.05 6.76
N ILE D 374 6.11 -35.50 6.14
CA ILE D 374 6.66 -36.81 6.41
C ILE D 374 7.04 -36.96 7.87
N GLY D 375 7.45 -35.86 8.50
CA GLY D 375 7.86 -35.93 9.91
C GLY D 375 6.72 -36.28 10.84
N HIS D 376 5.54 -35.70 10.61
CA HIS D 376 4.38 -36.05 11.42
C HIS D 376 3.99 -37.51 11.21
N ILE D 377 4.13 -38.02 9.98
CA ILE D 377 3.78 -39.41 9.70
C ILE D 377 4.66 -40.35 10.52
N THR D 378 5.98 -40.13 10.46
CA THR D 378 6.92 -40.98 11.19
C THR D 378 6.65 -40.97 12.68
N LYS D 379 6.41 -39.79 13.25
CA LYS D 379 6.22 -39.69 14.69
C LYS D 379 4.90 -40.33 15.11
N ALA D 380 3.84 -40.13 14.33
CA ALA D 380 2.57 -40.81 14.61
C ALA D 380 2.78 -42.32 14.71
N ILE D 381 3.45 -42.90 13.71
CA ILE D 381 3.70 -44.34 13.71
C ILE D 381 4.62 -44.72 14.87
N ALA D 382 5.64 -43.91 15.13
CA ALA D 382 6.57 -44.18 16.22
C ALA D 382 5.84 -44.31 17.57
N LEU D 383 4.79 -43.50 17.77
CA LEU D 383 4.07 -43.52 19.03
C LEU D 383 3.02 -44.62 19.11
N GLY D 384 2.81 -45.40 18.05
CA GLY D 384 1.91 -46.54 18.12
C GLY D 384 0.86 -46.64 17.04
N ALA D 385 0.74 -45.62 16.20
CA ALA D 385 -0.23 -45.65 15.12
C ALA D 385 0.13 -46.70 14.08
N SER D 386 -0.88 -47.39 13.56
CA SER D 386 -0.69 -48.32 12.45
C SER D 386 -0.80 -47.61 11.10
N THR D 387 -1.69 -46.63 10.99
CA THR D 387 -1.86 -45.85 9.78
C THR D 387 -2.08 -44.40 10.19
N VAL D 388 -1.98 -43.51 9.22
CA VAL D 388 -2.16 -42.08 9.47
C VAL D 388 -3.11 -41.53 8.42
N MET D 389 -4.03 -40.68 8.86
CA MET D 389 -5.03 -40.08 7.98
C MET D 389 -4.54 -38.72 7.51
N MET D 390 -4.85 -38.39 6.27
CA MET D 390 -4.38 -37.16 5.65
CA MET D 390 -4.38 -37.17 5.63
C MET D 390 -5.56 -36.43 5.02
N GLY D 391 -5.67 -35.14 5.32
CA GLY D 391 -6.74 -34.33 4.79
C GLY D 391 -6.23 -33.10 4.07
N GLY D 392 -5.93 -32.05 4.85
CA GLY D 392 -5.51 -30.78 4.26
C GLY D 392 -4.34 -30.94 3.29
N MET D 393 -3.37 -31.79 3.62
CA MET D 393 -2.21 -31.92 2.76
C MET D 393 -2.54 -32.63 1.45
N LEU D 394 -3.68 -33.32 1.37
CA LEU D 394 -4.13 -33.89 0.11
C LEU D 394 -5.10 -33.00 -0.65
N ALA D 395 -5.78 -32.09 0.04
CA ALA D 395 -6.63 -31.13 -0.64
C ALA D 395 -5.81 -30.32 -1.63
N GLY D 396 -6.41 -29.98 -2.77
CA GLY D 396 -5.74 -29.27 -3.82
C GLY D 396 -5.03 -30.14 -4.83
N THR D 397 -4.82 -31.41 -4.53
CA THR D 397 -4.24 -32.33 -5.49
C THR D 397 -5.21 -32.55 -6.65
N THR D 398 -4.66 -33.09 -7.75
CA THR D 398 -5.47 -33.28 -8.96
C THR D 398 -6.65 -34.20 -8.69
N GLU D 399 -6.46 -35.24 -7.89
CA GLU D 399 -7.50 -36.23 -7.66
C GLU D 399 -8.50 -35.82 -6.58
N SER D 400 -8.30 -34.68 -5.93
CA SER D 400 -9.27 -34.18 -4.97
C SER D 400 -10.41 -33.47 -5.70
N PRO D 401 -11.60 -33.40 -5.10
CA PRO D 401 -12.75 -32.73 -5.73
C PRO D 401 -12.45 -31.30 -6.18
N ILE D 456 -3.05 -24.35 -2.57
CA ILE D 456 -3.81 -25.01 -3.62
C ILE D 456 -2.90 -25.44 -4.80
N ASP D 457 -3.46 -26.04 -5.85
CA ASP D 457 -2.67 -26.45 -7.02
C ASP D 457 -1.43 -27.32 -6.67
N LYS D 458 -1.60 -28.45 -5.95
CA LYS D 458 -0.47 -29.37 -5.51
C LYS D 458 -0.04 -30.55 -6.44
N GLY D 459 -0.62 -30.69 -7.65
CA GLY D 459 -0.29 -31.77 -8.56
C GLY D 459 -0.99 -33.09 -8.22
N SER D 460 -0.65 -34.14 -8.97
CA SER D 460 -1.25 -35.45 -8.80
C SER D 460 -0.64 -36.16 -7.61
N ILE D 461 -1.48 -36.92 -6.88
CA ILE D 461 -0.96 -37.77 -5.82
C ILE D 461 -0.16 -38.94 -6.37
N LYS D 462 -0.22 -39.17 -7.69
CA LYS D 462 0.62 -40.19 -8.30
C LYS D 462 2.10 -39.88 -8.12
N LYS D 463 2.44 -38.60 -8.00
CA LYS D 463 3.79 -38.20 -7.61
C LYS D 463 3.92 -38.04 -6.09
N TYR D 464 2.88 -37.52 -5.45
CA TYR D 464 3.00 -37.12 -4.05
C TYR D 464 3.09 -38.32 -3.11
N ILE D 465 2.29 -39.36 -3.34
CA ILE D 465 2.23 -40.49 -2.42
C ILE D 465 3.55 -41.26 -2.50
N PRO D 466 4.11 -41.51 -3.70
CA PRO D 466 5.46 -42.10 -3.74
C PRO D 466 6.51 -41.24 -3.07
N TYR D 467 6.45 -39.92 -3.23
CA TYR D 467 7.36 -39.04 -2.52
C TYR D 467 7.28 -39.26 -1.01
N LEU D 468 6.05 -39.33 -0.48
CA LEU D 468 5.87 -39.63 0.94
C LEU D 468 6.29 -41.05 1.26
N TYR D 469 6.03 -41.98 0.34
CA TYR D 469 6.44 -43.37 0.54
C TYR D 469 7.96 -43.47 0.66
N ASN D 470 8.67 -42.86 -0.29
CA ASN D 470 10.13 -42.87 -0.24
C ASN D 470 10.65 -42.14 1.00
N GLY D 471 10.00 -41.03 1.37
CA GLY D 471 10.42 -40.30 2.55
C GLY D 471 10.30 -41.10 3.82
N LEU D 472 9.25 -41.92 3.93
CA LEU D 472 9.09 -42.74 5.12
C LEU D 472 10.10 -43.87 5.15
N GLN D 473 10.49 -44.38 3.98
CA GLN D 473 11.54 -45.38 3.92
C GLN D 473 12.86 -44.83 4.45
N HIS D 474 13.23 -43.62 4.03
CA HIS D 474 14.48 -43.03 4.47
C HIS D 474 14.48 -42.77 5.98
N SER D 475 13.37 -42.25 6.50
CA SER D 475 13.29 -41.98 7.93
C SER D 475 13.38 -43.28 8.73
N CYS D 476 12.77 -44.36 8.23
CA CYS D 476 12.96 -45.67 8.86
C CYS D 476 14.42 -46.10 8.79
N GLN D 477 15.09 -45.81 7.67
CA GLN D 477 16.50 -46.15 7.54
C GLN D 477 17.34 -45.40 8.55
N ASP D 478 17.12 -44.07 8.67
CA ASP D 478 17.87 -43.29 9.65
C ASP D 478 17.69 -43.86 11.05
N ILE D 479 16.48 -44.30 11.37
CA ILE D 479 16.21 -44.86 12.69
C ILE D 479 16.79 -46.27 12.82
N GLY D 480 16.95 -46.98 11.71
CA GLY D 480 17.56 -48.29 11.71
C GLY D 480 16.60 -49.47 11.75
N VAL D 481 15.41 -49.35 11.18
CA VAL D 481 14.41 -50.41 11.20
C VAL D 481 14.00 -50.73 9.77
N ARG D 482 13.84 -52.02 9.50
CA ARG D 482 13.59 -52.52 8.14
C ARG D 482 12.12 -52.54 7.76
N SER D 483 11.21 -52.33 8.72
CA SER D 483 9.78 -52.34 8.42
C SER D 483 9.04 -51.64 9.54
N LEU D 484 7.76 -51.32 9.28
CA LEU D 484 6.93 -50.71 10.31
C LEU D 484 6.63 -51.69 11.43
N VAL D 485 6.50 -52.98 11.13
CA VAL D 485 6.40 -53.98 12.18
C VAL D 485 7.61 -53.92 13.09
N GLU D 486 8.81 -53.89 12.49
CA GLU D 486 10.03 -53.79 13.28
C GLU D 486 10.10 -52.48 14.04
N PHE D 487 9.69 -51.39 13.40
CA PHE D 487 9.66 -50.10 14.07
C PHE D 487 8.86 -50.19 15.37
N ARG D 488 7.67 -50.78 15.30
CA ARG D 488 6.81 -50.92 16.49
C ARG D 488 7.51 -51.73 17.57
N GLU D 489 8.14 -52.84 17.19
CA GLU D 489 8.77 -53.71 18.19
C GLU D 489 9.92 -53.01 18.88
N LYS D 490 10.71 -52.26 18.14
CA LYS D 490 11.91 -51.64 18.70
C LYS D 490 11.54 -50.48 19.61
N VAL D 491 10.51 -49.71 19.25
CA VAL D 491 10.03 -48.66 20.14
C VAL D 491 9.57 -49.26 21.47
N ASP D 492 8.70 -50.27 21.40
CA ASP D 492 8.10 -50.84 22.60
C ASP D 492 9.12 -51.57 23.47
N SER D 493 10.23 -52.02 22.90
CA SER D 493 11.29 -52.61 23.71
C SER D 493 12.25 -51.59 24.29
N GLY D 494 12.19 -50.34 23.85
CA GLY D 494 13.14 -49.33 24.32
C GLY D 494 14.38 -49.19 23.48
N SER D 495 14.45 -49.86 22.33
CA SER D 495 15.60 -49.73 21.45
C SER D 495 15.60 -48.41 20.70
N VAL D 496 14.43 -47.97 20.24
CA VAL D 496 14.30 -46.64 19.62
C VAL D 496 14.19 -45.60 20.73
N ARG D 497 14.93 -44.49 20.56
CA ARG D 497 15.05 -43.47 21.59
C ARG D 497 14.53 -42.13 21.09
N PHE D 498 14.09 -41.29 22.03
CA PHE D 498 13.46 -40.02 21.71
C PHE D 498 14.10 -38.89 22.52
N GLU D 499 13.87 -37.67 22.07
CA GLU D 499 14.34 -36.47 22.76
C GLU D 499 13.23 -35.43 22.73
N PHE D 500 12.86 -34.90 23.89
CA PHE D 500 11.89 -33.82 23.96
C PHE D 500 12.53 -32.51 23.50
N ARG D 501 11.77 -31.70 22.78
CA ARG D 501 12.25 -30.45 22.21
C ARG D 501 11.73 -29.28 23.02
N THR D 502 12.62 -28.40 23.44
CA THR D 502 12.20 -27.14 24.03
C THR D 502 11.78 -26.20 22.90
N PRO D 503 10.97 -25.18 23.21
CA PRO D 503 10.58 -24.22 22.16
C PRO D 503 11.74 -23.68 21.35
N SER D 504 12.90 -23.44 21.96
CA SER D 504 14.04 -22.93 21.20
C SER D 504 14.51 -23.96 20.19
N ALA D 505 14.47 -25.25 20.56
CA ALA D 505 14.87 -26.30 19.62
C ALA D 505 13.98 -26.31 18.39
N GLN D 506 12.67 -26.13 18.58
CA GLN D 506 11.76 -26.12 17.43
C GLN D 506 12.10 -25.00 16.47
N LEU D 507 12.41 -23.81 16.99
CA LEU D 507 12.76 -22.70 16.10
C LEU D 507 14.08 -22.94 15.38
N GLU D 508 15.01 -23.64 16.01
CA GLU D 508 16.29 -23.97 15.39
C GLU D 508 16.07 -24.66 14.04
N ARG E 5 -19.85 63.67 -20.68
CA ARG E 5 -21.22 63.69 -21.18
C ARG E 5 -22.23 63.64 -20.03
N ASP E 6 -23.35 64.31 -20.20
CA ASP E 6 -24.41 64.27 -19.20
C ASP E 6 -24.99 62.86 -19.12
N ALA E 7 -25.28 62.41 -17.90
CA ALA E 7 -25.74 61.04 -17.70
C ALA E 7 -27.08 60.79 -18.42
N ALA E 8 -27.93 61.81 -18.50
CA ALA E 8 -29.24 61.64 -19.12
C ALA E 8 -29.15 61.23 -20.58
N THR E 9 -28.00 61.38 -21.21
CA THR E 9 -27.83 61.07 -22.63
C THR E 9 -27.32 59.66 -22.88
N ALA E 10 -27.27 58.82 -21.85
CA ALA E 10 -26.70 57.49 -22.01
C ALA E 10 -27.50 56.66 -23.01
N LEU E 11 -28.82 56.59 -22.82
CA LEU E 11 -29.65 55.79 -23.71
C LEU E 11 -29.66 56.36 -25.12
N GLU E 12 -29.72 57.69 -25.25
CA GLU E 12 -29.65 58.32 -26.57
C GLU E 12 -28.33 57.99 -27.25
N HIS E 13 -27.25 57.90 -26.47
CA HIS E 13 -25.92 57.67 -27.03
C HIS E 13 -25.81 56.30 -27.68
N LEU E 14 -26.61 55.32 -27.24
CA LEU E 14 -26.56 53.99 -27.84
C LEU E 14 -26.78 54.05 -29.35
N ALA E 15 -27.61 54.99 -29.80
CA ALA E 15 -27.86 55.13 -31.24
C ALA E 15 -26.59 55.50 -32.00
N THR E 16 -25.64 56.16 -31.34
CA THR E 16 -24.42 56.59 -32.02
C THR E 16 -23.63 55.40 -32.55
N TYR E 17 -23.68 54.27 -31.86
CA TYR E 17 -22.95 53.09 -32.31
C TYR E 17 -23.65 52.46 -33.51
N ALA E 18 -22.86 51.94 -34.45
CA ALA E 18 -23.44 51.34 -35.65
C ALA E 18 -24.16 50.03 -35.35
N GLU E 19 -23.67 49.25 -34.39
CA GLU E 19 -24.27 47.97 -34.04
C GLU E 19 -24.43 47.86 -32.53
N LYS E 20 -25.31 46.95 -32.13
CA LYS E 20 -25.48 46.63 -30.73
C LYS E 20 -24.26 45.84 -30.23
N ASP E 21 -23.99 45.95 -28.93
CA ASP E 21 -22.85 45.26 -28.35
C ASP E 21 -22.98 43.76 -28.58
N GLY E 22 -21.92 43.15 -29.10
CA GLY E 22 -21.91 41.72 -29.38
C GLY E 22 -22.17 41.40 -30.84
N LEU E 23 -22.35 40.12 -31.10
CA LEU E 23 -22.59 39.61 -32.45
C LEU E 23 -23.99 39.03 -32.55
N SER E 24 -24.57 39.14 -33.74
CA SER E 24 -25.82 38.46 -34.03
C SER E 24 -25.57 36.97 -34.26
N VAL E 25 -26.65 36.20 -34.27
CA VAL E 25 -26.52 34.77 -34.50
C VAL E 25 -25.89 34.51 -35.87
N GLU E 26 -26.22 35.35 -36.84
CA GLU E 26 -25.64 35.23 -38.19
C GLU E 26 -24.13 35.46 -38.16
N GLN E 27 -23.70 36.50 -37.44
CA GLN E 27 -22.27 36.81 -37.38
C GLN E 27 -21.50 35.72 -36.63
N LEU E 28 -22.07 35.19 -35.55
CA LEU E 28 -21.40 34.16 -34.78
C LEU E 28 -21.12 32.93 -35.63
N MET E 29 -22.12 32.46 -36.38
CA MET E 29 -22.02 31.22 -37.15
C MET E 29 -21.50 31.44 -38.55
N ASP E 30 -20.49 32.29 -38.74
CA ASP E 30 -19.82 32.42 -40.02
C ASP E 30 -18.91 31.21 -40.20
N SER E 31 -19.27 30.32 -41.13
CA SER E 31 -18.47 29.11 -41.35
C SER E 31 -17.03 29.48 -41.73
N LYS E 32 -16.87 30.48 -42.60
CA LYS E 32 -15.54 30.83 -43.08
C LYS E 32 -14.71 31.53 -42.02
N THR E 33 -15.33 32.47 -41.29
CA THR E 33 -14.57 33.26 -40.31
C THR E 33 -13.98 32.37 -39.22
N ARG E 34 -14.80 31.49 -38.66
CA ARG E 34 -14.34 30.61 -37.59
C ARG E 34 -14.94 29.22 -37.73
N GLY E 36 -17.20 25.88 -37.27
CA GLY E 36 -17.55 24.62 -36.63
C GLY E 36 -17.66 24.76 -35.12
N LEU E 37 -18.74 25.38 -34.67
CA LEU E 37 -18.92 25.68 -33.26
C LEU E 37 -19.85 24.66 -32.59
N THR E 38 -19.68 24.54 -31.28
CA THR E 38 -20.55 23.75 -30.42
C THR E 38 -21.13 24.65 -29.34
N TYR E 39 -22.02 24.09 -28.53
CA TYR E 39 -22.72 24.88 -27.52
C TYR E 39 -21.74 25.52 -26.55
N ASN E 40 -20.66 24.80 -26.22
CA ASN E 40 -19.69 25.31 -25.25
C ASN E 40 -18.92 26.51 -25.78
N ASP E 41 -18.75 26.61 -27.11
CA ASP E 41 -17.84 27.60 -27.68
C ASP E 41 -18.32 29.04 -27.53
N PHE E 42 -19.60 29.26 -27.23
CA PHE E 42 -20.14 30.61 -27.22
C PHE E 42 -21.03 30.82 -26.00
N LEU E 43 -21.40 32.08 -25.79
CA LEU E 43 -22.29 32.49 -24.72
C LEU E 43 -23.34 33.43 -25.28
N VAL E 44 -24.42 33.60 -24.53
CA VAL E 44 -25.49 34.53 -24.87
C VAL E 44 -25.35 35.75 -23.98
N LEU E 45 -25.33 36.94 -24.59
CA LEU E 45 -25.16 38.14 -23.81
C LEU E 45 -26.46 38.52 -23.10
N PRO E 46 -26.37 39.11 -21.90
CA PRO E 46 -27.58 39.43 -21.15
C PRO E 46 -28.30 40.67 -21.68
N GLY E 47 -29.61 40.68 -21.47
CA GLY E 47 -30.44 41.80 -21.88
C GLY E 47 -30.96 42.60 -20.70
N LYS E 48 -32.24 42.96 -20.74
CA LYS E 48 -32.88 43.72 -19.67
C LYS E 48 -33.99 42.90 -19.05
N ILE E 49 -34.06 42.92 -17.71
CA ILE E 49 -35.09 42.23 -16.96
C ILE E 49 -36.17 43.23 -16.60
N ASP E 50 -37.42 42.93 -16.98
CA ASP E 50 -38.55 43.74 -16.55
C ASP E 50 -39.74 42.86 -16.18
N PHE E 51 -39.47 41.66 -15.67
CA PHE E 51 -40.52 40.72 -15.31
C PHE E 51 -39.91 39.62 -14.45
N PRO E 52 -40.71 38.97 -13.62
CA PRO E 52 -40.21 37.82 -12.85
C PRO E 52 -40.05 36.59 -13.74
N SER E 53 -39.19 35.69 -13.29
CA SER E 53 -38.93 34.47 -14.04
C SER E 53 -40.18 33.59 -14.14
N SER E 54 -41.05 33.65 -13.14
CA SER E 54 -42.26 32.82 -13.14
C SER E 54 -43.16 33.09 -14.34
N GLU E 55 -42.99 34.21 -15.03
CA GLU E 55 -43.89 34.61 -16.11
C GLU E 55 -43.45 34.12 -17.48
N VAL E 56 -42.37 33.35 -17.58
CA VAL E 56 -41.86 32.93 -18.88
C VAL E 56 -42.64 31.71 -19.36
N VAL E 57 -43.04 31.73 -20.62
CA VAL E 57 -43.84 30.68 -21.24
C VAL E 57 -42.92 29.87 -22.15
N LEU E 58 -42.83 28.56 -21.90
CA LEU E 58 -41.91 27.67 -22.61
C LEU E 58 -42.63 26.76 -23.60
N SER E 59 -43.66 27.29 -24.26
CA SER E 59 -44.39 26.53 -25.26
C SER E 59 -43.52 26.29 -26.49
N SER E 60 -43.38 25.02 -26.87
CA SER E 60 -42.56 24.64 -28.01
C SER E 60 -43.32 23.70 -28.94
N ARG E 61 -43.02 23.81 -30.23
CA ARG E 61 -43.65 22.99 -31.26
C ARG E 61 -42.82 21.74 -31.50
N LEU E 62 -43.40 20.57 -31.26
CA LEU E 62 -42.73 19.32 -31.61
C LEU E 62 -42.92 18.97 -33.07
N THR E 63 -44.15 19.10 -33.58
CA THR E 63 -44.46 18.87 -34.99
C THR E 63 -45.34 20.01 -35.48
N LYS E 64 -45.73 19.96 -36.75
CA LYS E 64 -46.58 21.01 -37.30
C LYS E 64 -47.86 21.14 -36.48
N LYS E 65 -48.47 20.02 -36.12
CA LYS E 65 -49.75 20.02 -35.39
C LYS E 65 -49.59 19.95 -33.88
N ILE E 66 -48.47 19.43 -33.37
CA ILE E 66 -48.29 19.19 -31.94
C ILE E 66 -47.47 20.32 -31.33
N THR E 67 -47.96 20.85 -30.21
CA THR E 67 -47.24 21.85 -29.42
C THR E 67 -47.19 21.38 -27.97
N LEU E 68 -46.08 21.69 -27.29
CA LEU E 68 -45.87 21.26 -25.92
C LEU E 68 -45.52 22.47 -25.06
N ASN E 69 -45.71 22.31 -23.75
CA ASN E 69 -45.46 23.39 -22.79
C ASN E 69 -44.01 23.46 -22.31
N ALA E 70 -43.29 22.34 -22.36
CA ALA E 70 -41.91 22.26 -21.88
C ALA E 70 -41.08 21.58 -22.95
N PRO E 71 -40.07 22.24 -23.53
CA PRO E 71 -39.35 21.65 -24.67
C PRO E 71 -38.37 20.54 -24.31
N PHE E 72 -38.79 19.62 -23.44
CA PHE E 72 -37.95 18.52 -23.00
C PHE E 72 -38.45 17.22 -23.60
N VAL E 73 -37.57 16.50 -24.29
CA VAL E 73 -37.91 15.24 -24.94
C VAL E 73 -36.89 14.17 -24.55
N SER E 74 -37.39 12.98 -24.25
CA SER E 74 -36.54 11.86 -23.87
C SER E 74 -36.17 11.02 -25.09
N SER E 75 -34.91 10.57 -25.12
CA SER E 75 -34.42 9.82 -26.26
C SER E 75 -35.02 8.40 -26.25
N PRO E 76 -35.25 7.82 -27.44
CA PRO E 76 -35.72 6.42 -27.51
C PRO E 76 -34.59 5.40 -27.36
N MET E 77 -34.00 5.38 -26.17
CA MET E 77 -32.93 4.45 -25.85
C MET E 77 -33.43 3.45 -24.81
N ASP E 78 -32.95 2.21 -24.93
CA ASP E 78 -33.35 1.17 -23.99
C ASP E 78 -32.97 1.50 -22.56
N THR E 79 -32.07 2.46 -22.36
CA THR E 79 -31.66 2.86 -21.02
C THR E 79 -32.35 4.14 -20.54
N VAL E 80 -33.25 4.71 -21.33
CA VAL E 80 -33.88 5.98 -20.98
C VAL E 80 -35.40 5.87 -20.96
N THR E 81 -36.00 5.65 -22.13
CA THR E 81 -37.43 5.83 -22.30
C THR E 81 -38.15 4.49 -22.49
N GLU E 82 -38.88 4.07 -21.47
CA GLU E 82 -39.92 3.06 -21.59
C GLU E 82 -41.25 3.71 -21.19
N ALA E 83 -42.30 2.88 -21.11
CA ALA E 83 -43.62 3.41 -20.77
C ALA E 83 -43.59 4.25 -19.51
N ASP E 84 -42.84 3.82 -18.49
CA ASP E 84 -42.76 4.59 -17.25
C ASP E 84 -42.23 5.99 -17.52
N MET E 85 -41.10 6.09 -18.22
CA MET E 85 -40.52 7.39 -18.53
C MET E 85 -41.48 8.23 -19.38
N ALA E 86 -42.05 7.63 -20.42
CA ALA E 86 -42.91 8.37 -21.32
C ALA E 86 -44.12 8.95 -20.61
N ILE E 87 -44.72 8.19 -19.69
CA ILE E 87 -45.88 8.69 -18.97
C ILE E 87 -45.53 9.94 -18.18
N HIS E 88 -44.45 9.86 -17.38
CA HIS E 88 -44.08 10.98 -16.53
C HIS E 88 -43.66 12.19 -17.37
N MET E 89 -42.89 11.95 -18.44
CA MET E 89 -42.48 13.06 -19.30
C MET E 89 -43.71 13.80 -19.84
N ALA E 90 -44.72 13.04 -20.29
CA ALA E 90 -45.96 13.66 -20.74
C ALA E 90 -46.60 14.46 -19.61
N LEU E 91 -46.63 13.89 -18.41
CA LEU E 91 -47.27 14.56 -17.28
C LEU E 91 -46.59 15.89 -16.96
N LEU E 92 -45.32 16.04 -17.32
CA LEU E 92 -44.55 17.24 -17.01
C LEU E 92 -44.45 18.21 -18.18
N GLY E 93 -45.18 17.96 -19.26
CA GLY E 93 -45.18 18.85 -20.41
C GLY E 93 -44.28 18.43 -21.55
N GLY E 94 -43.39 17.46 -21.33
CA GLY E 94 -42.50 16.99 -22.36
C GLY E 94 -43.12 15.88 -23.20
N ILE E 95 -42.35 15.42 -24.17
CA ILE E 95 -42.76 14.34 -25.08
C ILE E 95 -41.80 13.17 -24.87
N GLY E 96 -42.36 11.97 -24.66
CA GLY E 96 -41.56 10.77 -24.50
C GLY E 96 -41.65 9.89 -25.74
N ILE E 97 -40.49 9.38 -26.16
CA ILE E 97 -40.38 8.54 -27.35
C ILE E 97 -39.88 7.16 -26.93
N ILE E 98 -40.75 6.15 -27.07
CA ILE E 98 -40.37 4.78 -26.72
C ILE E 98 -39.30 4.28 -27.70
N HIS E 99 -38.35 3.51 -27.18
CA HIS E 99 -37.26 2.98 -27.97
C HIS E 99 -37.69 1.76 -28.81
N HIS E 100 -36.83 1.38 -29.76
CA HIS E 100 -37.11 0.32 -30.71
C HIS E 100 -36.18 -0.88 -30.53
N ASN E 101 -35.51 -0.98 -29.39
CA ASN E 101 -34.70 -2.14 -29.05
C ASN E 101 -35.56 -3.21 -28.37
N CYS E 102 -36.54 -3.71 -29.11
CA CYS E 102 -37.49 -4.70 -28.59
C CYS E 102 -38.30 -5.24 -29.76
N THR E 103 -39.25 -6.11 -29.43
CA THR E 103 -40.10 -6.74 -30.44
C THR E 103 -41.28 -5.84 -30.77
N ALA E 104 -41.90 -6.11 -31.92
CA ALA E 104 -43.04 -5.33 -32.36
C ALA E 104 -44.18 -5.38 -31.35
N GLU E 105 -44.51 -6.58 -30.87
CA GLU E 105 -45.57 -6.71 -29.86
C GLU E 105 -45.23 -5.94 -28.59
N GLU E 106 -43.99 -6.07 -28.11
CA GLU E 106 -43.60 -5.41 -26.87
C GLU E 106 -43.74 -3.89 -26.99
N GLN E 107 -43.24 -3.31 -28.08
CA GLN E 107 -43.33 -1.86 -28.24
C GLN E 107 -44.78 -1.40 -28.31
N ALA E 108 -45.62 -2.14 -29.05
CA ALA E 108 -47.03 -1.79 -29.14
C ALA E 108 -47.70 -1.78 -27.77
N GLU E 109 -47.36 -2.76 -26.93
CA GLU E 109 -47.94 -2.80 -25.58
C GLU E 109 -47.56 -1.55 -24.80
N MET E 110 -46.29 -1.13 -24.89
CA MET E 110 -45.85 0.07 -24.17
C MET E 110 -46.63 1.29 -24.61
N VAL E 111 -46.84 1.46 -25.92
CA VAL E 111 -47.65 2.58 -26.40
C VAL E 111 -49.03 2.51 -25.78
N ARG E 112 -49.67 1.34 -25.85
CA ARG E 112 -51.00 1.19 -25.28
C ARG E 112 -51.02 1.56 -23.81
N ARG E 113 -49.98 1.17 -23.07
CA ARG E 113 -49.91 1.51 -21.65
C ARG E 113 -49.92 3.02 -21.45
N VAL E 114 -49.14 3.76 -22.24
CA VAL E 114 -49.11 5.22 -22.10
C VAL E 114 -50.48 5.80 -22.37
N LYS E 115 -51.10 5.39 -23.48
CA LYS E 115 -52.40 5.93 -23.88
C LYS E 115 -53.48 5.45 -22.91
N TYR E 117 -54.35 5.01 -19.27
CA TYR E 117 -53.46 5.43 -18.20
C TYR E 117 -53.88 6.77 -17.62
N GLU E 118 -55.05 6.80 -16.99
CA GLU E 118 -55.53 8.02 -16.36
C GLU E 118 -54.65 8.36 -15.15
N ASN E 119 -54.32 9.64 -15.02
CA ASN E 119 -53.56 10.09 -13.87
C ASN E 119 -54.35 9.82 -12.59
N GLY E 120 -53.67 9.35 -11.56
CA GLY E 120 -54.25 9.19 -10.25
C GLY E 120 -54.92 7.85 -9.98
N PHE E 121 -55.05 6.98 -10.99
CA PHE E 121 -55.63 5.66 -10.82
C PHE E 121 -54.54 4.61 -10.88
N ILE E 122 -54.80 3.47 -10.24
CA ILE E 122 -53.82 2.38 -10.22
C ILE E 122 -53.77 1.72 -11.60
N ASN E 123 -52.58 1.23 -11.95
CA ASN E 123 -52.37 0.60 -13.24
C ASN E 123 -51.63 -0.73 -13.08
N VAL E 127 -53.94 -7.21 -7.06
CA VAL E 127 -55.25 -7.82 -6.94
C VAL E 127 -55.11 -9.35 -6.93
N VAL E 128 -56.03 -10.02 -6.24
CA VAL E 128 -55.98 -11.48 -6.13
C VAL E 128 -57.38 -12.00 -5.80
N GLY E 129 -57.53 -13.33 -5.83
CA GLY E 129 -58.77 -13.96 -5.47
C GLY E 129 -58.58 -14.89 -4.28
N PRO E 130 -59.58 -15.73 -4.00
CA PRO E 130 -59.46 -16.70 -2.90
C PRO E 130 -58.24 -17.60 -3.03
N VAL E 134 -54.52 -16.11 2.03
CA VAL E 134 -54.29 -15.26 3.19
C VAL E 134 -52.74 -15.15 3.45
N ALA E 135 -52.07 -16.26 3.84
CA ALA E 135 -50.58 -16.15 4.06
C ALA E 135 -49.90 -15.72 2.70
N ASP E 136 -50.32 -16.32 1.57
CA ASP E 136 -49.76 -15.86 0.26
C ASP E 136 -50.07 -14.32 0.08
N VAL E 137 -51.28 -13.85 0.43
CA VAL E 137 -51.56 -12.38 0.29
C VAL E 137 -50.51 -11.56 1.13
N ARG E 138 -50.21 -11.95 2.38
CA ARG E 138 -49.18 -11.19 3.17
C ARG E 138 -47.78 -11.22 2.43
N ARG E 139 -47.37 -12.40 1.89
CA ARG E 139 -46.06 -12.42 1.16
C ARG E 139 -46.09 -11.40 -0.05
N MET E 140 -47.19 -11.38 -0.83
CA MET E 140 -47.27 -10.39 -1.98
C MET E 140 -47.21 -8.91 -1.43
N LYS E 141 -47.87 -8.59 -0.30
CA LYS E 141 -47.77 -7.20 0.24
C LYS E 141 -46.26 -6.90 0.53
N ASN E 142 -45.52 -7.83 1.17
CA ASN E 142 -44.06 -7.53 1.38
C ASN E 142 -43.32 -7.30 -0.01
N GLU E 143 -43.58 -8.15 -1.03
CA GLU E 143 -42.88 -7.95 -2.35
C GLU E 143 -43.29 -6.60 -3.04
N PHE E 144 -44.60 -6.45 -3.23
CA PHE E 144 -45.14 -5.26 -3.90
C PHE E 144 -45.12 -4.05 -3.00
N GLY E 145 -45.40 -4.24 -1.71
CA GLY E 145 -45.36 -3.14 -0.76
C GLY E 145 -46.65 -2.36 -0.64
N PHE E 146 -47.77 -2.90 -1.12
CA PHE E 146 -49.01 -2.14 -1.24
C PHE E 146 -50.23 -2.87 -0.68
N ALA E 147 -50.03 -3.99 0.01
CA ALA E 147 -51.12 -4.78 0.58
C ALA E 147 -52.36 -4.80 -0.32
N PHE E 149 -55.75 -5.39 -2.01
CA PHE E 149 -56.00 -6.36 -3.08
C PHE E 149 -57.50 -6.67 -3.13
N PRO E 150 -58.19 -6.24 -4.20
CA PRO E 150 -59.61 -6.56 -4.33
C PRO E 150 -59.85 -7.94 -4.95
N VAL E 151 -60.91 -8.61 -4.47
CA VAL E 151 -61.33 -9.88 -5.03
C VAL E 151 -62.14 -9.63 -6.29
N THR E 152 -61.92 -10.45 -7.31
CA THR E 152 -62.57 -10.27 -8.61
C THR E 152 -63.41 -11.47 -9.03
N ASP E 153 -63.76 -12.34 -8.09
CA ASP E 153 -64.57 -13.52 -8.40
C ASP E 153 -63.99 -14.32 -9.56
N ILE E 164 -62.88 -7.04 -0.99
CA ILE E 164 -61.59 -6.39 -0.83
C ILE E 164 -60.92 -6.86 0.47
N ILE E 165 -59.60 -6.96 0.45
CA ILE E 165 -58.81 -7.35 1.61
C ILE E 165 -57.59 -6.45 1.70
N THR E 166 -57.30 -5.96 2.90
CA THR E 166 -56.21 -5.01 3.11
C THR E 166 -55.35 -5.49 4.28
N SER E 167 -54.30 -4.72 4.58
CA SER E 167 -53.37 -5.11 5.64
C SER E 167 -54.08 -5.23 6.99
N ARG E 168 -54.97 -4.29 7.30
CA ARG E 168 -55.64 -4.34 8.60
C ARG E 168 -56.32 -5.69 8.82
N ASP E 169 -56.82 -6.31 7.75
CA ASP E 169 -57.50 -7.59 7.90
C ASP E 169 -56.51 -8.72 8.20
N ILE E 170 -55.27 -8.59 7.74
CA ILE E 170 -54.27 -9.66 7.83
C ILE E 170 -53.19 -9.34 8.85
N GLN E 171 -53.30 -8.23 9.57
CA GLN E 171 -52.23 -7.83 10.47
C GLN E 171 -52.00 -8.87 11.55
N PHE E 172 -53.08 -9.29 12.22
CA PHE E 172 -52.98 -10.24 13.31
C PHE E 172 -53.63 -11.55 12.90
N VAL E 173 -53.28 -12.03 11.71
CA VAL E 173 -53.92 -13.20 11.11
C VAL E 173 -53.44 -14.47 11.79
N GLU E 174 -54.01 -14.77 12.96
CA GLU E 174 -53.78 -16.07 13.57
C GLU E 174 -54.51 -17.14 12.78
N ASP E 175 -54.02 -18.36 12.88
CA ASP E 175 -54.48 -19.45 12.01
C ASP E 175 -54.45 -18.97 10.56
N GLU E 176 -53.23 -18.92 10.04
CA GLU E 176 -53.03 -18.46 8.67
C GLU E 176 -53.40 -19.56 7.68
N THR E 177 -53.42 -19.20 6.40
CA THR E 177 -53.70 -20.16 5.34
C THR E 177 -55.10 -20.76 5.56
N LEU E 178 -56.05 -19.89 5.88
CA LEU E 178 -57.44 -20.25 6.09
C LEU E 178 -58.25 -19.97 4.84
N LEU E 179 -59.51 -20.37 4.87
CA LEU E 179 -60.39 -20.18 3.73
C LEU E 179 -60.67 -18.69 3.57
N VAL E 180 -60.04 -18.08 2.57
CA VAL E 180 -60.16 -16.65 2.32
C VAL E 180 -61.61 -16.28 2.06
N ILE E 183 -62.16 -13.38 5.67
CA ILE E 183 -61.27 -12.32 6.13
C ILE E 183 -61.48 -11.07 5.30
N MET E 184 -61.70 -11.25 4.01
CA MET E 184 -61.92 -10.11 3.12
C MET E 184 -63.23 -9.41 3.45
N THR E 185 -63.31 -8.15 3.03
CA THR E 185 -64.52 -7.35 3.23
C THR E 185 -65.49 -7.64 2.09
N LYS E 186 -66.65 -8.20 2.42
CA LYS E 186 -67.60 -8.63 1.39
C LYS E 186 -68.19 -7.44 0.65
N ASP E 187 -68.97 -6.62 1.35
CA ASP E 187 -69.67 -5.49 0.72
C ASP E 187 -68.64 -4.43 0.36
N VAL E 188 -68.21 -4.42 -0.90
CA VAL E 188 -67.20 -3.49 -1.37
C VAL E 188 -67.88 -2.20 -1.81
N ILE E 189 -67.50 -1.09 -1.19
CA ILE E 189 -68.00 0.22 -1.62
C ILE E 189 -67.35 0.60 -2.94
N THR E 190 -68.16 1.12 -3.86
CA THR E 190 -67.66 1.50 -5.17
C THR E 190 -68.21 2.88 -5.57
N LYS E 192 -68.73 4.13 -10.19
CA LYS E 192 -68.51 3.16 -11.26
C LYS E 192 -67.54 3.73 -12.29
N GLN E 193 -67.31 2.98 -13.38
CA GLN E 193 -66.38 3.43 -14.41
C GLN E 193 -66.74 4.83 -14.89
N GLY E 194 -65.73 5.71 -14.92
CA GLY E 194 -65.92 7.06 -15.41
C GLY E 194 -66.01 8.16 -14.37
N ILE E 195 -65.59 7.89 -13.13
CA ILE E 195 -65.63 8.93 -12.11
C ILE E 195 -64.52 9.94 -12.37
N ASN E 196 -64.75 11.18 -11.98
CA ASN E 196 -63.67 12.14 -11.92
C ASN E 196 -62.88 11.93 -10.63
N LEU E 197 -61.63 12.37 -10.64
CA LEU E 197 -60.77 12.14 -9.48
C LEU E 197 -61.28 12.83 -8.24
N GLU E 198 -61.92 13.99 -8.39
CA GLU E 198 -62.39 14.74 -7.24
C GLU E 198 -63.58 14.06 -6.58
N GLU E 199 -64.53 13.56 -7.39
CA GLU E 199 -65.67 12.85 -6.84
C GLU E 199 -65.23 11.63 -6.05
N ALA E 200 -64.32 10.83 -6.62
CA ALA E 200 -63.77 9.70 -5.88
C ALA E 200 -63.11 10.16 -4.59
N ASN E 201 -62.34 11.24 -4.67
CA ASN E 201 -61.67 11.76 -3.48
C ASN E 201 -62.68 12.07 -2.38
N GLN E 202 -63.79 12.71 -2.74
CA GLN E 202 -64.83 13.00 -1.76
C GLN E 202 -65.37 11.72 -1.13
N ILE E 203 -65.59 10.68 -1.95
CA ILE E 203 -66.11 9.42 -1.43
C ILE E 203 -65.17 8.86 -0.36
N LEU E 204 -63.87 8.86 -0.63
CA LEU E 204 -62.92 8.31 0.33
C LEU E 204 -62.96 9.06 1.65
N LYS E 205 -62.97 10.39 1.59
CA LYS E 205 -63.04 11.18 2.81
C LYS E 205 -64.33 10.91 3.57
N ASN E 206 -65.44 10.76 2.85
CA ASN E 206 -66.72 10.53 3.50
C ASN E 206 -66.77 9.16 4.17
N THR E 207 -66.32 8.12 3.46
CA THR E 207 -66.36 6.75 3.97
C THR E 207 -65.13 6.38 4.78
N LYS E 208 -64.07 7.19 4.75
CA LYS E 208 -62.84 6.91 5.48
C LYS E 208 -62.26 5.56 5.05
N LYS E 209 -62.47 5.19 3.79
CA LYS E 209 -61.98 3.93 3.25
C LYS E 209 -60.64 4.14 2.55
N GLY E 210 -59.83 3.09 2.52
CA GLY E 210 -58.50 3.17 1.94
C GLY E 210 -58.49 3.11 0.43
N LYS E 211 -59.24 2.17 -0.14
CA LYS E 211 -59.24 1.95 -1.59
C LYS E 211 -60.63 2.20 -2.15
N LEU E 212 -60.69 2.41 -3.47
CA LEU E 212 -61.94 2.59 -4.18
C LEU E 212 -61.86 1.85 -5.51
N PRO E 213 -62.34 0.62 -5.57
CA PRO E 213 -62.25 -0.13 -6.83
C PRO E 213 -63.27 0.37 -7.84
N ILE E 214 -62.84 0.45 -9.10
CA ILE E 214 -63.67 0.96 -10.19
C ILE E 214 -63.83 -0.14 -11.22
N VAL E 215 -65.08 -0.43 -11.59
CA VAL E 215 -65.35 -1.46 -12.58
C VAL E 215 -66.84 -1.48 -12.93
N ASP E 216 -67.18 -2.17 -14.01
CA ASP E 216 -68.57 -2.36 -14.42
C ASP E 216 -68.67 -3.66 -15.20
N GLU E 217 -69.77 -4.38 -15.01
CA GLU E 217 -70.00 -5.64 -15.70
C GLU E 217 -68.81 -6.59 -15.52
N MET E 224 -58.81 1.33 -9.80
CA MET E 224 -58.89 1.58 -8.37
C MET E 224 -58.03 2.77 -7.97
N LEU E 225 -58.39 3.43 -6.87
CA LEU E 225 -57.67 4.60 -6.38
C LEU E 225 -57.27 4.37 -4.93
N SER E 226 -56.13 4.96 -4.56
CA SER E 226 -55.59 4.85 -3.21
C SER E 226 -55.62 6.22 -2.55
N ARG E 227 -56.02 6.26 -1.28
CA ARG E 227 -56.29 7.52 -0.59
C ARG E 227 -55.04 8.34 -0.33
N THR E 228 -53.85 7.74 -0.38
CA THR E 228 -52.64 8.49 -0.08
C THR E 228 -52.53 9.74 -0.95
N ASP E 229 -52.78 9.59 -2.25
CA ASP E 229 -52.71 10.71 -3.17
C ASP E 229 -54.08 10.99 -3.78
N TYR E 236 -50.30 18.31 -11.97
CA TYR E 236 -49.89 18.12 -13.36
C TYR E 236 -50.68 19.04 -14.30
N PRO E 237 -50.57 20.35 -14.09
CA PRO E 237 -51.37 21.28 -14.90
C PRO E 237 -50.93 21.39 -16.35
N LEU E 238 -49.66 21.11 -16.67
CA LEU E 238 -49.13 21.28 -18.01
C LEU E 238 -48.90 19.97 -18.74
N ALA E 239 -49.61 18.90 -18.36
CA ALA E 239 -49.39 17.61 -19.00
C ALA E 239 -49.79 17.67 -20.47
N SER E 240 -49.06 16.91 -21.29
CA SER E 240 -49.29 16.89 -22.73
C SER E 240 -50.34 15.84 -23.08
N LYS E 241 -51.40 16.26 -23.74
CA LYS E 241 -52.46 15.37 -24.18
C LYS E 241 -53.04 15.90 -25.49
N SER E 242 -53.48 14.99 -26.34
CA SER E 242 -54.14 15.40 -27.57
C SER E 242 -55.44 16.15 -27.23
N ALA E 243 -55.76 17.14 -28.06
CA ALA E 243 -56.90 18.01 -27.77
C ALA E 243 -58.19 17.21 -27.64
N ASP E 244 -58.49 16.38 -28.63
CA ASP E 244 -59.67 15.52 -28.61
C ASP E 244 -59.23 14.09 -28.29
N THR E 245 -60.13 13.35 -27.64
CA THR E 245 -59.79 12.04 -27.08
C THR E 245 -58.54 12.17 -26.23
N LYS E 246 -58.67 12.99 -25.17
CA LYS E 246 -57.52 13.52 -24.46
C LYS E 246 -56.80 12.47 -23.61
N GLN E 247 -56.07 11.57 -24.25
CA GLN E 247 -55.14 10.70 -23.56
C GLN E 247 -53.73 11.26 -23.68
N LEU E 248 -52.86 10.85 -22.75
CA LEU E 248 -51.50 11.37 -22.74
C LEU E 248 -50.83 11.13 -24.09
N LEU E 249 -50.02 12.09 -24.50
CA LEU E 249 -49.28 11.95 -25.76
C LEU E 249 -48.22 10.86 -25.62
N CYS E 250 -47.92 10.22 -26.74
CA CYS E 250 -46.90 9.18 -26.77
C CYS E 250 -46.21 9.19 -28.12
N GLY E 251 -44.92 8.88 -28.10
CA GLY E 251 -44.15 8.74 -29.32
C GLY E 251 -43.31 7.48 -29.27
N ALA E 252 -42.77 7.11 -30.42
CA ALA E 252 -42.03 5.86 -30.55
C ALA E 252 -41.11 5.94 -31.76
N ALA E 253 -40.09 5.10 -31.75
CA ALA E 253 -39.13 5.00 -32.83
C ALA E 253 -39.33 3.71 -33.60
N ILE E 254 -39.10 3.77 -34.90
CA ILE E 254 -39.22 2.59 -35.76
C ILE E 254 -38.02 2.51 -36.70
N THR E 256 -35.62 1.98 -41.06
CA THR E 256 -36.82 2.30 -41.83
C THR E 256 -37.15 1.18 -42.80
N ASP E 260 -39.40 -1.54 -41.47
CA ASP E 260 -40.48 -2.27 -40.78
C ASP E 260 -41.75 -1.43 -40.84
N ARG E 261 -42.49 -1.58 -41.94
CA ARG E 261 -43.75 -0.84 -42.11
C ARG E 261 -44.86 -1.45 -41.28
N GLN E 262 -44.93 -2.79 -41.22
CA GLN E 262 -45.97 -3.45 -40.45
C GLN E 262 -45.87 -3.12 -38.96
N ARG E 263 -44.65 -2.99 -38.45
CA ARG E 263 -44.48 -2.68 -37.03
C ARG E 263 -45.16 -1.38 -36.66
N LEU E 264 -45.07 -0.37 -37.53
CA LEU E 264 -45.69 0.93 -37.23
C LEU E 264 -47.21 0.81 -37.13
N ALA E 265 -47.83 0.03 -38.02
CA ALA E 265 -49.27 -0.15 -37.97
C ALA E 265 -49.73 -0.65 -36.61
N MET E 266 -48.98 -1.58 -36.01
CA MET E 266 -49.33 -2.06 -34.68
C MET E 266 -49.25 -0.93 -33.67
N LEU E 267 -48.25 -0.06 -33.79
CA LEU E 267 -48.12 1.06 -32.86
C LEU E 267 -49.29 2.04 -32.99
N VAL E 268 -49.72 2.32 -34.22
CA VAL E 268 -50.87 3.20 -34.43
C VAL E 268 -52.12 2.62 -33.78
N GLU E 269 -52.33 1.31 -33.94
CA GLU E 269 -53.49 0.68 -33.31
C GLU E 269 -53.50 0.89 -31.81
N ALA E 270 -52.32 1.04 -31.21
CA ALA E 270 -52.21 1.32 -29.78
C ALA E 270 -52.44 2.79 -29.45
N GLY E 271 -52.65 3.63 -30.46
CA GLY E 271 -52.90 5.04 -30.23
C GLY E 271 -51.69 5.94 -30.33
N LEU E 272 -50.63 5.51 -31.01
CA LEU E 272 -49.43 6.33 -31.13
C LEU E 272 -49.76 7.66 -31.78
N ASP E 273 -49.17 8.74 -31.25
CA ASP E 273 -49.42 10.09 -31.71
C ASP E 273 -48.34 10.63 -32.63
N VAL E 274 -47.08 10.30 -32.38
CA VAL E 274 -45.96 10.80 -33.17
C VAL E 274 -44.93 9.68 -33.31
N VAL E 275 -44.36 9.56 -34.50
CA VAL E 275 -43.34 8.55 -34.80
C VAL E 275 -42.06 9.26 -35.20
N VAL E 276 -40.93 8.72 -34.72
CA VAL E 276 -39.61 9.21 -35.08
C VAL E 276 -38.92 8.14 -35.91
N LEU E 277 -38.54 8.50 -37.14
CA LEU E 277 -37.81 7.58 -38.01
C LEU E 277 -36.35 7.58 -37.59
N ASP E 278 -35.89 6.45 -37.06
CA ASP E 278 -34.53 6.35 -36.53
C ASP E 278 -33.53 6.01 -37.64
N SER E 280 -28.88 7.02 -38.70
CA SER E 280 -27.71 7.88 -38.53
C SER E 280 -27.67 8.94 -39.63
N GLN E 281 -28.16 8.58 -40.82
CA GLN E 281 -28.26 9.51 -41.94
C GLN E 281 -29.66 9.36 -42.52
N GLY E 282 -30.47 10.40 -42.42
CA GLY E 282 -31.88 10.34 -42.75
C GLY E 282 -32.22 10.58 -44.20
N ASN E 283 -31.35 11.29 -44.92
CA ASN E 283 -31.60 11.64 -46.32
C ASN E 283 -31.23 10.44 -47.20
N SER E 284 -32.12 9.47 -47.23
CA SER E 284 -31.96 8.27 -48.04
C SER E 284 -33.25 8.00 -48.82
N VAL E 285 -33.10 7.29 -49.93
CA VAL E 285 -34.26 6.94 -50.75
C VAL E 285 -35.26 6.14 -49.92
N PHE E 286 -34.78 5.14 -49.19
CA PHE E 286 -35.68 4.30 -48.41
C PHE E 286 -36.47 5.11 -47.40
N GLN E 287 -35.79 6.02 -46.68
CA GLN E 287 -36.50 6.81 -45.67
C GLN E 287 -37.53 7.74 -46.32
N ILE E 288 -37.20 8.33 -47.47
CA ILE E 288 -38.17 9.17 -48.16
C ILE E 288 -39.42 8.36 -48.48
N ASN E 289 -39.23 7.14 -49.00
CA ASN E 289 -40.37 6.26 -49.28
C ASN E 289 -41.17 6.01 -48.02
N MET E 290 -40.50 5.82 -46.89
CA MET E 290 -41.20 5.61 -45.63
C MET E 290 -42.08 6.80 -45.27
N ILE E 291 -41.55 8.02 -45.37
CA ILE E 291 -42.33 9.20 -45.02
C ILE E 291 -43.59 9.27 -45.86
N LYS E 292 -43.45 9.09 -47.17
CA LYS E 292 -44.61 9.20 -48.06
C LYS E 292 -45.65 8.12 -47.74
N TRP E 293 -45.20 6.89 -47.49
CA TRP E 293 -46.14 5.82 -47.16
C TRP E 293 -46.90 6.14 -45.88
N ILE E 294 -46.23 6.69 -44.88
CA ILE E 294 -46.89 7.03 -43.63
C ILE E 294 -47.94 8.12 -43.88
N LYS E 295 -47.56 9.19 -44.56
CA LYS E 295 -48.48 10.31 -44.76
C LYS E 295 -49.73 9.87 -45.48
N GLU E 296 -49.60 9.01 -46.49
CA GLU E 296 -50.77 8.54 -47.21
C GLU E 296 -51.54 7.51 -46.39
N THR E 297 -50.82 6.64 -45.68
CA THR E 297 -51.47 5.59 -44.92
C THR E 297 -52.09 6.14 -43.64
N PHE E 298 -51.36 7.00 -42.91
CA PHE E 298 -51.79 7.53 -41.62
C PHE E 298 -51.80 9.05 -41.66
N PRO E 299 -52.92 9.69 -42.00
CA PRO E 299 -52.92 11.15 -42.06
C PRO E 299 -52.78 11.81 -40.69
N ASP E 300 -53.31 11.18 -39.64
CA ASP E 300 -53.32 11.79 -38.31
C ASP E 300 -52.00 11.60 -37.57
N LEU E 301 -51.19 10.64 -38.01
CA LEU E 301 -49.91 10.38 -37.34
C LEU E 301 -48.94 11.56 -37.72
N GLN E 302 -48.09 12.05 -36.79
CA GLN E 302 -47.10 13.16 -37.02
C GLN E 302 -45.74 12.40 -37.19
N VAL E 303 -44.94 12.65 -38.25
CA VAL E 303 -43.63 11.98 -38.55
C VAL E 303 -42.50 12.95 -38.36
N ILE E 304 -41.49 12.56 -37.59
CA ILE E 304 -40.34 13.44 -37.41
C ILE E 304 -39.15 12.80 -38.19
N ALA E 305 -38.59 13.49 -39.18
CA ALA E 305 -37.44 12.93 -39.93
C ALA E 305 -36.16 12.93 -39.02
N GLY E 306 -35.15 12.06 -39.27
CA GLY E 306 -33.90 11.95 -38.48
C GLY E 306 -32.65 11.30 -39.14
N ASN E 307 -31.49 11.23 -38.43
CA ASN E 307 -30.75 12.44 -37.99
C ASN E 307 -30.27 13.26 -39.24
N VAL E 308 -30.40 14.61 -39.25
CA VAL E 308 -29.95 15.53 -40.34
C VAL E 308 -29.08 16.70 -39.82
N VAL E 309 -27.98 16.99 -40.50
CA VAL E 309 -27.10 18.11 -40.08
C VAL E 309 -26.79 19.15 -41.21
N THR E 310 -27.44 19.02 -42.38
CA THR E 310 -27.18 19.95 -43.46
C THR E 310 -28.47 20.51 -44.04
N ARG E 311 -28.36 21.69 -44.66
CA ARG E 311 -29.51 22.34 -45.26
C ARG E 311 -30.12 21.48 -46.37
N GLU E 312 -29.28 20.86 -47.19
CA GLU E 312 -29.81 20.05 -48.30
C GLU E 312 -30.63 18.89 -47.78
N GLN E 313 -30.17 18.25 -46.70
CA GLN E 313 -30.93 17.16 -46.11
C GLN E 313 -32.27 17.64 -45.61
N ALA E 314 -32.31 18.80 -44.93
CA ALA E 314 -33.56 19.32 -44.41
C ALA E 314 -34.57 19.51 -45.53
N ALA E 315 -34.15 20.12 -46.64
CA ALA E 315 -35.06 20.32 -47.76
C ALA E 315 -35.60 19.00 -48.28
N SER E 316 -34.74 17.98 -48.38
CA SER E 316 -35.16 16.70 -48.93
C SER E 316 -36.26 16.06 -48.10
N LEU E 317 -36.10 16.05 -46.78
CA LEU E 317 -37.09 15.41 -45.91
C LEU E 317 -38.32 16.28 -45.72
N ILE E 318 -38.19 17.60 -45.81
CA ILE E 318 -39.35 18.47 -45.77
C ILE E 318 -40.19 18.28 -47.02
N HIS E 319 -39.54 18.24 -48.19
CA HIS E 319 -40.24 17.96 -49.44
C HIS E 319 -40.93 16.61 -49.40
N ALA E 320 -40.36 15.64 -48.69
CA ALA E 320 -40.96 14.32 -48.59
C ALA E 320 -42.22 14.31 -47.72
N GLY E 321 -42.41 15.34 -46.90
CA GLY E 321 -43.60 15.46 -46.08
C GLY E 321 -43.34 15.28 -44.60
N ALA E 322 -42.13 15.59 -44.16
CA ALA E 322 -41.79 15.46 -42.76
C ALA E 322 -42.51 16.52 -41.94
N ASP E 323 -42.99 16.12 -40.76
CA ASP E 323 -43.61 17.06 -39.83
C ASP E 323 -42.61 17.67 -38.85
N GLY E 324 -41.43 17.07 -38.75
CA GLY E 324 -40.38 17.60 -37.90
C GLY E 324 -39.07 16.93 -38.23
N LEU E 325 -37.98 17.57 -37.78
CA LEU E 325 -36.64 17.08 -38.07
C LEU E 325 -35.87 16.86 -36.78
N ARG E 326 -34.98 15.88 -36.82
CA ARG E 326 -34.08 15.56 -35.72
C ARG E 326 -32.66 15.86 -36.17
N ILE E 327 -31.99 16.79 -35.49
CA ILE E 327 -30.67 17.25 -35.90
C ILE E 327 -29.61 16.56 -35.05
N GLY E 328 -28.40 16.47 -35.60
CA GLY E 328 -27.28 15.90 -34.88
C GLY E 328 -26.70 14.65 -35.50
N MET E 329 -25.38 14.56 -35.54
CA MET E 329 -24.70 13.40 -36.10
C MET E 329 -23.29 13.25 -35.53
N GLY E 344 -20.02 13.49 -39.98
CA GLY E 344 -20.76 14.20 -38.96
C GLY E 344 -20.64 15.70 -39.07
N ARG E 345 -21.16 16.41 -38.06
CA ARG E 345 -21.08 17.86 -38.03
C ARG E 345 -21.20 18.36 -36.60
N PRO E 346 -20.44 19.39 -36.21
CA PRO E 346 -20.62 19.97 -34.88
C PRO E 346 -22.07 20.36 -34.64
N GLN E 347 -22.59 19.99 -33.46
CA GLN E 347 -24.01 20.18 -33.17
C GLN E 347 -24.43 21.63 -33.29
N GLY E 348 -23.62 22.54 -32.76
CA GLY E 348 -23.98 23.96 -32.83
C GLY E 348 -24.21 24.42 -34.25
N THR E 349 -23.26 24.12 -35.13
CA THR E 349 -23.39 24.52 -36.53
C THR E 349 -24.58 23.83 -37.18
N ALA E 350 -24.79 22.55 -36.87
CA ALA E 350 -25.87 21.80 -37.51
C ALA E 350 -27.23 22.40 -37.17
N VAL E 351 -27.46 22.77 -35.91
CA VAL E 351 -28.76 23.30 -35.51
C VAL E 351 -29.06 24.60 -36.26
N TYR E 352 -28.10 25.53 -36.26
CA TYR E 352 -28.36 26.85 -36.83
C TYR E 352 -28.69 26.75 -38.32
N ASN E 353 -27.87 26.01 -39.07
CA ASN E 353 -28.07 25.95 -40.52
C ASN E 353 -29.34 25.19 -40.89
N VAL E 354 -29.63 24.09 -40.19
CA VAL E 354 -30.85 23.34 -40.45
C VAL E 354 -32.08 24.16 -40.10
N THR E 355 -32.11 24.72 -38.88
CA THR E 355 -33.28 25.47 -38.43
C THR E 355 -33.48 26.73 -39.25
N GLN E 356 -32.39 27.40 -39.63
CA GLN E 356 -32.50 28.58 -40.50
C GLN E 356 -33.35 28.27 -41.72
N PHE E 357 -33.15 27.10 -42.31
CA PHE E 357 -33.92 26.68 -43.47
C PHE E 357 -35.29 26.15 -43.07
N ALA E 358 -35.34 25.29 -42.06
CA ALA E 358 -36.56 24.55 -41.75
C ALA E 358 -37.61 25.45 -41.11
N ASN E 359 -37.20 26.38 -40.24
CA ASN E 359 -38.17 27.23 -39.57
C ASN E 359 -38.97 28.06 -40.55
N GLN E 360 -38.41 28.34 -41.73
CA GLN E 360 -39.14 29.05 -42.77
C GLN E 360 -40.35 28.27 -43.26
N PHE E 361 -40.33 26.94 -43.10
CA PHE E 361 -41.44 26.09 -43.49
C PHE E 361 -42.29 25.65 -42.30
N GLY E 362 -42.03 26.21 -41.11
CA GLY E 362 -42.77 25.82 -39.93
C GLY E 362 -42.54 24.39 -39.50
N VAL E 363 -41.37 23.82 -39.83
CA VAL E 363 -41.04 22.45 -39.46
C VAL E 363 -40.19 22.50 -38.20
N PRO E 364 -40.73 22.18 -37.02
CA PRO E 364 -39.91 22.23 -35.81
C PRO E 364 -38.82 21.17 -35.83
N CYS E 365 -37.72 21.49 -35.15
CA CYS E 365 -36.54 20.63 -35.13
C CYS E 365 -36.12 20.36 -33.69
N ILE E 366 -35.65 19.15 -33.45
CA ILE E 366 -35.17 18.73 -32.13
C ILE E 366 -33.65 18.64 -32.17
N ALA E 367 -33.01 19.18 -31.14
CA ALA E 367 -31.55 19.15 -31.02
C ALA E 367 -31.15 17.86 -30.31
N ASP E 368 -30.53 16.94 -31.05
CA ASP E 368 -30.13 15.64 -30.52
C ASP E 368 -28.61 15.61 -30.40
N GLY E 369 -28.14 15.21 -29.22
CA GLY E 369 -26.71 15.04 -28.98
C GLY E 369 -26.03 16.25 -28.40
N GLY E 370 -25.39 16.08 -27.24
CA GLY E 370 -24.62 17.15 -26.64
C GLY E 370 -25.35 18.00 -25.63
N VAL E 371 -26.47 17.53 -25.11
CA VAL E 371 -27.25 18.27 -24.11
C VAL E 371 -27.00 17.62 -22.75
N GLN E 372 -26.43 18.39 -21.82
CA GLN E 372 -26.14 17.85 -20.50
C GLN E 372 -26.31 18.86 -19.37
N ASN E 373 -27.09 19.92 -19.57
CA ASN E 373 -27.37 20.88 -18.50
C ASN E 373 -28.25 21.98 -19.07
N ILE E 374 -28.75 22.83 -18.18
CA ILE E 374 -29.62 23.93 -18.61
C ILE E 374 -28.88 24.82 -19.59
N GLY E 375 -27.57 25.00 -19.39
CA GLY E 375 -26.81 25.88 -20.27
C GLY E 375 -26.85 25.41 -21.72
N HIS E 376 -26.62 24.12 -21.95
CA HIS E 376 -26.69 23.59 -23.31
C HIS E 376 -28.08 23.78 -23.90
N ILE E 377 -29.13 23.56 -23.10
CA ILE E 377 -30.50 23.71 -23.58
C ILE E 377 -30.73 25.12 -24.11
N THR E 378 -30.32 26.13 -23.36
CA THR E 378 -30.54 27.51 -23.79
C THR E 378 -29.88 27.78 -25.13
N LYS E 379 -28.63 27.33 -25.30
CA LYS E 379 -27.93 27.59 -26.56
C LYS E 379 -28.61 26.89 -27.73
N ALA E 380 -29.15 25.69 -27.51
CA ALA E 380 -29.81 24.96 -28.58
C ALA E 380 -31.05 25.71 -29.08
N ILE E 381 -31.91 26.15 -28.15
CA ILE E 381 -33.09 26.91 -28.54
C ILE E 381 -32.70 28.17 -29.29
N ALA E 382 -31.66 28.88 -28.80
CA ALA E 382 -31.26 30.13 -29.42
C ALA E 382 -30.85 29.93 -30.87
N LEU E 383 -30.20 28.80 -31.17
CA LEU E 383 -29.74 28.54 -32.53
C LEU E 383 -30.88 28.18 -33.47
N GLY E 384 -32.06 27.86 -32.95
CA GLY E 384 -33.22 27.62 -33.79
C GLY E 384 -34.02 26.40 -33.42
N ALA E 385 -33.52 25.60 -32.48
CA ALA E 385 -34.22 24.38 -32.09
C ALA E 385 -35.52 24.72 -31.37
N SER E 386 -36.58 23.98 -31.72
CA SER E 386 -37.86 24.13 -31.02
C SER E 386 -37.87 23.33 -29.73
N THR E 387 -37.31 22.13 -29.76
CA THR E 387 -37.19 21.26 -28.60
C THR E 387 -35.81 20.64 -28.59
N VAL E 388 -35.47 19.99 -27.48
CA VAL E 388 -34.16 19.40 -27.28
C VAL E 388 -34.35 17.95 -26.87
N MET E 389 -33.38 17.10 -27.21
CA MET E 389 -33.50 15.69 -26.85
C MET E 389 -32.55 15.46 -25.63
N MET E 390 -33.02 14.82 -24.53
CA MET E 390 -32.28 14.60 -23.25
C MET E 390 -32.00 13.13 -22.93
N GLY E 391 -31.82 12.23 -23.90
CA GLY E 391 -31.66 10.83 -23.56
C GLY E 391 -30.46 10.47 -22.63
N GLY E 392 -29.27 11.02 -22.90
CA GLY E 392 -28.11 10.69 -22.07
C GLY E 392 -28.25 11.17 -20.58
N MET E 393 -28.68 12.44 -20.35
CA MET E 393 -28.85 12.96 -18.94
C MET E 393 -30.02 12.25 -18.14
N LEU E 394 -31.15 11.93 -18.80
CA LEU E 394 -32.30 11.30 -18.06
C LEU E 394 -31.86 9.94 -17.43
N ALA E 395 -31.00 9.20 -18.13
CA ALA E 395 -30.62 7.87 -17.56
C ALA E 395 -30.22 7.99 -16.09
N GLY E 396 -30.59 6.97 -15.34
CA GLY E 396 -30.39 6.87 -13.92
C GLY E 396 -31.54 7.38 -13.07
N THR E 397 -32.44 8.17 -13.66
CA THR E 397 -33.60 8.65 -12.93
C THR E 397 -34.52 7.49 -12.56
N THR E 398 -35.45 7.75 -11.65
CA THR E 398 -36.33 6.70 -11.15
C THR E 398 -37.17 6.10 -12.28
N GLU E 399 -37.66 6.95 -13.19
CA GLU E 399 -38.55 6.49 -14.24
C GLU E 399 -37.82 5.85 -15.41
N SER E 400 -36.50 5.94 -15.46
CA SER E 400 -35.77 5.32 -16.56
C SER E 400 -35.64 3.82 -16.30
N PRO E 401 -35.66 3.00 -17.37
CA PRO E 401 -35.51 1.55 -17.23
C PRO E 401 -34.28 1.15 -16.42
N LYS E 458 -30.74 9.46 -9.99
CA LYS E 458 -30.77 10.88 -9.63
C LYS E 458 -32.20 11.32 -9.28
N GLY E 459 -32.89 10.49 -8.52
CA GLY E 459 -34.25 10.79 -8.12
C GLY E 459 -35.25 10.58 -9.23
N SER E 460 -36.51 10.84 -8.90
CA SER E 460 -37.58 10.75 -9.88
C SER E 460 -37.42 11.85 -10.93
N ILE E 461 -37.74 11.51 -12.18
CA ILE E 461 -37.74 12.51 -13.25
C ILE E 461 -38.75 13.61 -12.97
N LYS E 462 -39.76 13.32 -12.15
CA LYS E 462 -40.76 14.33 -11.83
C LYS E 462 -40.15 15.49 -11.04
N LYS E 463 -39.04 15.26 -10.35
CA LYS E 463 -38.33 16.34 -9.69
C LYS E 463 -37.34 17.01 -10.64
N TYR E 464 -36.73 16.23 -11.54
CA TYR E 464 -35.66 16.77 -12.38
C TYR E 464 -36.21 17.71 -13.44
N ILE E 465 -37.35 17.37 -14.05
CA ILE E 465 -37.92 18.23 -15.09
C ILE E 465 -38.27 19.61 -14.54
N PRO E 466 -39.02 19.74 -13.45
CA PRO E 466 -39.23 21.08 -12.86
C PRO E 466 -37.96 21.86 -12.63
N TYR E 467 -36.88 21.20 -12.20
CA TYR E 467 -35.61 21.91 -12.03
C TYR E 467 -35.16 22.53 -13.34
N LEU E 468 -35.25 21.77 -14.44
CA LEU E 468 -34.92 22.32 -15.75
C LEU E 468 -35.88 23.44 -16.13
N TYR E 469 -37.16 23.27 -15.81
CA TYR E 469 -38.15 24.29 -16.15
C TYR E 469 -37.80 25.62 -15.50
N ASN E 470 -37.46 25.60 -14.20
CA ASN E 470 -37.06 26.82 -13.52
C ASN E 470 -35.77 27.38 -14.09
N GLY E 471 -34.81 26.50 -14.41
CA GLY E 471 -33.55 26.97 -14.96
C GLY E 471 -33.73 27.71 -16.28
N LEU E 472 -34.52 27.13 -17.19
CA LEU E 472 -34.74 27.77 -18.48
C LEU E 472 -35.43 29.12 -18.32
N GLN E 473 -36.42 29.19 -17.43
CA GLN E 473 -37.13 30.46 -17.21
C GLN E 473 -36.18 31.55 -16.75
N HIS E 474 -35.28 31.24 -15.81
CA HIS E 474 -34.33 32.23 -15.34
C HIS E 474 -33.42 32.70 -16.46
N SER E 475 -32.94 31.78 -17.28
CA SER E 475 -32.07 32.15 -18.40
C SER E 475 -32.78 33.10 -19.36
N CYS E 476 -34.06 32.85 -19.64
CA CYS E 476 -34.80 33.71 -20.55
C CYS E 476 -34.95 35.12 -19.98
N GLN E 477 -35.15 35.22 -18.65
CA GLN E 477 -35.28 36.53 -18.03
C GLN E 477 -34.00 37.34 -18.19
N ASP E 478 -32.84 36.73 -17.92
CA ASP E 478 -31.57 37.43 -18.08
C ASP E 478 -31.40 37.95 -19.50
N ILE E 479 -31.80 37.15 -20.49
CA ILE E 479 -31.73 37.61 -21.88
C ILE E 479 -32.77 38.70 -22.13
N GLY E 480 -33.91 38.61 -21.46
CA GLY E 480 -34.96 39.59 -21.58
C GLY E 480 -36.10 39.19 -22.49
N VAL E 481 -36.44 37.90 -22.53
CA VAL E 481 -37.53 37.39 -23.35
C VAL E 481 -38.50 36.63 -22.46
N ARG E 482 -39.79 36.84 -22.67
CA ARG E 482 -40.81 36.21 -21.85
C ARG E 482 -41.29 34.86 -22.39
N SER E 483 -40.80 34.43 -23.55
CA SER E 483 -41.24 33.16 -24.10
C SER E 483 -40.22 32.68 -25.11
N LEU E 484 -40.33 31.40 -25.46
CA LEU E 484 -39.49 30.82 -26.51
C LEU E 484 -39.88 31.37 -27.88
N VAL E 485 -41.16 31.66 -28.09
CA VAL E 485 -41.58 32.32 -29.32
C VAL E 485 -40.86 33.66 -29.47
N GLU E 486 -40.90 34.47 -28.40
CA GLU E 486 -40.19 35.75 -28.43
C GLU E 486 -38.70 35.54 -28.54
N PHE E 487 -38.17 34.53 -27.86
CA PHE E 487 -36.75 34.26 -27.90
C PHE E 487 -36.29 33.99 -29.32
N ARG E 488 -37.04 33.16 -30.06
CA ARG E 488 -36.73 32.94 -31.46
C ARG E 488 -36.79 34.25 -32.24
N GLU E 489 -37.83 35.04 -32.01
CA GLU E 489 -37.98 36.30 -32.73
C GLU E 489 -36.81 37.25 -32.44
N LYS E 490 -36.39 37.33 -31.17
CA LYS E 490 -35.33 38.25 -30.82
C LYS E 490 -34.00 37.83 -31.42
N VAL E 491 -33.72 36.53 -31.46
CA VAL E 491 -32.47 36.06 -32.07
C VAL E 491 -32.44 36.38 -33.56
N ASP E 492 -33.49 35.98 -34.28
CA ASP E 492 -33.52 36.18 -35.72
C ASP E 492 -33.51 37.67 -36.07
N SER E 493 -34.12 38.51 -35.24
CA SER E 493 -34.15 39.94 -35.50
C SER E 493 -32.84 40.63 -35.15
N GLY E 494 -31.93 39.95 -34.44
CA GLY E 494 -30.67 40.53 -34.05
C GLY E 494 -30.65 41.15 -32.68
N SER E 495 -31.75 41.06 -31.93
CA SER E 495 -31.77 41.62 -30.58
C SER E 495 -30.93 40.78 -29.62
N VAL E 496 -31.06 39.45 -29.69
CA VAL E 496 -30.22 38.57 -28.89
C VAL E 496 -28.81 38.58 -29.47
N ARG E 497 -27.84 38.92 -28.64
CA ARG E 497 -26.44 38.98 -29.04
C ARG E 497 -25.68 37.79 -28.45
N PHE E 498 -24.56 37.47 -29.07
CA PHE E 498 -23.74 36.33 -28.68
C PHE E 498 -22.28 36.77 -28.58
N GLU E 499 -21.47 35.89 -28.00
CA GLU E 499 -20.04 36.11 -27.86
C GLU E 499 -19.31 34.80 -28.05
N PHE E 500 -18.29 34.79 -28.90
CA PHE E 500 -17.53 33.59 -29.18
C PHE E 500 -16.72 33.16 -27.97
N ARG F 5 21.51 50.52 -43.64
CA ARG F 5 21.28 51.90 -43.22
C ARG F 5 22.15 52.29 -42.03
N ASP F 6 22.56 53.54 -42.00
CA ASP F 6 23.32 54.06 -40.88
C ASP F 6 22.45 54.08 -39.62
N ALA F 7 23.06 53.77 -38.48
CA ALA F 7 22.31 53.67 -37.23
C ALA F 7 21.62 54.99 -36.89
N ALA F 8 22.20 56.12 -37.29
CA ALA F 8 21.65 57.42 -36.94
C ALA F 8 20.23 57.63 -37.48
N THR F 9 19.81 56.83 -38.45
CA THR F 9 18.51 57.00 -39.09
C THR F 9 17.44 56.06 -38.53
N ALA F 10 17.71 55.41 -37.39
CA ALA F 10 16.79 54.41 -36.87
C ALA F 10 15.43 55.02 -36.56
N LEU F 11 15.40 56.15 -35.85
CA LEU F 11 14.13 56.75 -35.47
C LEU F 11 13.34 57.19 -36.69
N GLU F 12 14.02 57.72 -37.71
CA GLU F 12 13.33 58.12 -38.93
C GLU F 12 12.65 56.92 -39.59
N HIS F 13 13.28 55.75 -39.53
CA HIS F 13 12.70 54.57 -40.16
C HIS F 13 11.42 54.14 -39.45
N LEU F 14 11.33 54.37 -38.14
CA LEU F 14 10.10 54.05 -37.43
C LEU F 14 8.93 54.84 -38.00
N ALA F 15 9.17 56.11 -38.35
CA ALA F 15 8.12 56.92 -38.96
C ALA F 15 7.71 56.38 -40.32
N THR F 16 8.63 55.71 -41.01
CA THR F 16 8.33 55.17 -42.34
C THR F 16 7.26 54.08 -42.27
N TYR F 17 7.20 53.33 -41.19
CA TYR F 17 6.22 52.26 -41.08
C TYR F 17 4.82 52.82 -40.85
N ALA F 18 3.82 52.08 -41.32
CA ALA F 18 2.45 52.58 -41.30
C ALA F 18 1.88 52.60 -39.88
N GLU F 19 2.20 51.59 -39.07
CA GLU F 19 1.68 51.51 -37.71
C GLU F 19 2.79 51.09 -36.76
N LYS F 20 2.58 51.39 -35.48
CA LYS F 20 3.48 50.95 -34.43
C LYS F 20 3.36 49.44 -34.23
N ASP F 21 4.40 48.84 -33.66
CA ASP F 21 4.42 47.39 -33.47
CA ASP F 21 4.44 47.40 -33.46
C ASP F 21 3.35 46.96 -32.50
N GLY F 22 2.87 45.75 -32.71
CA GLY F 22 1.81 45.24 -31.89
C GLY F 22 0.47 45.75 -32.38
N LEU F 23 -0.54 45.52 -31.56
CA LEU F 23 -1.90 45.92 -31.85
C LEU F 23 -2.36 46.99 -30.86
N SER F 24 -3.22 47.89 -31.35
CA SER F 24 -3.87 48.82 -30.45
C SER F 24 -4.96 48.08 -29.67
N VAL F 25 -5.44 48.71 -28.60
CA VAL F 25 -6.48 48.06 -27.80
C VAL F 25 -7.72 47.81 -28.65
N GLU F 26 -8.02 48.74 -29.57
CA GLU F 26 -9.18 48.55 -30.44
C GLU F 26 -8.98 47.38 -31.38
N GLN F 27 -7.79 47.25 -31.98
CA GLN F 27 -7.53 46.14 -32.90
C GLN F 27 -7.47 44.81 -32.15
N LEU F 28 -6.84 44.79 -30.98
CA LEU F 28 -6.74 43.54 -30.21
C LEU F 28 -8.12 43.06 -29.78
N MET F 29 -8.92 43.95 -29.18
CA MET F 29 -10.23 43.58 -28.65
C MET F 29 -11.28 43.83 -29.72
N ASP F 30 -11.33 42.92 -30.70
CA ASP F 30 -12.25 43.01 -31.82
C ASP F 30 -13.07 41.73 -31.87
N SER F 31 -14.37 41.85 -31.61
CA SER F 31 -15.23 40.67 -31.58
C SER F 31 -15.23 39.95 -32.93
N LYS F 32 -15.15 40.70 -34.02
CA LYS F 32 -15.21 40.12 -35.36
C LYS F 32 -14.13 39.07 -35.56
N THR F 33 -12.88 39.50 -35.67
CA THR F 33 -11.79 38.57 -35.98
C THR F 33 -11.60 37.55 -34.86
N ARG F 34 -11.62 38.01 -33.61
CA ARG F 34 -11.35 37.14 -32.45
C ARG F 34 -12.36 37.48 -31.36
N GLY F 35 -13.51 36.83 -31.40
CA GLY F 35 -14.53 36.99 -30.38
C GLY F 35 -14.29 36.09 -29.18
N LEU F 37 -12.18 37.35 -25.36
CA LEU F 37 -10.82 37.33 -24.85
C LEU F 37 -10.77 37.53 -23.34
N THR F 38 -9.93 36.74 -22.69
CA THR F 38 -9.60 36.94 -21.29
C THR F 38 -8.19 37.52 -21.14
N TYR F 39 -7.85 37.89 -19.91
CA TYR F 39 -6.56 38.54 -19.67
C TYR F 39 -5.39 37.67 -20.08
N ASN F 40 -5.49 36.37 -19.88
CA ASN F 40 -4.37 35.48 -20.20
C ASN F 40 -4.06 35.50 -21.69
N ASP F 41 -5.06 35.78 -22.52
CA ASP F 41 -4.91 35.65 -23.96
C ASP F 41 -3.99 36.71 -24.57
N PHE F 42 -3.71 37.80 -23.86
CA PHE F 42 -2.93 38.89 -24.44
C PHE F 42 -1.90 39.40 -23.44
N LEU F 43 -0.98 40.21 -23.97
CA LEU F 43 0.04 40.89 -23.18
C LEU F 43 0.13 42.34 -23.62
N VAL F 44 0.74 43.16 -22.79
CA VAL F 44 0.98 44.57 -23.09
C VAL F 44 2.44 44.72 -23.48
N LEU F 45 2.68 45.36 -24.63
CA LEU F 45 4.05 45.50 -25.09
C LEU F 45 4.77 46.63 -24.35
N PRO F 46 6.07 46.47 -24.09
CA PRO F 46 6.81 47.49 -23.36
C PRO F 46 7.18 48.67 -24.25
N GLY F 47 7.40 49.81 -23.59
CA GLY F 47 7.78 51.03 -24.28
C GLY F 47 9.18 51.49 -23.89
N LYS F 48 9.32 52.79 -23.65
CA LYS F 48 10.59 53.39 -23.26
C LYS F 48 10.48 53.90 -21.83
N ILE F 49 11.48 53.59 -21.01
CA ILE F 49 11.48 53.92 -19.59
C ILE F 49 12.47 55.05 -19.35
N ASP F 50 12.05 56.05 -18.57
CA ASP F 50 12.91 57.19 -18.27
C ASP F 50 12.54 57.76 -16.90
N PHE F 51 12.30 56.89 -15.93
CA PHE F 51 11.91 57.30 -14.59
C PHE F 51 12.00 56.09 -13.67
N PRO F 52 12.15 56.31 -12.37
CA PRO F 52 12.16 55.19 -11.42
C PRO F 52 10.77 54.60 -11.25
N SER F 53 10.73 53.34 -10.84
CA SER F 53 9.44 52.67 -10.65
C SER F 53 8.64 53.35 -9.55
N SER F 54 9.32 53.88 -8.53
CA SER F 54 8.64 54.54 -7.42
C SER F 54 7.82 55.73 -7.93
N VAL F 57 2.17 57.35 -10.16
CA VAL F 57 1.05 57.71 -9.29
C VAL F 57 -0.13 56.79 -9.55
N LEU F 58 -0.59 56.10 -8.51
CA LEU F 58 -1.62 55.07 -8.66
C LEU F 58 -3.00 55.57 -8.22
N SER F 59 -3.28 56.86 -8.44
CA SER F 59 -4.59 57.41 -8.11
C SER F 59 -5.63 56.86 -9.08
N SER F 60 -6.67 56.24 -8.55
CA SER F 60 -7.73 55.65 -9.34
C SER F 60 -9.08 56.10 -8.80
N ARG F 61 -10.05 56.26 -9.69
CA ARG F 61 -11.38 56.72 -9.32
C ARG F 61 -12.28 55.52 -9.03
N LEU F 62 -12.80 55.46 -7.80
CA LEU F 62 -13.78 54.45 -7.46
C LEU F 62 -15.19 54.87 -7.90
N THR F 63 -15.56 56.12 -7.63
CA THR F 63 -16.85 56.66 -8.05
C THR F 63 -16.65 58.05 -8.65
N LYS F 64 -17.75 58.66 -9.09
CA LYS F 64 -17.68 60.00 -9.68
C LYS F 64 -17.07 60.99 -8.71
N LYS F 65 -17.48 60.97 -7.45
CA LYS F 65 -17.03 61.94 -6.46
C LYS F 65 -15.82 61.48 -5.67
N ILE F 66 -15.64 60.17 -5.51
CA ILE F 66 -14.58 59.62 -4.67
C ILE F 66 -13.44 59.16 -5.57
N THR F 67 -12.22 59.55 -5.22
CA THR F 67 -11.03 59.14 -5.95
C THR F 67 -10.04 58.48 -4.98
N LEU F 68 -9.32 57.49 -5.49
CA LEU F 68 -8.39 56.74 -4.68
C LEU F 68 -7.00 56.73 -5.30
N ALA F 70 -4.20 53.51 -6.00
CA ALA F 70 -4.62 52.47 -5.07
C ALA F 70 -5.91 51.79 -5.55
N PRO F 71 -5.85 51.17 -6.73
CA PRO F 71 -7.06 50.57 -7.31
C PRO F 71 -7.41 49.20 -6.73
N PHE F 72 -7.33 49.03 -5.41
CA PHE F 72 -7.59 47.75 -4.77
C PHE F 72 -8.91 47.81 -4.03
N VAL F 73 -9.80 46.86 -4.35
CA VAL F 73 -11.11 46.76 -3.74
C VAL F 73 -11.32 45.32 -3.28
N SER F 74 -11.89 45.15 -2.09
CA SER F 74 -12.14 43.83 -1.54
C SER F 74 -13.53 43.36 -1.95
N SER F 75 -13.63 42.06 -2.25
CA SER F 75 -14.91 41.52 -2.70
C SER F 75 -15.89 41.46 -1.53
N PRO F 76 -17.17 41.67 -1.77
CA PRO F 76 -18.17 41.56 -0.69
C PRO F 76 -18.59 40.12 -0.42
N MET F 77 -17.62 39.31 0.02
CA MET F 77 -17.84 37.92 0.37
C MET F 77 -17.62 37.71 1.87
N ASP F 78 -18.41 36.79 2.43
CA ASP F 78 -18.30 36.49 3.86
C ASP F 78 -16.91 35.96 4.23
N THR F 79 -16.11 35.54 3.25
CA THR F 79 -14.77 35.03 3.49
C THR F 79 -13.68 36.06 3.21
N VAL F 80 -14.03 37.29 2.87
CA VAL F 80 -13.05 38.30 2.48
C VAL F 80 -13.15 39.51 3.38
N THR F 81 -14.26 40.24 3.30
CA THR F 81 -14.37 41.57 3.88
C THR F 81 -15.29 41.55 5.09
N GLU F 82 -14.70 41.73 6.27
CA GLU F 82 -15.42 42.09 7.49
C GLU F 82 -15.00 43.50 7.89
N ALA F 83 -15.51 43.96 9.04
CA ALA F 83 -15.17 45.30 9.50
C ALA F 83 -13.67 45.49 9.57
N ASP F 84 -12.95 44.48 10.07
CA ASP F 84 -11.50 44.58 10.17
C ASP F 84 -10.86 44.76 8.80
N MET F 85 -11.26 43.93 7.83
CA MET F 85 -10.69 44.03 6.49
C MET F 85 -10.90 45.42 5.89
N ALA F 86 -12.12 45.95 6.01
CA ALA F 86 -12.38 47.27 5.44
C ALA F 86 -11.46 48.31 6.06
N ILE F 87 -11.20 48.21 7.36
CA ILE F 87 -10.30 49.14 8.03
C ILE F 87 -8.91 49.04 7.43
N HIS F 88 -8.41 47.81 7.24
CA HIS F 88 -7.05 47.62 6.74
C HIS F 88 -6.89 48.18 5.34
N MET F 89 -7.86 47.91 4.45
CA MET F 89 -7.80 48.46 3.10
C MET F 89 -7.78 49.97 3.12
N ALA F 90 -8.62 50.58 3.97
CA ALA F 90 -8.63 52.04 4.08
C ALA F 90 -7.26 52.58 4.46
N LEU F 91 -6.61 51.95 5.44
CA LEU F 91 -5.31 52.40 5.90
C LEU F 91 -4.28 52.35 4.77
N GLY F 96 -12.77 48.79 1.27
CA GLY F 96 -13.36 47.50 1.53
C GLY F 96 -14.87 47.53 1.45
N ILE F 97 -15.47 46.49 0.88
CA ILE F 97 -16.91 46.40 0.70
C ILE F 97 -17.43 45.33 1.64
N ILE F 98 -18.17 45.75 2.66
CA ILE F 98 -18.72 44.82 3.64
C ILE F 98 -19.75 43.92 2.98
N HIS F 99 -19.72 42.63 3.33
CA HIS F 99 -20.67 41.68 2.81
C HIS F 99 -21.99 41.79 3.58
N HIS F 100 -23.06 41.29 2.96
CA HIS F 100 -24.39 41.34 3.55
C HIS F 100 -24.93 39.95 3.89
N ASN F 101 -24.06 38.96 4.05
CA ASN F 101 -24.45 37.64 4.54
C ASN F 101 -24.54 37.67 6.08
N CYS F 102 -25.35 38.61 6.56
CA CYS F 102 -25.54 38.82 7.99
C CYS F 102 -26.77 39.70 8.16
N THR F 103 -27.23 39.81 9.39
CA THR F 103 -28.40 40.63 9.67
C THR F 103 -28.10 42.10 9.35
N ALA F 104 -29.17 42.87 9.14
CA ALA F 104 -29.00 44.29 8.84
C ALA F 104 -28.30 45.00 9.99
N GLU F 105 -28.72 44.71 11.23
CA GLU F 105 -28.07 45.31 12.39
C GLU F 105 -26.58 44.97 12.43
N GLU F 106 -26.25 43.71 12.18
CA GLU F 106 -24.84 43.29 12.21
C GLU F 106 -24.03 44.03 11.15
N GLN F 107 -24.57 44.13 9.94
CA GLN F 107 -23.85 44.84 8.88
C GLN F 107 -23.61 46.29 9.26
N ALA F 108 -24.63 46.94 9.82
CA ALA F 108 -24.46 48.33 10.28
C ALA F 108 -23.37 48.42 11.33
N GLU F 109 -23.29 47.43 12.23
CA GLU F 109 -22.26 47.45 13.27
C GLU F 109 -20.86 47.48 12.67
N MET F 110 -20.61 46.65 11.65
CA MET F 110 -19.29 46.67 11.03
C MET F 110 -18.97 48.03 10.43
N VAL F 111 -19.93 48.66 9.76
CA VAL F 111 -19.70 49.98 9.18
C VAL F 111 -19.30 50.99 10.26
N ARG F 112 -20.07 51.06 11.34
CA ARG F 112 -19.77 52.04 12.39
C ARG F 112 -18.37 51.84 12.94
N ARG F 113 -17.96 50.59 13.15
CA ARG F 113 -16.61 50.32 13.62
C ARG F 113 -15.58 50.87 12.65
N VAL F 114 -15.81 50.71 11.35
CA VAL F 114 -14.87 51.21 10.35
C VAL F 114 -14.75 52.73 10.46
N LYS F 115 -15.89 53.42 10.52
CA LYS F 115 -15.87 54.88 10.56
C LYS F 115 -15.28 55.41 11.86
N LYS F 116 -15.38 54.63 12.94
CA LYS F 116 -15.00 55.10 14.27
C LYS F 116 -13.57 54.71 14.66
N TYR F 117 -12.78 54.21 13.73
CA TYR F 117 -11.42 53.80 14.04
C TYR F 117 -10.48 55.00 14.05
N GLU F 118 -9.30 54.80 14.66
CA GLU F 118 -8.28 55.83 14.71
C GLU F 118 -6.89 55.20 14.78
N PHE F 121 -4.77 53.27 18.29
CA PHE F 121 -5.55 53.07 19.50
C PHE F 121 -5.98 51.62 19.63
N PRO F 125 -11.07 48.09 23.29
CA PRO F 125 -11.18 48.84 24.56
C PRO F 125 -11.79 48.00 25.68
N VAL F 126 -11.14 46.89 26.02
CA VAL F 126 -11.63 46.05 27.11
C VAL F 126 -11.56 46.82 28.42
N VAL F 127 -12.59 46.67 29.25
CA VAL F 127 -12.68 47.47 30.47
C VAL F 127 -13.48 46.70 31.53
N VAL F 128 -13.32 47.11 32.79
CA VAL F 128 -14.03 46.51 33.91
C VAL F 128 -13.88 47.38 35.15
N GLY F 129 -14.65 47.06 36.19
CA GLY F 129 -14.57 47.74 37.46
C GLY F 129 -14.34 46.75 38.59
N PRO F 130 -14.75 47.11 39.82
CA PRO F 130 -14.51 46.15 40.91
C PRO F 130 -15.53 45.02 40.94
N VAL F 134 -9.81 40.47 40.60
CA VAL F 134 -8.85 39.63 41.31
C VAL F 134 -8.58 38.37 40.49
N ALA F 135 -8.82 37.19 41.09
CA ALA F 135 -8.62 35.95 40.35
C ALA F 135 -9.36 35.96 39.02
N ASP F 136 -10.60 36.44 39.04
CA ASP F 136 -11.35 36.59 37.79
C ASP F 136 -10.62 37.51 36.82
N VAL F 137 -10.06 38.61 37.32
CA VAL F 137 -9.30 39.52 36.47
C VAL F 137 -8.16 38.78 35.77
N ARG F 138 -7.45 37.93 36.52
CA ARG F 138 -6.35 37.16 35.93
C ARG F 138 -6.86 36.28 34.79
N ARG F 139 -8.01 35.64 34.98
CA ARG F 139 -8.56 34.78 33.93
C ARG F 139 -8.85 35.57 32.66
N MET F 140 -9.46 36.74 32.80
CA MET F 140 -9.72 37.58 31.63
C MET F 140 -8.41 38.02 30.98
N LYS F 141 -7.41 38.39 31.78
CA LYS F 141 -6.15 38.86 31.24
C LYS F 141 -5.51 37.79 30.35
N ASN F 142 -5.51 36.54 30.80
CA ASN F 142 -4.93 35.46 30.01
C ASN F 142 -5.68 35.26 28.70
N GLU F 143 -7.01 35.33 28.74
CA GLU F 143 -7.81 35.04 27.56
C GLU F 143 -7.51 36.02 26.43
N PHE F 144 -7.50 37.31 26.72
CA PHE F 144 -7.23 38.31 25.71
C PHE F 144 -5.74 38.36 25.38
N PHE F 146 -4.42 40.31 27.95
CA PHE F 146 -3.71 41.48 28.46
C PHE F 146 -4.30 41.97 29.77
N ALA F 147 -3.53 42.78 30.49
CA ALA F 147 -3.91 43.20 31.84
C ALA F 147 -4.29 44.67 31.96
N GLY F 148 -4.02 45.48 30.94
CA GLY F 148 -4.36 46.90 31.01
C GLY F 148 -5.84 47.15 30.99
N PHE F 149 -6.42 47.41 32.16
CA PHE F 149 -7.85 47.63 32.32
C PHE F 149 -8.08 49.01 32.95
N PRO F 150 -9.01 49.81 32.42
CA PRO F 150 -9.24 51.15 32.98
C PRO F 150 -9.93 51.12 34.32
N VAL F 151 -9.59 52.10 35.15
CA VAL F 151 -10.20 52.25 36.47
C VAL F 151 -11.58 52.86 36.34
N ILE F 164 -6.86 52.08 38.36
CA ILE F 164 -6.28 51.36 37.23
C ILE F 164 -5.79 50.01 37.72
N ILE F 165 -5.85 49.00 36.86
CA ILE F 165 -5.36 47.67 37.20
C ILE F 165 -4.58 47.13 36.01
N THR F 166 -3.36 46.66 36.28
CA THR F 166 -2.46 46.15 35.26
C THR F 166 -1.85 44.84 35.75
N SER F 167 -1.04 44.22 34.89
CA SER F 167 -0.39 42.97 35.26
C SER F 167 0.56 43.18 36.43
N ARG F 168 1.34 44.27 36.39
CA ARG F 168 2.31 44.55 37.45
C ARG F 168 1.66 44.54 38.83
N ASP F 169 0.43 45.05 38.92
CA ASP F 169 -0.24 45.13 40.21
C ASP F 169 -0.69 43.75 40.71
N ILE F 170 -0.94 42.82 39.80
CA ILE F 170 -1.57 41.55 40.13
C ILE F 170 -0.62 40.37 40.05
N GLN F 171 0.67 40.61 39.79
CA GLN F 171 1.60 39.50 39.57
C GLN F 171 1.76 38.65 40.82
N PHE F 172 2.08 39.28 41.95
CA PHE F 172 2.34 38.56 43.19
C PHE F 172 1.30 38.86 44.26
N GLU F 176 -5.00 36.07 47.40
CA GLU F 176 -5.92 36.05 46.27
C GLU F 176 -7.36 36.40 46.72
N THR F 177 -8.32 36.43 45.78
CA THR F 177 -9.71 36.73 46.10
C THR F 177 -9.83 38.07 46.88
N LEU F 178 -9.12 39.14 46.44
CA LEU F 178 -9.09 40.50 47.10
C LEU F 178 -9.80 41.55 46.17
N LEU F 179 -10.63 42.47 46.68
CA LEU F 179 -11.32 43.44 45.77
C LEU F 179 -10.35 44.24 44.91
N VAL F 180 -10.79 44.50 43.69
CA VAL F 180 -10.03 45.28 42.71
C VAL F 180 -9.75 46.67 43.25
N SER F 181 -10.70 47.23 44.01
CA SER F 181 -10.49 48.53 44.62
C SER F 181 -9.17 48.57 45.38
N GLU F 182 -8.89 47.54 46.15
CA GLU F 182 -7.61 47.44 46.86
C GLU F 182 -6.49 47.15 45.86
N ILE F 183 -5.35 47.82 46.07
CA ILE F 183 -4.15 47.58 45.27
C ILE F 183 -4.42 47.90 43.80
N MET F 184 -4.93 49.09 43.53
CA MET F 184 -5.10 49.55 42.16
C MET F 184 -5.16 51.08 42.12
N LYS F 186 -6.27 55.43 44.05
CA LYS F 186 -6.82 55.28 42.71
C LYS F 186 -6.49 56.50 41.86
N ASP F 187 -5.34 57.12 42.13
CA ASP F 187 -4.92 58.33 41.44
C ASP F 187 -4.39 57.95 40.05
N VAL F 188 -5.11 58.37 39.01
CA VAL F 188 -4.78 58.01 37.63
C VAL F 188 -4.56 59.30 36.84
N ILE F 189 -3.44 59.35 36.13
CA ILE F 189 -3.18 60.43 35.18
C ILE F 189 -4.01 60.21 33.92
N LEU F 197 -2.53 62.27 18.54
CA LEU F 197 -1.89 60.98 18.79
C LEU F 197 -0.44 61.16 19.23
N GLU F 198 0.33 61.88 18.41
CA GLU F 198 1.74 62.11 18.73
C GLU F 198 1.90 62.78 20.08
N GLU F 199 1.04 63.75 20.38
CA GLU F 199 1.10 64.41 21.69
C GLU F 199 0.89 63.42 22.82
N ALA F 200 -0.09 62.53 22.67
CA ALA F 200 -0.35 61.53 23.71
C ALA F 200 0.88 60.66 23.95
N ASN F 201 1.59 60.28 22.88
CA ASN F 201 2.80 59.49 23.03
C ASN F 201 3.84 60.21 23.88
N GLN F 202 3.97 61.53 23.68
CA GLN F 202 4.93 62.30 24.47
C GLN F 202 4.57 62.27 25.94
N ILE F 203 3.29 62.45 26.27
CA ILE F 203 2.86 62.41 27.67
C ILE F 203 3.25 61.09 28.31
N LEU F 204 2.99 59.98 27.60
CA LEU F 204 3.30 58.66 28.15
C LEU F 204 4.78 58.53 28.48
N LYS F 205 5.65 59.01 27.58
CA LYS F 205 7.08 58.94 27.82
C LYS F 205 7.49 59.73 29.06
N ASN F 206 6.86 60.89 29.28
CA ASN F 206 7.25 61.72 30.42
C ASN F 206 6.92 61.04 31.74
N THR F 207 5.73 60.47 31.86
CA THR F 207 5.31 59.80 33.08
C THR F 207 5.72 58.33 33.12
N LYS F 208 6.19 57.79 32.00
CA LYS F 208 6.61 56.38 31.93
C LYS F 208 5.48 55.43 32.33
N LYS F 209 4.24 55.82 32.04
CA LYS F 209 3.08 55.01 32.37
C LYS F 209 2.66 54.15 31.18
N LYS F 232 6.55 50.75 17.60
CA LYS F 232 5.99 50.58 16.25
C LYS F 232 5.84 51.93 15.56
N ASN F 233 6.15 51.95 14.26
CA ASN F 233 6.06 53.15 13.44
C ASN F 233 5.05 52.87 12.33
N GLN F 234 3.79 53.23 12.58
CA GLN F 234 2.69 52.98 11.65
C GLN F 234 2.02 54.32 11.34
N SER F 235 2.34 54.89 10.17
CA SER F 235 1.80 56.18 9.76
C SER F 235 0.59 56.04 8.84
N TYR F 236 0.67 55.17 7.84
CA TYR F 236 -0.44 55.00 6.91
C TYR F 236 -0.66 56.29 6.15
N PRO F 237 0.32 56.75 5.37
CA PRO F 237 0.20 58.07 4.72
C PRO F 237 -0.85 58.12 3.63
N LEU F 238 -1.21 56.99 3.03
CA LEU F 238 -2.11 56.96 1.87
C LEU F 238 -3.51 56.44 2.22
N ALA F 239 -3.97 56.62 3.45
CA ALA F 239 -5.27 56.09 3.82
C ALA F 239 -6.36 56.74 2.98
N SER F 240 -7.41 55.97 2.71
CA SER F 240 -8.50 56.44 1.84
C SER F 240 -9.55 57.23 2.61
N LYS F 246 -12.97 64.25 9.38
CA LYS F 246 -13.06 63.24 8.33
C LYS F 246 -12.81 61.85 8.91
N GLN F 247 -12.80 60.85 8.04
CA GLN F 247 -12.61 59.46 8.47
C GLN F 247 -12.43 58.59 7.24
N LEU F 248 -11.81 57.43 7.46
CA LEU F 248 -11.55 56.51 6.36
C LEU F 248 -12.84 56.14 5.64
N LEU F 249 -12.75 55.99 4.32
CA LEU F 249 -13.91 55.59 3.54
C LEU F 249 -14.27 54.14 3.83
N CYS F 250 -15.54 53.82 3.66
CA CYS F 250 -16.02 52.47 3.92
C CYS F 250 -17.15 52.14 2.94
N GLY F 251 -17.15 50.91 2.44
CA GLY F 251 -18.15 50.47 1.50
C GLY F 251 -18.83 49.21 1.99
N ALA F 252 -20.04 48.99 1.46
CA ALA F 252 -20.83 47.81 1.81
C ALA F 252 -21.62 47.36 0.58
N ALA F 253 -22.18 46.15 0.67
CA ALA F 253 -22.98 45.57 -0.39
C ALA F 253 -24.39 45.29 0.12
N ILE F 254 -25.36 45.37 -0.78
CA ILE F 254 -26.75 45.08 -0.44
C ILE F 254 -27.41 44.45 -1.67
N GLY F 255 -28.56 43.82 -1.43
CA GLY F 255 -29.38 43.31 -2.50
C GLY F 255 -30.28 44.39 -3.08
N THR F 256 -31.25 43.94 -3.88
CA THR F 256 -32.18 44.84 -4.56
C THR F 256 -33.60 44.72 -4.03
N ILE F 257 -33.78 44.13 -2.85
CA ILE F 257 -35.11 43.92 -2.27
C ILE F 257 -35.46 45.11 -1.38
N ASP F 258 -36.73 45.18 -0.96
CA ASP F 258 -37.16 46.27 -0.10
C ASP F 258 -36.56 46.16 1.30
N ALA F 259 -36.49 44.94 1.84
CA ALA F 259 -35.81 44.73 3.11
C ALA F 259 -34.35 45.15 3.02
N ASP F 260 -33.72 44.89 1.87
CA ASP F 260 -32.36 45.37 1.66
C ASP F 260 -32.31 46.90 1.66
N ARG F 261 -33.38 47.54 1.20
CA ARG F 261 -33.45 49.00 1.28
C ARG F 261 -33.39 49.47 2.72
N GLN F 262 -34.07 48.75 3.62
CA GLN F 262 -34.02 49.12 5.04
C GLN F 262 -32.60 48.98 5.58
N ARG F 263 -31.87 47.95 5.15
CA ARG F 263 -30.48 47.80 5.57
C ARG F 263 -29.65 48.99 5.13
N LEU F 264 -29.90 49.49 3.92
CA LEU F 264 -29.12 50.63 3.44
C LEU F 264 -29.34 51.86 4.31
N ALA F 265 -30.57 52.12 4.72
CA ALA F 265 -30.83 53.23 5.62
C ALA F 265 -30.02 53.10 6.89
N MET F 266 -29.90 51.89 7.43
CA MET F 266 -29.07 51.66 8.60
C MET F 266 -27.60 51.95 8.28
N LEU F 267 -27.15 51.59 7.07
CA LEU F 267 -25.76 51.84 6.69
C LEU F 267 -25.48 53.33 6.63
N VAL F 268 -26.42 54.12 6.10
CA VAL F 268 -26.24 55.56 6.07
C VAL F 268 -26.09 56.12 7.48
N GLU F 269 -26.94 55.65 8.40
CA GLU F 269 -26.84 56.10 9.79
C GLU F 269 -25.48 55.76 10.38
N ALA F 270 -24.85 54.67 9.94
CA ALA F 270 -23.52 54.31 10.39
C ALA F 270 -22.42 55.09 9.68
N GLY F 271 -22.77 55.91 8.70
CA GLY F 271 -21.78 56.71 8.00
C GLY F 271 -21.25 56.09 6.73
N LEU F 272 -21.96 55.14 6.13
CA LEU F 272 -21.48 54.50 4.91
C LEU F 272 -21.28 55.55 3.82
N ASP F 273 -20.18 55.42 3.08
CA ASP F 273 -19.84 56.35 2.02
C ASP F 273 -20.16 55.85 0.63
N VAL F 274 -20.20 54.53 0.42
CA VAL F 274 -20.47 53.96 -0.88
C VAL F 274 -21.14 52.61 -0.68
N VAL F 275 -22.14 52.32 -1.51
CA VAL F 275 -22.89 51.07 -1.46
C VAL F 275 -22.86 50.41 -2.84
N VAL F 276 -22.50 49.14 -2.88
CA VAL F 276 -22.50 48.36 -4.11
C VAL F 276 -23.76 47.50 -4.11
N LEU F 277 -24.66 47.76 -5.06
CA LEU F 277 -25.81 46.89 -5.26
C LEU F 277 -25.33 45.56 -5.82
N ASP F 278 -25.57 44.47 -5.09
CA ASP F 278 -25.06 43.16 -5.44
C ASP F 278 -26.10 42.43 -6.30
N SER F 279 -25.71 42.10 -7.54
CA SER F 279 -26.58 41.36 -8.44
C SER F 279 -25.73 40.78 -9.56
N SER F 280 -26.09 39.56 -9.99
CA SER F 280 -25.38 38.93 -11.09
C SER F 280 -25.84 39.47 -12.44
N GLN F 281 -27.10 39.91 -12.53
CA GLN F 281 -27.63 40.58 -13.71
C GLN F 281 -28.14 41.95 -13.27
N GLY F 282 -27.49 43.00 -13.73
CA GLY F 282 -27.73 44.32 -13.19
C GLY F 282 -28.82 45.12 -13.88
N ASN F 283 -29.07 44.82 -15.16
CA ASN F 283 -30.05 45.56 -15.95
C ASN F 283 -31.44 44.97 -15.71
N SER F 284 -32.08 45.41 -14.62
CA SER F 284 -33.45 45.02 -14.32
C SER F 284 -34.24 46.25 -13.86
N VAL F 285 -35.56 46.18 -14.05
CA VAL F 285 -36.43 47.28 -13.63
C VAL F 285 -36.30 47.51 -12.13
N PHE F 286 -36.34 46.44 -11.34
CA PHE F 286 -36.26 46.59 -9.89
C PHE F 286 -34.98 47.30 -9.49
N GLN F 287 -33.85 46.94 -10.10
CA GLN F 287 -32.58 47.57 -9.77
C GLN F 287 -32.56 49.04 -10.19
N ILE F 288 -33.13 49.37 -11.35
CA ILE F 288 -33.19 50.77 -11.76
C ILE F 288 -33.94 51.59 -10.72
N ASN F 289 -35.09 51.07 -10.28
CA ASN F 289 -35.87 51.75 -9.24
C ASN F 289 -35.04 51.94 -7.98
N MET F 290 -34.26 50.92 -7.60
CA MET F 290 -33.42 51.04 -6.41
C MET F 290 -32.44 52.20 -6.55
N ILE F 291 -31.77 52.30 -7.70
CA ILE F 291 -30.79 53.37 -7.89
C ILE F 291 -31.44 54.73 -7.69
N LYS F 292 -32.60 54.93 -8.30
CA LYS F 292 -33.25 56.24 -8.19
C LYS F 292 -33.65 56.54 -6.75
N TRP F 293 -34.18 55.56 -6.03
CA TRP F 293 -34.58 55.80 -4.65
C TRP F 293 -33.38 56.21 -3.81
N ILE F 294 -32.21 55.59 -4.03
CA ILE F 294 -31.02 55.97 -3.29
C ILE F 294 -30.69 57.43 -3.56
N LYS F 295 -30.65 57.82 -4.84
CA LYS F 295 -30.25 59.17 -5.20
C LYS F 295 -31.15 60.22 -4.55
N GLU F 296 -32.46 59.94 -4.48
CA GLU F 296 -33.38 60.91 -3.92
C GLU F 296 -33.28 60.99 -2.40
N THR F 297 -33.19 59.83 -1.73
CA THR F 297 -33.21 59.81 -0.27
C THR F 297 -31.89 60.25 0.33
N PHE F 298 -30.77 59.77 -0.21
CA PHE F 298 -29.45 59.97 0.39
C PHE F 298 -28.57 60.76 -0.57
N PRO F 299 -28.52 62.09 -0.44
CA PRO F 299 -27.74 62.88 -1.41
C PRO F 299 -26.24 62.65 -1.34
N ASP F 300 -25.70 62.38 -0.15
CA ASP F 300 -24.26 62.25 0.02
C ASP F 300 -23.73 60.86 -0.33
N LEU F 301 -24.61 59.88 -0.50
CA LEU F 301 -24.16 58.51 -0.72
C LEU F 301 -23.81 58.26 -2.18
N GLN F 302 -22.72 57.52 -2.39
CA GLN F 302 -22.28 57.09 -3.71
C GLN F 302 -22.72 55.65 -3.96
N VAL F 303 -23.24 55.39 -5.16
CA VAL F 303 -23.82 54.11 -5.51
C VAL F 303 -22.99 53.46 -6.62
N ILE F 304 -22.58 52.21 -6.40
CA ILE F 304 -21.91 51.40 -7.41
C ILE F 304 -22.91 50.38 -7.92
N ALA F 305 -23.27 50.50 -9.20
CA ALA F 305 -24.22 49.59 -9.83
C ALA F 305 -23.50 48.38 -10.41
N GLY F 306 -24.25 47.31 -10.62
CA GLY F 306 -23.69 46.09 -11.17
C GLY F 306 -24.63 44.93 -10.96
N ASN F 307 -24.20 43.76 -11.46
CA ASN F 307 -23.05 43.59 -12.36
C ASN F 307 -23.49 43.72 -13.82
N VAL F 308 -22.61 44.25 -14.67
CA VAL F 308 -22.90 44.44 -16.09
C VAL F 308 -21.74 43.89 -16.91
N VAL F 309 -22.05 43.54 -18.17
CA VAL F 309 -21.03 43.01 -19.07
C VAL F 309 -21.23 43.51 -20.50
N THR F 310 -22.28 44.28 -20.74
CA THR F 310 -22.58 44.76 -22.08
C THR F 310 -22.72 46.28 -22.06
N ARG F 311 -22.50 46.88 -23.24
CA ARG F 311 -22.66 48.32 -23.40
C ARG F 311 -24.08 48.76 -23.05
N GLU F 312 -25.08 47.98 -23.47
CA GLU F 312 -26.46 48.36 -23.23
C GLU F 312 -26.78 48.36 -21.74
N GLN F 313 -26.26 47.38 -21.00
CA GLN F 313 -26.49 47.35 -19.56
C GLN F 313 -25.90 48.57 -18.89
N ALA F 314 -24.67 48.95 -19.27
CA ALA F 314 -24.03 50.11 -18.68
C ALA F 314 -24.86 51.38 -18.91
N ALA F 315 -25.34 51.56 -20.14
CA ALA F 315 -26.14 52.75 -20.45
C ALA F 315 -27.38 52.83 -19.56
N SER F 316 -28.05 51.70 -19.35
CA SER F 316 -29.28 51.71 -18.55
C SER F 316 -29.00 52.18 -17.12
N LEU F 317 -27.93 51.67 -16.51
CA LEU F 317 -27.63 52.02 -15.13
C LEU F 317 -26.99 53.39 -15.00
N ILE F 318 -26.26 53.85 -16.03
CA ILE F 318 -25.76 55.22 -16.01
C ILE F 318 -26.92 56.21 -16.12
N HIS F 319 -27.86 55.94 -17.02
CA HIS F 319 -29.04 56.78 -17.14
C HIS F 319 -29.81 56.84 -15.82
N ALA F 320 -29.78 55.75 -15.04
CA ALA F 320 -30.47 55.72 -13.76
C ALA F 320 -29.78 56.56 -12.69
N GLY F 321 -28.51 56.92 -12.89
CA GLY F 321 -27.81 57.79 -11.96
C GLY F 321 -26.74 57.09 -11.16
N ALA F 322 -26.15 56.03 -11.72
CA ALA F 322 -25.12 55.28 -11.03
C ALA F 322 -23.84 56.11 -10.93
N ASP F 323 -23.17 56.00 -9.78
CA ASP F 323 -21.87 56.63 -9.59
C ASP F 323 -20.71 55.74 -10.00
N GLY F 324 -20.96 54.44 -10.18
CA GLY F 324 -19.94 53.53 -10.65
C GLY F 324 -20.58 52.23 -11.08
N LEU F 325 -19.82 51.46 -11.84
CA LEU F 325 -20.29 50.19 -12.38
C LEU F 325 -19.38 49.06 -11.93
N ARG F 326 -19.97 47.89 -11.74
CA ARG F 326 -19.27 46.67 -11.37
C ARG F 326 -19.40 45.68 -12.52
N ILE F 327 -18.27 45.29 -13.08
CA ILE F 327 -18.26 44.44 -14.26
C ILE F 327 -17.99 43.00 -13.83
N GLY F 328 -18.39 42.06 -14.68
CA GLY F 328 -18.15 40.65 -14.44
C GLY F 328 -19.40 39.80 -14.32
N MET F 329 -19.35 38.62 -14.93
CA MET F 329 -20.46 37.69 -14.88
C MET F 329 -19.97 36.26 -15.14
N ALA F 342 -25.64 29.52 -19.04
CA ALA F 342 -25.08 29.76 -20.37
C ALA F 342 -25.05 31.25 -20.70
N CYS F 343 -25.27 32.09 -19.69
CA CYS F 343 -25.26 33.53 -19.86
C CYS F 343 -24.04 34.11 -19.15
N GLY F 344 -23.37 35.04 -19.84
CA GLY F 344 -22.17 35.64 -19.31
C GLY F 344 -21.32 36.19 -20.45
N ARG F 345 -20.11 36.61 -20.09
CA ARG F 345 -19.21 37.14 -21.11
C ARG F 345 -17.79 37.03 -20.58
N PRO F 346 -16.81 36.68 -21.42
CA PRO F 346 -15.42 36.70 -20.96
C PRO F 346 -15.06 38.05 -20.35
N GLN F 347 -14.43 38.02 -19.19
CA GLN F 347 -14.18 39.24 -18.45
C GLN F 347 -13.38 40.24 -19.26
N GLY F 348 -12.35 39.78 -19.97
CA GLY F 348 -11.53 40.70 -20.74
C GLY F 348 -12.33 41.50 -21.75
N THR F 349 -13.13 40.81 -22.58
CA THR F 349 -13.90 41.50 -23.59
C THR F 349 -14.96 42.41 -22.97
N ALA F 350 -15.60 41.94 -21.89
CA ALA F 350 -16.65 42.74 -21.26
C ALA F 350 -16.10 44.05 -20.71
N VAL F 351 -14.93 44.02 -20.09
CA VAL F 351 -14.38 45.23 -19.48
C VAL F 351 -14.16 46.30 -20.55
N TYR F 352 -13.56 45.93 -21.67
CA TYR F 352 -13.23 46.92 -22.70
C TYR F 352 -14.49 47.61 -23.22
N ASN F 353 -15.52 46.83 -23.55
CA ASN F 353 -16.71 47.41 -24.16
C ASN F 353 -17.49 48.27 -23.18
N VAL F 354 -17.59 47.82 -21.92
CA VAL F 354 -18.27 48.63 -20.90
C VAL F 354 -17.53 49.93 -20.67
N THR F 355 -16.21 49.84 -20.46
CA THR F 355 -15.42 51.03 -20.14
C THR F 355 -15.41 52.02 -21.30
N GLN F 356 -15.32 51.52 -22.54
CA GLN F 356 -15.40 52.40 -23.70
C GLN F 356 -16.65 53.27 -23.63
N PHE F 357 -17.78 52.68 -23.25
CA PHE F 357 -19.01 53.45 -23.16
C PHE F 357 -19.06 54.29 -21.89
N ALA F 358 -18.72 53.69 -20.75
CA ALA F 358 -18.94 54.36 -19.47
C ALA F 358 -17.91 55.46 -19.24
N ASN F 359 -16.66 55.25 -19.65
CA ASN F 359 -15.63 56.25 -19.42
C ASN F 359 -15.98 57.57 -20.11
N GLN F 360 -16.74 57.52 -21.20
CA GLN F 360 -17.19 58.75 -21.85
C GLN F 360 -18.09 59.57 -20.94
N PHE F 361 -18.71 58.95 -19.95
CA PHE F 361 -19.55 59.64 -18.98
C PHE F 361 -18.86 59.83 -17.64
N GLY F 362 -17.57 59.51 -17.55
CA GLY F 362 -16.86 59.63 -16.30
C GLY F 362 -17.36 58.70 -15.23
N VAL F 363 -17.92 57.55 -15.62
CA VAL F 363 -18.44 56.57 -14.67
C VAL F 363 -17.36 55.52 -14.46
N PRO F 364 -16.67 55.51 -13.30
CA PRO F 364 -15.63 54.51 -13.09
C PRO F 364 -16.22 53.10 -13.00
N CYS F 365 -15.40 52.13 -13.40
CA CYS F 365 -15.81 50.73 -13.45
C CYS F 365 -14.85 49.87 -12.65
N ILE F 366 -15.40 48.83 -12.02
CA ILE F 366 -14.61 47.87 -11.26
C ILE F 366 -14.54 46.58 -12.05
N ALA F 367 -13.36 45.96 -12.07
CA ALA F 367 -13.15 44.73 -12.80
C ALA F 367 -13.53 43.52 -11.94
N GLN F 372 -6.45 37.21 -10.70
CA GLN F 372 -5.93 36.99 -9.36
C GLN F 372 -4.40 36.99 -9.37
N ASN F 373 -3.82 38.09 -9.83
CA ASN F 373 -2.37 38.27 -9.85
C ASN F 373 -2.06 39.67 -10.35
N ILE F 374 -0.81 40.09 -10.18
CA ILE F 374 -0.41 41.43 -10.60
C ILE F 374 -0.63 41.58 -12.10
N GLY F 375 -0.34 40.54 -12.88
CA GLY F 375 -0.52 40.62 -14.31
C GLY F 375 -1.98 40.85 -14.69
N HIS F 376 -2.88 40.09 -14.08
CA HIS F 376 -4.31 40.29 -14.33
C HIS F 376 -4.75 41.70 -13.94
N ILE F 377 -4.28 42.18 -12.79
CA ILE F 377 -4.66 43.52 -12.34
C ILE F 377 -4.22 44.56 -13.37
N THR F 378 -2.97 44.48 -13.81
CA THR F 378 -2.46 45.44 -14.79
C THR F 378 -3.28 45.38 -16.06
N LYS F 379 -3.53 44.16 -16.55
CA LYS F 379 -4.26 43.99 -17.80
C LYS F 379 -5.69 44.55 -17.66
N ALA F 380 -6.30 44.43 -16.47
CA ALA F 380 -7.65 44.98 -16.28
C ALA F 380 -7.66 46.50 -16.42
N ILE F 381 -6.73 47.18 -15.78
CA ILE F 381 -6.68 48.63 -15.94
C ILE F 381 -6.50 49.00 -17.41
N ALA F 382 -5.66 48.25 -18.13
CA ALA F 382 -5.37 48.59 -19.52
C ALA F 382 -6.64 48.59 -20.37
N LEU F 383 -7.55 47.66 -20.11
CA LEU F 383 -8.77 47.57 -20.91
C LEU F 383 -9.78 48.68 -20.59
N GLY F 384 -9.60 49.40 -19.48
CA GLY F 384 -10.44 50.56 -19.21
C GLY F 384 -10.97 50.68 -17.79
N ALA F 385 -10.78 49.64 -16.98
CA ALA F 385 -11.30 49.65 -15.63
C ALA F 385 -10.58 50.69 -14.76
N SER F 386 -11.35 51.38 -13.92
CA SER F 386 -10.76 52.34 -12.99
C SER F 386 -10.18 51.67 -11.75
N THR F 387 -10.80 50.58 -11.29
CA THR F 387 -10.31 49.83 -10.15
C THR F 387 -10.57 48.35 -10.39
N VAL F 388 -9.83 47.51 -9.69
CA VAL F 388 -10.03 46.06 -9.74
C VAL F 388 -10.45 45.58 -8.37
N MET F 389 -11.34 44.59 -8.34
CA MET F 389 -11.86 44.02 -7.10
C MET F 389 -11.18 42.70 -6.83
N MET F 390 -10.84 42.46 -5.57
CA MET F 390 -10.08 41.29 -5.15
C MET F 390 -10.93 40.44 -4.21
N GLY F 391 -11.02 39.14 -4.51
CA GLY F 391 -11.80 38.23 -3.70
C GLY F 391 -11.00 37.08 -3.13
N GLY F 392 -10.77 36.05 -3.95
CA GLY F 392 -10.08 34.87 -3.44
C GLY F 392 -8.68 35.16 -2.96
N MET F 393 -7.93 35.96 -3.70
CA MET F 393 -6.55 36.26 -3.33
C MET F 393 -6.46 36.97 -1.99
N LEU F 394 -7.53 37.65 -1.57
CA LEU F 394 -7.56 38.30 -0.27
C LEU F 394 -8.04 37.34 0.80
N ILE F 465 -0.50 43.45 0.36
CA ILE F 465 -1.11 44.44 -0.50
C ILE F 465 -0.05 45.44 -0.98
N PRO F 466 0.71 46.02 -0.06
CA PRO F 466 1.82 46.91 -0.49
C PRO F 466 2.72 46.29 -1.53
N TYR F 467 2.99 44.98 -1.44
CA TYR F 467 3.81 44.31 -2.44
C TYR F 467 3.19 44.43 -3.83
N LEU F 468 1.87 44.23 -3.93
CA LEU F 468 1.20 44.35 -5.22
C LEU F 468 1.32 45.77 -5.77
N TYR F 469 1.25 46.78 -4.88
CA TYR F 469 1.32 48.16 -5.33
C TYR F 469 2.61 48.44 -6.10
N ASN F 470 3.75 47.99 -5.55
CA ASN F 470 5.02 48.21 -6.24
C ASN F 470 5.04 47.48 -7.58
N GLY F 471 4.47 46.27 -7.63
CA GLY F 471 4.43 45.54 -8.88
C GLY F 471 3.74 46.33 -9.98
N LEU F 472 2.61 46.95 -9.65
CA LEU F 472 1.90 47.78 -10.63
C LEU F 472 2.77 48.94 -11.09
N GLN F 473 3.49 49.57 -10.17
CA GLN F 473 4.36 50.68 -10.55
C GLN F 473 5.44 50.21 -11.53
N HIS F 474 6.06 49.06 -11.26
CA HIS F 474 7.04 48.52 -12.20
C HIS F 474 6.38 48.22 -13.54
N SER F 475 5.16 47.69 -13.50
CA SER F 475 4.45 47.40 -14.74
C SER F 475 4.26 48.65 -15.57
N CYS F 476 3.92 49.77 -14.92
CA CYS F 476 3.75 51.02 -15.65
C CYS F 476 5.08 51.51 -16.20
N GLN F 477 6.17 51.32 -15.46
CA GLN F 477 7.48 51.75 -15.93
C GLN F 477 7.86 51.02 -17.22
N ASP F 478 7.67 49.69 -17.25
CA ASP F 478 7.95 48.93 -18.45
C ASP F 478 7.12 49.45 -19.63
N ILE F 479 5.85 49.79 -19.38
CA ILE F 479 5.01 50.34 -20.43
C ILE F 479 5.42 51.78 -20.73
N GLY F 480 5.86 52.52 -19.71
CA GLY F 480 6.32 53.89 -19.92
C GLY F 480 5.31 54.94 -19.52
N VAL F 481 4.55 54.70 -18.46
CA VAL F 481 3.55 55.64 -17.97
C VAL F 481 3.84 55.95 -16.51
N ARG F 482 3.71 57.22 -16.14
CA ARG F 482 4.01 57.67 -14.78
C ARG F 482 2.76 57.60 -13.91
N LEU F 484 -1.80 56.41 -13.34
CA LEU F 484 -2.85 55.63 -14.00
C LEU F 484 -3.64 56.47 -15.00
N VAL F 485 -3.80 57.76 -14.71
CA VAL F 485 -4.43 58.64 -15.69
C VAL F 485 -3.65 58.60 -17.00
N GLU F 486 -2.32 58.71 -16.92
CA GLU F 486 -1.49 58.67 -18.12
C GLU F 486 -1.62 57.33 -18.83
N PHE F 487 -1.70 56.23 -18.07
CA PHE F 487 -1.81 54.91 -18.69
C PHE F 487 -3.08 54.80 -19.52
N ARG F 488 -4.22 55.25 -18.98
CA ARG F 488 -5.47 55.27 -19.73
C ARG F 488 -5.35 56.10 -21.00
N GLU F 489 -4.76 57.28 -20.90
CA GLU F 489 -4.63 58.14 -22.08
C GLU F 489 -3.82 57.45 -23.17
N LYS F 490 -2.74 56.77 -22.80
CA LYS F 490 -1.89 56.12 -23.79
C LYS F 490 -2.62 54.97 -24.47
N VAL F 491 -3.41 54.22 -23.72
CA VAL F 491 -4.19 53.13 -24.30
C VAL F 491 -5.18 53.67 -25.34
N ASP F 492 -5.94 54.69 -24.95
CA ASP F 492 -6.98 55.21 -25.84
C ASP F 492 -6.38 55.78 -27.13
N SER F 493 -5.21 56.42 -27.04
CA SER F 493 -4.58 57.01 -28.21
C SER F 493 -3.86 56.00 -29.08
N GLY F 494 -3.62 54.79 -28.58
CA GLY F 494 -2.90 53.80 -29.35
C GLY F 494 -1.41 53.74 -29.10
N SER F 495 -0.91 54.51 -28.13
CA SER F 495 0.52 54.46 -27.83
C SER F 495 0.90 53.14 -27.16
N VAL F 496 0.10 52.70 -26.19
CA VAL F 496 0.31 51.39 -25.59
C VAL F 496 -0.16 50.34 -26.58
N ARG F 497 0.73 49.40 -26.90
CA ARG F 497 0.46 48.35 -27.88
C ARG F 497 0.23 47.02 -27.17
N PHE F 498 -0.46 46.11 -27.86
CA PHE F 498 -0.81 44.82 -27.31
C PHE F 498 -0.47 43.73 -28.33
N GLU F 499 -0.47 42.48 -27.87
CA GLU F 499 -0.21 41.34 -28.73
C GLU F 499 -1.05 40.17 -28.26
N PHE F 500 -1.77 39.54 -29.20
CA PHE F 500 -2.61 38.40 -28.88
C PHE F 500 -1.77 37.19 -28.52
N TYR G 4 -45.86 30.41 -43.13
CA TYR G 4 -44.75 29.54 -43.50
C TYR G 4 -44.82 29.13 -44.96
N ARG G 5 -43.66 28.91 -45.58
CA ARG G 5 -43.59 28.51 -46.97
C ARG G 5 -44.12 27.09 -47.15
N ASP G 6 -44.71 26.84 -48.32
CA ASP G 6 -45.23 25.50 -48.61
C ASP G 6 -44.10 24.49 -48.67
N ALA G 7 -44.35 23.30 -48.11
CA ALA G 7 -43.32 22.28 -48.02
C ALA G 7 -42.89 21.79 -49.40
N ALA G 8 -43.81 21.75 -50.37
CA ALA G 8 -43.48 21.26 -51.69
C ALA G 8 -42.40 22.10 -52.36
N THR G 9 -42.17 23.32 -51.86
CA THR G 9 -41.19 24.24 -52.43
C THR G 9 -39.85 24.15 -51.74
N ALA G 10 -39.64 23.15 -50.88
CA ALA G 10 -38.41 23.06 -50.12
C ALA G 10 -37.21 22.90 -51.02
N LEU G 11 -37.27 21.96 -51.97
CA LEU G 11 -36.15 21.73 -52.87
C LEU G 11 -35.88 22.94 -53.76
N GLU G 12 -36.95 23.57 -54.26
CA GLU G 12 -36.80 24.78 -55.08
C GLU G 12 -36.20 25.92 -54.25
N HIS G 13 -36.54 25.98 -52.96
CA HIS G 13 -36.08 27.08 -52.12
C HIS G 13 -34.57 27.07 -51.93
N LEU G 14 -33.94 25.90 -52.06
CA LEU G 14 -32.48 25.83 -51.93
C LEU G 14 -31.78 26.79 -52.88
N ALA G 15 -32.38 27.06 -54.04
CA ALA G 15 -31.77 27.97 -55.01
C ALA G 15 -31.58 29.36 -54.44
N THR G 16 -32.38 29.76 -53.45
CA THR G 16 -32.26 31.10 -52.89
C THR G 16 -30.89 31.33 -52.26
N TYR G 17 -30.27 30.29 -51.71
CA TYR G 17 -28.96 30.42 -51.11
C TYR G 17 -27.88 30.50 -52.19
N ALA G 18 -26.83 31.26 -51.87
CA ALA G 18 -25.75 31.47 -52.84
C ALA G 18 -24.88 30.23 -52.97
N GLU G 19 -24.68 29.49 -51.88
CA GLU G 19 -23.79 28.34 -51.87
C GLU G 19 -24.46 27.18 -51.15
N LYS G 20 -23.94 25.98 -51.39
CA LYS G 20 -24.39 24.82 -50.63
C LYS G 20 -23.93 24.92 -49.18
N ASP G 21 -24.72 24.34 -48.29
CA ASP G 21 -24.38 24.35 -46.87
C ASP G 21 -23.01 23.72 -46.67
N GLY G 22 -22.20 24.34 -45.83
CA GLY G 22 -20.85 23.87 -45.56
C GLY G 22 -19.82 24.58 -46.42
N LEU G 23 -18.60 24.03 -46.38
CA LEU G 23 -17.48 24.58 -47.12
C LEU G 23 -17.04 23.62 -48.21
N SER G 24 -16.58 24.17 -49.33
CA SER G 24 -15.94 23.37 -50.35
C SER G 24 -14.51 23.03 -49.92
N VAL G 25 -13.90 22.09 -50.64
CA VAL G 25 -12.54 21.68 -50.30
C VAL G 25 -11.59 22.87 -50.42
N GLU G 26 -11.82 23.75 -51.39
CA GLU G 26 -10.98 24.92 -51.55
C GLU G 26 -11.12 25.86 -50.36
N GLN G 27 -12.35 26.07 -49.90
CA GLN G 27 -12.57 26.97 -48.76
C GLN G 27 -11.98 26.38 -47.48
N LEU G 28 -12.10 25.07 -47.27
CA LEU G 28 -11.55 24.46 -46.07
C LEU G 28 -10.04 24.63 -46.02
N MET G 29 -9.35 24.31 -47.11
CA MET G 29 -7.89 24.34 -47.14
C MET G 29 -7.43 25.70 -47.66
N ASP G 30 -7.52 26.70 -46.77
CA ASP G 30 -6.98 28.03 -47.01
C ASP G 30 -5.81 28.23 -46.04
N SER G 31 -4.60 28.32 -46.59
CA SER G 31 -3.41 28.41 -45.75
C SER G 31 -3.38 29.72 -44.97
N LYS G 32 -3.73 30.83 -45.60
CA LYS G 32 -3.62 32.13 -44.95
C LYS G 32 -4.51 32.20 -43.71
N THR G 33 -5.76 31.76 -43.82
CA THR G 33 -6.70 31.86 -42.71
C THR G 33 -6.46 30.80 -41.66
N ARG G 34 -6.02 29.60 -42.06
CA ARG G 34 -5.80 28.51 -41.12
C ARG G 34 -4.69 27.59 -41.63
N THR G 38 -4.71 18.88 -40.29
CA THR G 38 -4.64 17.43 -40.18
C THR G 38 -6.05 16.85 -40.34
N TYR G 39 -6.14 15.52 -40.45
CA TYR G 39 -7.45 14.92 -40.73
C TYR G 39 -8.44 15.17 -39.60
N ASN G 40 -7.98 15.20 -38.35
CA ASN G 40 -8.89 15.37 -37.22
C ASN G 40 -9.59 16.73 -37.26
N ASP G 41 -8.96 17.73 -37.88
CA ASP G 41 -9.44 19.10 -37.78
C ASP G 41 -10.74 19.34 -38.55
N PHE G 42 -11.13 18.46 -39.47
CA PHE G 42 -12.29 18.72 -40.31
C PHE G 42 -13.12 17.45 -40.43
N LEU G 43 -14.34 17.61 -40.98
CA LEU G 43 -15.26 16.51 -41.21
C LEU G 43 -15.86 16.64 -42.60
N VAL G 44 -16.45 15.53 -43.07
CA VAL G 44 -17.15 15.49 -44.35
C VAL G 44 -18.65 15.52 -44.06
N LEU G 45 -19.36 16.45 -44.70
CA LEU G 45 -20.80 16.52 -44.48
C LEU G 45 -21.50 15.43 -45.28
N PRO G 46 -22.58 14.87 -44.76
CA PRO G 46 -23.26 13.79 -45.47
C PRO G 46 -24.13 14.30 -46.60
N GLY G 47 -24.26 13.48 -47.63
CA GLY G 47 -25.08 13.79 -48.80
C GLY G 47 -26.40 13.06 -48.78
N LYS G 48 -26.79 12.53 -49.93
CA LYS G 48 -28.00 11.73 -50.06
C LYS G 48 -27.64 10.29 -50.36
N ILE G 49 -28.40 9.36 -49.79
CA ILE G 49 -28.18 7.93 -49.96
C ILE G 49 -29.22 7.42 -50.97
N ASP G 50 -28.73 6.81 -52.06
CA ASP G 50 -29.60 6.29 -53.11
C ASP G 50 -29.16 4.92 -53.59
N PHE G 51 -28.58 4.12 -52.70
CA PHE G 51 -28.01 2.83 -53.08
C PHE G 51 -27.48 2.10 -51.84
N PRO G 52 -27.39 0.78 -51.87
CA PRO G 52 -26.78 0.07 -50.74
C PRO G 52 -25.27 0.25 -50.72
N SER G 53 -24.70 0.09 -49.52
CA SER G 53 -23.26 0.25 -49.38
C SER G 53 -22.49 -0.81 -50.16
N SER G 54 -23.07 -2.00 -50.30
CA SER G 54 -22.39 -3.08 -51.02
C SER G 54 -22.10 -2.74 -52.47
N GLU G 55 -22.74 -1.70 -53.01
CA GLU G 55 -22.57 -1.35 -54.42
C GLU G 55 -21.35 -0.49 -54.69
N VAL G 56 -20.74 0.10 -53.66
CA VAL G 56 -19.62 1.02 -53.88
C VAL G 56 -18.40 0.27 -54.36
N VAL G 57 -17.68 0.87 -55.32
CA VAL G 57 -16.51 0.29 -55.94
C VAL G 57 -15.28 1.08 -55.49
N LEU G 58 -14.32 0.40 -54.87
CA LEU G 58 -13.18 1.04 -54.23
C LEU G 58 -11.88 0.86 -55.01
N SER G 59 -11.95 0.90 -56.35
CA SER G 59 -10.76 0.77 -57.18
C SER G 59 -9.88 2.02 -57.05
N SER G 60 -8.60 1.82 -56.76
CA SER G 60 -7.66 2.90 -56.58
C SER G 60 -6.39 2.67 -57.40
N ARG G 61 -5.81 3.77 -57.90
CA ARG G 61 -4.60 3.73 -58.72
C ARG G 61 -3.38 3.89 -57.82
N LEU G 62 -2.49 2.89 -57.83
CA LEU G 62 -1.23 3.05 -57.12
C LEU G 62 -0.25 3.88 -57.94
N THR G 63 -0.14 3.58 -59.24
CA THR G 63 0.66 4.36 -60.16
C THR G 63 -0.15 4.56 -61.43
N LYS G 64 0.44 5.27 -62.39
CA LYS G 64 -0.26 5.53 -63.65
C LYS G 64 -0.68 4.23 -64.33
N LYS G 65 0.19 3.22 -64.31
CA LYS G 65 -0.08 1.97 -65.00
C LYS G 65 -0.76 0.93 -64.13
N ILE G 66 -0.59 0.98 -62.82
CA ILE G 66 -1.11 -0.04 -61.90
C ILE G 66 -2.38 0.48 -61.24
N THR G 67 -3.40 -0.36 -61.21
CA THR G 67 -4.66 -0.08 -60.52
C THR G 67 -4.96 -1.18 -59.52
N LEU G 68 -5.57 -0.79 -58.40
CA LEU G 68 -5.88 -1.70 -57.31
C LEU G 68 -7.38 -1.62 -57.01
N ASN G 69 -7.90 -2.70 -56.43
CA ASN G 69 -9.29 -2.75 -56.02
C ASN G 69 -9.53 -2.14 -54.63
N ALA G 70 -8.46 -1.81 -53.91
CA ALA G 70 -8.54 -1.34 -52.53
C ALA G 70 -7.36 -0.41 -52.25
N PRO G 71 -7.60 0.83 -51.83
CA PRO G 71 -6.48 1.77 -51.68
C PRO G 71 -5.65 1.55 -50.43
N PHE G 72 -5.36 0.29 -50.11
CA PHE G 72 -4.59 -0.06 -48.92
C PHE G 72 -3.22 -0.56 -49.34
N VAL G 73 -2.18 0.07 -48.81
CA VAL G 73 -0.79 -0.28 -49.10
C VAL G 73 -0.05 -0.42 -47.78
N SER G 74 0.81 -1.44 -47.70
CA SER G 74 1.57 -1.69 -46.48
C SER G 74 2.87 -0.91 -46.50
N SER G 75 3.24 -0.34 -45.36
CA SER G 75 4.42 0.49 -45.27
C SER G 75 5.69 -0.36 -45.33
N PRO G 76 6.77 0.17 -45.91
CA PRO G 76 8.05 -0.57 -45.94
C PRO G 76 8.81 -0.46 -44.61
N MET G 77 8.20 -1.00 -43.55
CA MET G 77 8.81 -1.00 -42.23
C MET G 77 9.13 -2.42 -41.81
N ASP G 78 10.25 -2.58 -41.08
CA ASP G 78 10.66 -3.89 -40.62
C ASP G 78 9.64 -4.53 -39.68
N THR G 79 8.74 -3.72 -39.12
CA THR G 79 7.70 -4.22 -38.22
C THR G 79 6.34 -4.33 -38.89
N VAL G 80 6.25 -4.11 -40.19
CA VAL G 80 4.95 -4.07 -40.88
C VAL G 80 4.92 -5.10 -42.00
N THR G 81 5.76 -4.91 -43.02
CA THR G 81 5.64 -5.62 -44.28
C THR G 81 6.75 -6.66 -44.40
N GLU G 82 6.38 -7.93 -44.32
CA GLU G 82 7.25 -9.03 -44.69
C GLU G 82 6.69 -9.70 -45.94
N ALA G 83 7.38 -10.75 -46.40
CA ALA G 83 6.92 -11.47 -47.57
C ALA G 83 5.48 -11.95 -47.39
N ASP G 84 5.17 -12.48 -46.21
CA ASP G 84 3.82 -12.95 -45.93
C ASP G 84 2.81 -11.81 -46.08
N MET G 85 3.11 -10.66 -45.47
CA MET G 85 2.21 -9.51 -45.55
C MET G 85 1.97 -9.11 -47.01
N ALA G 86 3.03 -9.06 -47.81
CA ALA G 86 2.89 -8.66 -49.20
C ALA G 86 1.94 -9.60 -49.95
N ILE G 87 2.06 -10.91 -49.69
CA ILE G 87 1.18 -11.88 -50.35
C ILE G 87 -0.28 -11.64 -49.96
N HIS G 88 -0.54 -11.50 -48.66
CA HIS G 88 -1.91 -11.36 -48.19
C HIS G 88 -2.55 -10.07 -48.67
N MET G 89 -1.84 -8.95 -48.61
CA MET G 89 -2.40 -7.68 -49.07
C MET G 89 -2.82 -7.77 -50.53
N ALA G 90 -1.99 -8.37 -51.38
CA ALA G 90 -2.36 -8.53 -52.78
C ALA G 90 -3.65 -9.35 -52.91
N LEU G 91 -3.76 -10.44 -52.16
CA LEU G 91 -4.95 -11.28 -52.25
C LEU G 91 -6.20 -10.52 -51.83
N LEU G 92 -6.09 -9.64 -50.85
CA LEU G 92 -7.25 -8.94 -50.30
C LEU G 92 -7.63 -7.70 -51.11
N GLY G 93 -6.83 -7.32 -52.10
CA GLY G 93 -7.14 -6.18 -52.96
C GLY G 93 -6.14 -5.05 -52.91
N GLY G 94 -5.16 -5.09 -52.02
CA GLY G 94 -4.19 -4.01 -51.91
C GLY G 94 -2.81 -4.41 -52.42
N ILE G 95 -1.77 -3.96 -51.73
CA ILE G 95 -0.40 -4.26 -52.11
C ILE G 95 0.49 -4.02 -50.90
N GLY G 96 1.66 -4.65 -50.91
CA GLY G 96 2.61 -4.50 -49.82
C GLY G 96 3.97 -4.16 -50.38
N ILE G 97 4.67 -3.28 -49.68
CA ILE G 97 5.99 -2.81 -50.08
C ILE G 97 7.00 -3.40 -49.12
N ILE G 98 7.86 -4.29 -49.63
CA ILE G 98 8.83 -4.93 -48.77
C ILE G 98 9.78 -3.87 -48.23
N HIS G 99 10.11 -3.97 -46.95
CA HIS G 99 11.03 -3.04 -46.33
C HIS G 99 12.46 -3.40 -46.68
N HIS G 100 13.33 -2.38 -46.70
CA HIS G 100 14.70 -2.54 -47.18
C HIS G 100 15.72 -2.48 -46.06
N ASN G 101 15.31 -2.75 -44.81
CA ASN G 101 16.26 -2.93 -43.71
C ASN G 101 16.57 -4.42 -43.60
N CYS G 102 17.38 -4.88 -44.54
CA CYS G 102 17.76 -6.28 -44.64
C CYS G 102 18.79 -6.46 -45.74
N THR G 103 19.32 -7.67 -45.91
CA THR G 103 20.29 -7.87 -46.97
C THR G 103 19.61 -7.75 -48.34
N ALA G 104 20.40 -7.41 -49.34
CA ALA G 104 19.88 -7.32 -50.69
C ALA G 104 19.37 -8.67 -51.18
N GLU G 105 20.18 -9.72 -50.98
CA GLU G 105 19.78 -11.07 -51.38
C GLU G 105 18.51 -11.50 -50.68
N GLU G 106 18.43 -11.27 -49.36
CA GLU G 106 17.23 -11.67 -48.61
C GLU G 106 16.00 -10.96 -49.14
N GLN G 107 16.12 -9.64 -49.37
CA GLN G 107 14.98 -8.88 -49.89
C GLN G 107 14.56 -9.42 -51.25
N ALA G 108 15.54 -9.70 -52.12
CA ALA G 108 15.22 -10.28 -53.42
C ALA G 108 14.48 -11.60 -53.27
N GLU G 109 14.91 -12.43 -52.31
CA GLU G 109 14.20 -13.68 -52.06
C GLU G 109 12.77 -13.41 -51.64
N MET G 110 12.55 -12.40 -50.79
CA MET G 110 11.18 -12.09 -50.36
C MET G 110 10.30 -11.76 -51.56
N VAL G 111 10.82 -10.97 -52.49
CA VAL G 111 10.06 -10.66 -53.70
C VAL G 111 9.71 -11.93 -54.43
N ARG G 112 10.69 -12.80 -54.65
CA ARG G 112 10.46 -14.04 -55.38
C ARG G 112 9.36 -14.86 -54.72
N ARG G 113 9.37 -14.92 -53.39
CA ARG G 113 8.32 -15.65 -52.68
C ARG G 113 6.93 -15.10 -53.00
N VAL G 114 6.80 -13.78 -53.02
CA VAL G 114 5.51 -13.16 -53.32
C VAL G 114 5.07 -13.53 -54.73
N LYS G 115 5.97 -13.40 -55.71
CA LYS G 115 5.60 -13.65 -57.09
C LYS G 115 5.28 -15.12 -57.34
N LYS G 116 5.88 -16.02 -56.57
CA LYS G 116 5.69 -17.45 -56.76
C LYS G 116 4.59 -18.03 -55.89
N TYR G 117 3.97 -17.23 -55.03
CA TYR G 117 2.93 -17.76 -54.16
C TYR G 117 1.74 -18.26 -54.98
N GLU G 118 1.26 -19.44 -54.64
CA GLU G 118 0.07 -20.03 -55.25
C GLU G 118 -0.99 -20.17 -54.19
N ASN G 119 -2.18 -19.64 -54.46
CA ASN G 119 -3.27 -19.74 -53.48
C ASN G 119 -3.65 -21.20 -53.28
N GLY G 120 -3.56 -21.68 -52.05
CA GLY G 120 -3.90 -23.04 -51.71
C GLY G 120 -2.72 -23.99 -51.66
N PHE G 121 -1.54 -23.56 -52.10
CA PHE G 121 -0.37 -24.45 -52.13
C PHE G 121 0.61 -24.06 -51.02
N ALA G 132 16.77 -40.03 -41.82
CA ALA G 132 16.67 -39.42 -40.49
C ALA G 132 15.84 -40.32 -39.57
N THR G 133 15.96 -40.07 -38.27
CA THR G 133 15.28 -40.90 -37.28
C THR G 133 13.83 -40.48 -37.11
N VAL G 134 13.00 -41.45 -36.71
CA VAL G 134 11.58 -41.17 -36.49
C VAL G 134 11.43 -40.15 -35.36
N ALA G 135 12.14 -40.37 -34.25
CA ALA G 135 12.09 -39.42 -33.15
C ALA G 135 12.36 -38.00 -33.63
N ASP G 136 13.33 -37.86 -34.55
CA ASP G 136 13.58 -36.56 -35.17
C ASP G 136 12.33 -36.03 -35.85
N VAL G 137 11.60 -36.90 -36.57
CA VAL G 137 10.38 -36.47 -37.22
C VAL G 137 9.39 -35.94 -36.19
N ARG G 138 9.25 -36.63 -35.06
CA ARG G 138 8.35 -36.15 -34.01
C ARG G 138 8.75 -34.76 -33.56
N ARG G 139 10.05 -34.52 -33.38
CA ARG G 139 10.53 -33.20 -32.99
C ARG G 139 10.15 -32.15 -34.03
N MET G 140 10.32 -32.47 -35.31
CA MET G 140 9.94 -31.53 -36.36
C MET G 140 8.46 -31.19 -36.26
N LYS G 141 7.62 -32.18 -36.00
CA LYS G 141 6.19 -31.94 -35.90
C LYS G 141 5.88 -30.91 -34.82
N ASN G 142 6.51 -31.06 -33.66
CA ASN G 142 6.27 -30.11 -32.58
C ASN G 142 6.78 -28.72 -32.95
N GLU G 143 7.97 -28.63 -33.53
CA GLU G 143 8.54 -27.32 -33.86
C GLU G 143 7.70 -26.63 -34.93
N PHE G 144 7.44 -27.32 -36.04
CA PHE G 144 6.62 -26.76 -37.11
C PHE G 144 5.12 -26.84 -36.80
N GLY G 145 4.72 -27.69 -35.86
CA GLY G 145 3.31 -27.86 -35.57
C GLY G 145 2.57 -28.70 -36.56
N PHE G 146 3.26 -29.50 -37.37
CA PHE G 146 2.60 -30.32 -38.39
C PHE G 146 3.50 -31.49 -38.75
N ALA G 147 2.89 -32.55 -39.28
CA ALA G 147 3.60 -33.79 -39.55
C ALA G 147 3.67 -34.17 -41.03
N GLY G 148 3.00 -33.43 -41.92
CA GLY G 148 3.00 -33.78 -43.32
C GLY G 148 4.31 -33.45 -44.02
N PHE G 149 5.22 -34.43 -44.10
CA PHE G 149 6.54 -34.21 -44.67
C PHE G 149 6.74 -35.15 -45.84
N PRO G 150 6.97 -34.67 -47.06
CA PRO G 150 7.32 -35.60 -48.14
C PRO G 150 8.80 -35.96 -48.05
N VAL G 151 9.11 -37.22 -48.33
CA VAL G 151 10.49 -37.68 -48.30
C VAL G 151 11.20 -37.28 -49.59
N GLY G 155 17.23 -35.06 -48.75
CA GLY G 155 16.73 -34.24 -47.67
C GLY G 155 16.56 -32.78 -48.06
N LYS G 156 15.99 -32.55 -49.24
CA LYS G 156 15.82 -31.21 -49.78
C LYS G 156 14.46 -31.09 -50.45
N PRO G 157 13.86 -29.90 -50.43
CA PRO G 157 12.56 -29.72 -51.10
C PRO G 157 12.56 -30.11 -52.57
N THR G 158 13.70 -30.05 -53.26
CA THR G 158 13.75 -30.27 -54.69
C THR G 158 14.28 -31.65 -55.08
N GLY G 159 14.39 -32.57 -54.13
CA GLY G 159 14.91 -33.89 -54.41
C GLY G 159 13.87 -34.79 -55.03
N LYS G 160 14.28 -36.04 -55.28
CA LYS G 160 13.36 -37.04 -55.79
C LYS G 160 12.36 -37.44 -54.71
N LEU G 161 11.12 -37.68 -55.12
CA LEU G 161 10.04 -37.99 -54.19
C LEU G 161 10.04 -39.48 -53.91
N GLN G 162 10.63 -39.87 -52.77
CA GLN G 162 10.66 -41.28 -52.40
C GLN G 162 9.34 -41.71 -51.76
N GLY G 163 8.82 -40.90 -50.84
CA GLY G 163 7.57 -41.22 -50.20
C GLY G 163 7.12 -40.09 -49.31
N ILE G 164 6.14 -40.38 -48.46
CA ILE G 164 5.60 -39.42 -47.52
C ILE G 164 5.39 -40.10 -46.17
N ILE G 165 5.56 -39.31 -45.10
CA ILE G 165 5.36 -39.79 -43.73
C ILE G 165 4.58 -38.72 -42.98
N THR G 166 3.55 -39.15 -42.25
CA THR G 166 2.63 -38.23 -41.57
C THR G 166 2.44 -38.69 -40.13
N SER G 167 1.59 -37.94 -39.40
CA SER G 167 1.36 -38.25 -37.99
C SER G 167 0.83 -39.67 -37.82
N ARG G 168 -0.13 -40.07 -38.65
CA ARG G 168 -0.74 -41.39 -38.53
C ARG G 168 0.32 -42.49 -38.56
N ASP G 169 1.37 -42.30 -39.37
CA ASP G 169 2.40 -43.34 -39.49
C ASP G 169 3.26 -43.43 -38.25
N ILE G 170 3.44 -42.33 -37.52
CA ILE G 170 4.40 -42.26 -36.42
C ILE G 170 3.74 -42.16 -35.06
N GLN G 171 2.42 -42.23 -34.97
CA GLN G 171 1.77 -42.02 -33.68
C GLN G 171 2.14 -43.12 -32.70
N PHE G 172 2.00 -44.38 -33.09
CA PHE G 172 2.30 -45.45 -32.15
C PHE G 172 3.59 -46.25 -32.47
N VAL G 173 4.67 -45.62 -32.98
CA VAL G 173 5.92 -46.37 -33.30
C VAL G 173 6.60 -46.78 -31.96
N GLU G 174 7.22 -47.99 -31.85
CA GLU G 174 7.90 -48.51 -30.62
C GLU G 174 9.41 -48.58 -30.86
N GLU G 176 11.44 -46.20 -30.98
CA GLU G 176 11.33 -45.05 -31.88
C GLU G 176 12.71 -44.66 -32.45
N THR G 177 13.47 -45.63 -32.99
CA THR G 177 14.82 -45.46 -33.62
C THR G 177 14.89 -46.00 -35.09
N LEU G 178 13.81 -45.86 -35.89
CA LEU G 178 13.67 -46.38 -37.29
C LEU G 178 13.71 -45.19 -38.30
N LEU G 179 14.42 -45.27 -39.45
CA LEU G 179 14.48 -44.14 -40.45
C LEU G 179 13.18 -44.04 -41.23
N VAL G 180 13.04 -42.97 -42.00
CA VAL G 180 11.79 -42.81 -42.77
C VAL G 180 11.52 -44.04 -43.72
N SER G 181 12.56 -44.61 -44.37
CA SER G 181 12.31 -45.80 -45.24
C SER G 181 11.70 -46.96 -44.38
N GLU G 182 10.68 -47.67 -44.92
CA GLU G 182 9.93 -48.80 -44.33
C GLU G 182 8.85 -48.41 -43.31
N ILE G 183 8.72 -47.11 -43.10
CA ILE G 183 7.72 -46.54 -42.21
C ILE G 183 6.76 -45.66 -43.05
N MET G 184 7.29 -44.72 -43.87
CA MET G 184 6.42 -43.83 -44.74
C MET G 184 5.88 -44.62 -45.92
N THR G 185 4.86 -44.06 -46.54
CA THR G 185 4.21 -44.70 -47.74
C THR G 185 5.07 -44.46 -48.99
N LYS G 186 5.38 -45.53 -49.71
CA LYS G 186 6.18 -45.42 -50.92
C LYS G 186 5.33 -45.08 -52.14
N ASP G 187 4.22 -45.79 -52.33
CA ASP G 187 3.33 -45.55 -53.47
C ASP G 187 2.47 -44.33 -53.16
N VAL G 188 2.92 -43.16 -53.60
CA VAL G 188 2.25 -41.90 -53.34
C VAL G 188 1.40 -41.53 -54.56
N ILE G 189 0.17 -41.12 -54.31
CA ILE G 189 -0.67 -40.56 -55.35
C ILE G 189 -0.15 -39.18 -55.74
N THR G 190 -0.11 -38.91 -57.05
CA THR G 190 0.38 -37.63 -57.55
C THR G 190 -0.58 -37.08 -58.60
N LEU G 197 -6.07 -25.90 -59.15
CA LEU G 197 -6.32 -26.13 -57.74
C LEU G 197 -7.59 -26.97 -57.55
N GLU G 198 -8.61 -26.66 -58.36
CA GLU G 198 -9.88 -27.38 -58.24
C GLU G 198 -9.71 -28.85 -58.59
N GLU G 199 -8.93 -29.15 -59.63
CA GLU G 199 -8.70 -30.53 -60.01
C GLU G 199 -8.03 -31.32 -58.88
N ALA G 200 -7.04 -30.70 -58.22
CA ALA G 200 -6.38 -31.37 -57.11
C ALA G 200 -7.36 -31.67 -55.99
N ASN G 201 -8.32 -30.76 -55.75
CA ASN G 201 -9.29 -30.99 -54.68
C ASN G 201 -10.14 -32.22 -54.96
N GLN G 202 -10.62 -32.36 -56.20
CA GLN G 202 -11.43 -33.53 -56.53
C GLN G 202 -10.64 -34.81 -56.31
N ILE G 203 -9.37 -34.85 -56.72
CA ILE G 203 -8.54 -36.02 -56.50
C ILE G 203 -8.47 -36.35 -55.02
N LEU G 204 -8.26 -35.33 -54.19
CA LEU G 204 -8.15 -35.56 -52.75
C LEU G 204 -9.43 -36.18 -52.19
N LYS G 205 -10.59 -35.66 -52.60
CA LYS G 205 -11.86 -36.20 -52.10
C LYS G 205 -12.03 -37.67 -52.48
N ASN G 206 -11.66 -38.02 -53.72
CA ASN G 206 -11.82 -39.40 -54.17
C ASN G 206 -10.89 -40.36 -53.44
N THR G 207 -9.63 -39.98 -53.28
CA THR G 207 -8.61 -40.84 -52.69
C THR G 207 -8.54 -40.76 -51.17
N LYS G 208 -9.22 -39.80 -50.55
CA LYS G 208 -9.20 -39.64 -49.10
C LYS G 208 -7.77 -39.43 -48.56
N LYS G 209 -6.92 -38.80 -49.36
CA LYS G 209 -5.53 -38.55 -48.96
C LYS G 209 -5.40 -37.15 -48.39
N GLY G 210 -4.53 -37.00 -47.39
CA GLY G 210 -4.39 -35.72 -46.73
C GLY G 210 -3.64 -34.69 -47.57
N LYS G 211 -2.47 -35.06 -48.06
CA LYS G 211 -1.62 -34.17 -48.83
C LYS G 211 -1.46 -34.69 -50.26
N LEU G 212 -1.09 -33.79 -51.17
CA LEU G 212 -0.85 -34.13 -52.56
C LEU G 212 0.40 -33.43 -53.04
N PRO G 213 1.56 -34.08 -52.95
CA PRO G 213 2.79 -33.51 -53.53
C PRO G 213 2.65 -33.32 -55.03
N ILE G 214 3.25 -32.24 -55.52
CA ILE G 214 3.23 -31.93 -56.94
C ILE G 214 4.60 -32.19 -57.56
N SER G 226 -2.22 -30.48 -49.00
CA SER G 226 -2.77 -29.78 -47.84
C SER G 226 -4.30 -29.71 -47.90
N ARG G 227 -4.94 -30.83 -47.62
CA ARG G 227 -6.39 -30.91 -47.64
C ARG G 227 -6.98 -30.37 -46.34
N SER G 235 -11.72 -17.61 -51.42
CA SER G 235 -11.67 -17.43 -52.87
C SER G 235 -10.75 -16.27 -53.25
N TYR G 236 -10.83 -15.19 -52.48
CA TYR G 236 -10.00 -14.01 -52.69
C TYR G 236 -10.13 -13.49 -54.13
N PRO G 237 -11.34 -13.09 -54.54
CA PRO G 237 -11.55 -12.69 -55.95
C PRO G 237 -10.92 -11.36 -56.33
N LEU G 238 -10.56 -10.51 -55.37
CA LEU G 238 -10.06 -9.17 -55.67
C LEU G 238 -8.55 -9.09 -55.61
N ALA G 239 -7.86 -10.22 -55.82
CA ALA G 239 -6.41 -10.23 -55.73
C ALA G 239 -5.77 -9.37 -56.82
N SER G 240 -4.65 -8.73 -56.47
CA SER G 240 -3.94 -7.87 -57.40
C SER G 240 -2.88 -8.67 -58.15
N LYS G 241 -2.95 -8.66 -59.49
CA LYS G 241 -1.97 -9.35 -60.30
C LYS G 241 -1.79 -8.59 -61.62
N SER G 242 -0.65 -8.82 -62.26
CA SER G 242 -0.38 -8.23 -63.57
C SER G 242 -1.28 -8.85 -64.63
N THR G 245 1.83 -10.93 -66.03
CA THR G 245 1.89 -12.38 -66.12
C THR G 245 0.86 -13.04 -65.20
N LYS G 246 -0.14 -12.26 -64.77
CA LYS G 246 -1.21 -12.77 -63.93
C LYS G 246 -0.67 -13.42 -62.67
N GLN G 247 0.27 -12.74 -62.02
CA GLN G 247 0.86 -13.17 -60.76
C GLN G 247 0.68 -12.06 -59.73
N LEU G 248 0.74 -12.44 -58.45
CA LEU G 248 0.50 -11.48 -57.37
C LEU G 248 1.42 -10.27 -57.50
N LEU G 249 0.87 -9.10 -57.22
CA LEU G 249 1.66 -7.88 -57.22
C LEU G 249 2.60 -7.84 -56.04
N CYS G 250 3.71 -7.13 -56.21
CA CYS G 250 4.68 -6.97 -55.14
C CYS G 250 5.34 -5.60 -55.25
N GLY G 251 5.59 -4.99 -54.09
CA GLY G 251 6.30 -3.73 -54.04
C GLY G 251 7.47 -3.82 -53.08
N ALA G 252 8.39 -2.88 -53.23
CA ALA G 252 9.57 -2.83 -52.39
C ALA G 252 10.10 -1.41 -52.39
N ALA G 253 10.82 -1.06 -51.32
CA ALA G 253 11.39 0.26 -51.16
C ALA G 253 12.91 0.17 -51.26
N ILE G 254 13.52 1.26 -51.72
CA ILE G 254 14.97 1.33 -51.92
C ILE G 254 15.44 2.73 -51.54
N GLY G 255 16.76 2.87 -51.44
CA GLY G 255 17.37 4.16 -51.17
C GLY G 255 17.68 4.91 -52.46
N ILE G 257 21.34 5.09 -53.11
CA ILE G 257 22.77 5.08 -53.33
C ILE G 257 23.15 4.00 -54.35
N ASP G 258 24.43 3.91 -54.68
CA ASP G 258 24.88 2.95 -55.67
C ASP G 258 24.51 1.53 -55.25
N ALA G 259 24.71 1.20 -53.98
CA ALA G 259 24.32 -0.13 -53.49
C ALA G 259 22.82 -0.34 -53.66
N ASP G 260 22.03 0.70 -53.44
CA ASP G 260 20.58 0.58 -53.62
C ASP G 260 20.24 0.25 -55.07
N ARG G 261 20.96 0.87 -56.02
CA ARG G 261 20.71 0.59 -57.43
C ARG G 261 20.99 -0.88 -57.76
N GLN G 262 22.06 -1.43 -57.19
CA GLN G 262 22.37 -2.83 -57.46
C GLN G 262 21.29 -3.77 -56.92
N ARG G 263 20.78 -3.48 -55.72
CA ARG G 263 19.72 -4.31 -55.17
C ARG G 263 18.48 -4.25 -56.05
N LEU G 264 18.17 -3.07 -56.60
CA LEU G 264 16.99 -2.94 -57.45
C LEU G 264 17.10 -3.85 -58.66
N ALA G 265 18.29 -3.91 -59.28
CA ALA G 265 18.48 -4.84 -60.39
C ALA G 265 18.20 -6.27 -59.95
N MET G 266 18.66 -6.63 -58.75
CA MET G 266 18.34 -7.95 -58.20
C MET G 266 16.85 -8.11 -57.96
N LEU G 267 16.19 -7.04 -57.49
CA LEU G 267 14.75 -7.10 -57.26
C LEU G 267 13.98 -7.31 -58.57
N VAL G 268 14.40 -6.63 -59.64
CA VAL G 268 13.75 -6.83 -60.94
C VAL G 268 13.88 -8.28 -61.36
N GLU G 269 15.07 -8.87 -61.19
CA GLU G 269 15.25 -10.28 -61.53
C GLU G 269 14.30 -11.17 -60.72
N ALA G 270 13.93 -10.73 -59.52
CA ALA G 270 12.97 -11.48 -58.70
C ALA G 270 11.53 -11.23 -59.11
N GLY G 271 11.27 -10.34 -60.07
CA GLY G 271 9.93 -10.09 -60.54
C GLY G 271 9.20 -8.93 -59.89
N LEU G 272 9.92 -7.99 -59.29
CA LEU G 272 9.26 -6.85 -58.65
C LEU G 272 8.43 -6.09 -59.67
N ASP G 273 7.27 -5.60 -59.22
CA ASP G 273 6.35 -4.85 -60.07
C ASP G 273 6.44 -3.35 -59.87
N VAL G 274 6.67 -2.90 -58.64
CA VAL G 274 6.73 -1.47 -58.33
C VAL G 274 7.79 -1.25 -57.25
N VAL G 275 8.54 -0.15 -57.39
CA VAL G 275 9.58 0.22 -56.44
C VAL G 275 9.22 1.57 -55.84
N VAL G 276 9.54 1.74 -54.56
CA VAL G 276 9.28 2.98 -53.83
C VAL G 276 10.61 3.54 -53.37
N LEU G 277 10.96 4.72 -53.86
CA LEU G 277 12.18 5.40 -53.41
C LEU G 277 11.97 5.91 -51.99
N ASP G 278 12.69 5.33 -51.03
CA ASP G 278 12.51 5.66 -49.62
C ASP G 278 13.37 6.87 -49.27
N SER G 279 12.72 8.01 -49.06
CA SER G 279 13.41 9.22 -48.64
C SER G 279 12.40 10.14 -47.97
N SER G 280 12.82 10.76 -46.88
CA SER G 280 11.97 11.69 -46.15
C SER G 280 11.90 13.03 -46.88
N GLY G 282 12.53 13.87 -50.78
CA GLY G 282 12.60 13.18 -52.05
C GLY G 282 13.07 14.07 -53.18
N ASN G 283 12.86 15.39 -53.02
CA ASN G 283 13.23 16.36 -54.04
C ASN G 283 14.71 16.71 -53.87
N SER G 284 15.55 15.75 -54.23
CA SER G 284 17.01 15.91 -54.17
C SER G 284 17.61 15.59 -55.51
N VAL G 285 18.81 16.13 -55.75
CA VAL G 285 19.53 15.84 -56.99
C VAL G 285 19.80 14.34 -57.10
N PHE G 286 20.28 13.73 -56.02
CA PHE G 286 20.61 12.31 -56.04
C PHE G 286 19.40 11.47 -56.40
N GLN G 287 18.26 11.73 -55.75
CA GLN G 287 17.06 10.93 -56.03
C GLN G 287 16.57 11.16 -57.46
N ILE G 288 16.66 12.40 -57.95
CA ILE G 288 16.26 12.67 -59.33
C ILE G 288 17.06 11.79 -60.28
N ASN G 289 18.37 11.71 -60.08
CA ASN G 289 19.20 10.84 -60.91
C ASN G 289 18.74 9.39 -60.83
N MET G 290 18.39 8.93 -59.63
CA MET G 290 17.92 7.56 -59.45
C MET G 290 16.67 7.31 -60.30
N ILE G 291 15.70 8.22 -60.22
CA ILE G 291 14.46 8.05 -60.98
C ILE G 291 14.76 7.92 -62.47
N LYS G 292 15.63 8.79 -63.00
CA LYS G 292 15.93 8.77 -64.42
C LYS G 292 16.58 7.45 -64.83
N TRP G 293 17.52 6.95 -64.04
CA TRP G 293 18.19 5.71 -64.38
C TRP G 293 17.21 4.54 -64.39
N ILE G 294 16.28 4.50 -63.44
CA ILE G 294 15.32 3.40 -63.37
C ILE G 294 14.50 3.35 -64.65
N LYS G 295 13.93 4.49 -65.06
CA LYS G 295 13.07 4.51 -66.23
C LYS G 295 13.82 4.03 -67.48
N GLU G 296 15.09 4.42 -67.62
CA GLU G 296 15.86 4.04 -68.79
C GLU G 296 16.27 2.58 -68.73
N THR G 297 16.70 2.10 -67.56
CA THR G 297 17.22 0.74 -67.44
C THR G 297 16.11 -0.30 -67.45
N PHE G 298 15.01 -0.03 -66.74
CA PHE G 298 13.94 -1.01 -66.53
C PHE G 298 12.64 -0.45 -67.10
N PRO G 299 12.29 -0.79 -68.35
CA PRO G 299 11.10 -0.19 -68.96
C PRO G 299 9.79 -0.61 -68.30
N ASP G 300 9.70 -1.84 -67.78
CA ASP G 300 8.45 -2.35 -67.25
C ASP G 300 8.19 -1.94 -65.80
N LEU G 301 9.17 -1.38 -65.10
CA LEU G 301 9.02 -1.07 -63.69
C LEU G 301 8.32 0.26 -63.48
N GLN G 302 7.43 0.30 -62.48
CA GLN G 302 6.76 1.51 -62.05
C GLN G 302 7.47 2.09 -60.83
N VAL G 303 7.68 3.40 -60.83
CA VAL G 303 8.44 4.08 -59.79
C VAL G 303 7.52 5.05 -59.04
N ILE G 304 7.47 4.92 -57.72
CA ILE G 304 6.77 5.86 -56.85
C ILE G 304 7.81 6.72 -56.16
N ALA G 305 7.84 8.01 -56.49
CA ALA G 305 8.80 8.93 -55.89
C ALA G 305 8.22 9.56 -54.62
N GLY G 306 9.11 10.01 -53.74
CA GLY G 306 8.70 10.60 -52.48
C GLY G 306 9.84 10.57 -51.49
N ASN G 307 9.56 11.08 -50.29
CA ASN G 307 8.31 11.76 -49.91
C ASN G 307 8.36 13.27 -50.20
N VAL G 308 7.20 13.83 -50.54
CA VAL G 308 7.05 15.25 -50.84
C VAL G 308 5.87 15.78 -50.04
N VAL G 309 5.87 17.10 -49.83
CA VAL G 309 4.78 17.72 -49.08
C VAL G 309 4.37 19.05 -49.68
N THR G 310 5.05 19.48 -50.74
CA THR G 310 4.77 20.77 -51.36
C THR G 310 4.52 20.59 -52.85
N ARG G 311 3.78 21.53 -53.44
CA ARG G 311 3.52 21.49 -54.87
C ARG G 311 4.81 21.55 -55.67
N GLU G 312 5.77 22.36 -55.23
CA GLU G 312 7.01 22.50 -55.98
C GLU G 312 7.79 21.19 -56.01
N GLN G 313 7.83 20.47 -54.89
CA GLN G 313 8.53 19.19 -54.87
C GLN G 313 7.88 18.18 -55.79
N ALA G 314 6.54 18.11 -55.77
CA ALA G 314 5.83 17.19 -56.64
C ALA G 314 6.16 17.44 -58.09
N ALA G 315 6.18 18.71 -58.51
CA ALA G 315 6.49 19.04 -59.90
C ALA G 315 7.85 18.51 -60.31
N SER G 316 8.86 18.65 -59.43
CA SER G 316 10.20 18.20 -59.78
C SER G 316 10.24 16.69 -60.02
N LEU G 317 9.56 15.92 -59.18
CA LEU G 317 9.59 14.46 -59.32
C LEU G 317 8.73 13.99 -60.49
N ILE G 318 7.68 14.73 -60.83
CA ILE G 318 6.86 14.38 -61.99
C ILE G 318 7.65 14.60 -63.28
N HIS G 319 8.34 15.74 -63.39
CA HIS G 319 9.17 15.99 -64.56
C HIS G 319 10.25 14.92 -64.73
N ALA G 320 10.74 14.36 -63.62
CA ALA G 320 11.76 13.32 -63.71
C ALA G 320 11.21 12.01 -64.24
N GLY G 321 9.89 11.83 -64.23
CA GLY G 321 9.28 10.64 -64.79
C GLY G 321 8.67 9.73 -63.74
N ALA G 322 8.24 10.29 -62.61
CA ALA G 322 7.65 9.48 -61.57
C ALA G 322 6.28 8.97 -61.99
N ASP G 323 5.98 7.72 -61.63
CA ASP G 323 4.67 7.15 -61.87
C ASP G 323 3.72 7.36 -60.69
N GLY G 324 4.25 7.76 -59.54
CA GLY G 324 3.43 8.07 -58.39
C GLY G 324 4.22 8.82 -57.35
N LEU G 325 3.48 9.45 -56.43
CA LEU G 325 4.07 10.28 -55.39
C LEU G 325 3.66 9.77 -54.01
N ARG G 326 4.55 9.95 -53.04
CA ARG G 326 4.28 9.62 -51.65
C ARG G 326 4.30 10.91 -50.85
N ILE G 327 3.18 11.22 -50.21
CA ILE G 327 3.03 12.49 -49.50
C ILE G 327 3.28 12.26 -48.01
N GLY G 328 3.67 13.34 -47.33
CA GLY G 328 3.91 13.29 -45.90
C GLY G 328 5.35 13.61 -45.56
N MET G 329 5.55 14.41 -44.51
CA MET G 329 6.90 14.77 -44.08
C MET G 329 6.92 15.16 -42.61
N GLY G 330 6.92 14.16 -41.73
CA GLY G 330 6.95 14.42 -40.30
C GLY G 330 8.31 14.84 -39.80
N ARG G 345 5.28 19.54 -42.71
CA ARG G 345 3.98 20.13 -43.02
C ARG G 345 2.85 19.25 -42.48
N PRO G 346 1.78 19.87 -41.97
CA PRO G 346 0.62 19.06 -41.55
C PRO G 346 0.15 18.14 -42.67
N GLN G 347 -0.09 16.88 -42.32
CA GLN G 347 -0.40 15.87 -43.31
C GLN G 347 -1.60 16.27 -44.15
N GLY G 348 -2.66 16.77 -43.50
CA GLY G 348 -3.85 17.15 -44.23
C GLY G 348 -3.57 18.19 -45.31
N THR G 349 -2.92 19.28 -44.93
CA THR G 349 -2.65 20.34 -45.90
C THR G 349 -1.70 19.87 -47.00
N ALA G 350 -0.66 19.12 -46.63
CA ALA G 350 0.31 18.67 -47.62
C ALA G 350 -0.35 17.76 -48.65
N VAL G 351 -1.23 16.85 -48.20
CA VAL G 351 -1.86 15.93 -49.13
C VAL G 351 -2.69 16.68 -50.16
N TYR G 352 -3.51 17.64 -49.70
CA TYR G 352 -4.38 18.35 -50.63
C TYR G 352 -3.58 19.07 -51.70
N ASN G 353 -2.51 19.76 -51.31
CA ASN G 353 -1.76 20.56 -52.27
C ASN G 353 -1.06 19.68 -53.31
N VAL G 354 -0.52 18.54 -52.88
CA VAL G 354 0.12 17.63 -53.84
C VAL G 354 -0.90 17.12 -54.86
N THR G 355 -2.05 16.66 -54.37
CA THR G 355 -3.04 16.07 -55.26
C THR G 355 -3.57 17.10 -56.25
N GLN G 356 -3.76 18.35 -55.80
CA GLN G 356 -4.17 19.42 -56.71
C GLN G 356 -3.22 19.50 -57.91
N PHE G 357 -1.91 19.44 -57.66
CA PHE G 357 -0.96 19.56 -58.75
C PHE G 357 -0.80 18.24 -59.49
N ALA G 358 -0.63 17.13 -58.76
CA ALA G 358 -0.25 15.87 -59.38
C ALA G 358 -1.43 15.25 -60.13
N ASN G 359 -2.65 15.35 -59.58
CA ASN G 359 -3.79 14.73 -60.22
C ASN G 359 -4.04 15.30 -61.61
N GLN G 360 -3.66 16.56 -61.84
CA GLN G 360 -3.77 17.12 -63.18
C GLN G 360 -2.86 16.42 -64.17
N PHE G 361 -1.82 15.75 -63.68
CA PHE G 361 -0.91 14.99 -64.53
C PHE G 361 -1.17 13.49 -64.46
N GLY G 362 -2.26 13.07 -63.80
CA GLY G 362 -2.57 11.65 -63.68
C GLY G 362 -1.55 10.87 -62.89
N VAL G 363 -0.85 11.52 -61.96
CA VAL G 363 0.14 10.85 -61.12
C VAL G 363 -0.54 10.51 -59.79
N PRO G 364 -0.88 9.25 -59.53
CA PRO G 364 -1.52 8.92 -58.24
C PRO G 364 -0.57 9.15 -57.09
N CYS G 365 -1.13 9.50 -55.94
CA CYS G 365 -0.35 9.83 -54.76
C CYS G 365 -0.83 8.98 -53.58
N ILE G 366 0.12 8.58 -52.74
CA ILE G 366 -0.17 7.80 -51.54
C ILE G 366 -0.01 8.70 -50.34
N ALA G 367 -0.99 8.67 -49.43
CA ALA G 367 -0.95 9.46 -48.21
C ALA G 367 -0.30 8.61 -47.11
N ASP G 368 0.91 8.99 -46.71
CA ASP G 368 1.67 8.26 -45.70
C ASP G 368 1.77 9.09 -44.43
N GLY G 369 1.40 8.48 -43.30
CA GLY G 369 1.54 9.14 -42.01
C GLY G 369 0.23 9.62 -41.43
N GLY G 370 0.00 9.32 -40.16
CA GLY G 370 -1.18 9.81 -39.46
C GLY G 370 -2.44 9.01 -39.71
N VAL G 371 -2.34 7.78 -40.18
CA VAL G 371 -3.49 6.93 -40.45
C VAL G 371 -3.66 5.98 -39.27
N GLN G 372 -4.83 6.00 -38.63
CA GLN G 372 -5.10 5.03 -37.57
C GLN G 372 -6.58 4.69 -37.41
N ASN G 373 -7.39 4.79 -38.45
CA ASN G 373 -8.78 4.36 -38.41
C ASN G 373 -9.41 4.63 -39.77
N ILE G 374 -10.59 4.05 -39.97
CA ILE G 374 -11.32 4.21 -41.23
C ILE G 374 -11.63 5.67 -41.50
N GLY G 375 -11.97 6.42 -40.45
CA GLY G 375 -12.30 7.82 -40.64
C GLY G 375 -11.16 8.61 -41.25
N HIS G 376 -9.94 8.39 -40.74
CA HIS G 376 -8.78 9.04 -41.32
C HIS G 376 -8.61 8.68 -42.79
N ILE G 377 -8.83 7.40 -43.13
CA ILE G 377 -8.69 6.95 -44.51
C ILE G 377 -9.62 7.73 -45.43
N THR G 378 -10.89 7.85 -45.03
CA THR G 378 -11.85 8.56 -45.87
C THR G 378 -11.41 10.00 -46.10
N LYS G 379 -10.97 10.69 -45.06
CA LYS G 379 -10.56 12.08 -45.19
C LYS G 379 -9.38 12.22 -46.14
N ALA G 380 -8.46 11.26 -46.12
CA ALA G 380 -7.30 11.31 -47.02
C ALA G 380 -7.75 11.23 -48.47
N ILE G 381 -8.63 10.28 -48.78
CA ILE G 381 -9.15 10.17 -50.14
C ILE G 381 -9.87 11.47 -50.53
N ALA G 382 -10.64 12.04 -49.60
CA ALA G 382 -11.36 13.27 -49.89
C ALA G 382 -10.42 14.40 -50.28
N LEU G 383 -9.25 14.46 -49.64
CA LEU G 383 -8.31 15.52 -49.97
C LEU G 383 -7.59 15.27 -51.30
N GLY G 384 -7.62 14.05 -51.81
CA GLY G 384 -7.09 13.78 -53.14
C GLY G 384 -6.21 12.56 -53.26
N ALA G 385 -5.84 11.93 -52.15
CA ALA G 385 -4.94 10.79 -52.25
C ALA G 385 -5.66 9.64 -52.96
N SER G 386 -4.94 8.99 -53.87
CA SER G 386 -5.49 7.84 -54.56
C SER G 386 -5.37 6.57 -53.73
N THR G 387 -4.32 6.48 -52.92
CA THR G 387 -4.12 5.37 -52.00
C THR G 387 -3.59 5.91 -50.69
N VAL G 388 -3.59 5.06 -49.67
CA VAL G 388 -3.09 5.42 -48.35
C VAL G 388 -2.20 4.28 -47.85
N MET G 389 -1.16 4.67 -47.12
CA MET G 389 -0.21 3.66 -46.60
C MET G 389 -0.63 3.37 -45.13
N MET G 390 -0.65 2.09 -44.69
CA MET G 390 -1.09 1.63 -43.33
C MET G 390 0.02 1.11 -42.38
N GLY G 391 1.28 1.51 -42.55
CA GLY G 391 2.33 1.04 -41.67
C GLY G 391 2.07 1.51 -40.22
N GLY G 392 2.36 0.70 -39.19
CA GLY G 392 2.12 1.04 -37.79
C GLY G 392 0.69 0.90 -37.15
N MET G 393 -0.30 0.30 -37.86
CA MET G 393 -1.71 0.05 -37.40
C MET G 393 -2.17 -1.41 -37.54
N GLY G 396 0.80 -4.63 -34.93
CA GLY G 396 0.97 -5.94 -34.32
C GLY G 396 -0.06 -6.99 -34.84
N THR G 397 -0.34 -7.03 -36.17
CA THR G 397 -1.33 -7.99 -36.76
C THR G 397 -0.73 -9.42 -36.81
N THR G 398 -1.52 -10.49 -36.96
CA THR G 398 -0.90 -11.85 -37.01
C THR G 398 0.12 -11.93 -38.22
N GLU G 399 -0.23 -11.42 -39.41
CA GLU G 399 0.72 -11.46 -40.59
C GLU G 399 2.06 -10.63 -40.30
N SER G 400 1.98 -9.47 -39.60
CA SER G 400 3.25 -8.70 -39.31
C SER G 400 4.36 -9.55 -38.66
N PRO G 401 5.61 -9.22 -39.01
CA PRO G 401 6.79 -9.95 -38.52
C PRO G 401 6.72 -10.27 -37.03
N LYS G 458 -3.01 -7.38 -32.66
CA LYS G 458 -4.16 -7.42 -33.55
C LYS G 458 -4.26 -8.78 -34.26
N GLY G 459 -5.45 -9.10 -34.76
CA GLY G 459 -5.69 -10.35 -35.43
C GLY G 459 -5.09 -10.39 -36.83
N SER G 460 -5.50 -11.38 -37.59
CA SER G 460 -5.02 -11.55 -38.96
C SER G 460 -5.58 -10.45 -39.86
N ILE G 461 -4.85 -10.17 -40.93
CA ILE G 461 -5.26 -9.12 -41.88
C ILE G 461 -6.40 -9.58 -42.79
N LYS G 462 -6.73 -10.87 -42.78
CA LYS G 462 -7.86 -11.34 -43.58
C LYS G 462 -9.17 -10.76 -43.09
N LYS G 463 -9.38 -10.72 -41.77
CA LYS G 463 -10.56 -10.07 -41.22
C LYS G 463 -10.42 -8.56 -41.20
N TYR G 464 -9.21 -8.06 -40.91
CA TYR G 464 -9.03 -6.63 -40.68
C TYR G 464 -9.17 -5.82 -41.97
N ILE G 465 -8.63 -6.33 -43.08
CA ILE G 465 -8.61 -5.54 -44.31
C ILE G 465 -10.04 -5.42 -44.85
N PRO G 466 -10.75 -6.52 -45.09
CA PRO G 466 -12.18 -6.41 -45.42
C PRO G 466 -12.97 -5.57 -44.43
N TYR G 467 -12.63 -5.60 -43.14
CA TYR G 467 -13.32 -4.71 -42.20
C TYR G 467 -13.17 -3.26 -42.65
N LEU G 468 -11.95 -2.88 -43.03
CA LEU G 468 -11.73 -1.54 -43.54
C LEU G 468 -12.48 -1.33 -44.85
N TYR G 469 -12.54 -2.36 -45.69
CA TYR G 469 -13.24 -2.25 -46.96
C TYR G 469 -14.71 -1.90 -46.74
N ASN G 470 -15.36 -2.61 -45.80
CA ASN G 470 -16.75 -2.31 -45.48
C ASN G 470 -16.90 -0.91 -44.91
N GLY G 471 -15.95 -0.50 -44.06
CA GLY G 471 -16.02 0.84 -43.48
C GLY G 471 -15.99 1.92 -44.54
N LEU G 472 -15.09 1.79 -45.51
CA LEU G 472 -15.01 2.77 -46.59
C LEU G 472 -16.30 2.83 -47.38
N GLN G 473 -16.90 1.68 -47.66
CA GLN G 473 -18.16 1.64 -48.41
C GLN G 473 -19.25 2.42 -47.68
N HIS G 474 -19.37 2.22 -46.36
CA HIS G 474 -20.38 2.96 -45.61
C HIS G 474 -20.12 4.46 -45.65
N SER G 475 -18.85 4.86 -45.54
CA SER G 475 -18.53 6.28 -45.60
C SER G 475 -18.98 6.90 -46.93
N CYS G 476 -18.76 6.18 -48.03
CA CYS G 476 -19.17 6.70 -49.34
C CYS G 476 -20.69 6.81 -49.44
N GLN G 477 -21.42 5.84 -48.88
CA GLN G 477 -22.88 5.92 -48.94
C GLN G 477 -23.38 7.15 -48.20
N ASP G 478 -22.88 7.37 -46.97
CA ASP G 478 -23.27 8.55 -46.22
C ASP G 478 -22.95 9.82 -47.01
N ILE G 479 -21.81 9.85 -47.68
CA ILE G 479 -21.44 11.00 -48.49
C ILE G 479 -22.30 11.06 -49.76
N GLY G 480 -22.65 9.90 -50.32
CA GLY G 480 -23.48 9.84 -51.50
C GLY G 480 -22.74 9.61 -52.80
N VAL G 481 -21.65 8.84 -52.78
CA VAL G 481 -20.85 8.56 -53.96
C VAL G 481 -20.74 7.05 -54.13
N ARG G 482 -20.85 6.59 -55.38
CA ARG G 482 -20.83 5.17 -55.68
C ARG G 482 -19.43 4.62 -55.94
N SER G 483 -18.41 5.47 -56.06
CA SER G 483 -17.07 4.99 -56.31
C SER G 483 -16.08 6.07 -55.88
N LEU G 484 -14.80 5.67 -55.76
CA LEU G 484 -13.77 6.62 -55.39
C LEU G 484 -13.52 7.63 -56.50
N VAL G 485 -13.65 7.18 -57.76
CA VAL G 485 -13.56 8.12 -58.87
C VAL G 485 -14.63 9.20 -58.74
N GLU G 486 -15.86 8.77 -58.45
CA GLU G 486 -16.94 9.73 -58.28
C GLU G 486 -16.69 10.62 -57.07
N PHE G 487 -16.15 10.04 -55.99
CA PHE G 487 -15.90 10.84 -54.78
C PHE G 487 -14.91 11.96 -55.06
N ARG G 488 -13.79 11.65 -55.71
CA ARG G 488 -12.83 12.70 -56.04
C ARG G 488 -13.44 13.73 -56.97
N GLU G 489 -14.17 13.29 -58.00
CA GLU G 489 -14.79 14.24 -58.91
C GLU G 489 -15.77 15.13 -58.15
N LYS G 490 -16.52 14.56 -57.21
CA LYS G 490 -17.51 15.33 -56.47
C LYS G 490 -16.84 16.37 -55.55
N VAL G 491 -15.73 16.01 -54.92
CA VAL G 491 -15.02 16.97 -54.07
C VAL G 491 -14.51 18.13 -54.91
N ASP G 492 -13.80 17.82 -56.01
CA ASP G 492 -13.21 18.87 -56.82
C ASP G 492 -14.26 19.80 -57.38
N SER G 493 -15.44 19.28 -57.71
CA SER G 493 -16.53 20.11 -58.24
C SER G 493 -17.24 20.90 -57.17
N GLY G 494 -17.03 20.60 -55.89
CA GLY G 494 -17.68 21.29 -54.80
C GLY G 494 -18.97 20.66 -54.30
N SER G 495 -19.33 19.48 -54.81
CA SER G 495 -20.54 18.82 -54.33
C SER G 495 -20.34 18.28 -52.91
N VAL G 496 -19.21 17.63 -52.66
CA VAL G 496 -18.89 17.17 -51.31
C VAL G 496 -18.50 18.37 -50.46
N ARG G 497 -19.19 18.52 -49.33
CA ARG G 497 -18.98 19.65 -48.42
C ARG G 497 -18.25 19.18 -47.18
N PHE G 498 -17.60 20.14 -46.51
CA PHE G 498 -16.78 19.87 -45.34
C PHE G 498 -17.14 20.86 -44.22
N GLU G 499 -16.65 20.58 -43.03
CA GLU G 499 -16.82 21.47 -41.89
C GLU G 499 -15.58 21.44 -41.02
N PHE G 500 -15.03 22.61 -40.73
CA PHE G 500 -13.84 22.71 -39.89
C PHE G 500 -14.19 22.36 -38.45
N ARG G 501 -13.21 21.84 -37.72
CA ARG G 501 -13.39 21.41 -36.35
C ARG G 501 -12.45 22.16 -35.42
N THR G 502 -12.89 22.36 -34.19
CA THR G 502 -12.09 23.05 -33.18
C THR G 502 -11.91 22.17 -31.95
N TYR H 4 -5.06 14.22 -68.75
CA TYR H 4 -3.92 14.44 -67.87
C TYR H 4 -2.80 15.17 -68.60
N ARG H 5 -2.26 16.22 -67.97
CA ARG H 5 -1.20 16.99 -68.59
C ARG H 5 0.04 16.13 -68.79
N ASP H 6 0.80 16.42 -69.84
CA ASP H 6 2.03 15.69 -70.10
C ASP H 6 3.03 15.94 -68.98
N ALA H 7 3.75 14.89 -68.59
CA ALA H 7 4.65 14.98 -67.45
C ALA H 7 5.75 16.00 -67.67
N ALA H 8 6.19 16.19 -68.92
CA ALA H 8 7.28 17.10 -69.19
C ALA H 8 6.95 18.55 -68.84
N THR H 9 5.66 18.88 -68.67
CA THR H 9 5.24 20.26 -68.43
C THR H 9 5.00 20.58 -66.95
N ALA H 10 5.42 19.70 -66.04
CA ALA H 10 5.13 19.92 -64.62
C ALA H 10 5.76 21.21 -64.13
N LEU H 11 7.04 21.42 -64.41
CA LEU H 11 7.73 22.62 -63.93
C LEU H 11 7.11 23.87 -64.53
N GLU H 12 6.73 23.82 -65.81
CA GLU H 12 6.10 24.98 -66.43
C GLU H 12 4.79 25.33 -65.75
N HIS H 13 4.01 24.33 -65.36
CA HIS H 13 2.73 24.62 -64.71
C HIS H 13 2.94 25.21 -63.33
N LEU H 14 4.01 24.81 -62.63
CA LEU H 14 4.28 25.40 -61.32
C LEU H 14 4.53 26.89 -61.43
N ALA H 15 5.23 27.33 -62.48
CA ALA H 15 5.44 28.76 -62.68
C ALA H 15 4.14 29.47 -63.01
N THR H 16 3.21 28.78 -63.67
CA THR H 16 1.93 29.39 -64.02
C THR H 16 1.09 29.69 -62.78
N TYR H 17 1.22 28.88 -61.74
CA TYR H 17 0.43 29.06 -60.52
C TYR H 17 0.95 30.25 -59.72
N GLU H 19 1.04 32.01 -56.62
CA GLU H 19 2.01 32.06 -55.55
C GLU H 19 2.64 30.69 -55.31
N LYS H 20 3.79 30.67 -54.66
CA LYS H 20 4.41 29.42 -54.26
C LYS H 20 3.60 28.77 -53.14
N ASP H 21 3.74 27.45 -53.03
CA ASP H 21 2.98 26.71 -52.04
C ASP H 21 3.40 27.13 -50.63
N GLY H 22 2.42 27.27 -49.75
CA GLY H 22 2.67 27.72 -48.39
C GLY H 22 2.61 29.23 -48.28
N LEU H 23 3.04 29.72 -47.11
CA LEU H 23 3.04 31.13 -46.82
C LEU H 23 4.47 31.64 -46.67
N SER H 24 4.68 32.89 -47.09
CA SER H 24 5.94 33.57 -46.87
C SER H 24 6.05 34.05 -45.42
N VAL H 25 7.26 34.45 -45.05
CA VAL H 25 7.50 34.93 -43.68
C VAL H 25 6.65 36.16 -43.39
N GLU H 26 6.48 37.04 -44.37
CA GLU H 26 5.67 38.23 -44.15
C GLU H 26 4.21 37.88 -43.91
N GLN H 27 3.66 36.96 -44.71
CA GLN H 27 2.27 36.57 -44.54
C GLN H 27 2.07 35.80 -43.24
N LEU H 28 3.01 34.93 -42.89
CA LEU H 28 2.91 34.16 -41.67
C LEU H 28 2.87 35.08 -40.45
N MET H 29 3.75 36.06 -40.41
CA MET H 29 3.86 36.96 -39.27
C MET H 29 2.97 38.18 -39.45
N THR H 38 4.75 31.53 -31.52
CA THR H 38 5.95 30.88 -31.00
C THR H 38 6.51 29.92 -32.04
N TYR H 39 7.70 29.38 -31.76
CA TYR H 39 8.36 28.50 -32.72
C TYR H 39 7.54 27.26 -33.01
N ASN H 40 6.85 26.73 -31.99
CA ASN H 40 6.14 25.46 -32.13
C ASN H 40 4.99 25.54 -33.14
N ASP H 41 4.36 26.71 -33.27
CA ASP H 41 3.11 26.80 -34.03
C ASP H 41 3.33 26.65 -35.54
N PHE H 42 4.55 26.81 -36.04
CA PHE H 42 4.77 26.85 -37.48
C PHE H 42 5.98 26.00 -37.87
N LEU H 43 6.08 25.74 -39.18
CA LEU H 43 7.14 24.90 -39.73
C LEU H 43 7.70 25.56 -40.99
N VAL H 44 8.87 25.10 -41.40
CA VAL H 44 9.52 25.55 -42.64
C VAL H 44 9.35 24.46 -43.70
N LEU H 45 8.86 24.86 -44.87
CA LEU H 45 8.66 23.89 -45.96
C LEU H 45 9.99 23.58 -46.63
N PRO H 46 10.20 22.33 -47.09
CA PRO H 46 11.46 21.94 -47.75
C PRO H 46 11.54 22.40 -49.20
N PHE H 51 22.85 19.38 -52.82
CA PHE H 51 24.19 19.51 -52.24
C PHE H 51 24.33 18.67 -50.98
N PRO H 52 25.56 18.31 -50.63
CA PRO H 52 25.76 17.54 -49.40
C PRO H 52 25.58 18.40 -48.15
N SER H 53 25.16 17.74 -47.07
CA SER H 53 24.95 18.44 -45.80
C SER H 53 26.26 18.94 -45.19
N SER H 54 27.35 18.19 -45.38
CA SER H 54 28.63 18.57 -44.79
C SER H 54 29.11 19.91 -45.33
N VAL H 57 27.95 25.23 -43.89
CA VAL H 57 28.39 26.62 -43.75
C VAL H 57 27.43 27.38 -42.83
N LEU H 58 27.77 27.43 -41.54
CA LEU H 58 26.90 28.01 -40.52
C LEU H 58 27.46 29.32 -39.94
N SER H 59 28.11 30.14 -40.77
CA SER H 59 28.67 31.39 -40.27
C SER H 59 27.56 32.37 -39.88
N SER H 60 27.63 32.86 -38.64
CA SER H 60 26.64 33.79 -38.10
C SER H 60 27.34 34.99 -37.47
N ARG H 61 26.69 36.15 -37.58
CA ARG H 61 27.22 37.39 -37.05
C ARG H 61 26.69 37.62 -35.64
N LEU H 62 27.60 37.70 -34.66
CA LEU H 62 27.20 38.04 -33.29
C LEU H 62 27.04 39.55 -33.15
N THR H 63 28.00 40.32 -33.65
CA THR H 63 27.92 41.77 -33.68
C THR H 63 28.37 42.24 -35.06
N LYS H 64 28.30 43.55 -35.26
CA LYS H 64 28.72 44.12 -36.54
C LYS H 64 30.17 43.77 -36.87
N LYS H 65 31.06 43.86 -35.88
CA LYS H 65 32.48 43.64 -36.11
C LYS H 65 32.90 42.20 -35.90
N ILE H 66 32.20 41.46 -35.04
CA ILE H 66 32.58 40.10 -34.68
C ILE H 66 31.66 39.11 -35.40
N THR H 67 32.26 38.10 -36.01
CA THR H 67 31.53 37.02 -36.66
C THR H 67 32.00 35.69 -36.08
N LEU H 68 31.08 34.74 -35.97
CA LEU H 68 31.36 33.44 -35.39
C LEU H 68 30.95 32.34 -36.35
N ASN H 69 31.65 31.21 -36.27
CA ASN H 69 31.38 30.05 -37.12
C ASN H 69 30.12 29.31 -36.73
N ALA H 70 29.53 29.61 -35.57
CA ALA H 70 28.38 28.88 -35.06
C ALA H 70 27.49 29.80 -34.24
N PRO H 71 26.18 29.87 -34.52
CA PRO H 71 25.33 30.83 -33.81
C PRO H 71 24.92 30.37 -32.42
N PHE H 72 25.86 29.81 -31.66
CA PHE H 72 25.60 29.29 -30.33
C PHE H 72 26.23 30.20 -29.28
N VAL H 73 25.41 30.67 -28.34
CA VAL H 73 25.86 31.53 -27.25
C VAL H 73 25.34 30.96 -25.93
N SER H 74 26.21 30.93 -24.92
CA SER H 74 25.83 30.43 -23.60
C SER H 74 25.32 31.58 -22.73
N SER H 75 24.27 31.29 -21.97
CA SER H 75 23.62 32.33 -21.18
C SER H 75 24.46 32.73 -19.97
N PRO H 76 24.39 34.01 -19.55
CA PRO H 76 25.08 34.44 -18.33
C PRO H 76 24.27 34.11 -17.08
N MET H 77 24.08 32.81 -16.84
CA MET H 77 23.39 32.32 -15.67
C MET H 77 24.40 31.61 -14.79
N ASP H 78 24.23 31.74 -13.47
CA ASP H 78 25.17 31.11 -12.56
C ASP H 78 25.22 29.60 -12.72
N THR H 79 24.24 29.02 -13.40
CA THR H 79 24.18 27.59 -13.65
C THR H 79 24.60 27.21 -15.07
N VAL H 80 25.04 28.17 -15.88
CA VAL H 80 25.33 27.89 -17.29
C VAL H 80 26.77 28.24 -17.65
N THR H 81 27.11 29.53 -17.65
CA THR H 81 28.34 30.02 -18.25
C THR H 81 29.32 30.48 -17.17
N GLU H 82 30.39 29.72 -16.99
CA GLU H 82 31.55 30.16 -16.24
C GLU H 82 32.73 30.31 -17.20
N ALA H 83 33.90 30.66 -16.65
CA ALA H 83 35.08 30.84 -17.49
C ALA H 83 35.36 29.60 -18.33
N ASP H 84 35.23 28.42 -17.72
CA ASP H 84 35.48 27.17 -18.46
C ASP H 84 34.53 27.05 -19.64
N MET H 85 33.23 27.29 -19.42
CA MET H 85 32.25 27.18 -20.48
C MET H 85 32.58 28.11 -21.64
N ALA H 86 32.92 29.37 -21.33
CA ALA H 86 33.24 30.32 -22.39
C ALA H 86 34.41 29.84 -23.22
N ILE H 87 35.43 29.26 -22.58
CA ILE H 87 36.58 28.75 -23.31
C ILE H 87 36.14 27.65 -24.27
N HIS H 88 35.35 26.70 -23.78
CA HIS H 88 34.94 25.58 -24.60
C HIS H 88 34.08 26.04 -25.77
N MET H 89 33.14 26.96 -25.51
CA MET H 89 32.30 27.48 -26.58
C MET H 89 33.15 28.12 -27.67
N ALA H 90 34.16 28.90 -27.27
CA ALA H 90 35.07 29.50 -28.25
C ALA H 90 35.73 28.42 -29.11
N LEU H 91 36.19 27.34 -28.47
CA LEU H 91 36.88 26.28 -29.21
C LEU H 91 35.99 25.66 -30.27
N LEU H 92 34.69 25.50 -29.98
CA LEU H 92 33.79 24.73 -30.83
C LEU H 92 32.99 25.61 -31.79
N GLY H 93 33.47 26.81 -32.08
CA GLY H 93 32.83 27.67 -33.08
C GLY H 93 31.79 28.62 -32.54
N GLY H 94 31.52 28.59 -31.23
CA GLY H 94 30.57 29.50 -30.61
C GLY H 94 31.26 30.46 -29.65
N ILE H 95 30.44 31.33 -29.06
CA ILE H 95 30.90 32.33 -28.11
C ILE H 95 30.17 32.13 -26.79
N GLY H 96 30.90 32.26 -25.69
CA GLY H 96 30.33 32.15 -24.36
C GLY H 96 30.39 33.48 -23.63
N ILE H 97 29.33 33.79 -22.91
CA ILE H 97 29.19 35.06 -22.19
C ILE H 97 29.22 34.77 -20.70
N ILE H 98 30.25 35.28 -20.01
CA ILE H 98 30.40 35.06 -18.59
C ILE H 98 29.23 35.71 -17.84
N HIS H 99 28.72 35.02 -16.84
CA HIS H 99 27.63 35.57 -16.03
C HIS H 99 28.19 36.53 -14.99
N THR H 103 31.48 37.19 -8.13
CA THR H 103 31.75 38.59 -7.79
C THR H 103 32.46 39.29 -8.95
N ALA H 104 32.41 40.63 -8.95
CA ALA H 104 33.06 41.39 -10.01
C ALA H 104 34.55 41.08 -10.07
N GLU H 105 35.21 41.04 -8.92
CA GLU H 105 36.62 40.64 -8.90
C GLU H 105 36.76 39.24 -9.48
N GLU H 106 35.89 38.33 -9.05
CA GLU H 106 35.90 36.98 -9.59
C GLU H 106 35.63 36.98 -11.09
N GLN H 107 34.64 37.78 -11.52
CA GLN H 107 34.28 37.81 -12.93
C GLN H 107 35.45 38.24 -13.80
N ALA H 108 36.19 39.28 -13.38
CA ALA H 108 37.35 39.70 -14.15
C ALA H 108 38.37 38.58 -14.28
N GLU H 109 38.61 37.84 -13.19
CA GLU H 109 39.52 36.69 -13.26
C GLU H 109 39.02 35.67 -14.26
N MET H 110 37.70 35.42 -14.28
CA MET H 110 37.12 34.48 -15.22
C MET H 110 37.41 34.89 -16.66
N VAL H 111 37.28 36.18 -16.97
CA VAL H 111 37.62 36.65 -18.32
C VAL H 111 39.06 36.30 -18.66
N ARG H 112 39.99 36.64 -17.76
CA ARG H 112 41.40 36.43 -18.02
C ARG H 112 41.69 34.97 -18.37
N ARG H 113 41.07 34.04 -17.65
CA ARG H 113 41.27 32.62 -17.94
C ARG H 113 40.88 32.30 -19.38
N VAL H 114 39.74 32.82 -19.83
CA VAL H 114 39.29 32.54 -21.20
C VAL H 114 40.27 33.14 -22.20
N LYS H 115 40.57 34.43 -22.06
CA LYS H 115 41.42 35.13 -23.02
C LYS H 115 42.89 34.71 -22.94
N LYS H 116 43.34 34.20 -21.80
CA LYS H 116 44.76 33.95 -21.57
C LYS H 116 45.16 32.50 -21.81
N TYR H 117 44.32 31.73 -22.48
CA TYR H 117 44.65 30.34 -22.78
C TYR H 117 45.67 30.25 -23.91
N PRO H 125 48.12 24.91 -13.50
CA PRO H 125 49.55 24.77 -13.19
C PRO H 125 49.85 24.71 -11.69
N VAL H 126 49.29 23.72 -11.00
CA VAL H 126 49.50 23.59 -9.57
C VAL H 126 50.93 23.12 -9.29
N VAL H 127 51.50 23.61 -8.18
CA VAL H 127 52.87 23.29 -7.81
C VAL H 127 52.97 23.30 -6.29
N VAL H 128 54.03 22.67 -5.77
CA VAL H 128 54.24 22.54 -4.33
C VAL H 128 55.74 22.64 -4.05
N GLY H 129 56.10 23.53 -3.14
CA GLY H 129 57.48 23.74 -2.77
C GLY H 129 57.94 22.79 -1.67
N PRO H 130 59.23 22.88 -1.29
CA PRO H 130 59.78 21.95 -0.29
C PRO H 130 59.13 22.09 1.08
N THR H 133 56.59 18.01 2.65
CA THR H 133 57.20 16.72 2.95
C THR H 133 56.56 15.58 2.12
N VAL H 134 57.12 14.35 2.14
CA VAL H 134 56.51 13.26 1.33
C VAL H 134 55.04 12.93 1.82
N ALA H 135 54.79 12.86 3.13
CA ALA H 135 53.38 12.58 3.60
C ALA H 135 52.41 13.74 3.11
N ASP H 136 52.84 15.01 3.23
CA ASP H 136 51.97 16.12 2.72
C ASP H 136 51.72 15.91 1.17
N VAL H 137 52.74 15.54 0.38
CA VAL H 137 52.50 15.29 -1.09
C VAL H 137 51.45 14.13 -1.28
N ARG H 138 51.53 13.03 -0.50
CA ARG H 138 50.51 11.94 -0.67
C ARG H 138 49.08 12.55 -0.38
N ARG H 139 48.93 13.37 0.69
CA ARG H 139 47.59 14.01 0.92
C ARG H 139 47.16 14.95 -0.29
N MET H 140 48.09 15.74 -0.87
CA MET H 140 47.69 16.67 -1.99
C MET H 140 47.21 15.88 -3.22
N LYS H 141 47.80 14.70 -3.44
CA LYS H 141 47.38 13.88 -4.62
C LYS H 141 45.88 13.48 -4.49
N ASN H 142 45.50 13.10 -3.27
CA ASN H 142 44.13 12.66 -3.04
C ASN H 142 43.15 13.80 -3.28
N GLU H 143 43.49 15.01 -2.85
CA GLU H 143 42.59 16.15 -3.00
C GLU H 143 42.32 16.43 -4.47
N PHE H 144 43.38 16.47 -5.28
CA PHE H 144 43.24 16.75 -6.71
C PHE H 144 42.72 15.51 -7.44
N PHE H 146 46.17 13.83 -9.12
CA PHE H 146 47.31 14.38 -9.85
C PHE H 146 48.45 14.70 -8.88
N ALA H 147 49.59 14.03 -9.08
CA ALA H 147 50.74 14.19 -8.21
C ALA H 147 51.95 14.81 -8.91
N GLY H 148 51.80 15.23 -10.17
CA GLY H 148 52.89 15.86 -10.89
C GLY H 148 53.01 17.34 -10.56
N PHE H 149 53.71 17.66 -9.47
CA PHE H 149 53.82 19.02 -8.96
C PHE H 149 55.26 19.50 -8.94
N PRO H 150 55.60 20.60 -9.60
CA PRO H 150 56.97 21.09 -9.56
C PRO H 150 57.29 21.84 -8.27
N VAL H 151 58.52 21.69 -7.81
CA VAL H 151 59.01 22.41 -6.65
C VAL H 151 59.38 23.83 -7.07
N THR H 152 58.88 24.81 -6.33
CA THR H 152 59.13 26.22 -6.64
C THR H 152 59.97 26.88 -5.56
N GLY H 163 63.31 20.70 -9.22
CA GLY H 163 62.08 21.47 -9.33
C GLY H 163 60.88 20.65 -9.78
N ILE H 164 60.93 19.34 -9.59
CA ILE H 164 59.81 18.49 -9.99
C ILE H 164 59.74 17.27 -9.07
N ILE H 165 58.51 16.86 -8.76
CA ILE H 165 58.23 15.66 -7.97
C ILE H 165 56.95 15.04 -8.52
N THR H 166 56.95 13.72 -8.71
CA THR H 166 55.80 13.02 -9.27
C THR H 166 55.47 11.83 -8.37
N SER H 167 54.41 11.11 -8.76
CA SER H 167 53.96 9.96 -7.96
C SER H 167 55.05 8.90 -7.86
N ARG H 168 55.74 8.62 -8.97
CA ARG H 168 56.76 7.58 -8.99
C ARG H 168 57.79 7.78 -7.89
N ASP H 169 58.11 9.03 -7.55
CA ASP H 169 59.14 9.30 -6.54
C ASP H 169 58.68 8.94 -5.14
N ILE H 170 57.38 9.01 -4.85
CA ILE H 170 56.88 8.86 -3.49
C ILE H 170 56.13 7.55 -3.29
N GLN H 171 56.12 6.66 -4.29
CA GLN H 171 55.25 5.49 -4.21
C GLN H 171 55.62 4.59 -3.04
N PHE H 172 56.90 4.21 -2.94
CA PHE H 172 57.33 3.25 -1.93
C PHE H 172 58.33 3.83 -0.93
N VAL H 173 58.18 5.10 -0.57
CA VAL H 173 59.07 5.72 0.41
C VAL H 173 58.62 5.33 1.81
N GLU H 174 59.55 4.79 2.60
CA GLU H 174 59.21 4.35 3.95
C GLU H 174 58.98 5.55 4.88
N ASP H 175 59.90 6.51 4.85
CA ASP H 175 59.86 7.66 5.76
C ASP H 175 58.89 8.69 5.20
N GLU H 176 57.68 8.74 5.77
CA GLU H 176 56.67 9.66 5.28
C GLU H 176 57.00 11.11 5.65
N THR H 177 57.65 11.33 6.80
CA THR H 177 58.00 12.68 7.21
C THR H 177 59.35 13.14 6.64
N LEU H 178 59.57 12.93 5.35
CA LEU H 178 60.80 13.40 4.72
C LEU H 178 60.56 14.70 3.94
N LEU H 179 61.67 15.36 3.61
CA LEU H 179 61.63 16.60 2.85
C LEU H 179 61.40 16.36 1.37
N VAL H 180 60.56 17.19 0.75
CA VAL H 180 60.26 17.04 -0.67
C VAL H 180 61.53 17.15 -1.49
N SER H 181 62.42 18.09 -1.12
CA SER H 181 63.67 18.26 -1.85
C SER H 181 64.44 16.95 -1.93
N GLU H 182 64.48 16.20 -0.83
CA GLU H 182 65.10 14.89 -0.85
C GLU H 182 64.31 13.94 -1.74
N ILE H 183 65.02 13.16 -2.55
CA ILE H 183 64.39 12.18 -3.42
C ILE H 183 63.51 12.88 -4.45
N MET H 184 64.01 13.98 -5.00
CA MET H 184 63.34 14.71 -6.06
C MET H 184 64.28 14.89 -7.24
N THR H 185 63.70 15.11 -8.42
CA THR H 185 64.47 15.28 -9.64
C THR H 185 65.00 16.71 -9.70
N LYS H 186 66.29 16.87 -9.39
CA LYS H 186 66.89 18.19 -9.43
C LYS H 186 66.99 18.70 -10.86
N ASP H 187 67.64 17.95 -11.73
CA ASP H 187 67.79 18.31 -13.14
C ASP H 187 66.46 18.05 -13.84
N VAL H 188 65.59 19.05 -13.84
CA VAL H 188 64.32 18.97 -14.54
C VAL H 188 64.55 19.38 -15.99
N ILE H 189 64.15 18.52 -16.92
CA ILE H 189 64.25 18.82 -18.34
C ILE H 189 63.48 20.10 -18.65
N GLN H 202 56.50 17.51 -28.81
CA GLN H 202 57.56 16.74 -29.48
C GLN H 202 58.74 16.53 -28.55
N ILE H 203 59.17 17.58 -27.85
CA ILE H 203 60.26 17.46 -26.90
C ILE H 203 59.91 16.43 -25.83
N LEU H 204 58.68 16.51 -25.31
CA LEU H 204 58.25 15.58 -24.27
C LEU H 204 58.33 14.14 -24.75
N LYS H 205 57.89 13.88 -25.98
CA LYS H 205 57.94 12.53 -26.51
C LYS H 205 59.37 12.01 -26.56
N ASN H 206 60.33 12.89 -26.90
CA ASN H 206 61.72 12.49 -26.96
C ASN H 206 62.24 12.12 -25.58
N THR H 207 61.90 12.90 -24.57
CA THR H 207 62.39 12.64 -23.21
C THR H 207 61.55 11.62 -22.46
N LYS H 208 60.37 11.26 -22.98
CA LYS H 208 59.50 10.28 -22.35
C LYS H 208 59.19 10.66 -20.90
N LYS H 209 59.15 11.96 -20.61
CA LYS H 209 58.90 12.45 -19.28
C LYS H 209 57.41 12.79 -19.13
N GLY H 210 56.92 12.68 -17.90
CA GLY H 210 55.52 13.00 -17.64
C GLY H 210 55.20 14.45 -17.91
N LYS H 211 56.07 15.35 -17.49
CA LYS H 211 55.86 16.78 -17.69
C LYS H 211 54.53 17.23 -17.10
N MET H 224 52.30 24.43 -17.17
CA MET H 224 52.94 23.23 -17.69
C MET H 224 52.01 22.48 -18.64
N LEU H 225 52.49 21.37 -19.19
CA LEU H 225 51.74 20.56 -20.12
C LEU H 225 51.72 19.11 -19.65
N SER H 226 50.78 18.34 -20.19
CA SER H 226 50.62 16.94 -19.85
C SER H 226 50.77 16.08 -21.09
N ARG H 227 51.42 14.92 -20.94
CA ARG H 227 51.71 14.07 -22.08
C ARG H 227 50.44 13.47 -22.67
N THR H 228 49.49 13.06 -21.81
CA THR H 228 48.29 12.41 -22.30
C THR H 228 47.56 13.28 -23.32
N ASP H 229 47.52 14.59 -23.08
CA ASP H 229 46.84 15.51 -23.99
C ASP H 229 47.61 15.68 -25.28
N SER H 235 42.07 19.82 -31.01
CA SER H 235 42.15 20.38 -32.36
C SER H 235 41.54 21.77 -32.42
N TYR H 236 40.22 21.83 -32.22
CA TYR H 236 39.48 23.08 -32.24
C TYR H 236 39.75 23.88 -33.52
N PRO H 237 39.46 23.30 -34.70
CA PRO H 237 39.78 24.01 -35.95
C PRO H 237 38.89 25.21 -36.21
N LEU H 238 37.68 25.24 -35.65
CA LEU H 238 36.74 26.34 -35.87
C LEU H 238 36.65 27.26 -34.65
N ALA H 239 37.70 27.30 -33.83
CA ALA H 239 37.65 28.08 -32.61
C ALA H 239 37.52 29.57 -32.92
N SER H 240 36.81 30.27 -32.04
CA SER H 240 36.60 31.70 -32.17
C SER H 240 37.77 32.41 -31.50
N LYS H 241 38.42 33.31 -32.24
CA LYS H 241 39.58 34.02 -31.72
C LYS H 241 39.57 35.45 -32.22
N SER H 242 40.06 36.35 -31.36
CA SER H 242 40.03 37.77 -31.64
C SER H 242 40.87 38.08 -32.88
N ALA H 243 40.57 39.21 -33.50
CA ALA H 243 41.28 39.65 -34.69
C ALA H 243 42.72 40.02 -34.35
N THR H 245 44.31 39.73 -30.56
CA THR H 245 45.65 39.14 -30.55
C THR H 245 45.58 37.63 -30.65
N LYS H 246 44.67 37.13 -31.48
CA LYS H 246 44.52 35.70 -31.74
C LYS H 246 44.29 34.93 -30.44
N GLN H 247 43.45 35.47 -29.57
CA GLN H 247 43.03 34.80 -28.35
C GLN H 247 41.55 34.47 -28.45
N LEU H 248 41.13 33.46 -27.68
CA LEU H 248 39.74 33.02 -27.71
C LEU H 248 38.82 34.19 -27.43
N LEU H 249 37.67 34.22 -28.11
CA LEU H 249 36.71 35.29 -27.87
C LEU H 249 36.08 35.13 -26.49
N CYS H 250 35.71 36.27 -25.90
CA CYS H 250 35.07 36.28 -24.60
C CYS H 250 34.12 37.47 -24.52
N ARG H 261 30.01 50.25 -13.34
CA ARG H 261 30.95 50.72 -14.34
C ARG H 261 32.37 50.22 -14.05
N GLN H 262 32.74 50.21 -12.76
CA GLN H 262 34.08 49.75 -12.40
C GLN H 262 34.29 48.30 -12.80
N ARG H 263 33.26 47.46 -12.68
CA ARG H 263 33.38 46.07 -13.10
C ARG H 263 33.73 45.99 -14.57
N LEU H 264 33.13 46.86 -15.39
CA LEU H 264 33.42 46.86 -16.82
C LEU H 264 34.89 47.21 -17.07
N ALA H 265 35.41 48.19 -16.33
CA ALA H 265 36.82 48.52 -16.44
C ALA H 265 37.69 47.31 -16.12
N MET H 266 37.31 46.54 -15.10
CA MET H 266 38.07 45.34 -14.76
C MET H 266 38.05 44.33 -15.89
N LEU H 267 36.90 44.18 -16.57
CA LEU H 267 36.83 43.23 -17.67
C LEU H 267 37.73 43.67 -18.82
N VAL H 268 37.77 44.97 -19.12
CA VAL H 268 38.67 45.46 -20.15
C VAL H 268 40.12 45.15 -19.77
N GLU H 269 40.48 45.41 -18.51
CA GLU H 269 41.81 45.07 -18.04
C GLU H 269 42.07 43.57 -18.15
N ALA H 270 41.01 42.76 -18.05
CA ALA H 270 41.12 41.32 -18.20
C ALA H 270 41.12 40.89 -19.67
N GLY H 271 40.97 41.83 -20.61
CA GLY H 271 40.99 41.51 -22.01
C GLY H 271 39.62 41.28 -22.63
N LEU H 272 38.56 41.78 -22.02
CA LEU H 272 37.21 41.59 -22.54
C LEU H 272 37.09 42.16 -23.94
N GLN H 281 12.08 45.19 -19.51
CA GLN H 281 12.13 46.38 -20.34
C GLN H 281 13.55 46.92 -20.43
N GLY H 282 14.37 46.29 -21.27
CA GLY H 282 15.75 46.71 -21.41
C GLY H 282 15.91 48.11 -21.97
N ASN H 283 14.92 48.60 -22.71
CA ASN H 283 14.99 49.93 -23.31
C ASN H 283 14.56 50.99 -22.29
N VAL H 285 16.20 54.70 -20.47
CA VAL H 285 16.98 55.93 -20.45
C VAL H 285 18.33 55.67 -19.77
N PHE H 286 18.29 55.00 -18.62
CA PHE H 286 19.52 54.71 -17.89
C PHE H 286 20.47 53.87 -18.73
N GLN H 287 19.94 52.80 -19.35
CA GLN H 287 20.79 51.94 -20.16
C GLN H 287 21.33 52.67 -21.38
N ILE H 288 20.50 53.52 -22.00
CA ILE H 288 20.97 54.28 -23.16
C ILE H 288 22.20 55.09 -22.80
N ASN H 289 22.15 55.81 -21.67
CA ASN H 289 23.31 56.55 -21.20
C ASN H 289 24.50 55.63 -20.96
N MET H 290 24.26 54.45 -20.40
CA MET H 290 25.34 53.50 -20.17
C MET H 290 26.04 53.15 -21.48
N ILE H 291 25.25 52.86 -22.51
CA ILE H 291 25.83 52.51 -23.82
C ILE H 291 26.74 53.64 -24.30
N LYS H 292 26.28 54.89 -24.17
CA LYS H 292 27.07 56.02 -24.65
C LYS H 292 28.41 56.09 -23.92
N TRP H 293 28.41 55.87 -22.60
CA TRP H 293 29.67 55.90 -21.85
C TRP H 293 30.60 54.79 -22.32
N ILE H 294 30.06 53.59 -22.57
CA ILE H 294 30.89 52.48 -23.01
C ILE H 294 31.53 52.77 -24.36
N LYS H 295 30.72 53.19 -25.33
CA LYS H 295 31.22 53.40 -26.69
C LYS H 295 32.34 54.43 -26.72
N GLU H 296 32.22 55.51 -25.92
CA GLU H 296 33.24 56.55 -25.91
C GLU H 296 34.48 56.12 -25.16
N THR H 297 34.31 55.44 -24.03
CA THR H 297 35.46 55.09 -23.18
C THR H 297 36.26 53.93 -23.78
N PHE H 298 35.58 52.91 -24.29
CA PHE H 298 36.22 51.68 -24.77
C PHE H 298 35.91 51.54 -26.26
N PRO H 299 36.77 52.04 -27.14
CA PRO H 299 36.45 51.98 -28.58
C PRO H 299 36.43 50.57 -29.13
N ASP H 300 37.24 49.66 -28.60
CA ASP H 300 37.36 48.32 -29.16
C ASP H 300 36.27 47.36 -28.68
N LEU H 301 35.50 47.74 -27.66
CA LEU H 301 34.50 46.83 -27.12
C LEU H 301 33.22 46.87 -27.94
N GLN H 302 32.63 45.69 -28.15
CA GLN H 302 31.35 45.56 -28.83
C GLN H 302 30.24 45.46 -27.81
N VAL H 303 29.16 46.19 -28.05
CA VAL H 303 28.04 46.28 -27.10
C VAL H 303 26.82 45.65 -27.74
N ILE H 304 26.21 44.71 -27.03
CA ILE H 304 24.96 44.09 -27.44
C ILE H 304 23.86 44.67 -26.55
N ALA H 305 22.95 45.41 -27.15
CA ALA H 305 21.86 46.03 -26.42
C ALA H 305 20.69 45.06 -26.27
N GLY H 306 19.88 45.27 -25.25
CA GLY H 306 18.76 44.38 -25.01
C GLY H 306 18.32 44.47 -23.57
N ASN H 307 17.30 43.66 -23.25
CA ASN H 307 16.53 42.86 -24.21
C ASN H 307 15.33 43.64 -24.75
N VAL H 308 14.99 43.43 -26.02
CA VAL H 308 13.87 44.12 -26.65
C VAL H 308 13.02 43.11 -27.39
N VAL H 309 11.75 43.48 -27.61
CA VAL H 309 10.81 42.63 -28.31
C VAL H 309 9.93 43.47 -29.24
N THR H 310 10.19 44.78 -29.31
CA THR H 310 9.33 45.70 -30.03
C THR H 310 10.12 46.44 -31.09
N ARG H 311 9.41 46.88 -32.14
CA ARG H 311 10.02 47.65 -33.22
C ARG H 311 10.62 48.95 -32.69
N GLU H 312 9.88 49.62 -31.80
CA GLU H 312 10.34 50.90 -31.25
C GLU H 312 11.54 50.71 -30.33
N GLN H 313 11.54 49.64 -29.52
CA GLN H 313 12.64 49.42 -28.59
C GLN H 313 13.96 49.23 -29.31
N ALA H 314 13.96 48.43 -30.38
CA ALA H 314 15.19 48.22 -31.14
C ALA H 314 15.72 49.52 -31.70
N ALA H 315 14.84 50.35 -32.26
CA ALA H 315 15.27 51.63 -32.82
C ALA H 315 15.95 52.49 -31.78
N SER H 316 15.40 52.54 -30.57
CA SER H 316 15.99 53.37 -29.52
C SER H 316 17.42 52.92 -29.21
N LEU H 317 17.64 51.60 -29.12
CA LEU H 317 18.96 51.10 -28.76
C LEU H 317 19.94 51.15 -29.92
N ILE H 318 19.46 51.03 -31.16
CA ILE H 318 20.34 51.21 -32.32
C ILE H 318 20.73 52.67 -32.46
N HIS H 319 19.75 53.57 -32.32
CA HIS H 319 20.06 55.00 -32.34
C HIS H 319 21.08 55.34 -31.27
N ALA H 320 21.04 54.64 -30.14
CA ALA H 320 22.02 54.86 -29.08
C ALA H 320 23.41 54.36 -29.47
N GLY H 321 23.51 53.49 -30.48
CA GLY H 321 24.79 53.02 -30.96
C GLY H 321 25.06 51.55 -30.66
N ALA H 322 24.01 50.75 -30.56
CA ALA H 322 24.17 49.34 -30.24
C ALA H 322 24.81 48.58 -31.39
N ASP H 323 25.71 47.65 -31.04
CA ASP H 323 26.32 46.76 -32.01
C ASP H 323 25.53 45.47 -32.20
N GLY H 324 24.61 45.17 -31.29
CA GLY H 324 23.76 44.00 -31.42
C GLY H 324 22.60 44.10 -30.46
N LEU H 325 21.58 43.29 -30.71
CA LEU H 325 20.36 43.30 -29.92
C LEU H 325 20.09 41.92 -29.33
N ARG H 326 19.47 41.92 -28.14
CA ARG H 326 19.06 40.70 -27.46
C ARG H 326 17.53 40.68 -27.41
N ILE H 327 16.93 39.65 -27.99
CA ILE H 327 15.49 39.59 -28.08
C ILE H 327 14.96 38.66 -26.99
N GLY H 328 13.69 38.86 -26.63
CA GLY H 328 13.01 38.01 -25.67
C GLY H 328 12.59 38.69 -24.39
N MET H 329 11.36 38.40 -23.96
CA MET H 329 10.82 38.93 -22.71
C MET H 329 9.68 38.03 -22.23
N ALA H 342 2.47 40.97 -16.75
CA ALA H 342 1.59 40.98 -17.90
C ALA H 342 2.26 41.63 -19.11
N CYS H 343 3.57 41.86 -19.01
CA CYS H 343 4.33 42.52 -20.06
C CYS H 343 5.28 41.52 -20.70
N GLY H 344 5.31 41.50 -22.02
CA GLY H 344 6.14 40.58 -22.76
C GLY H 344 5.62 40.42 -24.17
N ARG H 345 6.21 39.46 -24.88
CA ARG H 345 5.78 39.20 -26.25
C ARG H 345 6.17 37.78 -26.62
N PRO H 346 5.34 37.05 -27.39
CA PRO H 346 5.76 35.73 -27.86
C PRO H 346 7.11 35.80 -28.54
N GLN H 347 8.00 34.86 -28.17
CA GLN H 347 9.37 34.92 -28.65
C GLN H 347 9.44 34.91 -30.16
N GLY H 348 8.68 34.02 -30.80
CA GLY H 348 8.70 33.93 -32.25
C GLY H 348 8.33 35.24 -32.91
N THR H 349 7.20 35.83 -32.50
CA THR H 349 6.74 37.08 -33.11
C THR H 349 7.72 38.22 -32.82
N ALA H 350 8.24 38.28 -31.59
CA ALA H 350 9.16 39.35 -31.24
C ALA H 350 10.42 39.29 -32.09
N VAL H 351 10.95 38.09 -32.31
CA VAL H 351 12.19 37.95 -33.09
C VAL H 351 12.00 38.51 -34.50
N TYR H 352 10.90 38.13 -35.15
CA TYR H 352 10.66 38.56 -36.52
C TYR H 352 10.57 40.07 -36.63
N ASN H 353 9.81 40.70 -35.73
CA ASN H 353 9.56 42.14 -35.85
C ASN H 353 10.84 42.93 -35.61
N VAL H 354 11.63 42.55 -34.60
CA VAL H 354 12.90 43.24 -34.35
C VAL H 354 13.84 43.05 -35.53
N THR H 355 13.98 41.79 -35.99
CA THR H 355 14.93 41.51 -37.06
C THR H 355 14.56 42.24 -38.34
N GLN H 356 13.26 42.33 -38.64
CA GLN H 356 12.83 43.12 -39.78
C GLN H 356 13.40 44.52 -39.71
N PHE H 357 13.39 45.12 -38.52
CA PHE H 357 13.95 46.46 -38.32
C PHE H 357 15.48 46.44 -38.23
N ALA H 358 16.03 45.53 -37.42
CA ALA H 358 17.46 45.62 -37.10
C ALA H 358 18.33 45.21 -38.29
N ASN H 359 17.92 44.19 -39.03
CA ASN H 359 18.74 43.71 -40.14
C ASN H 359 18.95 44.79 -41.21
N GLN H 360 18.01 45.73 -41.34
CA GLN H 360 18.21 46.83 -42.27
C GLN H 360 19.39 47.70 -41.86
N PHE H 361 19.77 47.68 -40.58
CA PHE H 361 20.92 48.41 -40.08
C PHE H 361 22.12 47.52 -39.84
N GLY H 362 22.04 46.25 -40.24
CA GLY H 362 23.15 45.34 -40.02
C GLY H 362 23.44 45.07 -38.56
N VAL H 363 22.42 45.16 -37.71
CA VAL H 363 22.58 44.94 -36.27
C VAL H 363 22.16 43.50 -35.97
N PRO H 364 23.09 42.59 -35.71
CA PRO H 364 22.69 41.20 -35.40
C PRO H 364 21.93 41.11 -34.09
N CYS H 365 21.06 40.11 -34.01
CA CYS H 365 20.19 39.92 -32.83
C CYS H 365 20.33 38.51 -32.30
N ILE H 366 20.30 38.37 -30.98
CA ILE H 366 20.38 37.09 -30.29
C ILE H 366 19.03 36.76 -29.70
N ALA H 367 18.61 35.50 -29.86
CA ALA H 367 17.34 35.02 -29.33
C ALA H 367 17.55 34.47 -27.91
N ASP H 368 16.94 35.11 -26.93
CA ASP H 368 16.99 34.64 -25.55
C ASP H 368 15.60 34.18 -25.10
N GLN H 372 15.21 25.41 -27.32
CA GLN H 372 15.29 24.21 -26.52
C GLN H 372 15.40 22.95 -27.37
N ASN H 373 15.88 23.11 -28.60
CA ASN H 373 16.08 21.97 -29.49
C ASN H 373 16.60 22.51 -30.82
N ILE H 374 17.08 21.59 -31.66
CA ILE H 374 17.59 21.98 -32.97
C ILE H 374 16.48 22.64 -33.79
N GLY H 375 15.26 22.14 -33.68
CA GLY H 375 14.15 22.74 -34.42
C GLY H 375 13.92 24.18 -34.04
N HIS H 376 13.93 24.47 -32.74
CA HIS H 376 13.79 25.86 -32.28
C HIS H 376 14.89 26.75 -32.85
N ILE H 377 16.13 26.26 -32.87
CA ILE H 377 17.23 27.06 -33.40
C ILE H 377 16.96 27.40 -34.86
N THR H 378 16.58 26.41 -35.66
CA THR H 378 16.34 26.62 -37.08
C THR H 378 15.28 27.69 -37.30
N LYS H 379 14.18 27.61 -36.57
CA LYS H 379 13.10 28.59 -36.72
C LYS H 379 13.57 29.98 -36.34
N ALA H 380 14.43 30.08 -35.32
CA ALA H 380 14.92 31.39 -34.89
C ALA H 380 15.72 32.06 -35.99
N ILE H 381 16.65 31.33 -36.61
CA ILE H 381 17.40 31.90 -37.73
C ILE H 381 16.45 32.29 -38.84
N ALA H 382 15.45 31.45 -39.12
CA ALA H 382 14.47 31.76 -40.16
C ALA H 382 13.72 33.04 -39.85
N LEU H 383 13.42 33.29 -38.58
CA LEU H 383 12.66 34.46 -38.20
C LEU H 383 13.48 35.75 -38.25
N GLY H 384 14.80 35.66 -38.31
CA GLY H 384 15.63 36.83 -38.48
C GLY H 384 16.81 36.91 -37.55
N ALA H 385 16.88 35.99 -36.58
CA ALA H 385 17.97 35.99 -35.62
C ALA H 385 19.29 35.67 -36.31
N SER H 386 20.35 36.34 -35.88
CA SER H 386 21.68 36.10 -36.43
C SER H 386 22.30 34.85 -35.81
N VAL H 388 22.05 32.42 -31.84
CA VAL H 388 21.06 32.12 -30.82
C VAL H 388 21.74 31.90 -29.48
N MET H 389 21.04 32.29 -28.41
CA MET H 389 21.56 32.20 -27.05
C MET H 389 20.97 31.00 -26.32
N MET H 390 21.83 30.29 -25.59
CA MET H 390 21.42 29.09 -24.86
C MET H 390 21.71 29.26 -23.37
N TYR H 464 27.96 17.87 -27.17
CA TYR H 464 26.60 18.30 -27.43
C TYR H 464 26.57 19.35 -28.52
N ILE H 465 27.39 20.39 -28.36
CA ILE H 465 27.49 21.44 -29.38
C ILE H 465 27.81 20.85 -30.76
N PRO H 466 28.84 20.03 -30.92
CA PRO H 466 29.06 19.38 -32.23
C PRO H 466 27.82 18.70 -32.77
N TYR H 467 27.02 18.07 -31.91
CA TYR H 467 25.77 17.46 -32.36
C TYR H 467 24.84 18.49 -32.99
N LEU H 468 24.71 19.65 -32.34
CA LEU H 468 23.84 20.70 -32.87
C LEU H 468 24.36 21.22 -34.21
N TYR H 469 25.67 21.34 -34.37
CA TYR H 469 26.21 21.85 -35.63
C TYR H 469 25.79 20.96 -36.79
N ASN H 470 25.91 19.64 -36.63
CA ASN H 470 25.47 18.73 -37.68
C ASN H 470 23.96 18.80 -37.88
N GLY H 471 23.21 18.91 -36.79
CA GLY H 471 21.76 18.98 -36.89
C GLY H 471 21.28 20.16 -37.72
N LEU H 472 21.83 21.35 -37.43
CA LEU H 472 21.43 22.53 -38.19
C LEU H 472 21.77 22.37 -39.68
N GLN H 473 22.93 21.79 -39.97
CA GLN H 473 23.32 21.59 -41.36
C GLN H 473 22.31 20.73 -42.10
N HIS H 474 21.83 19.65 -41.47
CA HIS H 474 20.82 18.82 -42.11
C HIS H 474 19.54 19.59 -42.36
N SER H 475 19.10 20.40 -41.39
CA SER H 475 17.88 21.19 -41.58
C SER H 475 18.03 22.16 -42.75
N CYS H 476 19.21 22.79 -42.87
CA CYS H 476 19.42 23.71 -43.99
C CYS H 476 19.39 22.98 -45.32
N GLN H 477 19.96 21.77 -45.37
CA GLN H 477 19.91 20.99 -46.60
C GLN H 477 18.48 20.65 -46.99
N ASP H 478 17.68 20.20 -46.02
CA ASP H 478 16.28 19.91 -46.28
C ASP H 478 15.56 21.14 -46.82
N ILE H 479 15.84 22.31 -46.26
CA ILE H 479 15.23 23.54 -46.76
C ILE H 479 15.83 23.93 -48.10
N GLY H 480 17.11 23.64 -48.32
CA GLY H 480 17.74 23.95 -49.59
C GLY H 480 18.60 25.19 -49.60
N VAL H 481 19.30 25.45 -48.50
CA VAL H 481 20.16 26.63 -48.36
C VAL H 481 21.57 26.15 -48.00
N ARG H 482 22.58 26.77 -48.60
CA ARG H 482 23.96 26.39 -48.39
C ARG H 482 24.62 27.09 -47.22
N SER H 483 24.08 28.23 -46.78
CA SER H 483 24.67 28.97 -45.67
C SER H 483 23.57 29.74 -44.95
N LEU H 484 23.91 30.25 -43.76
CA LEU H 484 22.93 31.02 -43.00
C LEU H 484 22.59 32.32 -43.71
N VAL H 485 23.55 32.92 -44.41
CA VAL H 485 23.26 34.10 -45.23
C VAL H 485 22.21 33.76 -46.28
N GLU H 486 22.39 32.65 -46.98
CA GLU H 486 21.44 32.27 -48.03
C GLU H 486 20.05 32.03 -47.46
N PHE H 487 19.96 31.39 -46.29
CA PHE H 487 18.65 31.12 -45.71
C PHE H 487 17.89 32.42 -45.47
N ARG H 488 18.58 33.42 -44.92
CA ARG H 488 17.98 34.75 -44.73
C ARG H 488 17.49 35.33 -46.05
N GLU H 489 18.31 35.26 -47.10
CA GLU H 489 17.92 35.84 -48.37
C GLU H 489 16.65 35.20 -48.91
N LYS H 490 16.54 33.87 -48.82
CA LYS H 490 15.36 33.20 -49.33
C LYS H 490 14.12 33.53 -48.52
N VAL H 491 14.26 33.64 -47.19
CA VAL H 491 13.13 34.02 -46.35
C VAL H 491 12.67 35.42 -46.73
N ASP H 492 13.60 36.38 -46.76
CA ASP H 492 13.23 37.75 -47.09
C ASP H 492 12.66 37.85 -48.50
N SER H 493 13.19 37.06 -49.43
CA SER H 493 12.72 37.07 -50.81
C SER H 493 11.43 36.28 -51.00
N GLY H 494 11.04 35.45 -50.04
CA GLY H 494 9.85 34.65 -50.16
C GLY H 494 10.06 33.26 -50.72
N SER H 495 11.30 32.86 -50.98
CA SER H 495 11.56 31.52 -51.52
C SER H 495 11.30 30.45 -50.46
N VAL H 496 11.77 30.67 -49.23
CA VAL H 496 11.47 29.75 -48.15
C VAL H 496 10.03 29.90 -47.73
N ARG H 497 9.30 28.79 -47.72
CA ARG H 497 7.89 28.79 -47.39
C ARG H 497 7.68 28.24 -45.99
N PHE H 498 6.56 28.62 -45.38
CA PHE H 498 6.23 28.23 -44.01
C PHE H 498 4.81 27.71 -43.96
N GLU H 499 4.47 27.10 -42.83
CA GLU H 499 3.14 26.57 -42.60
C GLU H 499 2.77 26.81 -41.14
N PHE H 500 1.57 27.34 -40.92
CA PHE H 500 1.11 27.65 -39.57
C PHE H 500 0.86 26.37 -38.78
#